data_8BUI
#
_entry.id   8BUI
#
_cell.length_a   249.436
_cell.length_b   249.436
_cell.length_c   218.342
_cell.angle_alpha   90.000
_cell.angle_beta   90.000
_cell.angle_gamma   120.000
#
_symmetry.space_group_name_H-M   'P 31 2 1'
#
loop_
_entity.id
_entity.type
_entity.pdbx_description
1 polymer 'DNA damage-binding protein 1'
2 polymer 'Cyclin-dependent kinase 12'
3 polymer Cyclin-K
4 non-polymer 1,2-ETHANEDIOL
5 non-polymer 'SULFATE ION'
6 non-polymer (2~{R})-2-[[9-propan-2-yl-6-[(4-pyridin-2-ylphenyl)amino]purin-2-yl]amino]butan-1-ol
#
loop_
_entity_poly.entity_id
_entity_poly.type
_entity_poly.pdbx_seq_one_letter_code
_entity_poly.pdbx_strand_id
1 'polypeptide(L)'
;GGGRMSYNYVVTAQKPTAVNGCVTGHFTSAEDLNLLIAKNTRLEIYVVTAEGLRPVKEVGMYGKIAVMELFRPKGESKDL
LFILTAKYNACILEYKQSGESIDIITRAHGNVQDRIGRPSETGIIGIIDPECRMIGLRLYDGLFKVIPLDRDNKELKAFN
IRLEELHVIDVKFLYGCQAPTICFVYQDPQGRHVKTYEVSLREKEFNKGPWKQENVEAEASMVIAVPEPFGGAIIIGQES
ITYHNGDKYLAIAPPIIKQSTIVCHNRVDPNGSRYLLGDMEGRLFMLLLEKEEQMDGTVTLKDLRVELLGETSIAECLTY
LDNGVVFVGSRLGDSQLVKLNVDSNEQGSYVVAMETFTNLGPIVDMCVVDLERQGQGQLVTCSGAFKEGSLRIIRNGIGG
NGNSGEIQKLHIRTVPLYESPRKICYQEVSQCFGVLSSRIEVQDTSGGTTALRPSASTQALSSSVSSSKLFSSSTAPHET
SFGEEVEVHNLLIIDQHTFEVLHAHQFLQNEYALSLVSCKLGKDPNTYFIVGTAMVYPEEAEPKQGRIVVFQYSDGKLQT
VAEKEVKGAVYSMVEFNGKLLASINSTVRLYEWTTEKELRTECNHYNNIMALYLKTKGDFILVGDLMRSVLLLAYKPMEG
NFEEIARDFNPNWMSAVEILDDDNFLGAENAFNLFVCQKDSAATTDEERQHLQEVGLFHLGEFVNVFCHGSLVMQNLGET
STPTQGSVLFGTVNGMIGLVTSLSESWYNLLLDMQNRLNKVIKSVGKIEHSFWRSFHTERKTEPATGFIDGDLIESFLDI
SRPKMQEVVANLQYDDGSGMKREATADDLIKVVEELTRIH
;
A,D,G
2 'polypeptide(L)'
;GGGRRQTESDWGKRCVDKFDIIGIIGEGTYGQVYKAKDKDTGELVALKKVRLDNEKEGFPITAIREIKILRQLIHRSVVN
MKEIVTDKQDALDFKKDKGAFYLVFEYMDHDLMGLLESGLVHFSEDHIKSFMKQLMEGLEYCHKKNFLHRDIKCSNILLN
NSGQIKLADFGLARLYNSEESRPY(TPO)NKVITLWYRPPELLLGEERYTPAIDVWSCGCILGELFTKKPIFQANLELAQ
LELISRLCGSPCPAVWPDVIRLPYFNTMKPKKQYRRRLREEFSFIPSAALDLLDHMLTLDPSKRCTAEQTLQSDFLKDVE
LSKMAPPDLPHWQDCHELWSKKRRRQRQ
;
B,E,H
3 'polypeptide(L)'
;GGGRMKENKENSSPSVTSANLDHTKPCWYWDKKDLAHTPSQLEGLDPATEARYRREGARFIFDVGTRLGLHYDTLATGII
YFHRFYMFHSFKQFPRYVTGACCLFLAGKVEETPKKCKDIIKTARSLLNDVQFGQFGDDPKEEVMVLERILLQTIKFDLQ
VEHPYQFLLKYAKQLKGDKNKIQKLVQMAWTFVNDSLCTTLSLQWEPEIIAVAVMYLAGRLCKFEIQEWTSKPMYRRWWE
QFVQDVPVDVLEDICHQILDLYSQGKQQMPH
;
C,F,I
#
# COMPACT_ATOMS: atom_id res chain seq x y z
N MET A 5 -9.17 -39.38 45.68
CA MET A 5 -10.25 -40.14 44.97
C MET A 5 -11.55 -39.34 45.08
N SER A 6 -12.52 -39.66 44.23
CA SER A 6 -13.83 -39.03 44.26
C SER A 6 -14.94 -40.06 44.42
N TYR A 7 -16.04 -39.63 45.02
CA TYR A 7 -17.16 -40.50 45.34
C TYR A 7 -18.45 -39.83 44.85
N ASN A 8 -19.18 -40.53 43.98
CA ASN A 8 -20.37 -39.98 43.35
C ASN A 8 -21.45 -41.06 43.28
N TYR A 9 -22.69 -40.62 43.10
CA TYR A 9 -23.88 -41.46 43.12
C TYR A 9 -24.71 -41.17 41.87
N VAL A 10 -25.10 -42.23 41.16
CA VAL A 10 -25.89 -42.12 39.94
C VAL A 10 -27.21 -42.84 40.13
N VAL A 11 -28.31 -42.14 39.82
CA VAL A 11 -29.66 -42.68 39.97
C VAL A 11 -30.48 -42.36 38.73
N THR A 12 -31.41 -43.27 38.41
CA THR A 12 -32.26 -43.18 37.23
C THR A 12 -33.60 -42.57 37.61
N ALA A 13 -33.85 -41.34 37.16
CA ALA A 13 -35.14 -40.71 37.43
C ALA A 13 -36.24 -41.22 36.50
N GLN A 14 -35.96 -41.29 35.19
CA GLN A 14 -36.92 -41.81 34.22
C GLN A 14 -36.26 -42.92 33.41
N LYS A 15 -36.94 -44.07 33.31
CA LYS A 15 -36.38 -45.20 32.60
C LYS A 15 -36.38 -44.98 31.09
N PRO A 16 -35.53 -45.70 30.37
CA PRO A 16 -35.54 -45.59 28.90
C PRO A 16 -36.94 -45.85 28.36
N THR A 17 -37.38 -44.95 27.47
CA THR A 17 -38.71 -45.01 26.88
C THR A 17 -38.72 -45.41 25.42
N ALA A 18 -37.59 -45.32 24.73
CA ALA A 18 -37.54 -45.67 23.32
C ALA A 18 -37.62 -47.18 23.12
N VAL A 19 -38.36 -47.58 22.10
CA VAL A 19 -38.53 -49.01 21.80
C VAL A 19 -37.40 -49.44 20.87
N ASN A 20 -36.62 -50.41 21.32
CA ASN A 20 -35.50 -50.94 20.56
C ASN A 20 -35.84 -52.23 19.82
N GLY A 21 -36.93 -52.89 20.18
CA GLY A 21 -37.37 -54.09 19.46
C GLY A 21 -38.63 -54.65 20.09
N CYS A 22 -39.33 -55.43 19.27
CA CYS A 22 -40.59 -56.02 19.71
C CYS A 22 -40.91 -57.30 18.96
N VAL A 23 -41.41 -58.30 19.71
CA VAL A 23 -41.81 -59.58 19.17
C VAL A 23 -43.12 -59.99 19.84
N THR A 24 -43.87 -60.84 19.15
CA THR A 24 -45.09 -61.44 19.66
C THR A 24 -44.96 -62.96 19.64
N GLY A 25 -45.45 -63.60 20.69
CA GLY A 25 -45.38 -65.04 20.77
C GLY A 25 -46.19 -65.55 21.94
N HIS A 26 -45.85 -66.74 22.40
CA HIS A 26 -46.59 -67.43 23.46
C HIS A 26 -45.61 -67.73 24.59
N PHE A 27 -45.19 -66.67 25.28
CA PHE A 27 -44.10 -66.74 26.24
C PHE A 27 -44.58 -66.99 27.67
N THR A 28 -45.65 -66.32 28.10
CA THR A 28 -46.11 -66.48 29.48
C THR A 28 -46.93 -67.76 29.66
N SER A 29 -47.67 -68.16 28.63
CA SER A 29 -48.45 -69.39 28.64
C SER A 29 -48.58 -69.84 27.19
N ALA A 30 -48.68 -71.16 26.98
CA ALA A 30 -48.85 -71.66 25.62
C ALA A 30 -50.14 -71.17 24.99
N GLU A 31 -51.02 -70.55 25.79
CA GLU A 31 -52.35 -70.13 25.39
C GLU A 31 -52.46 -68.65 25.05
N ASP A 32 -51.83 -67.78 25.82
CA ASP A 32 -51.94 -66.34 25.64
C ASP A 32 -51.06 -65.86 24.48
N LEU A 33 -51.46 -64.72 23.89
CA LEU A 33 -50.64 -64.02 22.92
C LEU A 33 -49.92 -62.88 23.63
N ASN A 34 -48.59 -62.89 23.57
CA ASN A 34 -47.76 -61.96 24.31
C ASN A 34 -47.06 -61.00 23.34
N LEU A 35 -46.88 -59.76 23.79
CA LEU A 35 -46.06 -58.79 23.10
C LEU A 35 -44.91 -58.41 24.02
N LEU A 36 -43.69 -58.79 23.64
CA LEU A 36 -42.50 -58.44 24.41
C LEU A 36 -41.89 -57.22 23.75
N ILE A 37 -41.88 -56.10 24.47
CA ILE A 37 -41.32 -54.84 24.01
C ILE A 37 -40.04 -54.61 24.81
N ALA A 38 -38.95 -54.38 24.11
CA ALA A 38 -37.64 -54.20 24.74
C ALA A 38 -37.17 -52.76 24.59
N LYS A 39 -36.94 -52.10 25.72
CA LYS A 39 -36.24 -50.82 25.78
C LYS A 39 -34.86 -51.08 26.37
N ASN A 40 -33.94 -50.13 26.16
CA ASN A 40 -32.55 -50.38 26.53
C ASN A 40 -32.50 -50.87 27.98
N THR A 41 -31.96 -52.06 28.19
CA THR A 41 -31.78 -52.71 29.48
C THR A 41 -33.09 -53.13 30.14
N ARG A 42 -34.25 -52.82 29.56
CA ARG A 42 -35.55 -53.09 30.15
C ARG A 42 -36.40 -53.97 29.23
N LEU A 43 -36.99 -55.02 29.78
CA LEU A 43 -37.91 -55.89 29.05
C LEU A 43 -39.32 -55.78 29.61
N GLU A 44 -40.28 -55.43 28.75
CA GLU A 44 -41.69 -55.35 29.12
C GLU A 44 -42.45 -56.53 28.50
N ILE A 45 -43.27 -57.20 29.31
CA ILE A 45 -44.07 -58.32 28.86
C ILE A 45 -45.54 -57.92 28.96
N TYR A 46 -46.26 -58.04 27.86
CA TYR A 46 -47.68 -57.72 27.79
C TYR A 46 -48.45 -58.96 27.33
N VAL A 47 -49.76 -58.95 27.56
CA VAL A 47 -50.67 -59.96 27.03
C VAL A 47 -51.70 -59.24 26.16
N VAL A 48 -51.93 -59.76 24.97
CA VAL A 48 -52.80 -59.09 24.00
C VAL A 48 -54.24 -59.31 24.41
N THR A 49 -55.01 -58.23 24.45
CA THR A 49 -56.44 -58.25 24.72
C THR A 49 -57.18 -57.72 23.50
N ALA A 50 -58.51 -57.78 23.55
CA ALA A 50 -59.30 -57.17 22.48
C ALA A 50 -59.33 -55.65 22.57
N GLU A 51 -58.88 -55.09 23.69
CA GLU A 51 -58.91 -53.66 23.94
C GLU A 51 -57.54 -53.02 23.73
N GLY A 52 -56.49 -53.77 24.00
CA GLY A 52 -55.13 -53.27 23.92
C GLY A 52 -54.18 -54.31 24.48
N LEU A 53 -53.26 -53.86 25.33
CA LEU A 53 -52.25 -54.71 25.96
C LEU A 53 -52.43 -54.69 27.47
N ARG A 54 -52.36 -55.88 28.08
CA ARG A 54 -52.40 -55.98 29.53
C ARG A 54 -50.99 -56.21 30.04
N PRO A 55 -50.40 -55.28 30.78
CA PRO A 55 -49.05 -55.54 31.32
C PRO A 55 -49.08 -56.65 32.35
N VAL A 56 -48.02 -57.45 32.39
CA VAL A 56 -47.96 -58.57 33.31
C VAL A 56 -46.65 -58.56 34.10
N LYS A 57 -45.54 -58.15 33.47
CA LYS A 57 -44.25 -58.24 34.13
C LYS A 57 -43.24 -57.34 33.43
N GLU A 58 -42.35 -56.74 34.24
CA GLU A 58 -41.21 -56.01 33.70
C GLU A 58 -39.96 -56.37 34.49
N VAL A 59 -38.87 -56.67 33.79
CA VAL A 59 -37.60 -56.96 34.43
C VAL A 59 -36.54 -56.05 33.84
N GLY A 60 -35.51 -55.78 34.64
CA GLY A 60 -34.29 -55.16 34.15
C GLY A 60 -33.23 -56.22 33.97
N MET A 61 -32.33 -55.99 33.01
CA MET A 61 -31.19 -56.85 32.77
C MET A 61 -29.93 -56.02 32.87
N TYR A 62 -28.84 -56.66 33.31
CA TYR A 62 -27.57 -55.96 33.48
C TYR A 62 -26.82 -55.97 32.14
N GLY A 63 -27.43 -55.27 31.18
CA GLY A 63 -26.93 -55.25 29.82
C GLY A 63 -27.90 -54.58 28.87
N LYS A 64 -27.39 -54.07 27.76
CA LYS A 64 -28.22 -53.53 26.70
C LYS A 64 -28.78 -54.69 25.89
N ILE A 65 -30.10 -54.71 25.69
CA ILE A 65 -30.75 -55.84 25.03
C ILE A 65 -30.53 -55.69 23.53
N ALA A 66 -29.74 -56.60 22.95
CA ALA A 66 -29.40 -56.54 21.54
C ALA A 66 -30.24 -57.48 20.67
N VAL A 67 -30.33 -58.76 21.04
CA VAL A 67 -31.11 -59.73 20.31
C VAL A 67 -32.21 -60.23 21.24
N MET A 68 -33.43 -60.25 20.74
CA MET A 68 -34.58 -60.76 21.48
C MET A 68 -35.40 -61.60 20.51
N GLU A 69 -35.53 -62.89 20.82
CA GLU A 69 -36.23 -63.80 19.93
C GLU A 69 -36.95 -64.87 20.72
N LEU A 70 -38.15 -65.20 20.24
CA LEU A 70 -39.00 -66.22 20.82
C LEU A 70 -39.00 -67.45 19.94
N PHE A 71 -38.84 -68.62 20.56
CA PHE A 71 -38.79 -69.89 19.86
C PHE A 71 -39.37 -70.96 20.77
N ARG A 72 -39.77 -72.07 20.17
CA ARG A 72 -40.38 -73.16 20.93
C ARG A 72 -39.79 -74.49 20.47
N PRO A 73 -38.76 -75.00 21.16
CA PRO A 73 -38.17 -76.27 20.73
C PRO A 73 -39.13 -77.43 21.01
N LYS A 74 -38.99 -78.50 20.23
CA LYS A 74 -39.80 -79.68 20.44
C LYS A 74 -39.63 -80.17 21.88
N GLY A 75 -40.76 -80.42 22.54
CA GLY A 75 -40.81 -80.85 23.90
C GLY A 75 -41.20 -79.77 24.88
N GLU A 76 -41.17 -78.51 24.46
CA GLU A 76 -41.61 -77.41 25.30
C GLU A 76 -43.08 -77.13 25.05
N SER A 77 -43.80 -76.75 26.11
CA SER A 77 -45.20 -76.37 25.97
C SER A 77 -45.37 -74.95 25.44
N LYS A 78 -44.40 -74.09 25.70
CA LYS A 78 -44.55 -72.67 25.41
C LYS A 78 -43.21 -72.10 24.96
N ASP A 79 -43.27 -70.87 24.44
CA ASP A 79 -42.09 -70.26 23.85
C ASP A 79 -41.04 -69.94 24.91
N LEU A 80 -39.78 -70.07 24.55
CA LEU A 80 -38.65 -69.63 25.35
C LEU A 80 -38.08 -68.37 24.70
N LEU A 81 -37.36 -67.58 25.47
CA LEU A 81 -36.85 -66.30 25.01
C LEU A 81 -35.32 -66.30 25.02
N PHE A 82 -34.72 -65.88 23.91
CA PHE A 82 -33.28 -65.69 23.83
C PHE A 82 -33.01 -64.19 23.86
N ILE A 83 -32.10 -63.78 24.73
CA ILE A 83 -31.65 -62.39 24.78
C ILE A 83 -30.13 -62.42 24.82
N LEU A 84 -29.51 -61.61 23.97
CA LEU A 84 -28.06 -61.44 23.90
C LEU A 84 -27.77 -59.98 24.16
N THR A 85 -26.84 -59.69 25.06
CA THR A 85 -26.56 -58.30 25.36
C THR A 85 -25.44 -57.79 24.47
N ALA A 86 -25.29 -56.46 24.44
CA ALA A 86 -24.27 -55.85 23.61
C ALA A 86 -22.86 -56.17 24.09
N LYS A 87 -22.70 -56.58 25.34
CA LYS A 87 -21.42 -57.08 25.83
C LYS A 87 -21.27 -58.58 25.66
N TYR A 88 -22.16 -59.19 24.86
CA TYR A 88 -22.12 -60.58 24.45
C TYR A 88 -22.49 -61.54 25.56
N ASN A 89 -23.34 -61.10 26.49
CA ASN A 89 -23.92 -62.01 27.47
C ASN A 89 -25.15 -62.67 26.85
N ALA A 90 -25.12 -63.99 26.69
CA ALA A 90 -26.22 -64.75 26.10
C ALA A 90 -26.96 -65.53 27.18
N CYS A 91 -28.26 -65.70 26.98
CA CYS A 91 -29.07 -66.47 27.92
C CYS A 91 -30.38 -66.90 27.28
N ILE A 92 -30.95 -67.98 27.82
CA ILE A 92 -32.28 -68.46 27.46
C ILE A 92 -33.16 -68.36 28.69
N LEU A 93 -34.32 -67.73 28.56
CA LEU A 93 -35.17 -67.37 29.68
C LEU A 93 -36.53 -68.06 29.58
N GLU A 94 -37.12 -68.37 30.73
CA GLU A 94 -38.45 -68.95 30.80
C GLU A 94 -39.33 -68.22 31.81
N TYR A 95 -40.58 -67.97 31.42
CA TYR A 95 -41.60 -67.41 32.31
C TYR A 95 -42.23 -68.52 33.14
N LYS A 96 -42.30 -68.31 34.45
CA LYS A 96 -42.90 -69.25 35.37
C LYS A 96 -43.73 -68.47 36.38
N GLN A 97 -44.97 -68.90 36.61
CA GLN A 97 -45.90 -68.21 37.49
C GLN A 97 -46.48 -69.23 38.46
N SER A 98 -46.43 -68.90 39.74
CA SER A 98 -46.95 -69.75 40.80
C SER A 98 -48.03 -68.92 41.48
N GLY A 99 -49.25 -68.97 40.95
CA GLY A 99 -50.29 -68.12 41.52
C GLY A 99 -49.94 -66.67 41.28
N GLU A 100 -49.75 -65.95 42.39
CA GLU A 100 -49.45 -64.54 42.38
C GLU A 100 -47.96 -64.24 42.19
N SER A 101 -47.09 -65.25 42.29
CA SER A 101 -45.65 -65.07 42.23
C SER A 101 -45.15 -65.25 40.80
N ILE A 102 -44.65 -64.17 40.19
CA ILE A 102 -44.11 -64.21 38.84
C ILE A 102 -42.60 -64.03 38.91
N ASP A 103 -41.86 -64.96 38.30
CA ASP A 103 -40.40 -64.87 38.25
C ASP A 103 -39.92 -65.31 36.87
N ILE A 104 -38.68 -64.96 36.55
CA ILE A 104 -38.05 -65.31 35.26
C ILE A 104 -36.89 -66.28 35.48
N ILE A 105 -36.93 -67.41 34.78
CA ILE A 105 -35.98 -68.49 34.95
C ILE A 105 -34.84 -68.33 33.95
N THR A 106 -33.60 -68.46 34.41
CA THR A 106 -32.44 -68.49 33.52
C THR A 106 -32.14 -69.95 33.22
N ARG A 107 -32.48 -70.41 32.01
CA ARG A 107 -32.32 -71.81 31.66
C ARG A 107 -30.90 -72.13 31.17
N ALA A 108 -30.26 -71.20 30.46
CA ALA A 108 -28.91 -71.38 29.96
C ALA A 108 -28.28 -70.00 29.88
N HIS A 109 -26.96 -69.94 30.03
CA HIS A 109 -26.31 -68.64 29.96
C HIS A 109 -24.81 -68.77 29.73
N GLY A 110 -24.25 -67.72 29.16
CA GLY A 110 -22.82 -67.63 28.93
C GLY A 110 -22.50 -66.40 28.11
N ASN A 111 -21.20 -66.11 28.04
CA ASN A 111 -20.68 -64.98 27.28
C ASN A 111 -19.99 -65.54 26.03
N VAL A 112 -20.41 -65.06 24.86
CA VAL A 112 -20.01 -65.62 23.59
C VAL A 112 -18.95 -64.77 22.90
N GLN A 113 -18.27 -63.91 23.66
CA GLN A 113 -17.26 -63.03 23.10
C GLN A 113 -16.03 -63.81 22.66
N ASP A 114 -15.50 -63.45 21.49
CA ASP A 114 -14.27 -64.04 20.96
C ASP A 114 -13.08 -63.17 21.30
N ARG A 115 -11.96 -63.82 21.62
CA ARG A 115 -10.73 -63.08 21.91
C ARG A 115 -10.33 -62.23 20.71
N ILE A 116 -10.51 -62.75 19.50
CA ILE A 116 -10.12 -62.07 18.27
C ILE A 116 -11.33 -61.98 17.33
N GLY A 117 -11.63 -60.77 16.86
CA GLY A 117 -12.68 -60.57 15.88
C GLY A 117 -12.93 -59.12 15.54
N ARG A 118 -13.39 -58.84 14.32
CA ARG A 118 -13.70 -57.46 13.95
C ARG A 118 -15.20 -57.23 14.01
N PRO A 119 -15.69 -56.39 14.92
CA PRO A 119 -17.12 -56.09 14.97
C PRO A 119 -17.66 -55.59 13.63
N SER A 120 -18.83 -56.11 13.24
CA SER A 120 -19.39 -55.83 11.93
C SER A 120 -20.07 -54.45 11.87
N GLU A 121 -20.14 -53.90 10.65
CA GLU A 121 -20.73 -52.58 10.45
C GLU A 121 -22.23 -52.58 10.72
N THR A 122 -22.93 -53.59 10.24
CA THR A 122 -24.38 -53.68 10.42
C THR A 122 -24.78 -54.27 11.75
N GLY A 123 -23.84 -54.40 12.68
CA GLY A 123 -24.17 -54.71 14.06
C GLY A 123 -24.42 -56.19 14.28
N ILE A 124 -24.71 -56.50 15.55
CA ILE A 124 -25.04 -57.86 15.95
C ILE A 124 -26.36 -58.26 15.29
N ILE A 125 -26.37 -59.43 14.66
CA ILE A 125 -27.59 -60.02 14.13
C ILE A 125 -27.79 -61.38 14.81
N GLY A 126 -29.02 -61.64 15.26
CA GLY A 126 -29.35 -62.93 15.82
C GLY A 126 -30.61 -63.52 15.21
N ILE A 127 -30.53 -64.77 14.76
CA ILE A 127 -31.65 -65.46 14.14
C ILE A 127 -31.68 -66.88 14.68
N ILE A 128 -32.85 -67.49 14.63
CA ILE A 128 -33.03 -68.86 15.10
C ILE A 128 -33.68 -69.69 14.02
N ASP A 129 -33.20 -70.93 13.91
CA ASP A 129 -33.68 -71.89 12.93
C ASP A 129 -35.18 -72.12 13.09
N PRO A 130 -35.91 -72.33 11.99
CA PRO A 130 -37.33 -72.66 12.13
C PRO A 130 -37.58 -73.92 12.93
N GLU A 131 -36.70 -74.92 12.79
CA GLU A 131 -36.80 -76.12 13.60
C GLU A 131 -36.11 -75.96 14.96
N CYS A 132 -35.74 -74.72 15.32
CA CYS A 132 -35.12 -74.43 16.61
C CYS A 132 -33.99 -75.42 16.91
N ARG A 133 -33.20 -75.73 15.87
CA ARG A 133 -32.05 -76.59 16.08
C ARG A 133 -30.83 -75.79 16.53
N MET A 134 -30.75 -74.52 16.15
CA MET A 134 -29.58 -73.72 16.47
C MET A 134 -29.94 -72.24 16.48
N ILE A 135 -29.10 -71.46 17.16
CA ILE A 135 -29.14 -70.00 17.14
C ILE A 135 -27.97 -69.52 16.30
N GLY A 136 -28.26 -68.68 15.29
CA GLY A 136 -27.21 -68.07 14.50
C GLY A 136 -26.87 -66.69 15.00
N LEU A 137 -25.57 -66.39 15.08
CA LEU A 137 -25.10 -65.09 15.51
C LEU A 137 -24.08 -64.55 14.51
N ARG A 138 -24.28 -63.31 14.05
CA ARG A 138 -23.30 -62.60 13.23
C ARG A 138 -22.72 -61.49 14.10
N LEU A 139 -21.58 -61.76 14.75
CA LEU A 139 -20.93 -60.80 15.61
C LEU A 139 -19.73 -60.13 14.96
N TYR A 140 -18.95 -60.85 14.16
CA TYR A 140 -17.71 -60.33 13.62
C TYR A 140 -17.64 -60.54 12.11
N ASP A 141 -16.94 -59.63 11.44
CA ASP A 141 -16.71 -59.78 10.01
C ASP A 141 -15.98 -61.08 9.73
N GLY A 142 -16.50 -61.83 8.76
CA GLY A 142 -15.87 -63.07 8.32
C GLY A 142 -16.18 -64.28 9.16
N LEU A 143 -17.05 -64.18 10.15
CA LEU A 143 -17.35 -65.31 11.03
C LEU A 143 -18.85 -65.43 11.31
N PHE A 144 -19.33 -66.68 11.32
CA PHE A 144 -20.70 -67.03 11.69
C PHE A 144 -20.62 -67.94 12.91
N LYS A 145 -21.24 -67.54 14.01
CA LYS A 145 -21.19 -68.30 15.25
C LYS A 145 -22.48 -69.09 15.43
N VAL A 146 -22.34 -70.36 15.79
CA VAL A 146 -23.47 -71.27 15.94
C VAL A 146 -23.53 -71.73 17.39
N ILE A 147 -24.64 -71.46 18.05
CA ILE A 147 -24.98 -72.08 19.32
C ILE A 147 -26.00 -73.19 19.04
N PRO A 148 -25.60 -74.46 19.05
CA PRO A 148 -26.60 -75.53 18.82
C PRO A 148 -27.53 -75.65 20.01
N LEU A 149 -28.83 -75.79 19.72
CA LEU A 149 -29.82 -75.84 20.79
C LEU A 149 -30.11 -77.29 21.20
N ASP A 150 -29.08 -77.94 21.75
CA ASP A 150 -29.26 -79.25 22.37
C ASP A 150 -29.57 -79.06 23.85
N ARG A 151 -30.24 -80.06 24.42
CA ARG A 151 -30.65 -80.01 25.83
C ARG A 151 -29.46 -79.82 26.76
N ASP A 152 -28.28 -80.31 26.37
CA ASP A 152 -27.14 -80.31 27.27
C ASP A 152 -26.37 -78.99 27.27
N ASN A 153 -26.64 -78.10 26.32
CA ASN A 153 -25.84 -76.88 26.17
C ASN A 153 -26.36 -75.79 27.11
N LYS A 154 -26.23 -76.06 28.41
CA LYS A 154 -26.69 -75.10 29.40
C LYS A 154 -25.77 -73.90 29.51
N GLU A 155 -24.53 -74.02 29.02
CA GLU A 155 -23.57 -72.94 29.01
C GLU A 155 -23.55 -72.19 27.68
N LEU A 156 -24.37 -72.60 26.73
CA LEU A 156 -24.42 -71.99 25.41
C LEU A 156 -23.03 -71.98 24.76
N LYS A 157 -22.35 -73.12 24.80
CA LYS A 157 -21.08 -73.25 24.08
C LYS A 157 -21.33 -73.23 22.58
N ALA A 158 -20.38 -72.64 21.85
CA ALA A 158 -20.58 -72.39 20.43
C ALA A 158 -19.27 -72.47 19.66
N PHE A 159 -19.40 -72.58 18.34
CA PHE A 159 -18.28 -72.65 17.42
C PHE A 159 -18.49 -71.67 16.27
N ASN A 160 -17.39 -71.33 15.62
CA ASN A 160 -17.39 -70.41 14.49
C ASN A 160 -17.11 -71.15 13.19
N ILE A 161 -17.85 -70.78 12.15
CA ILE A 161 -17.65 -71.27 10.79
C ILE A 161 -17.04 -70.13 9.98
N ARG A 162 -15.92 -70.38 9.32
CA ARG A 162 -15.34 -69.34 8.47
C ARG A 162 -16.34 -68.94 7.41
N LEU A 163 -16.46 -67.63 7.19
CA LEU A 163 -17.35 -67.07 6.18
C LEU A 163 -16.51 -66.25 5.21
N GLU A 164 -16.52 -66.65 3.94
CA GLU A 164 -15.72 -65.96 2.94
C GLU A 164 -16.19 -64.52 2.76
N GLU A 165 -17.50 -64.31 2.79
CA GLU A 165 -18.09 -62.99 2.52
C GLU A 165 -17.93 -62.13 3.78
N LEU A 166 -17.01 -61.17 3.72
CA LEU A 166 -16.64 -60.42 4.92
C LEU A 166 -17.71 -59.40 5.31
N HIS A 167 -18.32 -58.74 4.34
CA HIS A 167 -19.27 -57.66 4.60
C HIS A 167 -20.68 -58.17 4.36
N VAL A 168 -21.36 -58.56 5.45
CA VAL A 168 -22.73 -59.05 5.41
C VAL A 168 -23.69 -57.96 5.82
N ILE A 169 -24.74 -57.77 5.03
CA ILE A 169 -25.77 -56.78 5.34
C ILE A 169 -26.82 -57.35 6.29
N ASP A 170 -27.44 -58.48 5.90
CA ASP A 170 -28.47 -59.08 6.73
C ASP A 170 -28.59 -60.57 6.41
N VAL A 171 -29.02 -61.35 7.41
CA VAL A 171 -29.15 -62.80 7.25
C VAL A 171 -30.39 -63.29 8.01
N LYS A 172 -31.01 -64.33 7.45
CA LYS A 172 -32.17 -64.99 8.04
C LYS A 172 -32.08 -66.49 7.75
N PHE A 173 -32.60 -67.31 8.66
CA PHE A 173 -32.79 -68.72 8.37
C PHE A 173 -34.01 -68.86 7.46
N LEU A 174 -33.94 -69.78 6.49
CA LEU A 174 -34.99 -69.95 5.50
C LEU A 174 -35.95 -71.06 5.90
N TYR A 175 -37.21 -70.91 5.49
CA TYR A 175 -38.20 -71.96 5.69
C TYR A 175 -38.18 -72.92 4.51
N GLY A 176 -38.63 -74.15 4.76
CA GLY A 176 -38.80 -75.10 3.68
C GLY A 176 -37.54 -75.71 3.12
N CYS A 177 -36.53 -75.93 3.95
CA CYS A 177 -35.26 -76.50 3.50
C CYS A 177 -34.99 -77.83 4.17
N GLN A 178 -34.27 -78.68 3.40
CA GLN A 178 -33.93 -80.02 3.87
C GLN A 178 -32.96 -79.98 5.04
N ALA A 179 -32.13 -78.95 5.10
CA ALA A 179 -31.18 -78.72 6.18
C ALA A 179 -31.27 -77.27 6.62
N PRO A 180 -30.80 -76.95 7.84
CA PRO A 180 -30.77 -75.53 8.24
C PRO A 180 -30.05 -74.69 7.20
N THR A 181 -30.70 -73.66 6.68
CA THR A 181 -30.18 -72.88 5.56
C THR A 181 -30.26 -71.39 5.89
N ILE A 182 -29.18 -70.66 5.60
CA ILE A 182 -29.13 -69.22 5.81
C ILE A 182 -29.17 -68.52 4.46
N CYS A 183 -29.94 -67.44 4.38
CA CYS A 183 -30.01 -66.58 3.21
C CYS A 183 -29.58 -65.19 3.63
N PHE A 184 -28.57 -64.64 2.94
CA PHE A 184 -28.04 -63.34 3.33
C PHE A 184 -27.67 -62.51 2.12
N VAL A 185 -27.64 -61.20 2.32
CA VAL A 185 -27.15 -60.23 1.35
C VAL A 185 -25.78 -59.75 1.81
N TYR A 186 -24.82 -59.71 0.90
CA TYR A 186 -23.46 -59.31 1.25
C TYR A 186 -22.96 -58.29 0.23
N GLN A 187 -21.91 -57.57 0.62
CA GLN A 187 -21.31 -56.54 -0.23
C GLN A 187 -19.82 -56.79 -0.46
N ASP A 188 -19.44 -56.91 -1.72
CA ASP A 188 -18.03 -56.92 -2.13
C ASP A 188 -17.87 -55.80 -3.16
N PRO A 189 -16.68 -55.62 -3.74
CA PRO A 189 -16.49 -54.48 -4.67
C PRO A 189 -17.40 -54.50 -5.87
N GLN A 190 -17.97 -55.65 -6.24
CA GLN A 190 -18.78 -55.74 -7.45
C GLN A 190 -20.24 -55.39 -7.19
N GLY A 191 -20.57 -54.91 -6.00
CA GLY A 191 -21.95 -54.65 -5.69
C GLY A 191 -22.46 -55.55 -4.58
N ARG A 192 -23.77 -55.65 -4.45
CA ARG A 192 -24.41 -56.52 -3.48
C ARG A 192 -25.02 -57.74 -4.12
N HIS A 193 -24.93 -58.85 -3.40
CA HIS A 193 -25.40 -60.14 -3.86
C HIS A 193 -26.21 -60.82 -2.77
N VAL A 194 -27.06 -61.74 -3.19
CA VAL A 194 -27.81 -62.60 -2.29
C VAL A 194 -27.28 -64.00 -2.50
N LYS A 195 -26.94 -64.69 -1.42
CA LYS A 195 -26.33 -66.02 -1.45
C LYS A 195 -26.94 -66.89 -0.37
N THR A 196 -26.78 -68.21 -0.53
CA THR A 196 -27.27 -69.16 0.46
C THR A 196 -26.20 -70.18 0.84
N TYR A 197 -26.28 -70.64 2.09
CA TYR A 197 -25.46 -71.75 2.58
C TYR A 197 -26.37 -72.67 3.41
N GLU A 198 -25.92 -73.91 3.58
CA GLU A 198 -26.53 -74.85 4.51
C GLU A 198 -25.59 -74.93 5.72
N VAL A 199 -26.13 -75.21 6.90
CA VAL A 199 -25.36 -75.22 8.15
C VAL A 199 -25.38 -76.63 8.70
N SER A 200 -24.19 -77.23 8.83
CA SER A 200 -24.05 -78.61 9.29
C SER A 200 -23.50 -78.63 10.71
N LEU A 201 -24.35 -79.01 11.67
CA LEU A 201 -23.91 -79.18 13.05
C LEU A 201 -22.97 -80.36 13.21
N ARG A 202 -23.14 -81.40 12.38
CA ARG A 202 -22.29 -82.59 12.47
C ARG A 202 -20.89 -82.28 11.96
N GLU A 203 -20.80 -81.65 10.79
CA GLU A 203 -19.52 -81.28 10.20
C GLU A 203 -18.98 -79.96 10.72
N LYS A 204 -19.84 -79.10 11.29
CA LYS A 204 -19.42 -77.80 11.81
C LYS A 204 -18.79 -76.97 10.70
N GLU A 205 -19.49 -76.89 9.56
CA GLU A 205 -19.09 -76.05 8.44
C GLU A 205 -20.29 -75.80 7.54
N PHE A 206 -20.12 -74.88 6.59
CA PHE A 206 -21.11 -74.65 5.56
C PHE A 206 -20.97 -75.66 4.44
N ASN A 207 -22.09 -75.98 3.79
CA ASN A 207 -22.14 -76.77 2.57
C ASN A 207 -22.83 -75.91 1.51
N LYS A 208 -22.75 -76.34 0.25
CA LYS A 208 -23.36 -75.54 -0.81
C LYS A 208 -24.85 -75.35 -0.54
N GLY A 209 -25.34 -74.15 -0.79
CA GLY A 209 -26.68 -73.75 -0.49
C GLY A 209 -27.68 -74.10 -1.57
N PRO A 210 -28.99 -74.05 -1.24
CA PRO A 210 -29.99 -74.51 -2.21
C PRO A 210 -30.09 -73.65 -3.45
N TRP A 211 -29.80 -72.34 -3.41
CA TRP A 211 -30.01 -71.59 -4.64
C TRP A 211 -28.94 -70.52 -4.89
N LYS A 212 -29.00 -70.02 -6.13
CA LYS A 212 -27.94 -69.24 -6.77
C LYS A 212 -27.79 -67.83 -6.21
N GLN A 213 -26.59 -67.30 -6.40
CA GLN A 213 -26.22 -65.96 -5.99
C GLN A 213 -26.65 -64.93 -7.05
N GLU A 214 -27.89 -64.48 -6.93
CA GLU A 214 -28.29 -63.33 -7.71
C GLU A 214 -27.59 -62.10 -7.14
N ASN A 215 -27.19 -61.17 -8.01
CA ASN A 215 -26.71 -59.87 -7.58
C ASN A 215 -27.89 -58.92 -7.50
N VAL A 216 -27.95 -58.18 -6.40
CA VAL A 216 -29.17 -57.46 -6.04
C VAL A 216 -28.93 -55.95 -6.00
N GLU A 217 -29.98 -55.20 -5.69
CA GLU A 217 -29.89 -53.75 -5.64
C GLU A 217 -28.71 -53.32 -4.77
N ALA A 218 -28.07 -52.23 -5.19
CA ALA A 218 -26.88 -51.76 -4.49
C ALA A 218 -27.16 -51.43 -3.03
N GLU A 219 -28.37 -50.95 -2.72
CA GLU A 219 -28.77 -50.61 -1.36
C GLU A 219 -29.76 -51.62 -0.77
N ALA A 220 -29.68 -52.88 -1.19
CA ALA A 220 -30.46 -53.94 -0.56
C ALA A 220 -30.19 -53.98 0.93
N SER A 221 -31.26 -53.86 1.74
CA SER A 221 -31.06 -53.65 3.17
C SER A 221 -31.61 -54.75 4.07
N MET A 222 -32.77 -55.35 3.75
CA MET A 222 -33.41 -56.28 4.68
C MET A 222 -33.77 -57.58 3.99
N VAL A 223 -33.65 -58.68 4.73
CA VAL A 223 -33.94 -60.02 4.24
C VAL A 223 -35.15 -60.57 4.98
N ILE A 224 -36.12 -61.06 4.22
CA ILE A 224 -37.33 -61.68 4.76
C ILE A 224 -37.35 -63.15 4.36
N ALA A 225 -37.44 -64.04 5.36
CA ALA A 225 -37.64 -65.46 5.11
C ALA A 225 -39.15 -65.72 5.05
N VAL A 226 -39.63 -66.17 3.89
CA VAL A 226 -41.06 -66.36 3.65
C VAL A 226 -41.41 -67.82 3.94
N PRO A 227 -42.43 -68.07 4.76
CA PRO A 227 -42.77 -69.47 5.10
C PRO A 227 -43.45 -70.16 3.93
N GLU A 228 -43.51 -71.49 4.05
CA GLU A 228 -44.32 -72.27 3.11
C GLU A 228 -45.76 -71.75 3.20
N PRO A 229 -46.49 -71.71 2.09
CA PRO A 229 -46.19 -72.41 0.83
C PRO A 229 -45.14 -71.79 -0.09
N PHE A 230 -44.87 -70.50 0.04
CA PHE A 230 -44.03 -69.83 -0.94
C PHE A 230 -42.57 -70.25 -0.78
N GLY A 231 -42.05 -70.23 0.44
CA GLY A 231 -40.64 -70.51 0.66
C GLY A 231 -39.79 -69.41 0.05
N GLY A 232 -38.48 -69.55 0.19
CA GLY A 232 -37.60 -68.56 -0.40
C GLY A 232 -37.52 -67.30 0.44
N ALA A 233 -37.14 -66.19 -0.20
CA ALA A 233 -36.90 -64.95 0.52
C ALA A 233 -37.29 -63.73 -0.30
N ILE A 234 -37.58 -62.65 0.41
CA ILE A 234 -37.83 -61.32 -0.17
C ILE A 234 -36.71 -60.38 0.26
N ILE A 235 -36.23 -59.56 -0.68
CA ILE A 235 -35.15 -58.60 -0.44
C ILE A 235 -35.71 -57.19 -0.63
N ILE A 236 -35.61 -56.37 0.42
CA ILE A 236 -36.15 -55.00 0.40
C ILE A 236 -34.98 -54.03 0.15
N GLY A 237 -35.16 -53.12 -0.80
CA GLY A 237 -34.14 -52.11 -1.05
C GLY A 237 -34.63 -50.67 -0.89
N GLN A 238 -33.98 -49.73 -1.58
CA GLN A 238 -34.43 -48.35 -1.64
C GLN A 238 -35.43 -48.14 -2.76
N GLU A 239 -35.25 -48.81 -3.89
CA GLU A 239 -36.16 -48.66 -5.02
C GLU A 239 -36.97 -49.92 -5.35
N SER A 240 -36.51 -51.11 -4.97
CA SER A 240 -37.18 -52.32 -5.44
C SER A 240 -37.31 -53.37 -4.34
N ILE A 241 -38.32 -54.23 -4.50
CA ILE A 241 -38.53 -55.40 -3.66
C ILE A 241 -38.45 -56.61 -4.58
N THR A 242 -37.55 -57.54 -4.28
CA THR A 242 -37.30 -58.70 -5.11
C THR A 242 -37.47 -59.97 -4.28
N TYR A 243 -38.02 -61.00 -4.90
CA TYR A 243 -38.25 -62.30 -4.28
C TYR A 243 -37.42 -63.35 -5.01
N HIS A 244 -36.61 -64.09 -4.27
CA HIS A 244 -35.75 -65.12 -4.82
C HIS A 244 -36.09 -66.43 -4.13
N ASN A 245 -36.39 -67.47 -4.93
CA ASN A 245 -36.59 -68.83 -4.43
C ASN A 245 -36.05 -69.74 -5.52
N GLY A 246 -34.76 -70.05 -5.44
CA GLY A 246 -34.15 -70.86 -6.48
C GLY A 246 -34.28 -70.25 -7.86
N ASP A 247 -35.06 -70.88 -8.74
CA ASP A 247 -35.20 -70.37 -10.08
C ASP A 247 -36.10 -69.15 -10.18
N LYS A 248 -36.96 -68.93 -9.20
CA LYS A 248 -37.91 -67.83 -9.25
C LYS A 248 -37.19 -66.51 -9.01
N TYR A 249 -37.51 -65.51 -9.82
CA TYR A 249 -37.02 -64.15 -9.63
C TYR A 249 -38.18 -63.20 -9.93
N LEU A 250 -38.53 -62.37 -8.95
CA LEU A 250 -39.57 -61.37 -9.09
C LEU A 250 -39.05 -60.01 -8.64
N ALA A 251 -39.52 -58.96 -9.32
CA ALA A 251 -39.05 -57.60 -9.04
C ALA A 251 -40.20 -56.61 -9.24
N ILE A 252 -40.67 -56.02 -8.14
CA ILE A 252 -41.59 -54.89 -8.17
C ILE A 252 -40.81 -53.66 -7.72
N ALA A 253 -40.97 -52.55 -8.45
CA ALA A 253 -40.26 -51.31 -8.17
C ALA A 253 -41.25 -50.16 -8.22
N PRO A 254 -42.19 -50.11 -7.28
CA PRO A 254 -43.21 -49.06 -7.32
C PRO A 254 -42.61 -47.73 -6.92
N PRO A 255 -42.91 -46.65 -7.64
CA PRO A 255 -42.26 -45.36 -7.34
C PRO A 255 -42.52 -44.85 -5.94
N ILE A 256 -43.52 -45.37 -5.24
CA ILE A 256 -43.92 -44.77 -3.97
C ILE A 256 -42.85 -45.00 -2.91
N ILE A 257 -42.19 -46.16 -2.96
CA ILE A 257 -41.20 -46.47 -1.93
C ILE A 257 -39.86 -45.75 -2.15
N LYS A 258 -39.54 -45.37 -3.39
CA LYS A 258 -38.30 -44.64 -3.64
C LYS A 258 -38.21 -43.37 -2.82
N GLN A 259 -39.35 -42.82 -2.42
CA GLN A 259 -39.39 -41.52 -1.76
C GLN A 259 -38.75 -41.54 -0.39
N SER A 260 -38.95 -42.60 0.39
CA SER A 260 -38.44 -42.62 1.75
C SER A 260 -37.97 -44.04 2.09
N THR A 261 -36.79 -44.10 2.70
CA THR A 261 -36.16 -45.38 3.01
C THR A 261 -37.03 -46.21 3.95
N ILE A 262 -37.22 -47.48 3.60
CA ILE A 262 -37.98 -48.41 4.42
C ILE A 262 -37.05 -49.11 5.39
N VAL A 263 -37.42 -49.13 6.68
CA VAL A 263 -36.53 -49.63 7.72
C VAL A 263 -37.08 -50.82 8.49
N CYS A 264 -38.36 -51.19 8.39
CA CYS A 264 -38.88 -52.29 9.19
C CYS A 264 -39.83 -53.20 8.42
N HIS A 265 -39.93 -54.45 8.87
CA HIS A 265 -40.76 -55.45 8.22
C HIS A 265 -41.31 -56.41 9.27
N ASN A 266 -42.56 -56.84 9.07
CA ASN A 266 -43.23 -57.79 9.95
C ASN A 266 -44.23 -58.61 9.13
N ARG A 267 -44.39 -59.88 9.50
CA ARG A 267 -45.36 -60.77 8.85
C ARG A 267 -46.74 -60.64 9.45
N VAL A 268 -47.75 -60.49 8.58
CA VAL A 268 -49.13 -60.36 9.01
C VAL A 268 -49.78 -61.75 9.00
N ASP A 269 -49.88 -62.35 7.81
CA ASP A 269 -50.52 -63.65 7.66
C ASP A 269 -49.47 -64.73 7.86
N PRO A 270 -49.63 -65.61 8.85
CA PRO A 270 -48.59 -66.64 9.10
C PRO A 270 -48.14 -67.37 7.86
N ASN A 271 -48.98 -67.47 6.84
CA ASN A 271 -48.65 -68.14 5.60
C ASN A 271 -47.82 -67.29 4.64
N GLY A 272 -47.50 -66.05 5.00
CA GLY A 272 -46.65 -65.22 4.18
C GLY A 272 -47.36 -64.43 3.11
N SER A 273 -48.70 -64.47 3.07
CA SER A 273 -49.43 -63.75 2.03
C SER A 273 -49.25 -62.24 2.17
N ARG A 274 -49.20 -61.73 3.40
CA ARG A 274 -49.16 -60.30 3.64
C ARG A 274 -48.09 -59.94 4.66
N TYR A 275 -47.37 -58.86 4.36
CA TYR A 275 -46.33 -58.30 5.22
C TYR A 275 -46.53 -56.79 5.38
N LEU A 276 -46.03 -56.25 6.48
CA LEU A 276 -46.04 -54.81 6.73
C LEU A 276 -44.64 -54.21 6.53
N LEU A 277 -44.60 -53.02 5.92
CA LEU A 277 -43.38 -52.27 5.70
C LEU A 277 -43.57 -50.84 6.17
N GLY A 278 -42.54 -50.28 6.81
CA GLY A 278 -42.58 -48.91 7.25
C GLY A 278 -41.32 -48.15 6.85
N ASP A 279 -41.48 -46.85 6.59
CA ASP A 279 -40.36 -46.03 6.12
C ASP A 279 -40.14 -44.84 7.06
N MET A 280 -39.03 -44.14 6.82
CA MET A 280 -38.55 -43.13 7.74
C MET A 280 -39.43 -41.89 7.78
N GLU A 281 -40.23 -41.63 6.76
CA GLU A 281 -41.19 -40.53 6.79
C GLU A 281 -42.49 -40.95 7.45
N GLY A 282 -42.52 -42.15 8.05
CA GLY A 282 -43.65 -42.61 8.80
C GLY A 282 -44.72 -43.34 8.03
N ARG A 283 -44.49 -43.66 6.76
CA ARG A 283 -45.53 -44.33 5.99
C ARG A 283 -45.54 -45.81 6.27
N LEU A 284 -46.75 -46.37 6.34
CA LEU A 284 -46.96 -47.79 6.61
C LEU A 284 -47.56 -48.41 5.34
N PHE A 285 -46.89 -49.43 4.83
CA PHE A 285 -47.31 -50.10 3.60
C PHE A 285 -47.74 -51.53 3.90
N MET A 286 -48.52 -52.11 2.99
CA MET A 286 -48.83 -53.53 2.98
C MET A 286 -48.16 -54.15 1.76
N LEU A 287 -47.34 -55.17 1.98
CA LEU A 287 -46.74 -55.93 0.89
C LEU A 287 -47.54 -57.22 0.72
N LEU A 288 -48.16 -57.38 -0.43
CA LEU A 288 -49.07 -58.47 -0.72
C LEU A 288 -48.36 -59.46 -1.62
N LEU A 289 -48.42 -60.73 -1.26
CA LEU A 289 -47.87 -61.79 -2.09
C LEU A 289 -49.04 -62.43 -2.84
N GLU A 290 -49.12 -62.15 -4.14
CA GLU A 290 -50.20 -62.66 -4.98
C GLU A 290 -49.96 -64.13 -5.26
N LYS A 291 -50.95 -64.96 -5.01
CA LYS A 291 -50.82 -66.40 -5.14
C LYS A 291 -51.47 -66.90 -6.42
N GLU A 292 -50.84 -67.90 -7.02
CA GLU A 292 -51.39 -68.61 -8.16
C GLU A 292 -51.12 -70.10 -7.91
N GLU A 293 -52.17 -70.90 -7.93
CA GLU A 293 -52.05 -72.35 -7.74
C GLU A 293 -52.20 -73.02 -9.09
N GLN A 294 -51.20 -73.83 -9.45
CA GLN A 294 -51.17 -74.52 -10.72
C GLN A 294 -51.92 -75.83 -10.58
N MET A 295 -52.27 -76.42 -11.73
CA MET A 295 -52.95 -77.71 -11.73
C MET A 295 -52.32 -78.75 -10.82
N ASP A 296 -51.06 -78.83 -10.80
CA ASP A 296 -50.48 -79.88 -10.01
C ASP A 296 -50.68 -79.64 -8.52
N GLY A 297 -51.41 -78.61 -8.11
CA GLY A 297 -51.58 -78.30 -6.71
C GLY A 297 -50.56 -77.36 -6.13
N THR A 298 -49.46 -77.12 -6.84
CA THR A 298 -48.39 -76.27 -6.35
C THR A 298 -48.81 -74.79 -6.35
N VAL A 299 -48.36 -74.06 -5.33
CA VAL A 299 -48.69 -72.65 -5.17
C VAL A 299 -47.44 -71.88 -5.58
N THR A 300 -47.59 -70.96 -6.52
CA THR A 300 -46.51 -70.12 -6.99
C THR A 300 -46.82 -68.66 -6.70
N LEU A 301 -45.77 -67.86 -6.56
CA LEU A 301 -45.92 -66.43 -6.30
C LEU A 301 -46.08 -65.75 -7.66
N LYS A 302 -47.29 -65.24 -7.92
CA LYS A 302 -47.57 -64.61 -9.21
C LYS A 302 -46.89 -63.26 -9.32
N ASP A 303 -46.99 -62.44 -8.29
CA ASP A 303 -46.44 -61.10 -8.34
C ASP A 303 -46.39 -60.54 -6.93
N LEU A 304 -45.63 -59.46 -6.79
CA LEU A 304 -45.53 -58.72 -5.55
C LEU A 304 -46.24 -57.40 -5.77
N ARG A 305 -46.96 -56.93 -4.77
CA ARG A 305 -47.75 -55.71 -4.83
C ARG A 305 -47.57 -54.94 -3.55
N VAL A 306 -47.55 -53.62 -3.66
CA VAL A 306 -47.37 -52.74 -2.52
C VAL A 306 -48.53 -51.75 -2.49
N GLU A 307 -49.15 -51.61 -1.31
CA GLU A 307 -50.30 -50.74 -1.11
C GLU A 307 -50.03 -49.87 0.12
N LEU A 308 -50.22 -48.56 -0.02
CA LEU A 308 -50.03 -47.62 1.08
C LEU A 308 -51.24 -47.60 2.00
N LEU A 309 -51.01 -47.82 3.30
CA LEU A 309 -52.07 -47.87 4.28
C LEU A 309 -52.31 -46.53 4.99
N GLY A 310 -51.25 -45.84 5.38
CA GLY A 310 -51.41 -44.59 6.11
C GLY A 310 -50.10 -44.17 6.73
N GLU A 311 -50.21 -43.46 7.86
CA GLU A 311 -49.03 -42.92 8.52
C GLU A 311 -49.02 -43.30 9.98
N THR A 312 -47.84 -43.67 10.46
CA THR A 312 -47.59 -43.96 11.86
C THR A 312 -46.41 -43.12 12.32
N SER A 313 -45.97 -43.34 13.56
CA SER A 313 -44.70 -42.78 14.01
C SER A 313 -43.56 -43.55 13.37
N ILE A 314 -42.45 -42.85 13.16
CA ILE A 314 -41.27 -43.45 12.54
C ILE A 314 -40.98 -44.72 13.33
N ALA A 315 -41.11 -45.88 12.71
CA ALA A 315 -41.08 -47.15 13.45
C ALA A 315 -39.69 -47.77 13.39
N GLU A 316 -39.12 -48.02 14.56
CA GLU A 316 -37.92 -48.85 14.68
C GLU A 316 -38.25 -50.33 14.57
N CYS A 317 -39.33 -50.77 15.20
CA CYS A 317 -39.76 -52.15 15.12
C CYS A 317 -41.27 -52.13 14.86
N LEU A 318 -41.74 -53.10 14.08
CA LEU A 318 -43.17 -53.30 13.88
C LEU A 318 -43.54 -54.70 14.34
N THR A 319 -44.73 -54.82 14.93
CA THR A 319 -45.30 -56.10 15.31
C THR A 319 -46.82 -56.06 15.22
N TYR A 320 -47.39 -57.09 14.60
CA TYR A 320 -48.83 -57.19 14.36
C TYR A 320 -49.50 -58.07 15.41
N LEU A 321 -50.52 -57.51 16.07
CA LEU A 321 -51.38 -58.27 16.97
C LEU A 321 -52.50 -58.89 16.12
N ASP A 322 -52.80 -60.16 16.37
CA ASP A 322 -53.76 -60.87 15.52
C ASP A 322 -55.11 -60.17 15.43
N ASN A 323 -55.46 -59.34 16.43
CA ASN A 323 -56.74 -58.65 16.38
C ASN A 323 -56.81 -57.60 15.28
N GLY A 324 -55.73 -57.43 14.52
CA GLY A 324 -55.66 -56.37 13.55
C GLY A 324 -55.10 -55.07 14.10
N VAL A 325 -54.52 -55.11 15.30
CA VAL A 325 -53.86 -53.97 15.92
C VAL A 325 -52.37 -54.15 15.73
N VAL A 326 -51.69 -53.10 15.29
CA VAL A 326 -50.27 -53.17 14.97
C VAL A 326 -49.57 -52.24 15.96
N PHE A 327 -48.58 -52.77 16.66
CA PHE A 327 -47.81 -51.97 17.60
C PHE A 327 -46.64 -51.30 16.88
N VAL A 328 -46.57 -49.98 16.99
CA VAL A 328 -45.53 -49.18 16.35
C VAL A 328 -44.54 -48.79 17.43
N GLY A 329 -43.34 -49.41 17.38
CA GLY A 329 -42.28 -49.09 18.31
C GLY A 329 -41.28 -48.14 17.70
N SER A 330 -41.14 -46.97 18.32
CA SER A 330 -40.32 -45.92 17.75
C SER A 330 -39.21 -45.55 18.71
N ARG A 331 -38.00 -45.39 18.17
CA ARG A 331 -36.88 -44.87 18.95
C ARG A 331 -36.84 -43.35 18.85
N LEU A 332 -37.35 -42.82 17.75
CA LEU A 332 -37.32 -41.41 17.42
C LEU A 332 -38.62 -40.69 17.78
N GLY A 333 -39.69 -41.43 18.06
CA GLY A 333 -40.97 -40.82 18.38
C GLY A 333 -41.79 -41.65 19.35
N ASP A 334 -43.01 -41.19 19.59
CA ASP A 334 -43.93 -41.90 20.48
C ASP A 334 -44.35 -43.22 19.85
N SER A 335 -44.36 -44.29 20.66
CA SER A 335 -44.87 -45.56 20.18
C SER A 335 -46.39 -45.57 20.17
N GLN A 336 -46.97 -46.51 19.42
CA GLN A 336 -48.40 -46.47 19.19
C GLN A 336 -49.00 -47.87 19.02
N LEU A 337 -50.31 -47.92 19.26
CA LEU A 337 -51.19 -48.97 18.78
C LEU A 337 -52.08 -48.32 17.72
N VAL A 338 -52.10 -48.91 16.52
CA VAL A 338 -52.89 -48.40 15.41
C VAL A 338 -53.79 -49.52 14.91
N LYS A 339 -54.90 -49.14 14.29
CA LYS A 339 -55.81 -50.13 13.71
C LYS A 339 -55.83 -50.04 12.20
N LEU A 340 -55.69 -51.19 11.55
CA LEU A 340 -55.81 -51.29 10.11
C LEU A 340 -57.26 -51.64 9.79
N ASN A 341 -57.95 -50.73 9.08
CA ASN A 341 -59.35 -50.93 8.73
C ASN A 341 -59.41 -51.42 7.29
N VAL A 342 -60.45 -52.20 6.98
CA VAL A 342 -60.63 -52.67 5.61
C VAL A 342 -61.09 -51.53 4.71
N ASP A 343 -61.94 -50.66 5.23
CA ASP A 343 -62.40 -49.48 4.51
C ASP A 343 -61.56 -48.27 4.93
N SER A 344 -61.20 -47.46 3.95
CA SER A 344 -60.48 -46.24 4.20
C SER A 344 -61.41 -45.18 4.77
N ASN A 345 -60.84 -44.20 5.47
CA ASN A 345 -61.63 -43.10 5.97
C ASN A 345 -61.76 -42.06 4.85
N GLU A 346 -62.42 -40.94 5.14
CA GLU A 346 -62.69 -39.96 4.09
C GLU A 346 -61.45 -39.29 3.56
N GLN A 347 -60.31 -39.43 4.24
CA GLN A 347 -59.05 -38.86 3.76
C GLN A 347 -58.25 -39.85 2.93
N GLY A 348 -58.73 -41.09 2.81
CA GLY A 348 -58.02 -42.13 2.10
C GLY A 348 -57.13 -43.02 2.95
N SER A 349 -57.13 -42.85 4.28
CA SER A 349 -56.26 -43.63 5.14
C SER A 349 -56.99 -44.84 5.72
N TYR A 350 -56.26 -45.95 5.84
CA TYR A 350 -56.76 -47.14 6.51
C TYR A 350 -56.25 -47.28 7.94
N VAL A 351 -55.48 -46.30 8.42
CA VAL A 351 -54.82 -46.39 9.71
C VAL A 351 -55.42 -45.34 10.64
N VAL A 352 -55.84 -45.77 11.82
CA VAL A 352 -56.40 -44.87 12.83
C VAL A 352 -55.73 -45.20 14.16
N ALA A 353 -55.17 -44.17 14.79
CA ALA A 353 -54.45 -44.36 16.03
C ALA A 353 -55.37 -44.73 17.18
N MET A 354 -54.95 -45.70 17.99
CA MET A 354 -55.69 -46.08 19.19
C MET A 354 -55.11 -45.44 20.45
N GLU A 355 -53.88 -45.81 20.79
CA GLU A 355 -53.23 -45.34 22.00
C GLU A 355 -51.87 -44.77 21.64
N THR A 356 -51.37 -43.87 22.48
CA THR A 356 -50.07 -43.27 22.28
C THR A 356 -49.27 -43.44 23.56
N PHE A 357 -48.10 -44.06 23.43
CA PHE A 357 -47.21 -44.36 24.55
C PHE A 357 -46.08 -43.33 24.51
N THR A 358 -45.99 -42.50 25.55
CA THR A 358 -45.02 -41.41 25.54
C THR A 358 -43.58 -41.93 25.46
N ASN A 359 -42.82 -41.36 24.52
CA ASN A 359 -41.41 -41.65 24.38
C ASN A 359 -40.64 -40.33 24.39
N LEU A 360 -39.79 -40.12 25.40
CA LEU A 360 -38.95 -38.93 25.37
C LEU A 360 -38.04 -38.90 24.15
N GLY A 361 -37.76 -40.07 23.56
CA GLY A 361 -37.07 -40.11 22.31
C GLY A 361 -35.70 -39.52 22.44
N PRO A 362 -35.09 -39.18 21.32
CA PRO A 362 -33.78 -38.50 21.37
C PRO A 362 -33.90 -37.19 22.15
N ILE A 363 -33.13 -37.08 23.23
CA ILE A 363 -33.07 -35.85 24.02
C ILE A 363 -31.82 -35.11 23.54
N VAL A 364 -31.99 -34.18 22.59
CA VAL A 364 -30.83 -33.52 22.02
C VAL A 364 -30.27 -32.49 22.99
N ASP A 365 -31.14 -31.81 23.73
CA ASP A 365 -30.71 -30.82 24.71
C ASP A 365 -31.88 -30.63 25.68
N MET A 366 -31.58 -30.01 26.82
CA MET A 366 -32.61 -29.75 27.81
C MET A 366 -32.13 -28.62 28.72
N CYS A 367 -33.08 -27.95 29.34
CA CYS A 367 -32.80 -26.89 30.30
C CYS A 367 -33.75 -27.07 31.48
N VAL A 368 -33.27 -26.76 32.67
CA VAL A 368 -34.08 -26.85 33.89
C VAL A 368 -34.50 -25.42 34.21
N VAL A 369 -35.82 -25.19 34.28
CA VAL A 369 -36.38 -23.87 34.53
C VAL A 369 -37.61 -24.00 35.42
N ASP A 370 -37.73 -23.06 36.37
CA ASP A 370 -38.87 -22.94 37.29
C ASP A 370 -39.87 -21.95 36.72
N LEU A 371 -40.85 -22.46 35.97
CA LEU A 371 -41.78 -21.59 35.26
C LEU A 371 -42.81 -20.96 36.18
N GLU A 372 -43.35 -21.71 37.11
CA GLU A 372 -44.43 -21.29 38.00
C GLU A 372 -43.97 -20.60 39.28
N ARG A 373 -42.65 -20.47 39.50
CA ARG A 373 -42.08 -19.96 40.74
C ARG A 373 -42.36 -20.91 41.90
N GLN A 374 -42.79 -22.14 41.61
CA GLN A 374 -42.99 -23.13 42.66
C GLN A 374 -41.68 -23.53 43.30
N GLY A 375 -40.54 -23.21 42.68
CA GLY A 375 -39.26 -23.63 43.18
C GLY A 375 -38.91 -25.05 42.84
N GLN A 376 -39.91 -25.84 42.44
CA GLN A 376 -39.70 -27.23 42.09
C GLN A 376 -38.75 -27.39 40.92
N GLY A 377 -38.95 -26.60 39.88
CA GLY A 377 -38.20 -26.73 38.67
C GLY A 377 -38.84 -27.73 37.73
N GLN A 378 -38.82 -27.40 36.45
CA GLN A 378 -39.33 -28.23 35.37
C GLN A 378 -38.21 -28.52 34.37
N LEU A 379 -38.30 -29.64 33.68
CA LEU A 379 -37.31 -30.02 32.68
C LEU A 379 -37.96 -29.90 31.31
N VAL A 380 -37.43 -28.99 30.50
CA VAL A 380 -37.90 -28.77 29.14
C VAL A 380 -36.87 -29.43 28.23
N THR A 381 -37.31 -30.45 27.49
CA THR A 381 -36.40 -31.24 26.68
C THR A 381 -36.64 -30.99 25.19
N CYS A 382 -35.56 -30.96 24.42
CA CYS A 382 -35.65 -31.09 22.98
C CYS A 382 -35.70 -32.58 22.67
N SER A 383 -36.86 -33.07 22.25
CA SER A 383 -37.10 -34.49 22.13
C SER A 383 -37.63 -34.83 20.74
N GLY A 384 -37.26 -36.00 20.26
CA GLY A 384 -37.74 -36.50 18.99
C GLY A 384 -36.95 -35.96 17.82
N ALA A 385 -37.33 -36.44 16.63
CA ALA A 385 -36.68 -36.07 15.39
C ALA A 385 -37.70 -36.01 14.26
N PHE A 386 -37.36 -35.23 13.24
CA PHE A 386 -38.15 -35.14 12.00
C PHE A 386 -39.59 -34.83 12.37
N LYS A 387 -40.57 -35.57 11.85
CA LYS A 387 -41.97 -35.26 12.11
C LYS A 387 -42.35 -35.51 13.55
N GLU A 388 -41.52 -36.24 14.29
CA GLU A 388 -41.76 -36.54 15.69
C GLU A 388 -41.16 -35.51 16.65
N GLY A 389 -40.49 -34.50 16.11
CA GLY A 389 -39.84 -33.52 16.97
C GLY A 389 -40.85 -32.82 17.88
N SER A 390 -40.45 -32.62 19.13
CA SER A 390 -41.33 -32.04 20.12
C SER A 390 -40.50 -31.44 21.25
N LEU A 391 -41.16 -30.60 22.04
CA LEU A 391 -40.67 -30.17 23.34
C LEU A 391 -41.48 -30.89 24.42
N ARG A 392 -40.81 -31.28 25.51
CA ARG A 392 -41.50 -31.96 26.61
C ARG A 392 -41.28 -31.20 27.91
N ILE A 393 -42.37 -30.91 28.61
CA ILE A 393 -42.34 -30.25 29.91
C ILE A 393 -42.55 -31.31 30.98
N ILE A 394 -41.55 -31.47 31.85
CA ILE A 394 -41.48 -32.58 32.81
C ILE A 394 -41.38 -32.04 34.23
N ARG A 395 -42.25 -32.53 35.12
CA ARG A 395 -42.26 -32.14 36.52
C ARG A 395 -42.71 -33.30 37.40
N ASN A 396 -42.13 -33.36 38.59
CA ASN A 396 -42.52 -34.35 39.58
C ASN A 396 -43.91 -34.06 40.14
N GLY A 397 -44.65 -35.11 40.44
CA GLY A 397 -45.99 -34.99 40.97
C GLY A 397 -46.71 -36.32 41.10
N GLN A 408 -47.18 -41.13 42.77
CA GLN A 408 -45.78 -40.95 42.43
C GLN A 408 -45.52 -41.27 40.95
N LYS A 409 -45.49 -40.23 40.12
CA LYS A 409 -45.20 -40.38 38.69
C LYS A 409 -44.75 -39.01 38.20
N LEU A 410 -44.16 -39.00 36.99
CA LEU A 410 -43.78 -37.75 36.35
C LEU A 410 -44.90 -37.27 35.43
N HIS A 411 -45.21 -35.99 35.52
CA HIS A 411 -46.22 -35.37 34.66
C HIS A 411 -45.56 -34.70 33.47
N ILE A 412 -45.97 -35.10 32.26
CA ILE A 412 -45.27 -34.71 31.05
C ILE A 412 -46.25 -34.10 30.05
N ARG A 413 -46.01 -32.85 29.69
CA ARG A 413 -46.73 -32.17 28.63
C ARG A 413 -45.92 -32.23 27.34
N THR A 414 -46.60 -32.46 26.22
CA THR A 414 -45.94 -32.62 24.93
C THR A 414 -46.31 -31.46 24.01
N VAL A 415 -45.30 -30.88 23.36
CA VAL A 415 -45.46 -29.75 22.46
C VAL A 415 -44.96 -30.16 21.07
N PRO A 416 -45.84 -30.59 20.18
CA PRO A 416 -45.38 -31.05 18.86
C PRO A 416 -44.77 -29.93 18.02
N LEU A 417 -43.66 -30.26 17.35
CA LEU A 417 -42.98 -29.36 16.43
C LEU A 417 -42.95 -29.84 14.99
N TYR A 418 -42.98 -31.15 14.75
CA TYR A 418 -42.94 -31.72 13.41
C TYR A 418 -41.65 -31.37 12.67
N GLU A 419 -40.65 -30.89 13.39
CA GLU A 419 -39.31 -30.70 12.84
C GLU A 419 -38.32 -30.95 13.98
N SER A 420 -37.06 -31.14 13.62
CA SER A 420 -36.07 -31.60 14.60
C SER A 420 -35.63 -30.44 15.49
N PRO A 421 -35.75 -30.57 16.82
CA PRO A 421 -35.14 -29.58 17.73
C PRO A 421 -33.71 -29.96 18.05
N ARG A 422 -32.87 -28.95 18.24
CA ARG A 422 -31.45 -29.19 18.47
C ARG A 422 -30.96 -28.63 19.79
N LYS A 423 -31.31 -27.37 20.10
CA LYS A 423 -30.84 -26.72 21.31
C LYS A 423 -31.97 -25.87 21.89
N ILE A 424 -32.00 -25.76 23.21
CA ILE A 424 -33.01 -24.97 23.90
C ILE A 424 -32.35 -24.16 25.01
N CYS A 425 -32.80 -22.92 25.19
CA CYS A 425 -32.34 -22.04 26.27
C CYS A 425 -33.51 -21.16 26.69
N TYR A 426 -33.57 -20.85 27.98
CA TYR A 426 -34.66 -20.05 28.53
C TYR A 426 -34.22 -18.60 28.73
N GLN A 427 -35.07 -17.67 28.30
CA GLN A 427 -34.87 -16.22 28.44
C GLN A 427 -36.02 -15.70 29.28
N GLU A 428 -35.77 -15.48 30.59
CA GLU A 428 -36.87 -15.10 31.46
C GLU A 428 -37.41 -13.72 31.12
N VAL A 429 -36.52 -12.78 30.79
CA VAL A 429 -36.93 -11.40 30.56
C VAL A 429 -38.06 -11.35 29.54
N SER A 430 -38.04 -12.28 28.57
CA SER A 430 -39.04 -12.32 27.52
C SER A 430 -40.15 -13.32 27.74
N GLN A 431 -40.17 -13.99 28.89
CA GLN A 431 -41.19 -14.99 29.21
C GLN A 431 -41.33 -16.02 28.09
N CYS A 432 -40.20 -16.40 27.50
CA CYS A 432 -40.22 -17.34 26.38
C CYS A 432 -38.93 -18.15 26.32
N PHE A 433 -38.98 -19.24 25.54
CA PHE A 433 -37.82 -20.04 25.20
C PHE A 433 -37.30 -19.71 23.79
N GLY A 434 -36.00 -19.90 23.61
CA GLY A 434 -35.40 -19.95 22.29
C GLY A 434 -35.02 -21.38 21.96
N VAL A 435 -35.45 -21.84 20.79
CA VAL A 435 -35.18 -23.22 20.36
C VAL A 435 -34.63 -23.21 18.94
N LEU A 436 -33.55 -23.97 18.74
CA LEU A 436 -33.00 -24.18 17.41
C LEU A 436 -33.63 -25.44 16.82
N SER A 437 -33.97 -25.38 15.54
CA SER A 437 -34.66 -26.50 14.92
C SER A 437 -34.22 -26.58 13.47
N SER A 438 -34.39 -27.78 12.90
CA SER A 438 -34.10 -28.00 11.49
C SER A 438 -35.22 -28.85 10.91
N ARG A 439 -35.57 -28.56 9.66
CA ARG A 439 -36.59 -29.29 8.94
C ARG A 439 -36.04 -29.70 7.59
N ILE A 440 -36.58 -30.78 7.06
CA ILE A 440 -36.11 -31.36 5.80
C ILE A 440 -36.96 -30.84 4.66
N GLU A 441 -36.32 -30.16 3.71
CA GLU A 441 -36.92 -29.84 2.41
C GLU A 441 -36.18 -30.62 1.32
N VAL A 442 -36.81 -30.74 0.15
CA VAL A 442 -36.27 -31.54 -0.94
C VAL A 442 -36.16 -30.66 -2.18
N GLN A 443 -35.07 -30.82 -2.92
CA GLN A 443 -34.88 -30.03 -4.14
C GLN A 443 -36.03 -30.34 -5.10
N ASP A 444 -36.74 -29.29 -5.53
CA ASP A 444 -37.91 -29.46 -6.37
C ASP A 444 -37.66 -28.84 -7.75
N THR A 445 -38.65 -28.96 -8.61
CA THR A 445 -38.50 -28.57 -10.01
C THR A 445 -38.39 -27.06 -10.19
N SER A 446 -38.66 -26.26 -9.16
CA SER A 446 -38.49 -24.82 -9.28
C SER A 446 -37.04 -24.38 -9.14
N GLY A 447 -36.15 -25.29 -8.78
CA GLY A 447 -34.80 -24.93 -8.39
C GLY A 447 -34.63 -24.69 -6.90
N GLY A 448 -35.71 -24.33 -6.22
CA GLY A 448 -35.70 -24.21 -4.78
C GLY A 448 -36.01 -25.53 -4.11
N THR A 449 -36.56 -25.47 -2.91
CA THR A 449 -36.89 -26.68 -2.17
C THR A 449 -38.31 -26.57 -1.61
N THR A 450 -38.87 -27.73 -1.29
CA THR A 450 -40.24 -27.83 -0.79
C THR A 450 -40.23 -28.73 0.43
N ALA A 451 -40.90 -28.29 1.49
CA ALA A 451 -41.00 -29.07 2.72
C ALA A 451 -42.03 -30.18 2.58
N LEU A 452 -41.73 -31.33 3.19
CA LEU A 452 -42.60 -32.49 3.11
C LEU A 452 -43.88 -32.29 3.90
N ARG A 453 -43.87 -31.37 4.87
CA ARG A 453 -45.02 -31.12 5.72
C ARG A 453 -44.80 -29.80 6.44
N PRO A 454 -45.86 -29.11 6.85
CA PRO A 454 -45.69 -27.89 7.65
C PRO A 454 -45.20 -28.23 9.05
N SER A 455 -44.46 -27.30 9.64
CA SER A 455 -43.86 -27.54 10.95
C SER A 455 -43.65 -26.22 11.67
N ALA A 456 -43.10 -26.32 12.88
CA ALA A 456 -43.01 -25.18 13.78
C ALA A 456 -42.40 -23.96 13.10
N SER A 457 -41.33 -24.14 12.33
CA SER A 457 -40.65 -23.00 11.73
C SER A 457 -41.49 -22.36 10.64
N THR A 458 -42.46 -23.08 10.08
CA THR A 458 -43.35 -22.54 9.06
C THR A 458 -44.68 -22.06 9.62
N GLN A 459 -45.04 -22.46 10.83
CA GLN A 459 -46.31 -22.08 11.46
C GLN A 459 -46.11 -21.01 12.54
N ALA A 460 -45.00 -20.29 12.50
CA ALA A 460 -44.76 -19.19 13.41
C ALA A 460 -45.73 -18.04 13.12
N LEU A 461 -46.07 -17.30 14.17
CA LEU A 461 -46.93 -16.13 13.98
C LEU A 461 -46.28 -15.09 13.08
N SER A 462 -45.05 -14.70 13.41
CA SER A 462 -44.24 -13.77 12.62
C SER A 462 -42.95 -14.47 12.25
N SER A 463 -42.34 -14.04 11.13
CA SER A 463 -41.17 -14.75 10.63
C SER A 463 -40.18 -13.80 9.99
N SER A 464 -38.93 -14.25 9.95
CA SER A 464 -37.83 -13.49 9.37
C SER A 464 -36.80 -14.45 8.77
N VAL A 465 -35.96 -13.91 7.89
CA VAL A 465 -34.91 -14.68 7.22
C VAL A 465 -33.63 -13.86 7.24
N SER A 466 -32.51 -14.48 7.57
CA SER A 466 -31.24 -13.76 7.56
C SER A 466 -30.98 -13.22 6.16
N SER A 467 -30.55 -11.97 6.09
CA SER A 467 -30.12 -11.33 4.85
C SER A 467 -28.62 -11.05 4.86
N SER A 468 -27.87 -11.78 5.68
CA SER A 468 -26.46 -11.51 5.86
C SER A 468 -25.73 -11.63 4.54
N LYS A 469 -24.78 -10.73 4.32
CA LYS A 469 -23.98 -10.69 3.12
C LYS A 469 -22.59 -11.24 3.36
N LEU A 470 -22.34 -11.82 4.53
CA LEU A 470 -20.99 -12.20 4.91
C LEU A 470 -20.38 -13.17 3.89
N PHE A 471 -21.06 -14.27 3.61
CA PHE A 471 -20.61 -15.29 2.68
C PHE A 471 -21.14 -15.09 1.26
N SER A 472 -21.84 -13.97 1.00
CA SER A 472 -22.46 -13.76 -0.31
C SER A 472 -21.48 -13.69 -1.47
N SER A 473 -20.17 -13.59 -1.24
CA SER A 473 -19.27 -13.47 -2.38
C SER A 473 -19.15 -14.80 -3.10
N SER A 474 -19.33 -15.89 -2.37
CA SER A 474 -19.34 -17.24 -2.92
C SER A 474 -18.30 -17.48 -4.01
N THR A 475 -18.74 -17.70 -5.25
CA THR A 475 -17.89 -18.14 -6.35
C THR A 475 -17.48 -19.60 -6.17
N ALA A 476 -18.08 -20.26 -5.18
CA ALA A 476 -17.89 -21.69 -4.90
C ALA A 476 -19.12 -22.44 -5.37
N PRO A 477 -19.02 -23.34 -6.37
CA PRO A 477 -20.23 -23.96 -6.94
C PRO A 477 -20.70 -25.16 -6.12
N HIS A 478 -22.01 -25.21 -5.84
CA HIS A 478 -22.61 -26.36 -5.17
C HIS A 478 -23.83 -26.79 -6.00
N GLU A 479 -23.68 -27.84 -6.82
CA GLU A 479 -24.77 -28.30 -7.68
C GLU A 479 -25.85 -29.06 -6.93
N THR A 480 -27.07 -28.89 -7.40
CA THR A 480 -28.26 -29.48 -6.81
C THR A 480 -28.95 -30.42 -7.79
N SER A 481 -29.32 -31.60 -7.31
CA SER A 481 -30.08 -32.57 -8.10
C SER A 481 -31.48 -32.69 -7.51
N PHE A 482 -32.48 -32.75 -8.37
CA PHE A 482 -33.86 -32.87 -7.92
C PHE A 482 -34.02 -34.12 -7.05
N GLY A 483 -34.69 -33.96 -5.91
CA GLY A 483 -34.94 -35.05 -4.99
C GLY A 483 -34.00 -35.14 -3.80
N GLU A 484 -32.87 -34.45 -3.83
CA GLU A 484 -31.94 -34.48 -2.72
C GLU A 484 -32.49 -33.71 -1.52
N GLU A 485 -32.15 -34.19 -0.31
CA GLU A 485 -32.58 -33.55 0.92
C GLU A 485 -31.63 -32.45 1.34
N VAL A 486 -32.18 -31.45 2.04
CA VAL A 486 -31.40 -30.38 2.65
C VAL A 486 -31.98 -30.11 4.03
N GLU A 487 -31.15 -29.59 4.92
CA GLU A 487 -31.61 -29.13 6.22
C GLU A 487 -31.78 -27.62 6.20
N VAL A 488 -32.92 -27.15 6.72
CA VAL A 488 -33.19 -25.73 6.86
C VAL A 488 -33.31 -25.45 8.34
N HIS A 489 -32.43 -24.58 8.84
CA HIS A 489 -32.30 -24.34 10.26
C HIS A 489 -32.98 -23.04 10.67
N ASN A 490 -33.61 -23.06 11.84
CA ASN A 490 -34.38 -21.93 12.32
C ASN A 490 -34.15 -21.71 13.80
N LEU A 491 -34.34 -20.47 14.24
CA LEU A 491 -34.46 -20.12 15.64
C LEU A 491 -35.93 -19.86 15.93
N LEU A 492 -36.49 -20.63 16.84
CA LEU A 492 -37.89 -20.51 17.23
C LEU A 492 -38.01 -19.76 18.55
N ILE A 493 -38.94 -18.81 18.61
CA ILE A 493 -39.28 -18.11 19.85
C ILE A 493 -40.63 -18.63 20.31
N ILE A 494 -40.63 -19.28 21.47
CA ILE A 494 -41.77 -20.05 21.98
C ILE A 494 -42.17 -19.52 23.35
N ASP A 495 -43.46 -19.28 23.52
CA ASP A 495 -43.97 -18.73 24.78
C ASP A 495 -43.93 -19.78 25.89
N GLN A 496 -43.61 -19.33 27.10
CA GLN A 496 -43.40 -20.25 28.21
C GLN A 496 -44.69 -20.75 28.84
N HIS A 497 -45.83 -20.11 28.57
CA HIS A 497 -47.10 -20.56 29.11
C HIS A 497 -47.92 -21.33 28.08
N THR A 498 -48.10 -20.76 26.89
CA THR A 498 -48.86 -21.39 25.82
C THR A 498 -48.04 -22.29 24.92
N PHE A 499 -46.73 -22.03 24.83
CA PHE A 499 -45.85 -22.76 23.91
C PHE A 499 -46.33 -22.59 22.47
N GLU A 500 -46.72 -21.36 22.15
CA GLU A 500 -47.07 -20.95 20.81
C GLU A 500 -45.78 -20.49 20.16
N VAL A 501 -45.61 -20.84 18.89
CA VAL A 501 -44.43 -20.40 18.16
C VAL A 501 -44.65 -18.94 17.77
N LEU A 502 -44.08 -18.05 18.57
CA LEU A 502 -44.29 -16.62 18.36
C LEU A 502 -43.54 -16.14 17.13
N HIS A 503 -42.32 -16.63 16.94
CA HIS A 503 -41.47 -16.19 15.85
C HIS A 503 -40.58 -17.33 15.39
N ALA A 504 -40.22 -17.29 14.11
CA ALA A 504 -39.27 -18.23 13.53
C ALA A 504 -38.34 -17.44 12.62
N HIS A 505 -37.04 -17.60 12.86
CA HIS A 505 -36.01 -16.98 12.05
C HIS A 505 -35.28 -18.07 11.29
N GLN A 506 -35.22 -17.94 9.97
CA GLN A 506 -34.61 -18.94 9.13
C GLN A 506 -33.19 -18.52 8.76
N PHE A 507 -32.23 -19.41 9.00
CA PHE A 507 -30.84 -19.09 8.74
C PHE A 507 -30.51 -19.27 7.27
N LEU A 508 -29.29 -18.87 6.91
CA LEU A 508 -28.87 -18.85 5.52
C LEU A 508 -28.95 -20.24 4.92
N GLN A 509 -29.03 -20.29 3.59
CA GLN A 509 -28.99 -21.57 2.89
C GLN A 509 -27.67 -22.26 3.22
N ASN A 510 -27.76 -23.53 3.64
CA ASN A 510 -26.61 -24.32 4.04
C ASN A 510 -26.01 -23.86 5.36
N GLU A 511 -26.74 -23.07 6.14
CA GLU A 511 -26.28 -22.66 7.46
C GLU A 511 -26.90 -23.60 8.46
N TYR A 512 -26.07 -24.21 9.29
CA TYR A 512 -26.49 -25.11 10.36
C TYR A 512 -26.33 -24.34 11.67
N ALA A 513 -27.40 -24.29 12.46
CA ALA A 513 -27.35 -23.66 13.78
C ALA A 513 -26.93 -24.71 14.79
N LEU A 514 -25.80 -24.47 15.46
CA LEU A 514 -25.20 -25.47 16.32
C LEU A 514 -25.23 -25.12 17.80
N SER A 515 -25.30 -23.83 18.16
CA SER A 515 -25.22 -23.43 19.57
C SER A 515 -26.10 -22.22 19.84
N LEU A 516 -26.68 -22.17 21.05
CA LEU A 516 -27.59 -21.10 21.43
C LEU A 516 -27.44 -20.73 22.90
N VAL A 517 -27.38 -19.41 23.18
CA VAL A 517 -27.38 -18.89 24.54
C VAL A 517 -28.29 -17.68 24.65
N SER A 518 -28.76 -17.43 25.88
CA SER A 518 -29.53 -16.24 26.24
C SER A 518 -28.82 -15.55 27.40
N CYS A 519 -28.40 -14.30 27.19
CA CYS A 519 -27.64 -13.60 28.23
C CYS A 519 -27.51 -12.12 27.93
N LYS A 520 -27.05 -11.38 28.95
CA LYS A 520 -26.59 -10.01 28.83
C LYS A 520 -25.07 -10.00 28.73
N LEU A 521 -24.52 -9.01 28.00
CA LEU A 521 -23.08 -8.90 27.84
C LEU A 521 -22.60 -7.51 28.23
N GLY A 522 -21.40 -7.45 28.80
CA GLY A 522 -20.75 -6.18 29.08
C GLY A 522 -21.59 -5.26 29.92
N LYS A 523 -21.65 -4.00 29.48
CA LYS A 523 -22.48 -2.97 30.09
C LYS A 523 -23.80 -2.81 29.34
N ASP A 524 -24.16 -3.76 28.47
CA ASP A 524 -25.37 -3.67 27.68
C ASP A 524 -26.54 -4.22 28.47
N PRO A 525 -27.56 -3.39 28.77
CA PRO A 525 -28.66 -3.89 29.60
C PRO A 525 -29.60 -4.84 28.86
N ASN A 526 -29.55 -4.89 27.54
CA ASN A 526 -30.45 -5.74 26.76
C ASN A 526 -30.10 -7.22 26.89
N THR A 527 -31.14 -8.04 27.00
CA THR A 527 -30.98 -9.49 27.01
C THR A 527 -31.14 -10.03 25.60
N TYR A 528 -30.15 -10.79 25.13
CA TYR A 528 -30.10 -11.20 23.73
C TYR A 528 -30.17 -12.72 23.61
N PHE A 529 -30.63 -13.17 22.43
CA PHE A 529 -30.47 -14.55 21.98
C PHE A 529 -29.26 -14.55 21.05
N ILE A 530 -28.25 -15.38 21.35
CA ILE A 530 -27.05 -15.48 20.52
C ILE A 530 -26.94 -16.90 20.02
N VAL A 531 -26.78 -17.04 18.70
CA VAL A 531 -26.74 -18.33 18.03
C VAL A 531 -25.40 -18.44 17.32
N GLY A 532 -24.79 -19.62 17.41
CA GLY A 532 -23.56 -19.91 16.69
C GLY A 532 -23.84 -20.91 15.57
N THR A 533 -23.38 -20.57 14.38
CA THR A 533 -23.73 -21.33 13.19
C THR A 533 -22.45 -21.70 12.43
N ALA A 534 -22.61 -22.65 11.50
CA ALA A 534 -21.52 -23.09 10.64
C ALA A 534 -22.09 -23.27 9.24
N MET A 535 -21.29 -22.91 8.23
CA MET A 535 -21.67 -23.11 6.83
C MET A 535 -21.19 -24.50 6.42
N VAL A 536 -22.13 -25.39 6.16
CA VAL A 536 -21.85 -26.80 5.92
C VAL A 536 -22.10 -27.05 4.44
N TYR A 537 -21.05 -27.43 3.73
CA TYR A 537 -21.14 -27.81 2.33
C TYR A 537 -20.68 -29.26 2.18
N PRO A 538 -21.40 -30.08 1.39
CA PRO A 538 -21.03 -31.51 1.31
C PRO A 538 -19.57 -31.74 1.00
N GLU A 539 -18.96 -30.81 0.27
CA GLU A 539 -17.58 -30.99 -0.15
C GLU A 539 -16.62 -30.90 1.03
N GLU A 540 -16.89 -30.01 1.97
CA GLU A 540 -15.97 -29.75 3.06
C GLU A 540 -16.06 -30.87 4.09
N ALA A 541 -14.92 -31.49 4.38
CA ALA A 541 -14.89 -32.47 5.46
C ALA A 541 -15.08 -31.81 6.81
N GLU A 542 -14.43 -30.65 7.01
CA GLU A 542 -14.58 -29.81 8.18
C GLU A 542 -15.04 -28.42 7.76
N PRO A 543 -16.06 -27.85 8.42
CA PRO A 543 -16.56 -26.54 7.98
C PRO A 543 -15.50 -25.47 8.17
N LYS A 544 -15.43 -24.55 7.20
CA LYS A 544 -14.45 -23.46 7.23
C LYS A 544 -15.06 -22.07 7.32
N GLN A 545 -16.36 -21.96 7.50
CA GLN A 545 -17.03 -20.68 7.65
C GLN A 545 -18.07 -20.78 8.76
N GLY A 546 -18.37 -19.63 9.37
CA GLY A 546 -19.39 -19.61 10.40
C GLY A 546 -19.71 -18.20 10.83
N ARG A 547 -20.84 -18.09 11.55
CA ARG A 547 -21.35 -16.83 12.05
C ARG A 547 -21.70 -16.97 13.52
N ILE A 548 -21.49 -15.88 14.26
CA ILE A 548 -22.08 -15.67 15.58
C ILE A 548 -23.06 -14.53 15.43
N VAL A 549 -24.33 -14.78 15.71
CA VAL A 549 -25.37 -13.81 15.43
C VAL A 549 -26.04 -13.42 16.75
N VAL A 550 -26.13 -12.13 16.99
CA VAL A 550 -26.76 -11.56 18.17
C VAL A 550 -28.15 -11.09 17.75
N PHE A 551 -29.16 -11.63 18.40
CA PHE A 551 -30.54 -11.28 18.11
C PHE A 551 -31.12 -10.59 19.34
N GLN A 552 -32.15 -9.80 19.12
CA GLN A 552 -32.95 -9.31 20.22
C GLN A 552 -34.42 -9.61 19.93
N TYR A 553 -35.08 -10.24 20.88
CA TYR A 553 -36.49 -10.49 20.80
C TYR A 553 -37.18 -9.35 21.53
N SER A 554 -37.89 -8.52 20.78
CA SER A 554 -38.56 -7.36 21.35
C SER A 554 -39.87 -7.13 20.62
N ASP A 555 -40.96 -7.00 21.39
CA ASP A 555 -42.27 -6.66 20.85
C ASP A 555 -42.68 -7.57 19.70
N GLY A 556 -42.52 -8.87 19.92
CA GLY A 556 -42.96 -9.88 18.97
C GLY A 556 -42.15 -9.95 17.70
N LYS A 557 -41.00 -9.31 17.65
CA LYS A 557 -40.11 -9.38 16.52
C LYS A 557 -38.68 -9.66 17.00
N LEU A 558 -37.94 -10.40 16.19
CA LEU A 558 -36.55 -10.74 16.45
C LEU A 558 -35.68 -9.82 15.58
N GLN A 559 -34.82 -9.03 16.22
CA GLN A 559 -34.00 -8.05 15.52
C GLN A 559 -32.56 -8.53 15.48
N THR A 560 -31.94 -8.51 14.30
CA THR A 560 -30.54 -8.89 14.17
C THR A 560 -29.63 -7.75 14.66
N VAL A 561 -29.05 -7.92 15.84
CA VAL A 561 -28.30 -6.83 16.46
C VAL A 561 -26.90 -6.71 15.89
N ALA A 562 -26.18 -7.83 15.76
CA ALA A 562 -24.80 -7.81 15.31
C ALA A 562 -24.45 -9.19 14.80
N GLU A 563 -23.41 -9.26 13.98
CA GLU A 563 -22.93 -10.53 13.49
C GLU A 563 -21.41 -10.51 13.43
N LYS A 564 -20.81 -11.63 13.79
CA LYS A 564 -19.36 -11.78 13.80
C LYS A 564 -19.04 -12.99 12.94
N GLU A 565 -18.21 -12.81 11.92
CA GLU A 565 -17.81 -13.90 11.06
C GLU A 565 -16.66 -14.65 11.70
N VAL A 566 -16.73 -15.97 11.69
CA VAL A 566 -15.65 -16.82 12.17
C VAL A 566 -15.34 -17.83 11.08
N LYS A 567 -14.09 -18.29 11.08
CA LYS A 567 -13.61 -19.22 10.05
C LYS A 567 -13.66 -20.65 10.59
N GLY A 568 -14.87 -21.08 10.95
CA GLY A 568 -15.07 -22.40 11.47
C GLY A 568 -16.50 -22.57 11.96
N ALA A 569 -16.74 -23.69 12.64
CA ALA A 569 -18.04 -24.01 13.20
C ALA A 569 -18.07 -23.63 14.67
N VAL A 570 -19.10 -22.88 15.06
CA VAL A 570 -19.25 -22.47 16.48
C VAL A 570 -20.10 -23.56 17.14
N TYR A 571 -19.40 -24.62 17.56
CA TYR A 571 -20.12 -25.79 18.09
C TYR A 571 -20.80 -25.46 19.43
N SER A 572 -20.11 -24.72 20.31
CA SER A 572 -20.64 -24.42 21.63
C SER A 572 -20.20 -23.04 22.09
N MET A 573 -21.11 -22.33 22.75
CA MET A 573 -20.89 -21.01 23.32
C MET A 573 -21.46 -20.97 24.74
N VAL A 574 -20.83 -20.19 25.62
CA VAL A 574 -21.32 -20.03 26.98
C VAL A 574 -20.99 -18.63 27.49
N GLU A 575 -21.91 -18.10 28.32
CA GLU A 575 -21.71 -16.78 28.91
C GLU A 575 -20.63 -16.86 29.97
N PHE A 576 -19.71 -15.91 29.94
CA PHE A 576 -18.53 -15.95 30.82
C PHE A 576 -18.29 -14.55 31.38
N ASN A 577 -18.90 -14.29 32.54
CA ASN A 577 -18.63 -13.07 33.29
C ASN A 577 -18.78 -11.83 32.39
N GLY A 578 -19.95 -11.75 31.75
CA GLY A 578 -20.24 -10.65 30.85
C GLY A 578 -19.57 -10.73 29.50
N LYS A 579 -18.78 -11.77 29.26
CA LYS A 579 -18.09 -12.00 27.99
C LYS A 579 -18.64 -13.27 27.36
N LEU A 580 -18.33 -13.47 26.09
CA LEU A 580 -18.85 -14.60 25.31
C LEU A 580 -17.72 -15.57 24.99
N LEU A 581 -17.87 -16.81 25.45
CA LEU A 581 -16.92 -17.88 25.17
C LEU A 581 -17.40 -18.69 23.96
N ALA A 582 -16.47 -19.02 23.07
CA ALA A 582 -16.81 -19.66 21.82
C ALA A 582 -15.84 -20.79 21.49
N SER A 583 -16.35 -21.80 20.80
CA SER A 583 -15.56 -22.94 20.34
C SER A 583 -15.65 -22.97 18.82
N ILE A 584 -14.64 -22.42 18.14
CA ILE A 584 -14.61 -22.39 16.68
C ILE A 584 -13.59 -23.47 16.27
N ASN A 585 -14.09 -24.63 15.85
CA ASN A 585 -13.25 -25.76 15.47
C ASN A 585 -12.21 -26.04 16.55
N SER A 586 -10.93 -25.84 16.24
CA SER A 586 -9.86 -26.08 17.21
C SER A 586 -9.73 -24.95 18.22
N THR A 587 -10.07 -23.72 17.81
CA THR A 587 -9.90 -22.54 18.64
C THR A 587 -10.99 -22.42 19.69
N VAL A 588 -10.59 -21.99 20.90
CA VAL A 588 -11.50 -21.58 21.95
C VAL A 588 -11.28 -20.09 22.19
N ARG A 589 -12.35 -19.29 22.04
CA ARG A 589 -12.21 -17.83 22.02
C ARG A 589 -13.09 -17.14 23.05
N LEU A 590 -12.58 -16.04 23.61
CA LEU A 590 -13.33 -15.18 24.51
C LEU A 590 -13.52 -13.82 23.81
N TYR A 591 -14.78 -13.42 23.64
CA TYR A 591 -15.12 -12.15 23.02
C TYR A 591 -15.58 -11.16 24.10
N GLU A 592 -15.39 -9.87 23.83
CA GLU A 592 -15.97 -8.82 24.65
C GLU A 592 -17.03 -8.08 23.84
N TRP A 593 -18.05 -7.59 24.54
CA TRP A 593 -19.15 -6.86 23.93
C TRP A 593 -18.91 -5.36 24.14
N THR A 594 -18.61 -4.65 23.05
CA THR A 594 -18.21 -3.26 23.14
C THR A 594 -19.42 -2.36 23.33
N THR A 595 -19.15 -1.09 23.64
CA THR A 595 -20.20 -0.08 23.67
C THR A 595 -20.80 0.15 22.30
N GLU A 596 -20.10 -0.24 21.22
CA GLU A 596 -20.67 -0.16 19.88
C GLU A 596 -21.52 -1.37 19.52
N LYS A 597 -21.76 -2.29 20.45
CA LYS A 597 -22.64 -3.44 20.20
C LYS A 597 -22.07 -4.36 19.11
N GLU A 598 -20.76 -4.56 19.16
CA GLU A 598 -20.07 -5.53 18.33
C GLU A 598 -19.17 -6.40 19.19
N LEU A 599 -18.96 -7.64 18.76
CA LEU A 599 -18.11 -8.58 19.48
C LEU A 599 -16.65 -8.30 19.15
N ARG A 600 -15.80 -8.31 20.18
CA ARG A 600 -14.37 -8.05 20.00
C ARG A 600 -13.60 -9.16 20.69
N THR A 601 -12.62 -9.73 19.98
CA THR A 601 -11.85 -10.84 20.51
C THR A 601 -10.87 -10.37 21.57
N GLU A 602 -10.90 -11.02 22.73
CA GLU A 602 -9.89 -10.76 23.75
C GLU A 602 -8.73 -11.75 23.67
N CYS A 603 -9.01 -13.07 23.63
CA CYS A 603 -7.95 -14.06 23.72
C CYS A 603 -8.39 -15.39 23.12
N ASN A 604 -7.41 -16.26 22.84
CA ASN A 604 -7.66 -17.52 22.14
C ASN A 604 -6.89 -18.67 22.79
N HIS A 605 -7.34 -19.91 22.50
CA HIS A 605 -6.61 -21.12 22.86
C HIS A 605 -6.72 -22.11 21.71
N TYR A 606 -5.59 -22.72 21.31
CA TYR A 606 -5.57 -23.52 20.09
C TYR A 606 -5.18 -24.99 20.25
N ASN A 607 -4.88 -25.47 21.46
CA ASN A 607 -4.42 -26.86 21.61
C ASN A 607 -5.61 -27.80 21.80
N ASN A 608 -6.46 -27.85 20.77
CA ASN A 608 -7.60 -28.76 20.73
C ASN A 608 -7.80 -29.24 19.30
N ILE A 609 -8.11 -30.52 19.14
CA ILE A 609 -8.47 -31.03 17.82
C ILE A 609 -9.83 -30.47 17.41
N MET A 610 -10.84 -30.63 18.27
CA MET A 610 -12.12 -29.95 18.09
C MET A 610 -12.76 -29.70 19.45
N ALA A 611 -13.10 -28.43 19.73
CA ALA A 611 -13.64 -28.03 21.03
C ALA A 611 -15.16 -28.20 20.98
N LEU A 612 -15.60 -29.44 21.13
CA LEU A 612 -17.02 -29.72 20.89
C LEU A 612 -17.90 -29.24 22.05
N TYR A 613 -17.45 -29.38 23.30
CA TYR A 613 -18.29 -29.06 24.45
C TYR A 613 -17.53 -28.15 25.41
N LEU A 614 -18.27 -27.20 26.00
CA LEU A 614 -17.70 -26.18 26.87
C LEU A 614 -18.60 -25.96 28.09
N LYS A 615 -17.97 -25.82 29.26
CA LYS A 615 -18.66 -25.46 30.51
C LYS A 615 -17.74 -24.54 31.33
N THR A 616 -18.36 -23.71 32.19
CA THR A 616 -17.61 -22.73 32.97
C THR A 616 -18.06 -22.69 34.42
N LYS A 617 -17.13 -22.33 35.32
CA LYS A 617 -17.45 -22.03 36.71
C LYS A 617 -16.46 -20.98 37.20
N GLY A 618 -16.95 -19.81 37.58
CA GLY A 618 -16.02 -18.74 37.94
C GLY A 618 -15.20 -18.34 36.74
N ASP A 619 -13.88 -18.31 36.91
CA ASP A 619 -12.95 -18.05 35.81
C ASP A 619 -12.39 -19.33 35.20
N PHE A 620 -12.94 -20.49 35.57
CA PHE A 620 -12.49 -21.78 35.06
C PHE A 620 -13.38 -22.25 33.92
N ILE A 621 -12.75 -22.91 32.94
CA ILE A 621 -13.44 -23.42 31.76
C ILE A 621 -13.08 -24.88 31.54
N LEU A 622 -14.09 -25.72 31.33
CA LEU A 622 -13.91 -27.13 30.99
C LEU A 622 -14.13 -27.33 29.49
N VAL A 623 -13.15 -27.95 28.82
CA VAL A 623 -13.19 -28.14 27.38
C VAL A 623 -13.28 -29.63 27.06
N GLY A 624 -14.25 -29.99 26.24
CA GLY A 624 -14.44 -31.36 25.79
C GLY A 624 -14.09 -31.49 24.31
N ASP A 625 -13.22 -32.45 24.02
CA ASP A 625 -12.68 -32.64 22.68
C ASP A 625 -13.19 -33.95 22.09
N LEU A 626 -13.15 -34.02 20.76
CA LEU A 626 -13.67 -35.21 20.07
C LEU A 626 -12.92 -36.45 20.55
N MET A 627 -11.61 -36.37 20.67
CA MET A 627 -10.78 -37.49 21.10
C MET A 627 -9.85 -37.15 22.26
N ARG A 628 -9.55 -35.89 22.50
CA ARG A 628 -8.64 -35.48 23.57
C ARG A 628 -9.28 -35.35 24.96
N SER A 629 -10.41 -36.01 25.20
CA SER A 629 -11.06 -36.03 26.52
C SER A 629 -11.24 -34.60 27.04
N VAL A 630 -11.05 -34.36 28.34
CA VAL A 630 -11.35 -33.09 28.99
C VAL A 630 -10.08 -32.31 29.31
N LEU A 631 -10.16 -30.98 29.14
CA LEU A 631 -9.08 -30.06 29.48
C LEU A 631 -9.65 -28.94 30.36
N LEU A 632 -9.01 -28.69 31.50
CA LEU A 632 -9.39 -27.61 32.41
C LEU A 632 -8.58 -26.37 32.10
N LEU A 633 -9.21 -25.35 31.54
CA LEU A 633 -8.61 -24.05 31.30
C LEU A 633 -8.94 -23.06 32.42
N ALA A 634 -8.18 -21.96 32.47
CA ALA A 634 -8.49 -20.84 33.34
C ALA A 634 -8.32 -19.53 32.60
N TYR A 635 -9.21 -18.57 32.88
CA TYR A 635 -9.07 -17.20 32.40
C TYR A 635 -8.28 -16.41 33.44
N LYS A 636 -7.17 -15.81 33.01
CA LYS A 636 -6.36 -15.04 33.94
C LYS A 636 -6.57 -13.55 33.74
N PRO A 637 -7.40 -12.91 34.57
CA PRO A 637 -7.81 -11.52 34.28
C PRO A 637 -6.65 -10.53 34.34
N MET A 638 -5.67 -10.76 35.21
CA MET A 638 -4.54 -9.85 35.29
C MET A 638 -3.84 -9.73 33.94
N GLU A 639 -3.78 -10.82 33.18
CA GLU A 639 -3.08 -10.85 31.90
C GLU A 639 -3.95 -10.66 30.67
N GLY A 640 -5.21 -11.08 30.70
CA GLY A 640 -6.06 -11.01 29.53
C GLY A 640 -5.91 -12.18 28.56
N ASN A 641 -5.76 -13.39 29.06
CA ASN A 641 -5.57 -14.57 28.23
C ASN A 641 -5.93 -15.83 29.01
N PHE A 642 -5.90 -16.99 28.33
CA PHE A 642 -6.16 -18.28 28.96
C PHE A 642 -4.86 -18.92 29.48
N GLU A 643 -5.03 -19.96 30.30
CA GLU A 643 -3.90 -20.79 30.73
C GLU A 643 -4.35 -22.22 30.94
N GLU A 644 -3.55 -23.16 30.43
CA GLU A 644 -3.89 -24.58 30.57
C GLU A 644 -3.59 -24.99 32.00
N ILE A 645 -4.62 -25.35 32.75
CA ILE A 645 -4.43 -25.81 34.12
C ILE A 645 -4.13 -27.30 34.13
N ALA A 646 -4.97 -28.09 33.47
CA ALA A 646 -4.81 -29.54 33.51
C ALA A 646 -5.63 -30.19 32.40
N ARG A 647 -5.10 -31.29 31.88
CA ARG A 647 -5.70 -32.09 30.82
C ARG A 647 -5.76 -33.54 31.25
N ASP A 648 -6.83 -34.22 30.84
CA ASP A 648 -6.90 -35.67 31.02
C ASP A 648 -6.11 -36.33 29.90
N PHE A 649 -5.00 -36.99 30.24
CA PHE A 649 -4.16 -37.50 29.16
C PHE A 649 -4.72 -38.79 28.55
N ASN A 650 -5.49 -39.60 29.30
CA ASN A 650 -6.12 -40.77 28.71
C ASN A 650 -7.09 -40.34 27.62
N PRO A 651 -7.04 -40.92 26.41
CA PRO A 651 -7.89 -40.43 25.34
C PRO A 651 -9.29 -41.02 25.36
N ASN A 652 -10.31 -40.16 25.39
CA ASN A 652 -11.70 -40.62 25.34
C ASN A 652 -12.52 -39.74 24.40
N TRP A 653 -13.47 -40.40 23.73
CA TRP A 653 -14.43 -39.76 22.85
C TRP A 653 -15.57 -39.18 23.68
N MET A 654 -15.81 -37.87 23.56
CA MET A 654 -16.76 -37.15 24.39
C MET A 654 -18.12 -36.99 23.71
N SER A 655 -19.18 -37.15 24.50
CA SER A 655 -20.53 -36.81 24.08
C SER A 655 -21.13 -35.64 24.87
N ALA A 656 -20.70 -35.45 26.11
CA ALA A 656 -21.16 -34.35 26.95
C ALA A 656 -20.24 -34.25 28.16
N VAL A 657 -20.13 -33.03 28.71
CA VAL A 657 -19.30 -32.78 29.89
C VAL A 657 -20.05 -31.89 30.87
N GLU A 658 -19.65 -31.99 32.14
CA GLU A 658 -20.21 -31.12 33.18
C GLU A 658 -19.20 -30.92 34.30
N ILE A 659 -19.28 -29.75 34.93
CA ILE A 659 -18.45 -29.39 36.08
C ILE A 659 -19.23 -29.69 37.36
N LEU A 660 -18.69 -30.60 38.17
CA LEU A 660 -19.34 -30.95 39.44
C LEU A 660 -19.00 -29.95 40.54
N ASP A 661 -17.70 -29.70 40.76
CA ASP A 661 -17.25 -28.70 41.70
C ASP A 661 -15.87 -28.22 41.23
N ASP A 662 -15.25 -27.34 42.00
CA ASP A 662 -14.02 -26.70 41.53
C ASP A 662 -12.92 -27.70 41.22
N ASP A 663 -12.98 -28.92 41.78
CA ASP A 663 -11.94 -29.90 41.55
C ASP A 663 -12.36 -31.16 40.79
N ASN A 664 -13.65 -31.42 40.62
CA ASN A 664 -14.14 -32.66 40.01
C ASN A 664 -14.90 -32.35 38.74
N PHE A 665 -14.62 -33.13 37.68
CA PHE A 665 -15.23 -32.91 36.37
C PHE A 665 -15.81 -34.21 35.84
N LEU A 666 -17.01 -34.11 35.27
CA LEU A 666 -17.76 -35.28 34.83
C LEU A 666 -17.85 -35.30 33.32
N GLY A 667 -17.68 -36.48 32.74
CA GLY A 667 -17.71 -36.62 31.30
C GLY A 667 -18.48 -37.86 30.89
N ALA A 668 -18.83 -37.91 29.61
CA ALA A 668 -19.58 -39.01 29.02
C ALA A 668 -18.91 -39.45 27.73
N GLU A 669 -18.71 -40.76 27.57
CA GLU A 669 -18.03 -41.30 26.40
C GLU A 669 -19.08 -41.75 25.38
N ASN A 670 -18.67 -41.79 24.12
CA ASN A 670 -19.57 -42.30 23.08
C ASN A 670 -19.76 -43.81 23.18
N ALA A 671 -19.01 -44.48 24.05
CA ALA A 671 -19.12 -45.90 24.30
C ALA A 671 -20.11 -46.24 25.43
N PHE A 672 -20.98 -45.30 25.81
CA PHE A 672 -21.95 -45.51 26.88
C PHE A 672 -21.27 -45.60 28.25
N ASN A 673 -20.22 -44.80 28.48
CA ASN A 673 -19.48 -44.80 29.73
C ASN A 673 -19.44 -43.40 30.35
N LEU A 674 -19.36 -43.37 31.69
CA LEU A 674 -19.25 -42.13 32.45
C LEU A 674 -17.94 -42.11 33.24
N PHE A 675 -17.24 -40.98 33.22
CA PHE A 675 -15.99 -40.85 33.98
C PHE A 675 -15.86 -39.46 34.63
N VAL A 676 -15.14 -39.43 35.75
CA VAL A 676 -14.89 -38.23 36.54
C VAL A 676 -13.39 -37.99 36.63
N CYS A 677 -12.97 -36.74 36.39
CA CYS A 677 -11.58 -36.33 36.43
C CYS A 677 -11.38 -35.26 37.49
N GLN A 678 -10.31 -35.39 38.28
CA GLN A 678 -10.02 -34.42 39.33
C GLN A 678 -8.61 -33.84 39.15
N LYS A 679 -8.41 -32.62 39.67
CA LYS A 679 -7.07 -32.08 39.81
C LYS A 679 -6.29 -32.93 40.80
N ASP A 680 -5.02 -33.19 40.48
CA ASP A 680 -4.27 -34.16 41.27
C ASP A 680 -4.06 -33.71 42.71
N SER A 681 -4.14 -32.39 42.98
CA SER A 681 -4.04 -31.85 44.32
C SER A 681 -2.88 -32.46 45.13
N ALA A 682 -1.78 -32.72 44.43
CA ALA A 682 -0.54 -33.19 45.04
C ALA A 682 0.59 -32.34 44.45
N ALA A 683 0.51 -31.04 44.72
CA ALA A 683 1.31 -30.05 44.00
C ALA A 683 2.75 -29.99 44.52
N THR A 684 3.49 -31.04 44.16
CA THR A 684 4.93 -31.08 44.36
C THR A 684 5.67 -30.71 43.09
N THR A 685 5.02 -30.93 41.96
CA THR A 685 5.57 -30.74 40.63
C THR A 685 4.48 -30.20 39.71
N ASP A 686 4.86 -29.30 38.80
CA ASP A 686 3.90 -28.84 37.80
C ASP A 686 3.35 -30.00 36.98
N GLU A 687 4.13 -31.09 36.87
CA GLU A 687 3.71 -32.24 36.10
C GLU A 687 2.44 -32.85 36.68
N GLU A 688 2.34 -32.90 38.01
CA GLU A 688 1.18 -33.50 38.66
C GLU A 688 -0.06 -32.63 38.57
N ARG A 689 0.10 -31.32 38.77
CA ARG A 689 -1.04 -30.42 38.73
C ARG A 689 -1.79 -30.59 37.42
N GLN A 690 -1.03 -30.67 36.33
CA GLN A 690 -1.52 -30.72 34.97
C GLN A 690 -2.14 -32.06 34.62
N HIS A 691 -2.00 -33.07 35.47
CA HIS A 691 -2.51 -34.39 35.15
C HIS A 691 -3.84 -34.55 35.89
N LEU A 692 -4.94 -34.32 35.17
CA LEU A 692 -6.24 -34.72 35.67
C LEU A 692 -6.22 -36.24 35.76
N GLN A 693 -6.70 -36.79 36.87
CA GLN A 693 -6.61 -38.23 37.08
C GLN A 693 -8.03 -38.78 37.10
N GLU A 694 -8.31 -39.73 36.21
CA GLU A 694 -9.65 -40.29 36.11
C GLU A 694 -9.92 -41.12 37.35
N VAL A 695 -10.64 -40.52 38.31
CA VAL A 695 -10.91 -41.18 39.58
C VAL A 695 -12.20 -42.01 39.56
N GLY A 696 -13.11 -41.74 38.64
CA GLY A 696 -14.36 -42.48 38.57
C GLY A 696 -14.61 -43.05 37.19
N LEU A 697 -15.05 -44.31 37.17
CA LEU A 697 -15.37 -45.02 35.94
C LEU A 697 -16.68 -45.78 36.13
N PHE A 698 -17.62 -45.62 35.19
CA PHE A 698 -18.93 -46.24 35.31
C PHE A 698 -19.54 -46.41 33.91
N HIS A 699 -20.03 -47.60 33.61
CA HIS A 699 -20.77 -47.84 32.37
C HIS A 699 -22.23 -47.49 32.62
N LEU A 700 -22.70 -46.36 32.09
CA LEU A 700 -24.09 -46.00 32.31
C LEU A 700 -25.00 -46.93 31.51
N GLY A 701 -24.58 -47.29 30.31
CA GLY A 701 -25.39 -48.07 29.40
C GLY A 701 -26.22 -47.25 28.45
N GLU A 702 -26.11 -45.93 28.52
CA GLU A 702 -26.86 -44.99 27.72
C GLU A 702 -25.91 -43.92 27.18
N PHE A 703 -26.35 -43.24 26.13
CA PHE A 703 -25.61 -42.17 25.47
C PHE A 703 -26.06 -40.84 26.04
N VAL A 704 -25.16 -40.11 26.68
CA VAL A 704 -25.53 -38.86 27.35
C VAL A 704 -25.31 -37.70 26.39
N ASN A 705 -26.40 -37.06 25.96
CA ASN A 705 -26.23 -35.89 25.11
C ASN A 705 -26.04 -34.60 25.90
N VAL A 706 -26.73 -34.46 27.03
CA VAL A 706 -26.78 -33.19 27.74
C VAL A 706 -26.66 -33.43 29.24
N PHE A 707 -25.78 -32.65 29.88
CA PHE A 707 -25.67 -32.55 31.33
C PHE A 707 -26.21 -31.18 31.73
N CYS A 708 -27.07 -31.15 32.75
CA CYS A 708 -27.69 -29.90 33.18
C CYS A 708 -27.82 -29.89 34.69
N HIS A 709 -27.32 -28.82 35.33
CA HIS A 709 -27.49 -28.69 36.77
C HIS A 709 -28.96 -28.39 37.09
N GLY A 710 -29.45 -28.93 38.20
CA GLY A 710 -30.80 -28.69 38.67
C GLY A 710 -31.50 -29.95 39.12
N SER A 711 -32.61 -29.76 39.85
CA SER A 711 -33.43 -30.88 40.31
C SER A 711 -34.92 -30.58 40.18
N LEU A 712 -35.67 -31.62 39.80
CA LEU A 712 -37.12 -31.56 39.67
C LEU A 712 -37.84 -31.74 41.01
N VAL A 713 -37.11 -32.00 42.09
CA VAL A 713 -37.77 -32.23 43.38
C VAL A 713 -38.42 -30.92 43.84
N MET A 714 -39.54 -31.05 44.54
CA MET A 714 -40.32 -29.89 45.00
C MET A 714 -39.57 -29.35 46.20
N GLN A 715 -38.61 -28.45 45.94
CA GLN A 715 -37.83 -27.84 47.00
C GLN A 715 -38.70 -26.81 47.71
N ASN A 716 -38.76 -26.91 49.04
CA ASN A 716 -39.52 -25.97 49.85
C ASN A 716 -38.67 -25.56 51.05
N LEU A 717 -39.08 -24.47 51.69
CA LEU A 717 -38.38 -23.94 52.86
C LEU A 717 -38.37 -25.01 53.95
N GLY A 718 -37.22 -25.66 54.13
CA GLY A 718 -37.09 -26.72 55.11
C GLY A 718 -37.27 -28.10 54.54
N GLU A 719 -36.95 -28.29 53.26
CA GLU A 719 -37.16 -29.56 52.57
C GLU A 719 -36.31 -30.69 53.14
N THR A 720 -36.84 -31.90 53.07
CA THR A 720 -36.06 -33.06 53.50
C THR A 720 -34.69 -33.02 52.85
N SER A 721 -33.65 -33.08 53.67
CA SER A 721 -32.27 -33.04 53.20
C SER A 721 -31.68 -34.45 53.17
N THR A 722 -30.72 -34.65 52.28
CA THR A 722 -30.06 -35.94 52.07
C THR A 722 -28.55 -35.82 52.21
N PRO A 723 -27.86 -36.94 52.45
CA PRO A 723 -26.38 -36.91 52.47
C PRO A 723 -25.76 -36.56 51.12
N THR A 724 -26.46 -36.83 50.02
CA THR A 724 -25.90 -36.58 48.70
C THR A 724 -25.90 -35.08 48.45
N GLN A 725 -24.82 -34.58 47.83
CA GLN A 725 -24.64 -33.16 47.59
C GLN A 725 -24.50 -32.86 46.10
N GLY A 726 -25.24 -31.86 45.63
CA GLY A 726 -25.23 -31.45 44.24
C GLY A 726 -26.26 -32.17 43.41
N SER A 727 -26.61 -31.57 42.28
CA SER A 727 -27.63 -32.16 41.40
C SER A 727 -27.29 -31.87 39.95
N VAL A 728 -26.74 -32.88 39.27
CA VAL A 728 -26.47 -32.84 37.84
C VAL A 728 -27.40 -33.84 37.21
N LEU A 729 -28.26 -33.37 36.31
CA LEU A 729 -29.21 -34.19 35.57
C LEU A 729 -28.71 -34.40 34.16
N PHE A 730 -28.96 -35.60 33.60
CA PHE A 730 -28.51 -35.90 32.25
C PHE A 730 -29.60 -36.55 31.41
N GLY A 731 -29.52 -36.31 30.10
CA GLY A 731 -30.45 -36.87 29.15
C GLY A 731 -29.75 -37.78 28.16
N THR A 732 -30.46 -38.79 27.67
CA THR A 732 -29.88 -39.81 26.80
C THR A 732 -30.68 -39.92 25.50
N VAL A 733 -30.12 -40.68 24.56
CA VAL A 733 -30.77 -40.85 23.27
C VAL A 733 -32.01 -41.74 23.39
N ASN A 734 -31.99 -42.70 24.30
CA ASN A 734 -33.13 -43.58 24.52
C ASN A 734 -34.17 -43.00 25.48
N GLY A 735 -33.99 -41.76 25.93
CA GLY A 735 -34.93 -41.10 26.79
C GLY A 735 -34.63 -41.13 28.28
N MET A 736 -33.67 -41.96 28.71
CA MET A 736 -33.40 -42.05 30.14
C MET A 736 -32.96 -40.68 30.66
N ILE A 737 -33.50 -40.29 31.83
CA ILE A 737 -33.08 -39.09 32.54
C ILE A 737 -32.52 -39.53 33.89
N GLY A 738 -31.31 -39.09 34.21
CA GLY A 738 -30.63 -39.54 35.42
C GLY A 738 -29.97 -38.39 36.16
N LEU A 739 -29.63 -38.65 37.42
CA LEU A 739 -29.04 -37.64 38.30
C LEU A 739 -27.70 -38.18 38.82
N VAL A 740 -26.67 -37.33 38.77
CA VAL A 740 -25.35 -37.63 39.31
C VAL A 740 -25.16 -36.71 40.52
N THR A 741 -24.73 -37.27 41.64
CA THR A 741 -24.55 -36.47 42.86
C THR A 741 -23.31 -36.93 43.60
N SER A 742 -22.79 -36.03 44.44
CA SER A 742 -21.58 -36.30 45.21
C SER A 742 -21.90 -36.93 46.55
N LEU A 743 -20.92 -37.65 47.09
CA LEU A 743 -21.05 -38.32 48.38
C LEU A 743 -19.79 -38.14 49.20
N SER A 744 -19.95 -38.18 50.52
CA SER A 744 -18.80 -38.19 51.42
C SER A 744 -18.15 -39.58 51.41
N GLU A 745 -16.87 -39.61 51.79
CA GLU A 745 -16.17 -40.89 51.79
C GLU A 745 -16.90 -41.93 52.62
N SER A 746 -17.41 -41.52 53.79
CA SER A 746 -18.09 -42.46 54.67
C SER A 746 -19.35 -43.04 54.03
N TRP A 747 -20.13 -42.20 53.33
CA TRP A 747 -21.39 -42.67 52.76
C TRP A 747 -21.14 -43.58 51.57
N TYR A 748 -20.15 -43.24 50.75
CA TYR A 748 -19.75 -44.11 49.64
C TYR A 748 -19.41 -45.50 50.16
N ASN A 749 -18.48 -45.57 51.12
CA ASN A 749 -18.02 -46.87 51.61
C ASN A 749 -19.19 -47.70 52.12
N LEU A 750 -20.07 -47.07 52.90
CA LEU A 750 -21.27 -47.77 53.36
C LEU A 750 -22.07 -48.29 52.18
N LEU A 751 -22.39 -47.40 51.23
CA LEU A 751 -23.26 -47.79 50.13
C LEU A 751 -22.58 -48.80 49.22
N LEU A 752 -21.27 -48.65 48.99
CA LEU A 752 -20.56 -49.63 48.17
C LEU A 752 -20.51 -50.99 48.83
N ASP A 753 -20.09 -51.04 50.11
CA ASP A 753 -20.07 -52.32 50.82
C ASP A 753 -21.42 -52.98 50.73
N MET A 754 -22.48 -52.18 50.77
CA MET A 754 -23.84 -52.70 50.63
C MET A 754 -24.09 -53.24 49.22
N GLN A 755 -23.56 -52.59 48.20
CA GLN A 755 -23.73 -53.11 46.84
C GLN A 755 -23.18 -54.54 46.77
N ASN A 756 -21.94 -54.73 47.20
CA ASN A 756 -21.32 -56.04 47.15
C ASN A 756 -22.17 -57.07 47.87
N ARG A 757 -22.83 -56.66 48.96
CA ARG A 757 -23.71 -57.55 49.69
C ARG A 757 -25.00 -57.79 48.90
N LEU A 758 -25.55 -56.73 48.29
CA LEU A 758 -26.76 -56.90 47.51
C LEU A 758 -26.53 -57.77 46.28
N ASN A 759 -25.36 -57.66 45.66
CA ASN A 759 -25.11 -58.44 44.45
C ASN A 759 -25.06 -59.92 44.75
N LYS A 760 -24.57 -60.31 45.94
CA LYS A 760 -24.59 -61.72 46.30
C LYS A 760 -26.01 -62.20 46.54
N VAL A 761 -26.92 -61.30 46.94
CA VAL A 761 -28.27 -61.68 47.32
C VAL A 761 -29.22 -61.64 46.14
N ILE A 762 -29.13 -60.61 45.29
CA ILE A 762 -30.14 -60.39 44.26
C ILE A 762 -29.82 -61.28 43.06
N LYS A 763 -30.86 -61.93 42.53
CA LYS A 763 -30.74 -62.82 41.39
C LYS A 763 -30.86 -62.01 40.10
N SER A 764 -29.87 -62.14 39.22
CA SER A 764 -29.86 -61.38 37.98
C SER A 764 -30.50 -62.19 36.87
N VAL A 765 -31.24 -61.50 36.01
CA VAL A 765 -31.80 -62.14 34.82
C VAL A 765 -30.66 -62.50 33.88
N GLY A 766 -30.65 -63.74 33.42
CA GLY A 766 -29.54 -64.21 32.62
C GLY A 766 -28.31 -64.52 33.42
N LYS A 767 -28.36 -64.37 34.74
CA LYS A 767 -27.22 -64.61 35.61
C LYS A 767 -26.03 -63.76 35.17
N ILE A 768 -26.30 -62.48 34.91
CA ILE A 768 -25.26 -61.54 34.52
C ILE A 768 -24.69 -60.91 35.78
N GLU A 769 -23.37 -60.99 35.95
CA GLU A 769 -22.72 -60.37 37.09
C GLU A 769 -22.87 -58.84 37.02
N HIS A 770 -23.36 -58.25 38.10
CA HIS A 770 -23.53 -56.81 38.14
C HIS A 770 -22.19 -56.10 37.97
N SER A 771 -21.14 -56.62 38.61
CA SER A 771 -19.83 -55.99 38.52
C SER A 771 -19.36 -55.89 37.06
N PHE A 772 -19.68 -56.90 36.24
CA PHE A 772 -19.32 -56.85 34.83
C PHE A 772 -20.10 -55.76 34.10
N TRP A 773 -21.41 -55.72 34.32
CA TRP A 773 -22.28 -54.78 33.60
C TRP A 773 -21.81 -53.33 33.74
N ARG A 774 -21.50 -52.91 34.96
CA ARG A 774 -21.11 -51.52 35.18
C ARG A 774 -19.65 -51.23 34.88
N SER A 775 -18.86 -52.23 34.52
CA SER A 775 -17.44 -52.01 34.21
C SER A 775 -17.28 -51.15 32.96
N PHE A 776 -16.30 -50.24 33.01
CA PHE A 776 -15.95 -49.41 31.86
C PHE A 776 -15.68 -50.31 30.67
N HIS A 777 -16.29 -50.02 29.52
CA HIS A 777 -16.10 -50.94 28.40
C HIS A 777 -16.09 -50.19 27.07
N THR A 778 -14.95 -50.26 26.39
CA THR A 778 -14.78 -49.91 24.99
C THR A 778 -14.30 -51.15 24.25
N GLU A 779 -14.32 -51.12 22.91
CA GLU A 779 -13.81 -52.28 22.18
C GLU A 779 -12.39 -52.65 22.63
N ARG A 780 -11.62 -51.65 23.08
CA ARG A 780 -10.22 -51.83 23.45
C ARG A 780 -10.00 -52.09 24.93
N LYS A 781 -10.82 -51.52 25.82
CA LYS A 781 -10.59 -51.64 27.25
C LYS A 781 -11.80 -52.14 28.03
N THR A 782 -11.51 -52.84 29.13
CA THR A 782 -12.51 -53.16 30.14
C THR A 782 -11.89 -52.97 31.52
N GLU A 783 -12.43 -52.02 32.30
CA GLU A 783 -11.94 -51.72 33.63
C GLU A 783 -13.05 -51.87 34.66
N PRO A 784 -12.73 -52.25 35.88
CA PRO A 784 -13.76 -52.32 36.93
C PRO A 784 -14.23 -50.91 37.26
N ALA A 785 -15.51 -50.79 37.59
CA ALA A 785 -16.06 -49.49 37.95
C ALA A 785 -15.41 -48.95 39.22
N THR A 786 -15.34 -47.63 39.31
CA THR A 786 -14.77 -46.99 40.50
C THR A 786 -15.41 -45.63 40.72
N GLY A 787 -15.58 -45.27 41.99
CA GLY A 787 -16.07 -43.96 42.36
C GLY A 787 -17.54 -43.72 42.19
N PHE A 788 -18.31 -44.73 41.80
CA PHE A 788 -19.71 -44.56 41.46
C PHE A 788 -20.54 -45.62 42.18
N ILE A 789 -21.70 -45.21 42.68
CA ILE A 789 -22.66 -46.10 43.33
C ILE A 789 -23.88 -46.23 42.42
N ASP A 790 -24.23 -47.46 42.07
CA ASP A 790 -25.41 -47.69 41.23
C ASP A 790 -26.66 -47.47 42.09
N GLY A 791 -27.32 -46.33 41.89
CA GLY A 791 -28.47 -46.02 42.71
C GLY A 791 -29.59 -47.05 42.56
N ASP A 792 -29.78 -47.55 41.35
CA ASP A 792 -30.86 -48.49 41.10
C ASP A 792 -30.68 -49.78 41.90
N LEU A 793 -29.43 -50.23 42.05
CA LEU A 793 -29.16 -51.37 42.92
C LEU A 793 -29.46 -51.02 44.38
N ILE A 794 -29.08 -49.82 44.80
CA ILE A 794 -29.30 -49.41 46.18
C ILE A 794 -30.80 -49.30 46.46
N GLU A 795 -31.55 -48.73 45.51
CA GLU A 795 -32.99 -48.56 45.66
C GLU A 795 -33.77 -49.84 45.39
N SER A 796 -33.09 -50.92 45.00
CA SER A 796 -33.71 -52.23 44.90
C SER A 796 -33.69 -52.99 46.23
N PHE A 797 -32.95 -52.48 47.22
CA PHE A 797 -32.99 -53.04 48.56
C PHE A 797 -34.41 -53.02 49.11
N LEU A 798 -35.16 -51.96 48.80
CA LEU A 798 -36.53 -51.82 49.29
C LEU A 798 -37.52 -52.77 48.63
N ASP A 799 -37.11 -53.49 47.59
CA ASP A 799 -38.00 -54.40 46.88
C ASP A 799 -37.65 -55.86 47.09
N ILE A 800 -36.56 -56.18 47.80
CA ILE A 800 -36.20 -57.57 48.04
C ILE A 800 -36.92 -58.03 49.30
N SER A 801 -37.19 -59.34 49.39
CA SER A 801 -37.98 -59.86 50.49
C SER A 801 -37.26 -59.71 51.83
N ARG A 802 -38.04 -59.76 52.91
CA ARG A 802 -37.49 -59.54 54.24
C ARG A 802 -36.33 -60.49 54.57
N PRO A 803 -36.42 -61.78 54.29
CA PRO A 803 -35.25 -62.66 54.55
C PRO A 803 -33.99 -62.14 53.90
N LYS A 804 -34.13 -61.66 52.66
CA LYS A 804 -32.99 -61.18 51.90
C LYS A 804 -32.43 -59.89 52.50
N MET A 805 -33.31 -59.02 53.00
CA MET A 805 -32.87 -57.77 53.63
C MET A 805 -31.97 -58.05 54.81
N GLN A 806 -32.40 -58.95 55.70
CA GLN A 806 -31.64 -59.24 56.90
C GLN A 806 -30.35 -59.97 56.54
N GLU A 807 -30.38 -60.81 55.51
CA GLU A 807 -29.16 -61.45 55.02
C GLU A 807 -28.15 -60.40 54.56
N VAL A 808 -28.65 -59.31 53.95
CA VAL A 808 -27.76 -58.27 53.45
C VAL A 808 -27.09 -57.53 54.60
N VAL A 809 -27.83 -57.27 55.68
CA VAL A 809 -27.30 -56.42 56.76
C VAL A 809 -26.46 -57.18 57.76
N ALA A 810 -26.30 -58.49 57.60
CA ALA A 810 -25.45 -59.26 58.50
C ALA A 810 -24.02 -58.75 58.43
N ASN A 811 -23.41 -58.56 59.60
CA ASN A 811 -22.03 -58.10 59.72
C ASN A 811 -21.80 -56.72 59.09
N LEU A 812 -22.65 -55.75 59.41
CA LEU A 812 -22.53 -54.42 58.85
C LEU A 812 -21.99 -53.49 59.94
N GLN A 813 -20.87 -52.84 59.64
CA GLN A 813 -20.14 -52.02 60.60
C GLN A 813 -19.79 -50.65 60.02
N TYR A 814 -19.79 -49.64 60.89
CA TYR A 814 -19.42 -48.26 60.54
C TYR A 814 -17.92 -48.09 60.76
N ASP A 815 -17.34 -47.11 60.04
CA ASP A 815 -15.89 -46.91 60.11
C ASP A 815 -15.53 -45.43 60.23
N ASP A 816 -14.27 -45.19 60.63
CA ASP A 816 -13.65 -43.87 60.79
C ASP A 816 -14.21 -43.03 61.93
N GLY A 817 -14.93 -43.60 62.88
CA GLY A 817 -15.35 -42.81 64.00
C GLY A 817 -16.34 -41.72 63.62
N SER A 818 -16.56 -40.81 64.57
CA SER A 818 -17.39 -39.63 64.34
C SER A 818 -18.65 -40.05 63.60
N GLY A 819 -19.21 -41.16 64.04
CA GLY A 819 -20.36 -41.73 63.38
C GLY A 819 -21.19 -42.51 64.38
N MET A 820 -22.07 -43.30 63.84
CA MET A 820 -23.10 -43.98 64.60
C MET A 820 -22.61 -45.35 65.09
N LYS A 821 -23.52 -46.12 65.66
CA LYS A 821 -23.20 -47.43 66.17
C LYS A 821 -22.96 -48.36 64.99
N ARG A 822 -21.85 -49.11 65.06
CA ARG A 822 -21.42 -49.87 63.89
C ARG A 822 -22.50 -50.83 63.39
N GLU A 823 -23.18 -51.51 64.31
CA GLU A 823 -24.20 -52.47 63.90
C GLU A 823 -25.35 -51.77 63.19
N ALA A 824 -25.85 -52.39 62.11
CA ALA A 824 -26.99 -51.87 61.37
C ALA A 824 -27.99 -53.00 61.16
N THR A 825 -29.27 -52.68 61.32
CA THR A 825 -30.38 -53.59 61.08
C THR A 825 -31.07 -53.34 59.74
N ALA A 826 -31.92 -54.29 59.34
CA ALA A 826 -32.70 -54.12 58.11
C ALA A 826 -33.62 -52.91 58.18
N ASP A 827 -34.27 -52.67 59.32
CA ASP A 827 -35.19 -51.54 59.40
C ASP A 827 -34.46 -50.19 59.34
N ASP A 828 -33.25 -50.10 59.90
CA ASP A 828 -32.49 -48.87 59.78
C ASP A 828 -32.18 -48.55 58.33
N LEU A 829 -31.79 -49.58 57.56
CA LEU A 829 -31.40 -49.34 56.17
C LEU A 829 -32.60 -48.98 55.31
N ILE A 830 -33.76 -49.57 55.58
CA ILE A 830 -34.96 -49.22 54.82
C ILE A 830 -35.20 -47.72 54.85
N LYS A 831 -34.94 -47.09 56.00
CA LYS A 831 -35.10 -45.64 56.09
C LYS A 831 -34.03 -44.91 55.29
N VAL A 832 -32.77 -45.37 55.34
CA VAL A 832 -31.70 -44.66 54.67
C VAL A 832 -31.97 -44.64 53.16
N VAL A 833 -32.38 -45.79 52.61
CA VAL A 833 -32.61 -45.86 51.17
C VAL A 833 -33.76 -44.94 50.76
N GLU A 834 -34.83 -44.92 51.57
CA GLU A 834 -35.97 -44.07 51.26
C GLU A 834 -35.57 -42.59 51.29
N GLU A 835 -34.71 -42.21 52.25
CA GLU A 835 -34.18 -40.86 52.25
C GLU A 835 -33.42 -40.59 50.95
N LEU A 836 -32.71 -41.60 50.45
CA LEU A 836 -32.00 -41.45 49.19
C LEU A 836 -32.93 -41.41 48.00
N THR A 837 -34.14 -41.96 48.12
CA THR A 837 -35.08 -41.93 47.00
C THR A 837 -35.75 -40.56 46.87
N ARG A 838 -35.53 -39.67 47.84
CA ARG A 838 -36.10 -38.34 47.75
C ARG A 838 -35.48 -37.54 46.62
N ILE A 839 -34.19 -37.79 46.31
CA ILE A 839 -33.53 -36.96 45.31
C ILE A 839 -34.16 -37.17 43.94
N HIS A 840 -34.55 -38.40 43.61
CA HIS A 840 -35.12 -38.67 42.29
C HIS A 840 -36.65 -38.62 42.40
N THR B 7 25.75 -20.95 13.89
CA THR B 7 25.23 -21.79 12.81
C THR B 7 24.11 -22.68 13.32
N GLU B 8 23.49 -23.41 12.40
CA GLU B 8 22.39 -24.31 12.74
C GLU B 8 22.83 -25.43 13.66
N SER B 9 24.13 -25.67 13.79
CA SER B 9 24.66 -26.85 14.47
C SER B 9 25.01 -26.58 15.92
N ASP B 10 25.01 -25.32 16.34
CA ASP B 10 25.46 -24.91 17.67
C ASP B 10 24.30 -25.04 18.67
N TRP B 11 24.02 -26.29 19.04
CA TRP B 11 22.89 -26.62 19.89
C TRP B 11 23.15 -26.30 21.36
N GLY B 12 22.05 -26.15 22.10
CA GLY B 12 22.08 -25.94 23.53
C GLY B 12 22.15 -24.49 23.98
N LYS B 13 22.28 -23.55 23.07
CA LYS B 13 22.46 -22.14 23.41
C LYS B 13 21.18 -21.33 23.27
N ARG B 14 20.38 -21.59 22.24
CA ARG B 14 19.20 -20.80 21.96
C ARG B 14 18.20 -20.93 23.12
N CYS B 15 17.45 -19.85 23.36
CA CYS B 15 16.55 -19.81 24.51
C CYS B 15 15.20 -20.47 24.20
N VAL B 16 14.54 -20.95 25.26
CA VAL B 16 13.18 -21.45 25.13
C VAL B 16 12.22 -20.30 24.88
N ASP B 17 12.70 -19.06 24.98
CA ASP B 17 11.87 -17.90 24.73
C ASP B 17 11.41 -17.84 23.29
N LYS B 18 12.24 -18.31 22.37
CA LYS B 18 11.89 -18.24 20.95
C LYS B 18 10.59 -18.99 20.67
N PHE B 19 10.25 -19.97 21.49
CA PHE B 19 9.01 -20.72 21.37
C PHE B 19 7.98 -20.26 22.40
N ASP B 20 6.73 -20.19 21.96
CA ASP B 20 5.59 -19.89 22.84
C ASP B 20 4.88 -21.20 23.13
N ILE B 21 4.66 -21.50 24.41
CA ILE B 21 4.18 -22.82 24.82
C ILE B 21 2.67 -22.83 24.67
N ILE B 22 2.15 -23.60 23.70
CA ILE B 22 0.71 -23.73 23.51
C ILE B 22 0.09 -24.52 24.65
N GLY B 23 0.76 -25.59 25.09
CA GLY B 23 0.26 -26.37 26.21
C GLY B 23 0.96 -27.70 26.28
N ILE B 24 0.62 -28.46 27.33
CA ILE B 24 1.23 -29.75 27.57
C ILE B 24 0.40 -30.80 26.82
N ILE B 25 1.05 -31.50 25.88
CA ILE B 25 0.37 -32.53 25.10
C ILE B 25 0.49 -33.89 25.76
N GLY B 26 1.64 -34.19 26.38
CA GLY B 26 1.83 -35.48 27.01
C GLY B 26 2.91 -35.41 28.06
N GLU B 27 2.99 -36.46 28.86
CA GLU B 27 4.01 -36.59 29.89
C GLU B 27 5.00 -37.66 29.44
N GLY B 28 6.27 -37.27 29.29
CA GLY B 28 7.27 -38.21 28.84
C GLY B 28 7.99 -38.82 30.02
N THR B 29 8.67 -39.95 29.77
CA THR B 29 9.26 -40.67 30.89
C THR B 29 10.30 -39.82 31.61
N TYR B 30 11.08 -39.03 30.87
CA TYR B 30 12.10 -38.23 31.54
C TYR B 30 11.59 -36.83 31.83
N GLY B 31 10.67 -36.31 31.01
CA GLY B 31 10.02 -35.04 31.29
C GLY B 31 8.81 -34.84 30.42
N GLN B 32 7.91 -33.97 30.86
CA GLN B 32 6.66 -33.73 30.16
C GLN B 32 6.90 -33.05 28.81
N VAL B 33 6.03 -33.35 27.85
CA VAL B 33 6.12 -32.81 26.49
C VAL B 33 5.08 -31.70 26.30
N TYR B 34 5.52 -30.60 25.72
CA TYR B 34 4.69 -29.41 25.49
C TYR B 34 4.65 -29.13 23.99
N LYS B 35 3.48 -28.69 23.50
CA LYS B 35 3.35 -28.18 22.14
C LYS B 35 3.72 -26.70 22.10
N ALA B 36 4.32 -26.26 21.01
CA ALA B 36 4.82 -24.90 20.97
C ALA B 36 4.95 -24.41 19.54
N LYS B 37 5.09 -23.09 19.41
CA LYS B 37 5.25 -22.44 18.11
C LYS B 37 6.52 -21.57 18.10
N ASP B 38 7.31 -21.72 17.03
CA ASP B 38 8.47 -20.87 16.83
C ASP B 38 7.97 -19.51 16.34
N LYS B 39 8.28 -18.46 17.09
CA LYS B 39 7.85 -17.12 16.70
C LYS B 39 8.42 -16.75 15.33
N ASP B 40 9.67 -17.16 15.09
CA ASP B 40 10.38 -16.75 13.89
C ASP B 40 9.81 -17.42 12.65
N THR B 41 9.55 -18.72 12.71
CA THR B 41 9.10 -19.48 11.55
C THR B 41 7.61 -19.84 11.58
N GLY B 42 6.96 -19.74 12.73
CA GLY B 42 5.58 -20.18 12.84
C GLY B 42 5.40 -21.67 12.87
N GLU B 43 6.49 -22.44 12.79
CA GLU B 43 6.40 -23.88 12.78
C GLU B 43 5.92 -24.37 14.15
N LEU B 44 5.06 -25.38 14.13
CA LEU B 44 4.62 -26.03 15.36
C LEU B 44 5.61 -27.13 15.71
N VAL B 45 6.15 -27.06 16.93
CA VAL B 45 7.18 -27.98 17.39
C VAL B 45 6.68 -28.50 18.72
N ALA B 46 7.22 -29.65 19.12
CA ALA B 46 6.91 -30.23 20.42
C ALA B 46 8.21 -30.31 21.22
N LEU B 47 8.20 -29.73 22.41
CA LEU B 47 9.40 -29.62 23.24
C LEU B 47 9.29 -30.69 24.33
N LYS B 48 10.31 -31.53 24.45
CA LYS B 48 10.41 -32.53 25.50
C LYS B 48 11.34 -31.97 26.59
N LYS B 49 10.80 -31.77 27.79
CA LYS B 49 11.53 -31.11 28.88
C LYS B 49 12.53 -32.09 29.49
N VAL B 50 13.81 -31.72 29.46
CA VAL B 50 14.85 -32.53 30.11
C VAL B 50 15.43 -31.73 31.27
N ARG B 51 15.32 -32.29 32.48
CA ARG B 51 15.77 -31.62 33.68
C ARG B 51 16.98 -32.32 34.26
N LEU B 52 18.10 -31.61 34.34
CA LEU B 52 19.24 -32.06 35.10
C LEU B 52 19.21 -31.51 36.52
N ASP B 53 18.12 -30.83 36.89
CA ASP B 53 18.09 -30.20 38.20
C ASP B 53 18.10 -31.27 39.30
N ASN B 54 17.56 -32.46 39.03
CA ASN B 54 17.62 -33.52 40.04
C ASN B 54 19.08 -33.82 40.39
N GLU B 55 19.95 -33.91 39.39
CA GLU B 55 21.38 -34.07 39.61
C GLU B 55 21.71 -35.34 40.39
N LYS B 56 20.80 -36.30 40.41
CA LYS B 56 21.10 -37.58 41.03
C LYS B 56 22.29 -38.25 40.36
N GLU B 57 22.30 -38.29 39.03
CA GLU B 57 23.43 -38.78 38.24
C GLU B 57 23.58 -37.99 36.93
N GLY B 58 23.20 -36.70 36.93
CA GLY B 58 23.40 -35.82 35.79
C GLY B 58 22.31 -35.93 34.73
N PHE B 59 22.71 -35.66 33.49
CA PHE B 59 21.75 -35.65 32.38
C PHE B 59 21.17 -37.04 32.19
N PRO B 60 19.85 -37.16 32.01
CA PRO B 60 19.25 -38.51 31.90
C PRO B 60 19.78 -39.25 30.68
N ILE B 61 19.98 -40.56 30.85
CA ILE B 61 20.49 -41.36 29.76
C ILE B 61 19.42 -41.61 28.71
N THR B 62 18.15 -41.72 29.14
CA THR B 62 17.06 -41.83 28.19
C THR B 62 17.10 -40.70 27.16
N ALA B 63 17.36 -39.48 27.63
CA ALA B 63 17.50 -38.35 26.71
C ALA B 63 18.81 -38.45 25.94
N ILE B 64 19.89 -38.88 26.60
CA ILE B 64 21.18 -39.04 25.93
C ILE B 64 21.08 -40.00 24.76
N ARG B 65 20.35 -41.10 24.93
CA ARG B 65 20.15 -42.03 23.83
C ARG B 65 19.40 -41.37 22.68
N GLU B 66 18.35 -40.62 23.00
CA GLU B 66 17.51 -40.01 21.99
C GLU B 66 18.22 -38.89 21.25
N ILE B 67 19.16 -38.23 21.89
CA ILE B 67 19.97 -37.22 21.21
C ILE B 67 21.05 -37.90 20.37
N LYS B 68 21.76 -38.85 20.98
CA LYS B 68 22.81 -39.57 20.28
C LYS B 68 22.29 -40.26 19.02
N ILE B 69 21.11 -40.88 19.09
CA ILE B 69 20.64 -41.71 17.99
C ILE B 69 19.91 -40.88 16.94
N LEU B 70 19.05 -39.95 17.35
CA LEU B 70 18.20 -39.24 16.39
C LEU B 70 18.93 -38.14 15.62
N ARG B 71 20.14 -37.76 16.04
CA ARG B 71 20.98 -36.94 15.17
C ARG B 71 21.69 -37.78 14.11
N GLN B 72 21.70 -39.10 14.28
CA GLN B 72 22.30 -40.01 13.31
C GLN B 72 21.27 -40.53 12.31
N LEU B 73 20.00 -40.63 12.72
CA LEU B 73 18.98 -41.30 11.94
C LEU B 73 18.16 -40.27 11.18
N ILE B 74 18.18 -40.38 9.85
CA ILE B 74 17.48 -39.49 8.95
C ILE B 74 16.62 -40.37 8.05
N HIS B 75 15.31 -40.42 8.32
CA HIS B 75 14.36 -41.18 7.50
C HIS B 75 12.99 -40.54 7.70
N ARG B 76 12.17 -40.59 6.66
CA ARG B 76 10.84 -39.99 6.74
C ARG B 76 9.99 -40.64 7.83
N SER B 77 10.24 -41.91 8.12
CA SER B 77 9.48 -42.64 9.12
C SER B 77 10.17 -42.60 10.48
N VAL B 78 11.05 -41.61 10.69
CA VAL B 78 11.71 -41.39 11.97
C VAL B 78 11.56 -39.92 12.33
N VAL B 79 11.09 -39.64 13.55
CA VAL B 79 10.85 -38.26 13.97
C VAL B 79 12.17 -37.53 14.14
N ASN B 80 12.21 -36.29 13.64
CA ASN B 80 13.43 -35.50 13.60
C ASN B 80 13.51 -34.55 14.79
N MET B 81 14.62 -34.62 15.52
CA MET B 81 14.93 -33.63 16.55
C MET B 81 15.47 -32.39 15.84
N LYS B 82 14.80 -31.26 16.00
CA LYS B 82 15.21 -30.10 15.21
C LYS B 82 16.38 -29.38 15.88
N GLU B 83 16.35 -29.24 17.20
CA GLU B 83 17.46 -28.65 17.94
C GLU B 83 17.20 -28.86 19.43
N ILE B 84 18.11 -28.33 20.25
CA ILE B 84 18.00 -28.36 21.70
C ILE B 84 18.16 -26.92 22.19
N VAL B 85 17.22 -26.48 23.02
CA VAL B 85 17.21 -25.12 23.55
C VAL B 85 17.30 -25.19 25.07
N THR B 86 17.60 -24.04 25.69
CA THR B 86 17.80 -23.97 27.12
C THR B 86 16.90 -22.92 27.74
N ASP B 87 16.54 -23.16 29.00
CA ASP B 87 15.86 -22.14 29.79
C ASP B 87 16.76 -20.93 29.96
N LYS B 88 16.14 -19.73 30.04
CA LYS B 88 16.94 -18.54 30.31
C LYS B 88 17.80 -18.98 31.51
N GLN B 89 19.11 -19.09 31.33
CA GLN B 89 19.99 -19.60 32.36
C GLN B 89 20.68 -18.49 33.14
N ASP B 90 21.12 -18.84 34.36
CA ASP B 90 21.87 -17.91 35.19
C ASP B 90 23.21 -17.66 34.50
N ALA B 91 23.69 -16.43 34.60
CA ALA B 91 24.92 -15.99 33.93
C ALA B 91 26.02 -15.60 34.91
N LEU B 92 27.25 -15.90 34.50
CA LEU B 92 28.45 -15.69 35.31
C LEU B 92 28.52 -16.64 36.49
N ASP B 93 27.45 -17.39 36.73
CA ASP B 93 27.36 -18.38 37.80
C ASP B 93 27.17 -19.77 37.19
N PHE B 94 28.18 -20.31 36.51
CA PHE B 94 27.97 -21.59 35.85
C PHE B 94 27.62 -22.69 36.86
N LYS B 95 28.18 -22.62 38.07
CA LYS B 95 27.85 -23.60 39.10
C LYS B 95 26.41 -23.46 39.58
N LYS B 96 25.90 -22.22 39.70
CA LYS B 96 24.55 -22.04 40.20
C LYS B 96 23.48 -22.39 39.17
N ASP B 97 23.85 -22.65 37.93
CA ASP B 97 22.87 -22.91 36.87
C ASP B 97 22.17 -24.24 37.13
N LYS B 98 20.85 -24.20 37.31
CA LYS B 98 20.02 -25.39 37.44
C LYS B 98 18.86 -25.38 36.46
N GLY B 99 19.00 -24.68 35.34
CA GLY B 99 17.94 -24.59 34.35
C GLY B 99 17.79 -25.88 33.56
N ALA B 100 16.78 -25.90 32.69
CA ALA B 100 16.43 -27.12 31.99
C ALA B 100 16.77 -27.00 30.50
N PHE B 101 16.80 -28.15 29.84
CA PHE B 101 17.06 -28.26 28.41
C PHE B 101 15.83 -28.85 27.74
N TYR B 102 15.50 -28.36 26.55
CA TYR B 102 14.33 -28.84 25.81
C TYR B 102 14.74 -29.41 24.45
N LEU B 103 14.21 -30.61 24.15
CA LEU B 103 14.48 -31.29 22.88
C LEU B 103 13.35 -30.97 21.90
N VAL B 104 13.67 -30.21 20.85
CA VAL B 104 12.67 -29.79 19.88
C VAL B 104 12.39 -30.92 18.90
N PHE B 105 11.11 -31.25 18.71
CA PHE B 105 10.69 -32.24 17.75
C PHE B 105 9.62 -31.63 16.86
N GLU B 106 9.44 -32.21 15.67
CA GLU B 106 8.28 -31.88 14.86
C GLU B 106 7.02 -32.30 15.60
N TYR B 107 5.95 -31.52 15.48
CA TYR B 107 4.71 -31.81 16.17
C TYR B 107 3.86 -32.71 15.29
N MET B 108 3.36 -33.81 15.87
CA MET B 108 2.49 -34.76 15.19
C MET B 108 1.09 -34.60 15.77
N ASP B 109 0.09 -34.55 14.90
CA ASP B 109 -1.26 -34.23 15.38
C ASP B 109 -1.81 -35.29 16.32
N HIS B 110 -1.64 -36.57 15.98
CA HIS B 110 -2.28 -37.66 16.74
C HIS B 110 -1.29 -38.78 17.03
N ASP B 111 -1.70 -39.67 17.93
CA ASP B 111 -0.98 -40.91 18.22
C ASP B 111 -1.88 -42.10 17.86
N LEU B 112 -1.23 -43.21 17.48
CA LEU B 112 -1.99 -44.37 16.98
C LEU B 112 -2.99 -44.87 18.01
N MET B 113 -2.59 -44.93 19.28
CA MET B 113 -3.49 -45.43 20.31
C MET B 113 -4.71 -44.52 20.44
N GLY B 114 -4.48 -43.20 20.44
CA GLY B 114 -5.59 -42.26 20.55
C GLY B 114 -6.55 -42.37 19.38
N LEU B 115 -6.02 -42.54 18.16
CA LEU B 115 -6.91 -42.66 17.01
C LEU B 115 -7.75 -43.94 17.08
N LEU B 116 -7.13 -45.05 17.46
CA LEU B 116 -7.88 -46.30 17.58
C LEU B 116 -8.87 -46.20 18.75
N GLU B 117 -8.47 -45.52 19.82
CA GLU B 117 -9.38 -45.40 20.97
C GLU B 117 -10.63 -44.61 20.61
N SER B 118 -10.53 -43.65 19.69
CA SER B 118 -11.72 -43.03 19.14
C SER B 118 -12.44 -44.09 18.31
N GLY B 119 -13.75 -44.20 18.51
CA GLY B 119 -14.49 -45.35 17.99
C GLY B 119 -14.31 -45.65 16.52
N LEU B 120 -14.44 -44.62 15.68
CA LEU B 120 -14.43 -44.86 14.25
C LEU B 120 -13.36 -44.18 13.43
N VAL B 121 -12.11 -44.50 13.74
CA VAL B 121 -11.01 -44.30 12.81
C VAL B 121 -10.94 -45.64 12.08
N HIS B 122 -11.57 -45.72 10.91
CA HIS B 122 -11.63 -46.95 10.14
C HIS B 122 -10.46 -47.04 9.17
N PHE B 123 -9.72 -48.14 9.27
CA PHE B 123 -8.54 -48.38 8.44
C PHE B 123 -8.87 -49.48 7.44
N SER B 124 -8.87 -49.13 6.15
CA SER B 124 -9.06 -50.08 5.07
C SER B 124 -7.76 -50.82 4.76
N GLU B 125 -7.86 -51.86 3.93
CA GLU B 125 -6.65 -52.63 3.60
C GLU B 125 -5.56 -51.70 3.08
N ASP B 126 -5.91 -50.84 2.12
CA ASP B 126 -4.90 -49.93 1.55
C ASP B 126 -4.41 -48.93 2.57
N HIS B 127 -5.24 -48.55 3.54
CA HIS B 127 -4.75 -47.68 4.61
C HIS B 127 -3.67 -48.38 5.44
N ILE B 128 -3.90 -49.66 5.77
CA ILE B 128 -2.94 -50.41 6.57
C ILE B 128 -1.65 -50.64 5.77
N LYS B 129 -1.77 -50.87 4.47
CA LYS B 129 -0.59 -51.04 3.63
C LYS B 129 0.31 -49.81 3.72
N SER B 130 -0.27 -48.62 3.57
CA SER B 130 0.52 -47.41 3.70
C SER B 130 1.07 -47.24 5.11
N PHE B 131 0.29 -47.63 6.12
CA PHE B 131 0.74 -47.51 7.50
C PHE B 131 1.90 -48.45 7.79
N MET B 132 1.75 -49.73 7.48
CA MET B 132 2.78 -50.69 7.86
C MET B 132 4.04 -50.53 7.01
N LYS B 133 3.89 -50.19 5.74
CA LYS B 133 5.08 -50.02 4.90
C LYS B 133 6.00 -48.96 5.47
N GLN B 134 5.45 -47.81 5.86
CA GLN B 134 6.28 -46.75 6.42
C GLN B 134 6.96 -47.20 7.70
N LEU B 135 6.18 -47.79 8.61
CA LEU B 135 6.74 -48.24 9.89
C LEU B 135 7.89 -49.21 9.67
N MET B 136 7.70 -50.20 8.80
CA MET B 136 8.73 -51.20 8.58
C MET B 136 9.91 -50.64 7.81
N GLU B 137 9.67 -49.67 6.90
CA GLU B 137 10.80 -49.03 6.25
C GLU B 137 11.67 -48.30 7.28
N GLY B 138 11.03 -47.59 8.21
CA GLY B 138 11.77 -46.93 9.27
C GLY B 138 12.51 -47.93 10.14
N LEU B 139 11.84 -49.02 10.49
CA LEU B 139 12.51 -50.06 11.28
C LEU B 139 13.66 -50.65 10.49
N GLU B 140 13.45 -50.90 9.20
CA GLU B 140 14.53 -51.35 8.33
C GLU B 140 15.68 -50.36 8.33
N TYR B 141 15.37 -49.06 8.26
CA TYR B 141 16.44 -48.07 8.31
C TYR B 141 17.20 -48.17 9.62
N CYS B 142 16.47 -48.15 10.74
CA CYS B 142 17.11 -48.26 12.04
C CYS B 142 17.89 -49.58 12.15
N HIS B 143 17.31 -50.67 11.65
CA HIS B 143 17.96 -51.97 11.78
C HIS B 143 19.20 -52.09 10.89
N LYS B 144 19.22 -51.42 9.72
CA LYS B 144 20.41 -51.44 8.90
C LYS B 144 21.54 -50.64 9.53
N LYS B 145 21.19 -49.70 10.40
CA LYS B 145 22.13 -48.93 11.20
C LYS B 145 22.43 -49.59 12.54
N ASN B 146 21.92 -50.80 12.78
CA ASN B 146 22.21 -51.61 13.97
C ASN B 146 21.75 -50.93 15.25
N PHE B 147 20.60 -50.24 15.20
CA PHE B 147 19.97 -49.64 16.37
C PHE B 147 18.64 -50.32 16.66
N LEU B 148 18.39 -50.64 17.93
CA LEU B 148 17.18 -51.37 18.30
C LEU B 148 16.25 -50.47 19.12
N HIS B 149 15.15 -50.06 18.50
CA HIS B 149 14.06 -49.32 19.18
C HIS B 149 13.25 -50.37 19.95
N ARG B 150 13.50 -50.49 21.26
CA ARG B 150 12.97 -51.65 21.96
C ARG B 150 11.51 -51.47 22.35
N ASP B 151 11.11 -50.26 22.72
CA ASP B 151 9.73 -50.04 23.15
C ASP B 151 8.86 -49.59 21.98
N ILE B 152 8.34 -50.56 21.22
CA ILE B 152 7.40 -50.31 20.14
C ILE B 152 5.98 -50.55 20.65
N LYS B 153 5.18 -49.50 20.76
CA LYS B 153 3.79 -49.59 21.19
C LYS B 153 2.93 -48.64 20.35
N CYS B 154 1.61 -48.72 20.56
CA CYS B 154 0.70 -47.82 19.83
C CYS B 154 0.88 -46.37 20.23
N SER B 155 1.33 -46.09 21.45
CA SER B 155 1.57 -44.71 21.83
C SER B 155 2.77 -44.14 21.08
N ASN B 156 3.76 -44.97 20.78
CA ASN B 156 4.96 -44.50 20.10
C ASN B 156 4.80 -44.29 18.60
N ILE B 157 3.83 -44.90 17.94
CA ILE B 157 3.61 -44.65 16.53
C ILE B 157 2.77 -43.38 16.41
N LEU B 158 3.28 -42.38 15.71
CA LEU B 158 2.63 -41.09 15.59
C LEU B 158 2.21 -40.85 14.14
N LEU B 159 1.09 -40.17 13.98
CA LEU B 159 0.46 -40.02 12.68
C LEU B 159 0.23 -38.54 12.42
N ASN B 160 0.44 -38.14 11.16
CA ASN B 160 0.07 -36.81 10.71
C ASN B 160 -1.12 -36.98 9.77
N ASN B 161 -1.97 -35.95 9.69
CA ASN B 161 -3.17 -36.09 8.86
C ASN B 161 -2.78 -36.35 7.42
N SER B 162 -1.57 -35.97 7.03
CA SER B 162 -1.04 -36.29 5.72
C SER B 162 -0.95 -37.79 5.50
N GLY B 163 -1.00 -38.58 6.56
CA GLY B 163 -0.80 -40.01 6.46
C GLY B 163 0.62 -40.44 6.71
N GLN B 164 1.49 -39.50 7.04
CA GLN B 164 2.87 -39.83 7.37
C GLN B 164 2.94 -40.46 8.75
N ILE B 165 3.66 -41.57 8.83
CA ILE B 165 3.83 -42.34 10.05
C ILE B 165 5.29 -42.16 10.46
N LYS B 166 5.52 -41.95 11.75
CA LYS B 166 6.87 -41.72 12.25
C LYS B 166 7.05 -42.44 13.58
N LEU B 167 8.17 -43.12 13.74
CA LEU B 167 8.55 -43.72 15.02
C LEU B 167 9.09 -42.60 15.90
N ALA B 168 8.93 -42.72 17.23
CA ALA B 168 9.13 -41.53 18.04
C ALA B 168 10.01 -41.64 19.27
N ASP B 169 9.66 -42.46 20.26
CA ASP B 169 10.41 -42.47 21.53
C ASP B 169 11.54 -43.49 21.46
N PHE B 170 12.76 -43.00 21.23
CA PHE B 170 13.97 -43.81 21.22
C PHE B 170 14.71 -43.84 22.55
N GLY B 171 14.01 -43.51 23.65
CA GLY B 171 14.64 -43.47 24.95
C GLY B 171 15.17 -44.80 25.43
N LEU B 172 14.65 -45.91 24.89
CA LEU B 172 15.15 -47.23 25.23
C LEU B 172 15.88 -47.92 24.08
N ALA B 173 16.66 -47.19 23.30
CA ALA B 173 17.32 -47.79 22.14
C ALA B 173 18.81 -47.92 22.40
N ARG B 174 19.38 -49.06 22.01
CA ARG B 174 20.79 -49.37 22.20
C ARG B 174 21.31 -50.06 20.95
N LEU B 175 22.61 -49.90 20.69
CA LEU B 175 23.23 -50.57 19.55
C LEU B 175 23.38 -52.07 19.81
N TYR B 176 23.18 -52.85 18.76
CA TYR B 176 23.28 -54.31 18.80
C TYR B 176 24.40 -54.77 17.88
N ASN B 177 25.31 -55.57 18.43
CA ASN B 177 26.38 -56.19 17.65
C ASN B 177 26.08 -57.68 17.53
N SER B 178 26.10 -58.20 16.31
CA SER B 178 25.83 -59.61 16.10
C SER B 178 27.03 -60.47 16.46
N GLU B 179 28.25 -59.97 16.23
CA GLU B 179 29.43 -60.72 16.61
C GLU B 179 29.67 -60.73 18.12
N GLU B 180 29.40 -59.61 18.82
CA GLU B 180 29.70 -59.51 20.26
C GLU B 180 28.45 -59.28 21.10
N SER B 181 27.94 -60.37 21.70
CA SER B 181 26.84 -60.29 22.65
C SER B 181 27.25 -59.65 23.99
N ARG B 182 26.36 -58.80 24.52
CA ARG B 182 26.51 -58.09 25.77
C ARG B 182 25.25 -58.23 26.64
N PRO B 183 25.38 -58.33 27.97
CA PRO B 183 24.16 -58.42 28.79
C PRO B 183 23.31 -57.16 28.63
N TYR B 184 22.00 -57.36 28.52
CA TYR B 184 21.08 -56.24 28.29
C TYR B 184 19.95 -56.23 29.33
N ASN B 186 16.53 -56.62 31.18
CA ASN B 186 15.62 -57.75 30.98
C ASN B 186 14.23 -57.30 30.49
N LYS B 187 13.74 -56.17 30.99
CA LYS B 187 12.39 -55.66 30.68
C LYS B 187 12.56 -54.51 29.68
N VAL B 188 12.42 -54.81 28.39
CA VAL B 188 12.65 -53.79 27.37
C VAL B 188 11.40 -53.32 26.61
N ILE B 189 10.30 -54.08 26.62
CA ILE B 189 9.09 -53.68 25.90
C ILE B 189 7.85 -53.73 26.79
N THR B 190 6.83 -52.95 26.42
CA THR B 190 5.58 -52.94 27.18
C THR B 190 4.90 -54.31 27.05
N LEU B 191 4.32 -54.78 28.16
CA LEU B 191 3.88 -56.17 28.21
C LEU B 191 2.96 -56.52 27.04
N TRP B 192 2.02 -55.64 26.70
CA TRP B 192 1.06 -55.96 25.66
C TRP B 192 1.73 -56.26 24.33
N TYR B 193 2.83 -55.58 24.02
CA TYR B 193 3.53 -55.74 22.75
C TYR B 193 4.87 -56.44 22.92
N ARG B 194 5.10 -57.09 24.07
CA ARG B 194 6.39 -57.72 24.35
C ARG B 194 6.57 -59.02 23.58
N PRO B 195 7.80 -59.32 23.18
CA PRO B 195 8.08 -60.59 22.48
C PRO B 195 8.19 -61.75 23.44
N PRO B 196 8.00 -62.98 22.94
CA PRO B 196 8.03 -64.14 23.84
C PRO B 196 9.39 -64.41 24.45
N GLU B 197 10.48 -64.23 23.70
CA GLU B 197 11.80 -64.50 24.24
C GLU B 197 12.09 -63.60 25.44
N LEU B 198 11.63 -62.35 25.40
CA LEU B 198 11.82 -61.48 26.56
C LEU B 198 10.90 -61.81 27.72
N LEU B 199 9.76 -62.44 27.46
CA LEU B 199 8.91 -62.91 28.54
C LEU B 199 9.49 -64.16 29.18
N LEU B 200 10.32 -64.88 28.44
CA LEU B 200 11.10 -65.98 28.98
C LEU B 200 12.49 -65.53 29.41
N GLY B 201 12.73 -64.22 29.46
CA GLY B 201 13.97 -63.73 30.03
C GLY B 201 15.18 -63.78 29.11
N GLU B 202 15.06 -63.38 27.85
CA GLU B 202 16.22 -63.37 26.97
C GLU B 202 17.14 -62.20 27.34
N GLU B 203 18.41 -62.51 27.63
CA GLU B 203 19.34 -61.47 28.04
C GLU B 203 20.00 -60.77 26.86
N ARG B 204 20.06 -61.45 25.71
CA ARG B 204 20.65 -60.91 24.47
C ARG B 204 19.53 -60.74 23.46
N TYR B 205 18.92 -59.55 23.48
CA TYR B 205 17.79 -59.30 22.59
C TYR B 205 18.28 -59.17 21.15
N THR B 206 17.44 -59.57 20.22
CA THR B 206 17.66 -59.48 18.80
C THR B 206 16.86 -58.35 18.18
N PRO B 207 17.20 -57.94 16.95
CA PRO B 207 16.32 -56.98 16.26
C PRO B 207 14.92 -57.52 16.05
N ALA B 208 14.74 -58.84 16.10
CA ALA B 208 13.44 -59.44 15.88
C ALA B 208 12.44 -59.12 16.98
N ILE B 209 12.91 -58.63 18.13
CA ILE B 209 11.97 -58.30 19.19
C ILE B 209 11.07 -57.16 18.74
N ASP B 210 11.64 -56.23 17.98
CA ASP B 210 10.87 -55.11 17.45
C ASP B 210 9.86 -55.60 16.40
N VAL B 211 10.25 -56.60 15.61
CA VAL B 211 9.33 -57.11 14.58
C VAL B 211 8.10 -57.73 15.21
N TRP B 212 8.27 -58.41 16.34
CA TRP B 212 7.13 -59.00 17.02
C TRP B 212 6.13 -57.94 17.41
N SER B 213 6.61 -56.84 17.98
CA SER B 213 5.75 -55.73 18.35
C SER B 213 4.98 -55.20 17.14
N CYS B 214 5.69 -54.95 16.04
CA CYS B 214 5.04 -54.41 14.86
C CYS B 214 3.98 -55.37 14.34
N GLY B 215 4.18 -56.67 14.55
CA GLY B 215 3.15 -57.63 14.18
C GLY B 215 1.92 -57.54 15.07
N CYS B 216 2.12 -57.37 16.38
CA CYS B 216 1.00 -57.14 17.28
C CYS B 216 0.17 -55.96 16.78
N ILE B 217 0.85 -54.93 16.29
CA ILE B 217 0.17 -53.77 15.73
C ILE B 217 -0.57 -54.15 14.45
N LEU B 218 0.09 -54.93 13.59
CA LEU B 218 -0.54 -55.34 12.33
C LEU B 218 -1.89 -55.99 12.61
N GLY B 219 -1.92 -56.93 13.55
CA GLY B 219 -3.20 -57.54 13.90
C GLY B 219 -4.14 -56.55 14.54
N GLU B 220 -3.61 -55.66 15.38
CA GLU B 220 -4.44 -54.66 16.06
C GLU B 220 -5.14 -53.72 15.09
N LEU B 221 -4.51 -53.41 13.96
CA LEU B 221 -5.14 -52.52 12.99
C LEU B 221 -6.31 -53.18 12.28
N PHE B 222 -6.39 -54.50 12.29
CA PHE B 222 -7.49 -55.22 11.66
C PHE B 222 -8.61 -55.55 12.63
N THR B 223 -8.35 -55.46 13.93
CA THR B 223 -9.33 -55.71 14.97
C THR B 223 -9.69 -54.47 15.76
N LYS B 224 -8.86 -53.42 15.72
CA LYS B 224 -9.03 -52.21 16.51
C LYS B 224 -8.84 -52.51 17.99
N LYS B 225 -8.33 -53.70 18.33
CA LYS B 225 -8.09 -54.12 19.70
C LYS B 225 -6.74 -54.83 19.81
N PRO B 226 -5.95 -54.52 20.85
CA PRO B 226 -4.66 -55.23 21.02
C PRO B 226 -4.86 -56.73 21.12
N ILE B 227 -3.89 -57.48 20.57
CA ILE B 227 -4.02 -58.93 20.48
C ILE B 227 -3.74 -59.60 21.82
N PHE B 228 -2.69 -59.20 22.51
CA PHE B 228 -2.27 -59.87 23.74
C PHE B 228 -2.36 -58.82 24.83
N GLN B 229 -3.47 -58.86 25.57
CA GLN B 229 -3.70 -57.95 26.68
C GLN B 229 -3.66 -58.80 27.94
N ALA B 230 -2.71 -58.49 28.81
CA ALA B 230 -2.52 -59.23 30.04
C ALA B 230 -1.90 -58.26 31.04
N ASN B 231 -2.00 -58.61 32.31
CA ASN B 231 -1.44 -57.80 33.36
C ASN B 231 -0.14 -58.36 33.91
N LEU B 232 0.12 -59.63 33.68
CA LEU B 232 1.26 -60.32 34.27
C LEU B 232 1.99 -61.11 33.19
N GLU B 233 3.30 -61.27 33.37
CA GLU B 233 4.14 -61.90 32.37
C GLU B 233 3.70 -63.31 32.04
N LEU B 234 3.27 -64.08 33.05
CA LEU B 234 2.81 -65.44 32.76
C LEU B 234 1.53 -65.43 31.95
N ALA B 235 0.57 -64.57 32.33
CA ALA B 235 -0.70 -64.51 31.61
C ALA B 235 -0.48 -64.13 30.14
N GLN B 236 0.48 -63.25 29.89
CA GLN B 236 0.80 -62.85 28.53
C GLN B 236 1.35 -64.03 27.73
N LEU B 237 2.23 -64.82 28.34
CA LEU B 237 2.75 -66.01 27.67
C LEU B 237 1.61 -66.99 27.36
N GLU B 238 0.61 -67.07 28.23
CA GLU B 238 -0.54 -67.94 27.97
C GLU B 238 -1.35 -67.44 26.79
N LEU B 239 -1.59 -66.12 26.71
CA LEU B 239 -2.38 -65.59 25.60
C LEU B 239 -1.65 -65.79 24.28
N ILE B 240 -0.36 -65.47 24.25
CA ILE B 240 0.45 -65.72 23.06
C ILE B 240 0.39 -67.19 22.70
N SER B 241 0.50 -68.07 23.70
CA SER B 241 0.49 -69.50 23.44
C SER B 241 -0.85 -69.96 22.91
N ARG B 242 -1.96 -69.39 23.41
CA ARG B 242 -3.26 -69.81 22.90
C ARG B 242 -3.37 -69.57 21.40
N LEU B 243 -2.69 -68.54 20.89
CA LEU B 243 -2.78 -68.16 19.49
C LEU B 243 -1.64 -68.73 18.66
N CYS B 244 -0.40 -68.51 19.10
CA CYS B 244 0.78 -68.88 18.34
C CYS B 244 1.27 -70.29 18.63
N GLY B 245 0.78 -70.92 19.69
CA GLY B 245 1.32 -72.20 20.11
C GLY B 245 2.26 -72.06 21.29
N SER B 246 2.34 -73.10 22.08
CA SER B 246 3.17 -73.03 23.28
C SER B 246 4.64 -73.19 22.89
N PRO B 247 5.54 -72.43 23.50
CA PRO B 247 6.96 -72.61 23.18
C PRO B 247 7.35 -74.06 23.42
N CYS B 248 7.89 -74.70 22.38
CA CYS B 248 8.27 -76.09 22.49
C CYS B 248 9.54 -76.25 21.66
N PRO B 249 10.41 -77.17 22.03
CA PRO B 249 11.67 -77.32 21.29
C PRO B 249 11.49 -77.63 19.81
N ALA B 250 10.36 -78.24 19.44
CA ALA B 250 10.14 -78.61 18.05
C ALA B 250 10.01 -77.41 17.14
N VAL B 251 9.51 -76.27 17.65
CA VAL B 251 9.37 -75.07 16.84
C VAL B 251 10.42 -74.02 17.19
N TRP B 252 11.07 -74.14 18.33
CA TRP B 252 12.02 -73.14 18.84
C TRP B 252 13.12 -73.95 19.51
N PRO B 253 14.06 -74.48 18.73
CA PRO B 253 14.98 -75.47 19.31
C PRO B 253 15.74 -74.98 20.52
N ASP B 254 16.02 -73.68 20.62
CA ASP B 254 16.85 -73.14 21.69
C ASP B 254 16.01 -72.53 22.82
N VAL B 255 14.70 -72.84 22.87
CA VAL B 255 13.88 -72.34 23.97
C VAL B 255 14.39 -72.87 25.30
N ILE B 256 15.00 -74.05 25.28
CA ILE B 256 15.51 -74.66 26.50
C ILE B 256 16.65 -73.85 27.09
N ARG B 257 17.36 -73.06 26.27
CA ARG B 257 18.44 -72.28 26.84
C ARG B 257 17.98 -71.01 27.51
N LEU B 258 16.70 -70.70 27.45
CA LEU B 258 16.27 -69.43 28.00
C LEU B 258 16.00 -69.67 29.49
N PRO B 259 16.37 -68.71 30.35
CA PRO B 259 16.37 -69.03 31.80
C PRO B 259 15.03 -69.49 32.38
N TYR B 260 13.92 -68.92 31.92
CA TYR B 260 12.63 -69.15 32.57
C TYR B 260 11.78 -70.18 31.84
N PHE B 261 12.34 -70.91 30.87
CA PHE B 261 11.53 -71.84 30.10
C PHE B 261 10.94 -72.95 30.96
N ASN B 262 11.77 -73.57 31.80
CA ASN B 262 11.26 -74.63 32.67
C ASN B 262 10.28 -74.09 33.70
N THR B 263 10.60 -72.92 34.26
CA THR B 263 9.76 -72.34 35.31
C THR B 263 8.40 -71.92 34.75
N MET B 264 8.39 -71.23 33.60
CA MET B 264 7.17 -70.64 33.03
C MET B 264 6.56 -71.54 31.94
N LYS B 265 5.50 -72.28 32.30
CA LYS B 265 4.76 -73.12 31.38
C LYS B 265 3.33 -72.67 31.12
N PRO B 266 2.87 -72.68 29.86
CA PRO B 266 1.44 -72.45 29.60
C PRO B 266 0.56 -73.60 30.10
N LYS B 267 -0.74 -73.31 30.26
CA LYS B 267 -1.68 -74.32 30.74
C LYS B 267 -1.58 -75.61 29.92
N LYS B 268 -1.46 -75.48 28.61
CA LYS B 268 -1.33 -76.61 27.72
C LYS B 268 -0.20 -76.36 26.73
N GLN B 269 0.19 -77.41 26.03
CA GLN B 269 1.07 -77.28 24.85
C GLN B 269 0.11 -77.04 23.70
N TYR B 270 -0.26 -75.77 23.51
CA TYR B 270 -1.26 -75.39 22.54
C TYR B 270 -0.74 -75.53 21.11
N ARG B 271 -1.66 -75.76 20.19
CA ARG B 271 -1.36 -75.77 18.77
C ARG B 271 -1.61 -74.37 18.21
N ARG B 272 -0.82 -74.01 17.21
CA ARG B 272 -0.96 -72.69 16.60
C ARG B 272 -2.30 -72.59 15.88
N ARG B 273 -3.06 -71.53 16.19
CA ARG B 273 -4.34 -71.25 15.58
C ARG B 273 -4.36 -69.89 14.89
N LEU B 274 -3.21 -69.24 14.75
CA LEU B 274 -3.17 -67.86 14.29
C LEU B 274 -3.98 -67.68 13.02
N ARG B 275 -3.83 -68.60 12.06
CA ARG B 275 -4.59 -68.47 10.81
C ARG B 275 -6.08 -68.68 11.01
N GLU B 276 -6.46 -69.50 11.99
CA GLU B 276 -7.89 -69.73 12.22
C GLU B 276 -8.55 -68.52 12.87
N GLU B 277 -7.97 -68.02 13.97
CA GLU B 277 -8.58 -66.88 14.66
C GLU B 277 -8.49 -65.61 13.83
N PHE B 278 -7.54 -65.52 12.89
CA PHE B 278 -7.44 -64.36 12.00
C PHE B 278 -7.87 -64.68 10.56
N SER B 279 -8.87 -65.54 10.37
CA SER B 279 -9.30 -65.89 9.02
C SER B 279 -9.90 -64.71 8.27
N PHE B 280 -10.43 -63.69 8.97
CA PHE B 280 -11.02 -62.55 8.29
C PHE B 280 -9.99 -61.63 7.65
N ILE B 281 -8.71 -61.84 7.90
CA ILE B 281 -7.65 -60.97 7.40
C ILE B 281 -7.32 -61.35 5.96
N PRO B 282 -7.03 -60.38 5.08
CA PRO B 282 -6.64 -60.74 3.70
C PRO B 282 -5.45 -61.70 3.68
N SER B 283 -5.45 -62.57 2.68
CA SER B 283 -4.43 -63.62 2.63
C SER B 283 -3.03 -63.02 2.60
N ALA B 284 -2.82 -61.97 1.81
CA ALA B 284 -1.50 -61.35 1.74
C ALA B 284 -1.04 -60.87 3.11
N ALA B 285 -1.97 -60.34 3.90
CA ALA B 285 -1.63 -59.84 5.23
C ALA B 285 -1.44 -60.99 6.21
N LEU B 286 -2.27 -62.03 6.13
CA LEU B 286 -2.18 -63.12 7.10
C LEU B 286 -0.79 -63.75 7.09
N ASP B 287 -0.21 -63.96 5.92
CA ASP B 287 1.15 -64.45 5.85
C ASP B 287 2.12 -63.51 6.56
N LEU B 288 1.93 -62.20 6.38
CA LEU B 288 2.76 -61.24 7.08
C LEU B 288 2.62 -61.40 8.60
N LEU B 289 1.38 -61.48 9.08
CA LEU B 289 1.16 -61.66 10.51
C LEU B 289 1.77 -62.97 11.01
N ASP B 290 1.56 -64.06 10.26
CA ASP B 290 2.11 -65.35 10.65
C ASP B 290 3.62 -65.30 10.75
N HIS B 291 4.28 -64.60 9.83
CA HIS B 291 5.73 -64.54 9.83
C HIS B 291 6.25 -63.67 10.95
N MET B 292 5.60 -62.52 11.19
CA MET B 292 6.04 -61.61 12.23
C MET B 292 5.80 -62.20 13.63
N LEU B 293 4.71 -62.94 13.80
CA LEU B 293 4.38 -63.54 15.10
C LEU B 293 4.91 -64.95 15.22
N THR B 294 6.13 -65.17 14.73
CA THR B 294 6.81 -66.46 14.86
C THR B 294 7.53 -66.53 16.20
N LEU B 295 7.36 -67.65 16.90
CA LEU B 295 7.88 -67.73 18.27
C LEU B 295 9.40 -67.61 18.29
N ASP B 296 10.08 -68.37 17.45
CA ASP B 296 11.54 -68.38 17.46
C ASP B 296 12.08 -67.12 16.80
N PRO B 297 12.78 -66.25 17.55
CA PRO B 297 13.25 -64.99 16.93
C PRO B 297 14.16 -65.22 15.73
N SER B 298 14.85 -66.36 15.67
CA SER B 298 15.68 -66.70 14.54
C SER B 298 14.88 -67.16 13.32
N LYS B 299 13.61 -67.53 13.51
CA LYS B 299 12.72 -67.90 12.41
C LYS B 299 11.73 -66.80 12.08
N ARG B 300 11.66 -65.76 12.92
CA ARG B 300 10.82 -64.60 12.69
C ARG B 300 11.43 -63.72 11.61
N CYS B 301 10.61 -63.33 10.64
CA CYS B 301 11.07 -62.50 9.53
C CYS B 301 11.68 -61.20 10.01
N THR B 302 12.56 -60.64 9.16
CA THR B 302 13.21 -59.37 9.47
C THR B 302 12.42 -58.22 8.86
N ALA B 303 12.84 -56.99 9.19
CA ALA B 303 12.16 -55.82 8.62
C ALA B 303 12.26 -55.81 7.10
N GLU B 304 13.44 -56.09 6.55
CA GLU B 304 13.58 -56.12 5.10
C GLU B 304 12.65 -57.16 4.48
N GLN B 305 12.55 -58.33 5.11
CA GLN B 305 11.72 -59.39 4.54
C GLN B 305 10.25 -58.98 4.51
N THR B 306 9.80 -58.25 5.53
CA THR B 306 8.43 -57.77 5.55
C THR B 306 8.16 -56.84 4.37
N LEU B 307 9.14 -55.99 4.01
CA LEU B 307 8.99 -55.11 2.86
C LEU B 307 8.98 -55.88 1.55
N GLN B 308 9.63 -57.04 1.51
CA GLN B 308 9.62 -57.91 0.32
C GLN B 308 8.53 -58.97 0.43
N SER B 309 7.32 -58.53 0.81
CA SER B 309 6.16 -59.38 0.94
C SER B 309 5.08 -58.99 -0.07
N ASP B 310 4.22 -59.96 -0.38
CA ASP B 310 3.10 -59.67 -1.27
C ASP B 310 2.25 -58.53 -0.73
N PHE B 311 2.22 -58.34 0.58
CA PHE B 311 1.36 -57.32 1.17
C PHE B 311 1.94 -55.92 1.00
N LEU B 312 3.25 -55.76 1.19
CA LEU B 312 3.87 -54.43 1.17
C LEU B 312 4.78 -54.18 -0.04
N LYS B 313 5.08 -55.20 -0.83
CA LYS B 313 6.07 -55.07 -1.88
C LYS B 313 5.69 -53.98 -2.86
N ASP B 314 4.44 -53.98 -3.32
CA ASP B 314 4.00 -53.10 -4.39
C ASP B 314 3.25 -51.86 -3.92
N VAL B 315 3.18 -51.62 -2.60
CA VAL B 315 2.55 -50.40 -2.13
C VAL B 315 3.42 -49.22 -2.54
N GLU B 316 2.80 -48.20 -3.14
CA GLU B 316 3.52 -46.99 -3.53
C GLU B 316 3.14 -45.88 -2.56
N LEU B 317 4.14 -45.33 -1.87
CA LEU B 317 3.87 -44.26 -0.92
C LEU B 317 3.52 -42.96 -1.62
N SER B 318 3.81 -42.86 -2.92
CA SER B 318 3.41 -41.66 -3.65
C SER B 318 1.90 -41.52 -3.67
N LYS B 319 1.19 -42.61 -3.94
CA LYS B 319 -0.27 -42.62 -3.86
C LYS B 319 -0.71 -42.85 -2.40
N MET B 320 -0.24 -41.98 -1.52
CA MET B 320 -0.66 -42.05 -0.12
C MET B 320 -2.18 -41.98 -0.01
N ALA B 321 -2.74 -42.84 0.85
CA ALA B 321 -4.16 -42.86 1.12
C ALA B 321 -4.40 -42.24 2.49
N PRO B 322 -5.03 -41.07 2.57
CA PRO B 322 -5.24 -40.46 3.89
C PRO B 322 -6.02 -41.37 4.77
N PRO B 323 -5.75 -41.38 6.09
CA PRO B 323 -6.58 -42.15 7.02
C PRO B 323 -7.98 -41.55 7.12
N ASP B 324 -8.91 -42.37 7.61
CA ASP B 324 -10.29 -41.95 7.69
C ASP B 324 -10.40 -40.59 8.38
N LEU B 325 -11.09 -39.65 7.71
CA LEU B 325 -11.31 -38.31 8.22
C LEU B 325 -12.77 -38.14 8.64
N PRO B 326 -13.15 -38.57 9.84
CA PRO B 326 -14.56 -38.44 10.27
C PRO B 326 -14.83 -37.10 10.94
N HIS B 327 -14.11 -36.06 10.54
CA HIS B 327 -14.10 -34.81 11.29
C HIS B 327 -15.46 -34.15 11.49
N TRP B 328 -16.36 -34.20 10.50
CA TRP B 328 -17.61 -33.46 10.68
C TRP B 328 -18.83 -34.29 11.04
N GLN B 329 -18.98 -35.50 10.51
CA GLN B 329 -20.16 -36.29 10.87
C GLN B 329 -20.12 -36.69 12.33
N ASP B 330 -18.92 -36.85 12.88
CA ASP B 330 -18.82 -37.31 14.24
C ASP B 330 -19.17 -36.20 15.21
N CYS B 331 -18.92 -34.95 14.81
CA CYS B 331 -19.29 -33.82 15.66
C CYS B 331 -20.79 -33.79 15.92
N HIS B 332 -21.59 -33.96 14.87
CA HIS B 332 -23.06 -33.87 14.93
C HIS B 332 -23.60 -35.19 14.35
N GLU B 333 -23.58 -36.24 15.18
CA GLU B 333 -23.99 -37.57 14.75
C GLU B 333 -25.40 -37.58 14.19
N THR C 24 23.31 -28.43 9.86
CA THR C 24 23.09 -29.83 10.21
C THR C 24 24.04 -30.28 11.31
N LYS C 25 25.28 -30.62 10.96
CA LYS C 25 26.28 -31.08 11.90
C LYS C 25 27.46 -30.12 12.02
N PRO C 26 28.07 -30.03 13.21
CA PRO C 26 29.18 -29.09 13.40
C PRO C 26 30.48 -29.60 12.83
N CYS C 27 31.40 -28.66 12.58
CA CYS C 27 32.73 -28.97 12.08
C CYS C 27 33.68 -29.05 13.27
N TRP C 28 34.37 -30.18 13.43
CA TRP C 28 35.21 -30.40 14.60
C TRP C 28 36.71 -30.45 14.29
N TYR C 29 37.15 -29.82 13.22
CA TYR C 29 38.56 -29.89 12.85
C TYR C 29 39.14 -28.52 12.55
N TRP C 30 40.33 -28.26 13.09
CA TRP C 30 41.06 -27.01 12.93
C TRP C 30 42.37 -27.29 12.21
N ASP C 31 43.01 -26.23 11.72
CA ASP C 31 44.35 -26.30 11.17
C ASP C 31 45.36 -26.15 12.29
N LYS C 32 46.51 -26.83 12.15
CA LYS C 32 47.57 -26.73 13.15
C LYS C 32 47.84 -25.27 13.49
N LYS C 33 47.88 -24.41 12.48
CA LYS C 33 48.13 -22.99 12.69
C LYS C 33 47.11 -22.37 13.62
N ASP C 34 45.89 -22.90 13.64
CA ASP C 34 44.85 -22.30 14.46
C ASP C 34 45.08 -22.52 15.94
N LEU C 35 45.84 -23.55 16.32
CA LEU C 35 46.05 -23.84 17.73
C LEU C 35 46.90 -22.78 18.41
N ALA C 36 47.50 -21.88 17.64
CA ALA C 36 48.20 -20.73 18.22
C ALA C 36 47.23 -19.74 18.83
N HIS C 37 45.92 -19.96 18.68
CA HIS C 37 44.90 -19.00 19.10
C HIS C 37 43.80 -19.65 19.92
N THR C 38 44.13 -20.69 20.69
CA THR C 38 43.17 -21.19 21.65
C THR C 38 43.02 -20.17 22.77
N PRO C 39 41.89 -20.18 23.47
CA PRO C 39 41.77 -19.30 24.66
C PRO C 39 42.97 -19.43 25.58
N SER C 40 43.46 -20.65 25.79
CA SER C 40 44.59 -20.85 26.69
C SER C 40 45.80 -20.07 26.22
N GLN C 41 46.11 -20.15 24.92
CA GLN C 41 47.24 -19.41 24.38
C GLN C 41 47.08 -17.91 24.61
N LEU C 42 45.88 -17.39 24.35
CA LEU C 42 45.65 -15.95 24.40
C LEU C 42 45.58 -15.40 25.81
N GLU C 43 45.46 -16.25 26.83
CA GLU C 43 45.58 -15.83 28.22
C GLU C 43 47.01 -15.95 28.73
N GLY C 44 47.99 -16.11 27.85
CA GLY C 44 49.39 -16.09 28.22
C GLY C 44 50.03 -17.45 28.44
N LEU C 45 49.28 -18.53 28.25
CA LEU C 45 49.84 -19.86 28.30
C LEU C 45 50.63 -20.13 27.02
N ASP C 46 51.85 -20.62 27.16
CA ASP C 46 52.70 -20.85 26.00
C ASP C 46 52.36 -22.20 25.35
N PRO C 47 52.80 -22.42 24.12
CA PRO C 47 52.42 -23.65 23.42
C PRO C 47 52.83 -24.91 24.16
N ALA C 48 54.05 -24.94 24.71
CA ALA C 48 54.53 -26.13 25.41
C ALA C 48 53.65 -26.45 26.61
N THR C 49 53.25 -25.44 27.38
CA THR C 49 52.44 -25.69 28.56
C THR C 49 51.07 -26.25 28.19
N GLU C 50 50.40 -25.67 27.19
CA GLU C 50 49.09 -26.20 26.81
C GLU C 50 49.23 -27.64 26.30
N ALA C 51 50.28 -27.92 25.54
CA ALA C 51 50.54 -29.31 25.12
C ALA C 51 50.71 -30.22 26.32
N ARG C 52 51.48 -29.77 27.31
CA ARG C 52 51.65 -30.56 28.52
C ARG C 52 50.32 -30.78 29.22
N TYR C 53 49.52 -29.71 29.35
CA TYR C 53 48.22 -29.84 29.98
C TYR C 53 47.34 -30.84 29.24
N ARG C 54 47.40 -30.84 27.91
CA ARG C 54 46.57 -31.77 27.15
C ARG C 54 47.02 -33.21 27.38
N ARG C 55 48.33 -33.46 27.40
CA ARG C 55 48.80 -34.81 27.65
C ARG C 55 48.36 -35.28 29.04
N GLU C 56 48.59 -34.44 30.05
CA GLU C 56 48.24 -34.81 31.42
C GLU C 56 46.75 -35.04 31.57
N GLY C 57 45.94 -34.16 31.01
CA GLY C 57 44.50 -34.35 31.10
C GLY C 57 44.05 -35.61 30.39
N ALA C 58 44.53 -35.82 29.16
CA ALA C 58 44.18 -37.02 28.43
C ALA C 58 44.62 -38.27 29.17
N ARG C 59 45.88 -38.29 29.63
CA ARG C 59 46.38 -39.46 30.34
C ARG C 59 45.64 -39.70 31.65
N PHE C 60 45.25 -38.61 32.32
CA PHE C 60 44.37 -38.72 33.49
C PHE C 60 43.08 -39.43 33.11
N ILE C 61 42.40 -38.98 32.05
CA ILE C 61 41.19 -39.66 31.61
C ILE C 61 41.48 -41.12 31.30
N PHE C 62 42.57 -41.38 30.58
CA PHE C 62 42.93 -42.75 30.21
C PHE C 62 43.18 -43.61 31.44
N ASP C 63 43.96 -43.10 32.39
CA ASP C 63 44.33 -43.90 33.56
C ASP C 63 43.12 -44.14 34.47
N VAL C 64 42.32 -43.11 34.72
CA VAL C 64 41.16 -43.27 35.58
C VAL C 64 40.23 -44.34 35.03
N GLY C 65 39.88 -44.23 33.74
CA GLY C 65 38.96 -45.18 33.15
C GLY C 65 39.50 -46.58 33.07
N THR C 66 40.81 -46.72 32.85
CA THR C 66 41.42 -48.04 32.82
C THR C 66 41.30 -48.70 34.19
N ARG C 67 41.49 -47.93 35.27
CA ARG C 67 41.34 -48.49 36.61
C ARG C 67 39.90 -48.94 36.84
N LEU C 68 38.93 -48.21 36.28
CA LEU C 68 37.52 -48.56 36.42
C LEU C 68 37.08 -49.66 35.46
N GLY C 69 37.97 -50.11 34.57
CA GLY C 69 37.65 -51.18 33.66
C GLY C 69 36.91 -50.76 32.41
N LEU C 70 37.10 -49.53 31.95
CA LEU C 70 36.28 -49.02 30.86
C LEU C 70 36.83 -49.40 29.49
N HIS C 71 35.90 -49.64 28.57
CA HIS C 71 36.18 -49.94 27.17
C HIS C 71 37.02 -48.84 26.53
N TYR C 72 37.82 -49.25 25.53
CA TYR C 72 38.76 -48.29 24.93
C TYR C 72 38.01 -47.15 24.25
N ASP C 73 36.84 -47.43 23.67
CA ASP C 73 36.06 -46.36 23.06
C ASP C 73 35.59 -45.35 24.10
N THR C 74 35.21 -45.81 25.29
CA THR C 74 34.76 -44.88 26.32
C THR C 74 35.90 -43.95 26.73
N LEU C 75 37.11 -44.49 26.86
CA LEU C 75 38.26 -43.66 27.20
C LEU C 75 38.50 -42.61 26.11
N ALA C 76 38.49 -43.05 24.85
CA ALA C 76 38.75 -42.13 23.75
C ALA C 76 37.67 -41.05 23.67
N THR C 77 36.40 -41.44 23.83
CA THR C 77 35.33 -40.45 23.75
C THR C 77 35.52 -39.36 24.80
N GLY C 78 35.84 -39.74 26.03
CA GLY C 78 36.13 -38.73 27.03
C GLY C 78 37.28 -37.83 26.62
N ILE C 79 38.32 -38.42 26.03
CA ILE C 79 39.49 -37.64 25.62
C ILE C 79 39.14 -36.68 24.50
N ILE C 80 38.28 -37.10 23.57
CA ILE C 80 37.90 -36.22 22.47
C ILE C 80 37.06 -35.06 22.98
N TYR C 81 36.08 -35.35 23.86
CA TYR C 81 35.34 -34.29 24.53
C TYR C 81 36.30 -33.31 25.18
N PHE C 82 37.29 -33.85 25.90
CA PHE C 82 38.27 -33.01 26.58
C PHE C 82 39.02 -32.12 25.60
N HIS C 83 39.59 -32.71 24.55
CA HIS C 83 40.34 -31.92 23.59
C HIS C 83 39.48 -30.84 22.95
N ARG C 84 38.26 -31.20 22.55
CA ARG C 84 37.37 -30.21 21.97
C ARG C 84 37.05 -29.10 22.96
N PHE C 85 36.81 -29.47 24.22
CA PHE C 85 36.48 -28.48 25.25
C PHE C 85 37.47 -27.32 25.28
N TYR C 86 38.77 -27.63 25.29
CA TYR C 86 39.78 -26.58 25.44
C TYR C 86 40.13 -25.89 24.13
N MET C 87 39.33 -26.11 23.09
CA MET C 87 39.33 -25.20 21.95
C MET C 87 38.38 -24.02 22.17
N PHE C 88 37.50 -24.10 23.16
CA PHE C 88 36.54 -23.05 23.45
C PHE C 88 36.75 -22.39 24.80
N HIS C 89 37.60 -22.94 25.67
CA HIS C 89 37.80 -22.41 27.01
C HIS C 89 39.29 -22.44 27.32
N SER C 90 39.66 -21.74 28.39
CA SER C 90 41.06 -21.65 28.80
C SER C 90 41.37 -22.59 29.95
N PHE C 91 42.57 -23.17 29.92
CA PHE C 91 43.03 -24.01 31.01
C PHE C 91 43.16 -23.23 32.32
N LYS C 92 43.29 -21.91 32.28
CA LYS C 92 43.44 -21.13 33.50
C LYS C 92 42.13 -20.94 34.25
N GLN C 93 40.99 -21.05 33.56
CA GLN C 93 39.68 -20.88 34.19
C GLN C 93 38.94 -22.19 34.41
N PHE C 94 39.33 -23.26 33.74
CA PHE C 94 38.73 -24.58 33.97
C PHE C 94 39.81 -25.58 34.33
N PRO C 95 39.91 -25.97 35.59
CA PRO C 95 40.94 -26.94 35.98
C PRO C 95 40.80 -28.23 35.18
N ARG C 96 41.93 -28.73 34.69
CA ARG C 96 41.87 -29.78 33.67
C ARG C 96 41.37 -31.10 34.23
N TYR C 97 41.78 -31.47 35.45
CA TYR C 97 41.41 -32.78 35.96
C TYR C 97 39.92 -32.85 36.30
N VAL C 98 39.32 -31.73 36.69
CA VAL C 98 37.87 -31.70 36.84
C VAL C 98 37.20 -31.92 35.49
N THR C 99 37.62 -31.15 34.50
CA THR C 99 37.11 -31.32 33.14
C THR C 99 37.26 -32.76 32.66
N GLY C 100 38.46 -33.32 32.80
CA GLY C 100 38.67 -34.70 32.39
C GLY C 100 37.68 -35.64 33.04
N ALA C 101 37.56 -35.57 34.36
CA ALA C 101 36.63 -36.44 35.07
C ALA C 101 35.20 -36.25 34.56
N CYS C 102 34.81 -35.01 34.29
CA CYS C 102 33.48 -34.75 33.75
C CYS C 102 33.32 -35.38 32.38
N CYS C 103 34.33 -35.24 31.52
CA CYS C 103 34.28 -35.85 30.20
C CYS C 103 34.09 -37.36 30.30
N LEU C 104 34.91 -38.01 31.13
CA LEU C 104 34.80 -39.46 31.28
C LEU C 104 33.44 -39.85 31.83
N PHE C 105 32.92 -39.07 32.77
CA PHE C 105 31.60 -39.33 33.30
C PHE C 105 30.55 -39.29 32.20
N LEU C 106 30.55 -38.23 31.39
CA LEU C 106 29.59 -38.15 30.31
C LEU C 106 29.87 -39.21 29.26
N ALA C 107 31.14 -39.44 28.94
CA ALA C 107 31.49 -40.45 27.94
C ALA C 107 30.94 -41.82 28.32
N GLY C 108 30.96 -42.15 29.60
CA GLY C 108 30.39 -43.41 30.03
C GLY C 108 28.92 -43.52 29.69
N LYS C 109 28.17 -42.43 29.88
CA LYS C 109 26.76 -42.46 29.56
C LYS C 109 26.51 -42.48 28.07
N VAL C 110 27.38 -41.84 27.28
CA VAL C 110 27.20 -41.82 25.83
C VAL C 110 27.47 -43.21 25.26
N GLU C 111 28.56 -43.85 25.68
CA GLU C 111 28.99 -45.12 25.12
C GLU C 111 28.40 -46.32 25.87
N GLU C 112 27.42 -46.12 26.74
CA GLU C 112 26.73 -47.20 27.46
C GLU C 112 27.72 -48.04 28.27
N THR C 113 28.67 -47.38 28.90
CA THR C 113 29.57 -48.00 29.88
C THR C 113 29.54 -47.12 31.14
N PRO C 114 28.34 -46.90 31.71
CA PRO C 114 28.18 -45.83 32.70
C PRO C 114 28.91 -46.11 34.00
N LYS C 115 29.28 -45.02 34.68
CA LYS C 115 29.89 -45.08 36.00
C LYS C 115 29.28 -44.00 36.87
N LYS C 116 29.19 -44.27 38.18
CA LYS C 116 28.70 -43.28 39.11
C LYS C 116 29.76 -42.23 39.36
N CYS C 117 29.34 -40.96 39.47
CA CYS C 117 30.31 -39.89 39.64
C CYS C 117 31.18 -40.11 40.87
N LYS C 118 30.61 -40.64 41.94
CA LYS C 118 31.38 -40.86 43.16
C LYS C 118 32.50 -41.87 42.97
N ASP C 119 32.32 -42.84 42.06
CA ASP C 119 33.39 -43.79 41.79
C ASP C 119 34.51 -43.17 40.97
N ILE C 120 34.17 -42.27 40.03
CA ILE C 120 35.21 -41.58 39.29
C ILE C 120 36.04 -40.72 40.23
N ILE C 121 35.37 -40.01 41.15
CA ILE C 121 36.09 -39.19 42.12
C ILE C 121 37.00 -40.06 42.97
N LYS C 122 36.46 -41.17 43.48
CA LYS C 122 37.24 -42.09 44.29
C LYS C 122 38.54 -42.47 43.58
N THR C 123 38.44 -42.87 42.31
CA THR C 123 39.62 -43.27 41.56
C THR C 123 40.52 -42.09 41.28
N ALA C 124 39.94 -40.94 40.96
CA ALA C 124 40.75 -39.74 40.72
C ALA C 124 41.58 -39.39 41.95
N ARG C 125 41.00 -39.54 43.14
CA ARG C 125 41.73 -39.27 44.37
C ARG C 125 42.86 -40.26 44.56
N SER C 126 42.61 -41.53 44.23
CA SER C 126 43.64 -42.56 44.37
C SER C 126 44.85 -42.23 43.52
N LEU C 127 44.64 -41.67 42.33
CA LEU C 127 45.72 -41.48 41.39
C LEU C 127 46.38 -40.10 41.51
N LEU C 128 45.65 -39.09 41.99
CA LEU C 128 46.17 -37.74 42.08
C LEU C 128 46.76 -37.47 43.46
N ASN C 129 47.82 -36.65 43.49
CA ASN C 129 48.42 -36.26 44.76
C ASN C 129 47.52 -35.23 45.43
N ASP C 130 47.98 -34.63 46.53
CA ASP C 130 47.13 -33.71 47.27
C ASP C 130 46.98 -32.39 46.53
N VAL C 131 48.06 -31.87 45.95
CA VAL C 131 47.98 -30.61 45.21
C VAL C 131 47.02 -30.74 44.05
N GLN C 132 47.17 -31.82 43.27
CA GLN C 132 46.35 -32.00 42.07
C GLN C 132 44.87 -32.12 42.42
N PHE C 133 44.55 -32.95 43.42
CA PHE C 133 43.15 -33.07 43.81
C PHE C 133 42.60 -31.77 44.39
N GLY C 134 43.46 -30.80 44.68
CA GLY C 134 42.98 -29.49 45.08
C GLY C 134 42.08 -28.84 44.04
N GLN C 135 42.26 -29.21 42.76
CA GLN C 135 41.42 -28.64 41.71
C GLN C 135 39.95 -28.95 41.95
N PHE C 136 39.64 -30.10 42.54
CA PHE C 136 38.25 -30.49 42.78
C PHE C 136 37.59 -29.70 43.89
N GLY C 137 38.36 -28.86 44.58
CA GLY C 137 37.81 -28.01 45.60
C GLY C 137 37.28 -28.80 46.78
N ASP C 138 36.35 -28.18 47.51
CA ASP C 138 35.85 -28.74 48.75
C ASP C 138 34.88 -29.88 48.51
N ASP C 139 34.15 -29.84 47.39
CA ASP C 139 33.15 -30.83 47.04
C ASP C 139 33.47 -31.33 45.65
N PRO C 140 34.29 -32.38 45.54
CA PRO C 140 34.67 -32.87 44.20
C PRO C 140 33.48 -33.25 43.33
N LYS C 141 32.52 -34.00 43.88
CA LYS C 141 31.41 -34.47 43.04
C LYS C 141 30.66 -33.31 42.40
N GLU C 142 30.29 -32.30 43.19
CA GLU C 142 29.51 -31.21 42.64
C GLU C 142 30.28 -30.45 41.56
N GLU C 143 31.56 -30.18 41.81
CA GLU C 143 32.35 -29.46 40.80
C GLU C 143 32.33 -30.20 39.47
N VAL C 144 32.45 -31.53 39.51
CA VAL C 144 32.39 -32.31 38.29
C VAL C 144 30.99 -32.32 37.70
N MET C 145 29.97 -32.61 38.53
CA MET C 145 28.61 -32.72 38.02
C MET C 145 28.13 -31.42 37.42
N VAL C 146 28.51 -30.29 38.04
CA VAL C 146 28.12 -28.99 37.53
C VAL C 146 28.62 -28.77 36.12
N LEU C 147 29.87 -29.16 35.86
CA LEU C 147 30.48 -28.88 34.56
C LEU C 147 29.74 -29.58 33.43
N GLU C 148 28.98 -30.65 33.72
CA GLU C 148 28.32 -31.38 32.65
C GLU C 148 27.50 -30.43 31.79
N ARG C 149 26.82 -29.46 32.42
CA ARG C 149 26.02 -28.53 31.64
C ARG C 149 26.87 -27.77 30.63
N ILE C 150 28.02 -27.26 31.07
CA ILE C 150 28.89 -26.56 30.15
C ILE C 150 29.43 -27.51 29.09
N LEU C 151 29.84 -28.70 29.51
CA LEU C 151 30.40 -29.66 28.57
C LEU C 151 29.43 -29.97 27.43
N LEU C 152 28.17 -30.26 27.76
CA LEU C 152 27.20 -30.58 26.73
C LEU C 152 26.99 -29.41 25.77
N GLN C 153 26.84 -28.21 26.31
CA GLN C 153 26.70 -27.04 25.45
C GLN C 153 27.96 -26.81 24.60
N THR C 154 29.13 -27.03 25.18
CA THR C 154 30.38 -26.79 24.46
C THR C 154 30.53 -27.74 23.28
N ILE C 155 30.30 -29.04 23.49
CA ILE C 155 30.44 -30.00 22.40
C ILE C 155 29.19 -29.97 21.53
N LYS C 156 28.34 -28.98 21.74
CA LYS C 156 27.19 -28.72 20.87
C LYS C 156 26.27 -29.94 20.76
N PHE C 157 26.20 -30.72 21.85
CA PHE C 157 25.36 -31.92 21.94
C PHE C 157 25.62 -32.91 20.80
N ASP C 158 26.80 -32.83 20.16
CA ASP C 158 27.23 -33.82 19.17
C ASP C 158 27.98 -34.93 19.87
N LEU C 159 27.21 -35.90 20.40
CA LEU C 159 27.77 -36.92 21.28
C LEU C 159 28.40 -38.09 20.52
N GLN C 160 27.91 -38.42 19.34
CA GLN C 160 28.43 -39.57 18.60
C GLN C 160 29.83 -39.25 18.09
N VAL C 161 30.77 -40.14 18.37
CA VAL C 161 32.15 -39.96 17.96
C VAL C 161 32.68 -41.28 17.41
N GLU C 162 33.46 -41.19 16.34
CA GLU C 162 34.13 -42.33 15.72
C GLU C 162 35.62 -42.24 16.05
N HIS C 163 36.26 -43.40 16.17
CA HIS C 163 37.65 -43.42 16.62
C HIS C 163 38.51 -44.24 15.67
N PRO C 164 39.82 -43.96 15.63
CA PRO C 164 40.70 -44.69 14.71
C PRO C 164 40.64 -46.21 14.87
N TYR C 165 40.26 -46.69 16.05
CA TYR C 165 40.29 -48.13 16.30
C TYR C 165 39.44 -48.89 15.30
N GLN C 166 38.19 -48.45 15.10
CA GLN C 166 37.29 -49.22 14.25
C GLN C 166 37.80 -49.28 12.82
N PHE C 167 38.50 -48.23 12.36
CA PHE C 167 39.02 -48.22 11.00
C PHE C 167 40.29 -49.04 10.90
N LEU C 168 41.12 -49.03 11.94
CA LEU C 168 42.28 -49.91 11.98
C LEU C 168 41.86 -51.36 11.76
N LEU C 169 40.77 -51.78 12.39
CA LEU C 169 40.31 -53.15 12.24
C LEU C 169 39.56 -53.37 10.93
N LYS C 170 38.69 -52.43 10.53
CA LYS C 170 37.98 -52.59 9.27
C LYS C 170 38.97 -52.72 8.11
N TYR C 171 40.04 -51.91 8.12
CA TYR C 171 41.01 -51.95 7.05
C TYR C 171 41.92 -53.16 7.16
N ALA C 172 42.35 -53.49 8.39
CA ALA C 172 43.21 -54.66 8.58
C ALA C 172 42.51 -55.94 8.13
N LYS C 173 41.19 -56.02 8.32
CA LYS C 173 40.46 -57.21 7.92
C LYS C 173 40.54 -57.47 6.42
N GLN C 174 40.75 -56.44 5.62
CA GLN C 174 40.86 -56.57 4.17
C GLN C 174 42.29 -56.88 3.72
N LEU C 175 43.24 -56.97 4.64
CA LEU C 175 44.60 -57.40 4.33
C LEU C 175 44.66 -58.92 4.46
N LYS C 176 45.30 -59.56 3.50
CA LYS C 176 45.48 -61.01 3.52
C LYS C 176 46.95 -61.33 3.27
N GLY C 177 47.49 -62.21 4.11
CA GLY C 177 48.90 -62.56 4.06
C GLY C 177 49.31 -63.22 5.37
N ASP C 178 50.60 -63.11 5.66
CA ASP C 178 51.17 -63.68 6.87
C ASP C 178 50.40 -63.22 8.11
N LYS C 179 49.75 -64.18 8.78
CA LYS C 179 48.95 -63.84 9.95
C LYS C 179 49.76 -63.07 10.98
N ASN C 180 51.02 -63.45 11.17
CA ASN C 180 51.85 -62.88 12.23
C ASN C 180 52.39 -61.50 11.89
N LYS C 181 52.70 -61.23 10.62
CA LYS C 181 53.16 -59.90 10.24
C LYS C 181 52.04 -58.87 10.32
N ILE C 182 50.81 -59.26 9.95
CA ILE C 182 49.68 -58.33 10.02
C ILE C 182 49.28 -58.06 11.47
N GLN C 183 49.31 -59.08 12.33
CA GLN C 183 48.99 -58.84 13.73
C GLN C 183 50.02 -57.94 14.39
N LYS C 184 51.30 -58.08 14.04
CA LYS C 184 52.31 -57.14 14.54
C LYS C 184 52.01 -55.72 14.06
N LEU C 185 51.61 -55.56 12.79
CA LEU C 185 51.25 -54.25 12.28
C LEU C 185 50.10 -53.65 13.08
N VAL C 186 49.05 -54.45 13.32
CA VAL C 186 47.87 -53.93 14.00
C VAL C 186 48.21 -53.48 15.41
N GLN C 187 48.89 -54.34 16.19
CA GLN C 187 49.18 -53.97 17.57
C GLN C 187 50.07 -52.73 17.63
N MET C 188 51.09 -52.67 16.79
CA MET C 188 51.94 -51.47 16.78
C MET C 188 51.11 -50.23 16.43
N ALA C 189 50.28 -50.34 15.40
CA ALA C 189 49.39 -49.23 15.05
C ALA C 189 48.42 -48.91 16.18
N TRP C 190 47.85 -49.96 16.79
CA TRP C 190 46.95 -49.75 17.92
C TRP C 190 47.63 -48.94 19.02
N THR C 191 48.87 -49.28 19.36
CA THR C 191 49.62 -48.49 20.32
C THR C 191 49.78 -47.05 19.86
N PHE C 192 50.05 -46.84 18.56
CA PHE C 192 50.15 -45.48 18.05
C PHE C 192 48.83 -44.73 18.18
N VAL C 193 47.70 -45.43 18.04
CA VAL C 193 46.41 -44.77 18.26
C VAL C 193 46.29 -44.31 19.73
N ASN C 194 46.58 -45.22 20.67
CA ASN C 194 46.49 -44.85 22.08
C ASN C 194 47.37 -43.64 22.39
N ASP C 195 48.53 -43.54 21.73
CA ASP C 195 49.45 -42.45 22.01
C ASP C 195 48.99 -41.14 21.40
N SER C 196 48.29 -41.21 20.26
CA SER C 196 47.81 -40.00 19.59
C SER C 196 46.70 -39.31 20.37
N LEU C 197 46.04 -40.03 21.28
CA LEU C 197 44.99 -39.39 22.08
C LEU C 197 45.55 -38.29 22.98
N CYS C 198 46.85 -38.33 23.26
CA CYS C 198 47.51 -37.28 24.03
C CYS C 198 47.80 -36.04 23.21
N THR C 199 47.50 -36.04 21.92
CA THR C 199 47.83 -34.95 21.03
C THR C 199 46.57 -34.33 20.42
N THR C 200 46.78 -33.23 19.72
CA THR C 200 45.72 -32.51 19.03
C THR C 200 45.42 -33.09 17.64
N LEU C 201 45.97 -34.26 17.32
CA LEU C 201 45.62 -34.90 16.05
C LEU C 201 44.13 -35.19 15.99
N SER C 202 43.54 -35.56 17.14
CA SER C 202 42.10 -35.77 17.20
C SER C 202 41.34 -34.55 16.68
N LEU C 203 41.96 -33.37 16.76
CA LEU C 203 41.35 -32.13 16.34
C LEU C 203 41.77 -31.70 14.93
N GLN C 204 42.73 -32.38 14.31
CA GLN C 204 43.22 -32.00 13.00
C GLN C 204 42.75 -32.91 11.87
N TRP C 205 42.58 -34.20 12.13
CA TRP C 205 42.33 -35.16 11.06
C TRP C 205 41.24 -36.13 11.51
N GLU C 206 40.33 -36.45 10.58
CA GLU C 206 39.30 -37.43 10.85
C GLU C 206 39.91 -38.74 11.31
N PRO C 207 39.15 -39.55 12.06
CA PRO C 207 39.71 -40.82 12.55
C PRO C 207 40.14 -41.77 11.44
N GLU C 208 39.42 -41.80 10.31
CA GLU C 208 39.81 -42.67 9.22
C GLU C 208 41.26 -42.41 8.80
N ILE C 209 41.64 -41.14 8.68
CA ILE C 209 43.01 -40.81 8.30
C ILE C 209 43.99 -41.26 9.36
N ILE C 210 43.63 -41.08 10.63
CA ILE C 210 44.50 -41.50 11.72
C ILE C 210 44.79 -43.00 11.62
N ALA C 211 43.74 -43.79 11.38
CA ALA C 211 43.92 -45.24 11.28
C ALA C 211 44.89 -45.58 10.15
N VAL C 212 44.76 -44.90 9.01
CA VAL C 212 45.68 -45.13 7.90
C VAL C 212 47.09 -44.70 8.29
N ALA C 213 47.21 -43.50 8.87
CA ALA C 213 48.54 -42.99 9.21
C ALA C 213 49.29 -43.95 10.12
N VAL C 214 48.60 -44.51 11.11
CA VAL C 214 49.29 -45.42 12.03
C VAL C 214 49.63 -46.73 11.32
N MET C 215 48.80 -47.16 10.37
CA MET C 215 49.17 -48.32 9.54
C MET C 215 50.41 -47.98 8.70
N TYR C 216 50.42 -46.81 8.08
CA TYR C 216 51.57 -46.34 7.30
C TYR C 216 52.84 -46.33 8.14
N LEU C 217 52.75 -45.82 9.37
CA LEU C 217 53.93 -45.72 10.22
C LEU C 217 54.41 -47.09 10.68
N ALA C 218 53.51 -47.89 11.24
CA ALA C 218 53.88 -49.24 11.66
C ALA C 218 54.51 -50.00 10.51
N GLY C 219 53.99 -49.79 9.29
CA GLY C 219 54.57 -50.44 8.13
C GLY C 219 56.00 -50.00 7.85
N ARG C 220 56.24 -48.69 7.83
CA ARG C 220 57.59 -48.21 7.54
C ARG C 220 58.59 -48.77 8.56
N LEU C 221 58.22 -48.75 9.84
CA LEU C 221 59.13 -49.19 10.89
C LEU C 221 59.36 -50.70 10.82
N CYS C 222 58.33 -51.47 10.49
CA CYS C 222 58.48 -52.92 10.40
C CYS C 222 59.02 -53.39 9.05
N LYS C 223 59.34 -52.47 8.14
CA LYS C 223 59.82 -52.82 6.80
C LYS C 223 58.86 -53.78 6.09
N PHE C 224 57.56 -53.49 6.22
CA PHE C 224 56.50 -54.19 5.51
C PHE C 224 56.04 -53.35 4.32
N GLU C 225 55.65 -54.03 3.24
CA GLU C 225 55.05 -53.37 2.07
C GLU C 225 53.58 -53.74 1.96
N ILE C 226 52.74 -52.91 2.59
CA ILE C 226 51.33 -53.25 2.79
C ILE C 226 50.60 -53.51 1.48
N GLN C 227 50.98 -52.85 0.39
CA GLN C 227 50.23 -53.02 -0.85
C GLN C 227 50.13 -54.49 -1.22
N GLU C 228 51.15 -55.30 -0.88
CA GLU C 228 51.11 -56.72 -1.23
C GLU C 228 49.93 -57.42 -0.60
N TRP C 229 49.47 -56.96 0.55
CA TRP C 229 48.36 -57.57 1.26
C TRP C 229 47.00 -57.10 0.78
N THR C 230 46.96 -56.12 -0.10
CA THR C 230 45.69 -55.56 -0.56
C THR C 230 45.18 -56.33 -1.77
N SER C 231 43.92 -56.07 -2.14
CA SER C 231 43.37 -56.63 -3.36
C SER C 231 43.98 -55.99 -4.61
N LYS C 232 44.82 -54.97 -4.45
CA LYS C 232 45.45 -54.25 -5.57
C LYS C 232 46.95 -54.20 -5.30
N PRO C 233 47.64 -55.34 -5.41
CA PRO C 233 49.04 -55.42 -4.92
C PRO C 233 50.04 -54.57 -5.69
N MET C 234 49.66 -54.01 -6.84
CA MET C 234 50.55 -53.18 -7.64
C MET C 234 50.16 -51.72 -7.54
N TYR C 235 49.26 -51.42 -6.62
CA TYR C 235 48.81 -50.06 -6.28
C TYR C 235 49.65 -49.64 -5.09
N ARG C 236 50.75 -48.92 -5.36
CA ARG C 236 51.74 -48.64 -4.32
C ARG C 236 51.17 -47.73 -3.24
N ARG C 237 50.23 -46.85 -3.59
CA ARG C 237 49.53 -46.04 -2.59
C ARG C 237 48.36 -46.88 -2.11
N TRP C 238 48.66 -47.77 -1.17
CA TRP C 238 47.69 -48.79 -0.79
C TRP C 238 46.49 -48.19 -0.08
N TRP C 239 46.68 -47.07 0.62
CA TRP C 239 45.62 -46.53 1.45
C TRP C 239 44.49 -45.92 0.63
N GLU C 240 44.74 -45.54 -0.62
CA GLU C 240 43.73 -44.82 -1.38
C GLU C 240 42.43 -45.61 -1.55
N GLN C 241 42.49 -46.94 -1.47
CA GLN C 241 41.29 -47.77 -1.53
C GLN C 241 40.51 -47.79 -0.22
N PHE C 242 41.11 -47.32 0.88
CA PHE C 242 40.44 -47.20 2.16
C PHE C 242 39.93 -45.78 2.40
N VAL C 243 40.80 -44.80 2.18
CA VAL C 243 40.52 -43.40 2.44
C VAL C 243 40.84 -42.62 1.17
N GLN C 244 39.82 -42.04 0.56
CA GLN C 244 40.03 -41.29 -0.67
C GLN C 244 40.57 -39.90 -0.36
N ASP C 245 41.43 -39.42 -1.25
CA ASP C 245 41.92 -38.03 -1.23
C ASP C 245 42.88 -37.74 -0.08
N VAL C 246 43.75 -38.67 0.28
CA VAL C 246 44.70 -38.39 1.34
C VAL C 246 46.12 -38.33 0.76
N PRO C 247 46.77 -37.17 0.76
CA PRO C 247 48.16 -37.10 0.28
C PRO C 247 49.12 -37.60 1.34
N VAL C 248 50.29 -38.04 0.86
CA VAL C 248 51.32 -38.53 1.78
C VAL C 248 51.68 -37.44 2.79
N ASP C 249 51.71 -36.19 2.34
CA ASP C 249 52.06 -35.08 3.22
C ASP C 249 51.19 -35.11 4.46
N VAL C 250 49.89 -35.33 4.29
CA VAL C 250 49.01 -35.47 5.45
C VAL C 250 49.49 -36.64 6.29
N LEU C 251 49.70 -37.80 5.67
CA LEU C 251 50.19 -38.96 6.41
C LEU C 251 51.55 -38.70 7.05
N GLU C 252 52.44 -37.99 6.35
CA GLU C 252 53.75 -37.73 6.92
C GLU C 252 53.67 -36.85 8.16
N ASP C 253 52.84 -35.81 8.11
CA ASP C 253 52.69 -34.95 9.27
C ASP C 253 52.20 -35.75 10.47
N ILE C 254 51.17 -36.58 10.27
CA ILE C 254 50.63 -37.35 11.38
C ILE C 254 51.71 -38.26 11.95
N CYS C 255 52.40 -38.98 11.06
CA CYS C 255 53.48 -39.86 11.52
C CYS C 255 54.54 -39.07 12.29
N HIS C 256 54.97 -37.93 11.74
CA HIS C 256 55.98 -37.12 12.41
C HIS C 256 55.52 -36.71 13.80
N GLN C 257 54.27 -36.25 13.93
CA GLN C 257 53.79 -35.81 15.23
C GLN C 257 53.77 -36.96 16.23
N ILE C 258 53.40 -38.17 15.80
CA ILE C 258 53.35 -39.30 16.74
C ILE C 258 54.74 -39.61 17.27
N LEU C 259 55.73 -39.69 16.38
CA LEU C 259 57.07 -40.04 16.83
C LEU C 259 57.71 -38.96 17.70
N ASP C 260 57.25 -37.71 17.57
CA ASP C 260 57.78 -36.64 18.41
C ASP C 260 57.56 -36.95 19.89
N LEU C 261 56.38 -37.47 20.23
CA LEU C 261 56.08 -37.81 21.62
C LEU C 261 57.11 -38.79 22.16
N TYR C 262 57.49 -39.79 21.34
CA TYR C 262 58.48 -40.77 21.79
C TYR C 262 59.85 -40.13 21.99
N SER C 263 60.25 -39.26 21.05
CA SER C 263 61.58 -38.64 21.15
C SER C 263 61.65 -37.67 22.33
N GLN C 264 60.59 -36.89 22.54
CA GLN C 264 60.56 -35.98 23.68
C GLN C 264 60.62 -36.78 24.98
N GLY C 265 59.84 -37.84 25.08
CA GLY C 265 59.86 -38.63 26.29
C GLY C 265 61.11 -39.49 26.30
N LYS C 266 61.14 -40.42 27.24
CA LYS C 266 62.22 -41.39 27.31
C LYS C 266 61.84 -42.66 26.57
N GLN C 267 60.55 -42.85 26.34
CA GLN C 267 60.02 -44.02 25.66
C GLN C 267 60.41 -44.05 24.19
N GLN C 268 60.50 -45.27 23.63
CA GLN C 268 60.90 -45.50 22.25
C GLN C 268 59.78 -46.23 21.50
N MET C 269 59.97 -46.36 20.18
CA MET C 269 58.97 -47.01 19.34
C MET C 269 58.76 -48.45 19.80
N PRO C 270 57.52 -48.95 19.81
CA PRO C 270 57.28 -50.27 20.44
C PRO C 270 58.02 -51.44 19.80
N HIS C 271 57.97 -51.54 18.47
CA HIS C 271 58.58 -52.64 17.71
C HIS C 271 58.57 -53.95 18.50
N MET D 5 42.57 42.94 20.41
CA MET D 5 43.55 41.84 20.63
C MET D 5 43.32 41.21 22.00
N SER D 6 43.77 39.98 22.19
CA SER D 6 43.60 39.26 23.45
C SER D 6 44.96 39.00 24.07
N TYR D 7 44.99 38.96 25.40
CA TYR D 7 46.22 38.86 26.17
C TYR D 7 46.11 37.69 27.13
N ASN D 8 47.05 36.76 27.04
CA ASN D 8 46.98 35.52 27.80
C ASN D 8 48.38 35.13 28.27
N TYR D 9 48.40 34.26 29.28
CA TYR D 9 49.60 33.81 29.97
C TYR D 9 49.57 32.29 30.03
N VAL D 10 50.67 31.65 29.63
CA VAL D 10 50.78 30.18 29.65
C VAL D 10 51.93 29.77 30.57
N VAL D 11 51.63 28.87 31.51
CA VAL D 11 52.62 28.39 32.48
C VAL D 11 52.47 26.88 32.62
N THR D 12 53.57 26.22 33.00
CA THR D 12 53.62 24.77 33.13
C THR D 12 53.44 24.35 34.59
N ALA D 13 52.32 23.68 34.87
CA ALA D 13 52.08 23.16 36.22
C ALA D 13 52.90 21.89 36.46
N GLN D 14 52.87 20.95 35.53
CA GLN D 14 53.66 19.72 35.62
C GLN D 14 54.49 19.57 34.35
N LYS D 15 55.79 19.32 34.51
CA LYS D 15 56.68 19.18 33.38
C LYS D 15 56.38 17.86 32.67
N PRO D 16 56.75 17.73 31.40
CA PRO D 16 56.52 16.47 30.69
C PRO D 16 57.13 15.29 31.44
N THR D 17 56.35 14.21 31.55
CA THR D 17 56.80 13.02 32.26
C THR D 17 57.11 11.84 31.35
N ALA D 18 56.66 11.85 30.10
CA ALA D 18 56.89 10.75 29.18
C ALA D 18 58.34 10.74 28.68
N VAL D 19 58.90 9.55 28.56
CA VAL D 19 60.26 9.38 28.06
C VAL D 19 60.22 9.24 26.54
N ASN D 20 60.91 10.15 25.87
CA ASN D 20 60.99 10.13 24.41
C ASN D 20 62.27 9.50 23.89
N GLY D 21 63.30 9.38 24.73
CA GLY D 21 64.53 8.70 24.34
C GLY D 21 65.52 8.77 25.49
N CYS D 22 66.47 7.83 25.48
CA CYS D 22 67.49 7.81 26.52
C CYS D 22 68.76 7.16 25.99
N VAL D 23 69.91 7.68 26.45
CA VAL D 23 71.22 7.21 26.02
C VAL D 23 72.10 7.02 27.25
N THR D 24 73.16 6.23 27.08
CA THR D 24 74.17 6.03 28.10
C THR D 24 75.54 6.39 27.55
N GLY D 25 76.36 7.01 28.40
CA GLY D 25 77.71 7.35 28.01
C GLY D 25 78.54 7.93 29.13
N HIS D 26 79.55 8.72 28.77
CA HIS D 26 80.47 9.33 29.72
C HIS D 26 80.53 10.83 29.44
N PHE D 27 79.45 11.51 29.81
CA PHE D 27 79.21 12.92 29.46
C PHE D 27 79.73 13.89 30.51
N THR D 28 79.47 13.60 31.80
CA THR D 28 79.89 14.51 32.84
C THR D 28 81.36 14.34 33.21
N SER D 29 81.86 13.10 33.14
CA SER D 29 83.26 12.81 33.41
C SER D 29 83.61 11.54 32.65
N ALA D 30 84.88 11.41 32.27
CA ALA D 30 85.31 10.18 31.63
C ALA D 30 85.18 8.99 32.56
N GLU D 31 84.98 9.23 33.86
CA GLU D 31 84.86 8.18 34.86
C GLU D 31 83.40 7.82 35.14
N ASP D 32 82.52 8.81 35.16
CA ASP D 32 81.14 8.57 35.50
C ASP D 32 80.42 7.84 34.37
N LEU D 33 79.46 7.00 34.75
CA LEU D 33 78.54 6.38 33.80
C LEU D 33 77.25 7.18 33.88
N ASN D 34 76.83 7.73 32.74
CA ASN D 34 75.71 8.66 32.68
C ASN D 34 74.52 8.03 31.95
N LEU D 35 73.33 8.36 32.45
CA LEU D 35 72.07 8.07 31.78
C LEU D 35 71.40 9.41 31.49
N LEU D 36 71.31 9.77 30.22
CA LEU D 36 70.61 11.00 29.81
C LEU D 36 69.22 10.60 29.32
N ILE D 37 68.19 11.10 30.00
CA ILE D 37 66.81 10.83 29.67
C ILE D 37 66.22 12.10 29.08
N ALA D 38 65.54 11.98 27.93
CA ALA D 38 64.99 13.13 27.24
C ALA D 38 63.46 13.11 27.33
N LYS D 39 62.90 14.18 27.87
CA LYS D 39 61.49 14.52 27.79
C LYS D 39 61.33 15.62 26.75
N ASN D 40 60.08 15.84 26.33
CA ASN D 40 59.85 16.64 25.14
C ASN D 40 60.72 17.88 25.07
N THR D 41 60.73 18.68 26.14
CA THR D 41 61.55 19.87 26.23
C THR D 41 62.58 19.81 27.36
N ARG D 42 62.66 18.71 28.09
CA ARG D 42 63.51 18.61 29.27
C ARG D 42 64.56 17.53 29.08
N LEU D 43 65.82 17.86 29.38
CA LEU D 43 66.94 16.93 29.37
C LEU D 43 67.37 16.69 30.81
N GLU D 44 67.33 15.43 31.24
CA GLU D 44 67.72 15.02 32.60
C GLU D 44 69.01 14.23 32.54
N ILE D 45 69.96 14.58 33.41
CA ILE D 45 71.27 13.93 33.45
C ILE D 45 71.40 13.19 34.78
N TYR D 46 71.72 11.90 34.73
CA TYR D 46 71.88 11.07 35.92
C TYR D 46 73.26 10.40 35.91
N VAL D 47 73.67 9.90 37.08
CA VAL D 47 74.87 9.09 37.22
C VAL D 47 74.49 7.74 37.83
N VAL D 48 75.00 6.67 37.23
CA VAL D 48 74.65 5.31 37.61
C VAL D 48 75.39 4.90 38.88
N THR D 49 74.65 4.36 39.84
CA THR D 49 75.17 3.79 41.06
C THR D 49 74.71 2.33 41.16
N ALA D 50 75.17 1.63 42.19
CA ALA D 50 74.64 0.29 42.46
C ALA D 50 73.24 0.34 43.08
N GLU D 51 72.77 1.55 43.43
CA GLU D 51 71.51 1.76 44.13
C GLU D 51 70.38 2.18 43.20
N GLY D 52 70.68 3.00 42.21
CA GLY D 52 69.70 3.56 41.32
C GLY D 52 70.35 4.63 40.48
N LEU D 53 69.70 5.79 40.35
CA LEU D 53 70.21 6.90 39.56
C LEU D 53 70.42 8.09 40.48
N ARG D 54 71.57 8.75 40.35
CA ARG D 54 71.85 9.95 41.12
C ARG D 54 71.70 11.17 40.22
N PRO D 55 70.74 12.04 40.46
CA PRO D 55 70.58 13.22 39.60
C PRO D 55 71.72 14.20 39.77
N VAL D 56 72.07 14.89 38.69
CA VAL D 56 73.18 15.84 38.74
C VAL D 56 72.75 17.20 38.20
N LYS D 57 71.96 17.21 37.12
CA LYS D 57 71.60 18.47 36.48
C LYS D 57 70.40 18.22 35.58
N GLU D 58 69.51 19.21 35.51
CA GLU D 58 68.39 19.18 34.57
C GLU D 58 68.29 20.54 33.89
N VAL D 59 68.17 20.52 32.56
CA VAL D 59 68.02 21.74 31.78
C VAL D 59 66.79 21.63 30.90
N GLY D 60 66.21 22.79 30.60
CA GLY D 60 65.21 22.91 29.56
C GLY D 60 65.83 23.50 28.30
N MET D 61 65.25 23.15 27.16
CA MET D 61 65.66 23.68 25.87
C MET D 61 64.48 24.34 25.18
N TYR D 62 64.79 25.34 24.35
CA TYR D 62 63.76 26.04 23.56
C TYR D 62 63.50 25.25 22.28
N GLY D 63 62.98 24.03 22.46
CA GLY D 63 62.78 23.13 21.35
C GLY D 63 62.44 21.71 21.76
N LYS D 64 61.75 20.99 20.87
CA LYS D 64 61.48 19.57 21.06
C LYS D 64 62.69 18.74 20.67
N ILE D 65 63.12 17.86 21.56
CA ILE D 65 64.34 17.07 21.32
C ILE D 65 64.00 15.94 20.35
N ALA D 66 64.56 16.01 19.14
CA ALA D 66 64.32 14.99 18.13
C ALA D 66 65.44 13.95 18.11
N VAL D 67 66.69 14.39 18.11
CA VAL D 67 67.85 13.50 18.11
C VAL D 67 68.68 13.78 19.36
N MET D 68 69.06 12.73 20.08
CA MET D 68 69.95 12.84 21.23
C MET D 68 70.93 11.68 21.21
N GLU D 69 72.23 11.97 21.10
CA GLU D 69 73.22 10.92 20.99
C GLU D 69 74.52 11.38 21.65
N LEU D 70 75.26 10.44 22.23
CA LEU D 70 76.54 10.74 22.85
C LEU D 70 77.65 10.22 21.95
N PHE D 71 78.68 11.04 21.73
CA PHE D 71 79.80 10.67 20.88
C PHE D 71 81.05 11.30 21.49
N ARG D 72 82.21 10.78 21.10
CA ARG D 72 83.48 11.24 21.66
C ARG D 72 84.52 11.35 20.55
N PRO D 73 84.69 12.54 19.99
CA PRO D 73 85.61 12.69 18.85
C PRO D 73 87.06 12.54 19.27
N LYS D 74 87.89 12.18 18.30
CA LYS D 74 89.32 12.03 18.53
C LYS D 74 89.88 13.28 19.17
N GLY D 75 90.55 13.11 20.31
CA GLY D 75 91.13 14.21 21.03
C GLY D 75 90.37 14.70 22.25
N GLU D 76 89.14 14.25 22.47
CA GLU D 76 88.36 14.70 23.61
C GLU D 76 88.58 13.86 24.86
N SER D 77 88.42 14.52 26.01
CA SER D 77 88.57 13.87 27.30
C SER D 77 87.37 12.99 27.65
N LYS D 78 86.17 13.39 27.23
CA LYS D 78 84.93 12.74 27.62
C LYS D 78 83.90 12.96 26.54
N ASP D 79 82.77 12.28 26.66
CA ASP D 79 81.76 12.32 25.62
C ASP D 79 81.13 13.70 25.51
N LEU D 80 80.79 14.08 24.28
CA LEU D 80 79.99 15.26 23.97
C LEU D 80 78.58 14.83 23.58
N LEU D 81 77.64 15.77 23.64
CA LEU D 81 76.24 15.48 23.39
C LEU D 81 75.74 16.25 22.18
N PHE D 82 75.10 15.52 21.26
CA PHE D 82 74.46 16.11 20.10
C PHE D 82 72.94 16.10 20.26
N ILE D 83 72.31 17.24 20.00
CA ILE D 83 70.84 17.34 20.04
C ILE D 83 70.32 18.14 18.86
N LEU D 84 69.28 17.60 18.21
CA LEU D 84 68.57 18.24 17.12
C LEU D 84 67.10 18.34 17.48
N THR D 85 66.51 19.51 17.29
CA THR D 85 65.11 19.73 17.62
C THR D 85 64.19 19.56 16.41
N ALA D 86 62.88 19.47 16.71
CA ALA D 86 61.86 19.28 15.68
C ALA D 86 61.72 20.52 14.79
N LYS D 87 62.17 21.68 15.26
CA LYS D 87 62.30 22.85 14.41
C LYS D 87 63.66 22.92 13.75
N TYR D 88 64.44 21.84 13.84
CA TYR D 88 65.71 21.70 13.15
C TYR D 88 66.81 22.55 13.77
N ASN D 89 66.74 22.77 15.08
CA ASN D 89 67.82 23.40 15.82
C ASN D 89 68.83 22.34 16.26
N ALA D 90 70.04 22.45 15.75
CA ALA D 90 71.13 21.52 16.06
C ALA D 90 72.13 22.19 17.00
N CYS D 91 72.76 21.39 17.84
CA CYS D 91 73.79 21.89 18.73
C CYS D 91 74.62 20.73 19.26
N ILE D 92 75.86 21.01 19.62
CA ILE D 92 76.72 20.07 20.34
C ILE D 92 76.99 20.67 21.72
N LEU D 93 76.79 19.86 22.76
CA LEU D 93 76.82 20.33 24.12
C LEU D 93 77.95 19.66 24.90
N GLU D 94 78.48 20.39 25.88
CA GLU D 94 79.52 19.91 26.77
C GLU D 94 79.13 20.17 28.21
N TYR D 95 79.34 19.18 29.07
CA TYR D 95 79.17 19.34 30.51
C TYR D 95 80.46 19.92 31.08
N LYS D 96 80.34 21.02 31.82
CA LYS D 96 81.48 21.65 32.45
C LYS D 96 81.09 22.05 33.87
N GLN D 97 81.86 21.58 34.85
CA GLN D 97 81.56 21.83 36.25
C GLN D 97 82.81 22.27 36.98
N SER D 98 82.69 23.38 37.70
CA SER D 98 83.79 23.95 38.50
C SER D 98 83.28 24.11 39.93
N GLY D 99 83.58 23.15 40.79
CA GLY D 99 83.03 23.14 42.12
C GLY D 99 81.53 22.87 42.06
N GLU D 100 80.74 23.79 42.60
CA GLU D 100 79.29 23.66 42.57
C GLU D 100 78.64 24.29 41.35
N SER D 101 79.39 25.04 40.53
CA SER D 101 78.80 25.75 39.41
C SER D 101 78.72 24.82 38.21
N ILE D 102 77.50 24.47 37.82
CA ILE D 102 77.27 23.58 36.68
C ILE D 102 76.68 24.40 35.55
N ASP D 103 77.28 24.28 34.37
CA ASP D 103 76.82 24.93 33.16
C ASP D 103 76.85 23.91 32.05
N ILE D 104 76.02 24.13 31.03
CA ILE D 104 76.03 23.32 29.82
C ILE D 104 76.47 24.23 28.70
N ILE D 105 77.59 23.91 28.07
CA ILE D 105 78.24 24.80 27.12
C ILE D 105 77.83 24.42 25.70
N THR D 106 77.54 25.44 24.90
CA THR D 106 77.19 25.26 23.49
C THR D 106 78.48 25.29 22.68
N ARG D 107 78.94 24.11 22.25
CA ARG D 107 80.18 24.03 21.49
C ARG D 107 79.93 24.35 20.01
N ALA D 108 78.77 23.96 19.49
CA ALA D 108 78.41 24.22 18.10
C ALA D 108 76.90 24.36 18.03
N HIS D 109 76.41 25.19 17.10
CA HIS D 109 74.97 25.35 16.96
C HIS D 109 74.60 25.98 15.62
N GLY D 110 73.38 25.68 15.18
CA GLY D 110 72.83 26.21 13.95
C GLY D 110 71.52 25.53 13.64
N ASN D 111 70.85 26.04 12.61
CA ASN D 111 69.60 25.46 12.13
C ASN D 111 69.83 24.75 10.80
N VAL D 112 69.43 23.49 10.73
CA VAL D 112 69.81 22.61 9.62
C VAL D 112 68.64 22.41 8.64
N GLN D 113 67.64 23.28 8.67
CA GLN D 113 66.48 23.14 7.79
C GLN D 113 66.82 23.49 6.36
N ASP D 114 66.30 22.69 5.41
CA ASP D 114 66.46 22.94 3.99
C ASP D 114 65.29 23.77 3.46
N ARG D 115 65.59 24.69 2.53
CA ARG D 115 64.51 25.47 1.96
C ARG D 115 63.48 24.56 1.31
N ILE D 116 63.95 23.54 0.60
CA ILE D 116 63.09 22.63 -0.16
C ILE D 116 63.37 21.21 0.30
N GLY D 117 62.32 20.51 0.71
CA GLY D 117 62.42 19.12 1.09
C GLY D 117 61.10 18.59 1.61
N ARG D 118 60.85 17.30 1.41
CA ARG D 118 59.63 16.69 1.91
C ARG D 118 59.94 15.98 3.21
N PRO D 119 59.40 16.41 4.35
CA PRO D 119 59.67 15.69 5.60
C PRO D 119 59.32 14.22 5.47
N SER D 120 60.18 13.36 6.00
CA SER D 120 60.05 11.93 5.77
C SER D 120 58.92 11.35 6.61
N GLU D 121 58.38 10.23 6.16
CA GLU D 121 57.24 9.62 6.83
C GLU D 121 57.62 9.09 8.22
N THR D 122 58.76 8.40 8.33
CA THR D 122 59.16 7.82 9.61
C THR D 122 59.93 8.81 10.48
N GLY D 123 59.90 10.11 10.16
CA GLY D 123 60.42 11.13 11.04
C GLY D 123 61.92 11.33 10.95
N ILE D 124 62.40 12.28 11.75
CA ILE D 124 63.82 12.59 11.78
C ILE D 124 64.60 11.42 12.34
N ILE D 125 65.67 11.05 11.66
CA ILE D 125 66.64 10.07 12.14
C ILE D 125 68.01 10.74 12.23
N GLY D 126 68.71 10.48 13.33
CA GLY D 126 70.06 10.97 13.51
C GLY D 126 71.04 9.88 13.91
N ILE D 127 72.19 9.82 13.22
CA ILE D 127 73.21 8.82 13.48
C ILE D 127 74.59 9.46 13.40
N ILE D 128 75.55 8.85 14.09
CA ILE D 128 76.92 9.34 14.09
C ILE D 128 77.88 8.20 13.75
N ASP D 129 78.94 8.55 13.01
CA ASP D 129 79.95 7.59 12.59
C ASP D 129 80.61 6.96 13.83
N PRO D 130 81.00 5.68 13.75
CA PRO D 130 81.69 5.08 14.91
C PRO D 130 82.99 5.79 15.22
N GLU D 131 83.70 6.25 14.21
CA GLU D 131 84.92 7.03 14.34
C GLU D 131 84.63 8.51 14.54
N CYS D 132 83.38 8.87 14.81
CA CYS D 132 82.97 10.25 15.09
C CYS D 132 83.51 11.21 14.05
N ARG D 133 83.42 10.80 12.78
CA ARG D 133 83.83 11.69 11.68
C ARG D 133 82.73 12.62 11.21
N MET D 134 81.47 12.21 11.32
CA MET D 134 80.39 13.02 10.77
C MET D 134 79.09 12.66 11.48
N ILE D 135 78.12 13.57 11.37
CA ILE D 135 76.76 13.34 11.85
C ILE D 135 75.88 13.13 10.63
N GLY D 136 75.16 12.01 10.59
CA GLY D 136 74.21 11.74 9.53
C GLY D 136 72.81 12.13 9.95
N LEU D 137 72.10 12.83 9.06
CA LEU D 137 70.74 13.26 9.32
C LEU D 137 69.84 12.85 8.16
N ARG D 138 68.72 12.22 8.47
CA ARG D 138 67.68 11.93 7.49
C ARG D 138 66.49 12.83 7.84
N LEU D 139 66.41 13.99 7.19
CA LEU D 139 65.35 14.95 7.44
C LEU D 139 64.24 14.89 6.40
N TYR D 140 64.59 14.68 5.14
CA TYR D 140 63.64 14.74 4.04
C TYR D 140 63.76 13.50 3.18
N ASP D 141 62.63 13.10 2.58
CA ASP D 141 62.67 12.02 1.61
C ASP D 141 63.63 12.37 0.49
N GLY D 142 64.54 11.46 0.19
CA GLY D 142 65.44 11.63 -0.94
C GLY D 142 66.66 12.48 -0.72
N LEU D 143 66.90 12.99 0.49
CA LEU D 143 68.08 13.80 0.77
C LEU D 143 68.68 13.31 2.08
N PHE D 144 69.99 13.07 2.08
CA PHE D 144 70.75 12.67 3.25
C PHE D 144 71.73 13.81 3.55
N LYS D 145 71.63 14.37 4.75
CA LYS D 145 72.42 15.53 5.15
C LYS D 145 73.59 15.08 6.01
N VAL D 146 74.76 15.65 5.74
CA VAL D 146 75.98 15.29 6.45
C VAL D 146 76.54 16.53 7.14
N ILE D 147 76.70 16.45 8.45
CA ILE D 147 77.46 17.44 9.22
C ILE D 147 78.82 16.82 9.54
N PRO D 148 79.91 17.30 8.94
CA PRO D 148 81.23 16.74 9.28
C PRO D 148 81.68 17.16 10.68
N LEU D 149 82.26 16.22 11.42
CA LEU D 149 82.71 16.48 12.79
C LEU D 149 84.14 17.03 12.74
N ASP D 150 84.24 18.22 12.19
CA ASP D 150 85.46 19.01 12.15
C ASP D 150 85.61 19.84 13.41
N ARG D 151 86.86 20.13 13.78
CA ARG D 151 87.10 20.93 14.96
C ARG D 151 86.53 22.35 14.79
N ASP D 152 86.60 22.88 13.57
CA ASP D 152 86.21 24.26 13.28
C ASP D 152 84.75 24.42 12.87
N ASN D 153 84.01 23.33 12.67
CA ASN D 153 82.64 23.42 12.16
C ASN D 153 81.71 23.83 13.31
N LYS D 154 81.95 25.07 13.79
CA LYS D 154 81.20 25.61 14.91
C LYS D 154 79.79 26.04 14.54
N GLU D 155 79.52 26.21 13.24
CA GLU D 155 78.17 26.52 12.77
C GLU D 155 77.41 25.28 12.31
N LEU D 156 78.00 24.09 12.43
CA LEU D 156 77.34 22.85 12.00
C LEU D 156 76.87 22.97 10.55
N LYS D 157 77.78 23.42 9.70
CA LYS D 157 77.51 23.47 8.27
C LYS D 157 77.39 22.06 7.70
N ALA D 158 76.54 21.92 6.69
CA ALA D 158 76.27 20.59 6.15
C ALA D 158 75.98 20.64 4.66
N PHE D 159 76.10 19.48 4.01
CA PHE D 159 75.81 19.28 2.60
C PHE D 159 74.86 18.10 2.48
N ASN D 160 74.09 18.06 1.41
CA ASN D 160 73.12 17.01 1.18
C ASN D 160 73.56 16.13 0.03
N ILE D 161 73.45 14.81 0.21
CA ILE D 161 73.77 13.82 -0.81
C ILE D 161 72.45 13.23 -1.28
N ARG D 162 72.17 13.29 -2.59
CA ARG D 162 70.91 12.75 -3.09
C ARG D 162 70.83 11.26 -2.81
N LEU D 163 69.65 10.81 -2.40
CA LEU D 163 69.37 9.41 -2.09
C LEU D 163 68.25 8.93 -3.00
N GLU D 164 68.54 7.93 -3.83
CA GLU D 164 67.53 7.44 -4.77
C GLU D 164 66.36 6.80 -4.03
N GLU D 165 66.64 6.05 -2.97
CA GLU D 165 65.60 5.34 -2.23
C GLU D 165 64.87 6.38 -1.39
N LEU D 166 63.69 6.78 -1.85
CA LEU D 166 63.01 7.93 -1.26
C LEU D 166 62.43 7.60 0.11
N HIS D 167 61.91 6.40 0.27
CA HIS D 167 61.21 5.99 1.49
C HIS D 167 62.16 5.11 2.30
N VAL D 168 62.81 5.71 3.31
CA VAL D 168 63.75 4.98 4.14
C VAL D 168 63.02 4.65 5.44
N ILE D 169 63.07 3.38 5.84
CA ILE D 169 62.45 2.98 7.09
C ILE D 169 63.38 3.30 8.26
N ASP D 170 64.63 2.85 8.17
CA ASP D 170 65.62 3.10 9.21
C ASP D 170 67.02 3.06 8.62
N VAL D 171 67.95 3.80 9.24
CA VAL D 171 69.35 3.84 8.79
C VAL D 171 70.26 3.92 10.01
N LYS D 172 71.41 3.26 9.92
CA LYS D 172 72.45 3.28 10.95
C LYS D 172 73.82 3.27 10.28
N PHE D 173 74.79 3.94 10.92
CA PHE D 173 76.19 3.80 10.51
C PHE D 173 76.71 2.43 10.97
N LEU D 174 77.51 1.78 10.12
CA LEU D 174 77.97 0.43 10.40
C LEU D 174 79.37 0.39 11.02
N TYR D 175 79.58 -0.64 11.85
CA TYR D 175 80.88 -0.89 12.45
C TYR D 175 81.75 -1.80 11.57
N GLY D 176 83.06 -1.71 11.77
CA GLY D 176 83.99 -2.60 11.13
C GLY D 176 84.20 -2.35 9.65
N CYS D 177 84.07 -1.11 9.21
CA CYS D 177 84.24 -0.74 7.81
C CYS D 177 85.37 0.27 7.71
N GLN D 178 86.14 0.18 6.62
CA GLN D 178 87.25 1.11 6.45
C GLN D 178 86.77 2.51 6.11
N ALA D 179 85.67 2.60 5.37
CA ALA D 179 85.09 3.87 4.99
C ALA D 179 83.74 3.99 5.71
N PRO D 180 83.27 5.20 5.95
CA PRO D 180 81.95 5.37 6.58
C PRO D 180 80.88 4.67 5.75
N THR D 181 80.10 3.81 6.39
CA THR D 181 79.10 3.01 5.69
C THR D 181 77.76 3.16 6.38
N ILE D 182 76.72 3.42 5.59
CA ILE D 182 75.36 3.50 6.10
C ILE D 182 74.61 2.27 5.61
N CYS D 183 73.82 1.68 6.49
CA CYS D 183 72.94 0.57 6.16
C CYS D 183 71.51 1.03 6.43
N PHE D 184 70.64 0.92 5.43
CA PHE D 184 69.28 1.40 5.55
C PHE D 184 68.32 0.42 4.93
N VAL D 185 67.10 0.39 5.47
CA VAL D 185 65.98 -0.38 4.96
C VAL D 185 65.02 0.60 4.30
N TYR D 186 64.60 0.28 3.08
CA TYR D 186 63.73 1.16 2.31
C TYR D 186 62.56 0.33 1.77
N GLN D 187 61.50 1.04 1.40
CA GLN D 187 60.31 0.41 0.86
C GLN D 187 60.07 1.01 -0.52
N ASP D 188 60.14 0.17 -1.54
CA ASP D 188 59.81 0.58 -2.91
C ASP D 188 58.64 -0.30 -3.31
N PRO D 189 58.10 -0.15 -4.52
CA PRO D 189 56.94 -0.99 -4.89
C PRO D 189 57.23 -2.48 -4.86
N GLN D 190 58.49 -2.88 -4.85
CA GLN D 190 58.87 -4.30 -4.90
C GLN D 190 58.99 -4.93 -3.51
N GLY D 191 58.61 -4.22 -2.46
CA GLY D 191 58.76 -4.68 -1.12
C GLY D 191 59.76 -3.83 -0.33
N ARG D 192 60.20 -4.39 0.80
CA ARG D 192 61.24 -3.74 1.58
C ARG D 192 62.54 -4.49 1.38
N HIS D 193 63.62 -3.73 1.22
CA HIS D 193 64.94 -4.26 0.96
C HIS D 193 65.89 -3.51 1.88
N VAL D 194 67.00 -4.15 2.20
CA VAL D 194 68.07 -3.54 2.98
C VAL D 194 69.26 -3.38 2.05
N LYS D 195 69.81 -2.18 2.02
CA LYS D 195 70.87 -1.81 1.09
C LYS D 195 71.91 -1.07 1.91
N THR D 196 73.12 -0.98 1.37
CA THR D 196 74.18 -0.25 2.02
C THR D 196 74.77 0.73 1.01
N TYR D 197 75.20 1.88 1.53
CA TYR D 197 75.93 2.88 0.76
C TYR D 197 77.11 3.34 1.62
N GLU D 198 78.13 3.87 0.96
CA GLU D 198 79.27 4.50 1.63
C GLU D 198 79.24 6.01 1.45
N VAL D 199 79.84 6.70 2.41
CA VAL D 199 79.83 8.16 2.47
C VAL D 199 81.26 8.66 2.38
N SER D 200 81.56 9.47 1.38
CA SER D 200 82.87 10.08 1.21
C SER D 200 82.75 11.57 1.53
N LEU D 201 83.35 11.98 2.65
CA LEU D 201 83.32 13.40 3.01
C LEU D 201 84.13 14.24 2.02
N ARG D 202 85.15 13.66 1.42
CA ARG D 202 85.99 14.42 0.49
C ARG D 202 85.25 14.72 -0.81
N GLU D 203 84.58 13.71 -1.36
CA GLU D 203 83.84 13.92 -2.60
C GLU D 203 82.45 14.49 -2.38
N LYS D 204 81.92 14.40 -1.15
CA LYS D 204 80.57 14.84 -0.85
C LYS D 204 79.54 14.06 -1.69
N GLU D 205 79.65 12.74 -1.68
CA GLU D 205 78.67 11.91 -2.37
C GLU D 205 78.75 10.47 -1.87
N PHE D 206 77.74 9.68 -2.27
CA PHE D 206 77.75 8.27 -1.96
C PHE D 206 78.61 7.51 -2.97
N ASN D 207 79.24 6.43 -2.49
CA ASN D 207 79.90 5.45 -3.35
C ASN D 207 79.32 4.06 -3.09
N LYS D 208 79.74 3.12 -3.92
CA LYS D 208 79.23 1.76 -3.84
C LYS D 208 79.41 1.20 -2.44
N GLY D 209 78.40 0.47 -1.96
CA GLY D 209 78.39 -0.02 -0.60
C GLY D 209 79.11 -1.36 -0.47
N PRO D 210 79.49 -1.72 0.76
CA PRO D 210 80.28 -2.96 0.92
C PRO D 210 79.53 -4.24 0.60
N TRP D 211 78.20 -4.31 0.76
CA TRP D 211 77.54 -5.57 0.45
C TRP D 211 76.16 -5.38 -0.17
N LYS D 212 75.68 -6.49 -0.75
CA LYS D 212 74.52 -6.47 -1.63
C LYS D 212 73.23 -6.32 -0.84
N GLN D 213 72.21 -5.80 -1.51
CA GLN D 213 70.87 -5.65 -0.94
C GLN D 213 70.12 -6.98 -1.01
N GLU D 214 69.42 -7.29 0.08
CA GLU D 214 68.56 -8.46 0.17
C GLU D 214 67.10 -8.02 0.25
N ASN D 215 66.20 -8.89 -0.23
CA ASN D 215 64.77 -8.65 -0.04
C ASN D 215 64.39 -9.12 1.36
N VAL D 216 63.75 -8.24 2.13
CA VAL D 216 63.48 -8.51 3.53
C VAL D 216 61.99 -8.39 3.82
N GLU D 217 61.63 -8.72 5.06
CA GLU D 217 60.23 -8.74 5.47
C GLU D 217 59.57 -7.39 5.22
N ALA D 218 58.32 -7.43 4.77
CA ALA D 218 57.60 -6.19 4.49
C ALA D 218 57.44 -5.33 5.74
N GLU D 219 57.38 -5.94 6.92
CA GLU D 219 57.20 -5.21 8.16
C GLU D 219 58.50 -5.07 8.93
N ALA D 220 59.64 -5.21 8.25
CA ALA D 220 60.94 -4.93 8.84
C ALA D 220 61.02 -3.47 9.27
N SER D 221 61.32 -3.23 10.55
CA SER D 221 61.21 -1.89 11.11
C SER D 221 62.52 -1.29 11.61
N MET D 222 63.45 -2.07 12.15
CA MET D 222 64.63 -1.49 12.79
C MET D 222 65.94 -2.11 12.34
N VAL D 223 66.96 -1.27 12.26
CA VAL D 223 68.32 -1.66 11.88
C VAL D 223 69.23 -1.53 13.09
N ILE D 224 69.99 -2.59 13.38
CA ILE D 224 70.96 -2.62 14.46
C ILE D 224 72.34 -2.77 13.85
N ALA D 225 73.23 -1.82 14.13
CA ALA D 225 74.62 -1.90 13.71
C ALA D 225 75.38 -2.67 14.78
N VAL D 226 75.93 -3.81 14.41
CA VAL D 226 76.59 -4.73 15.34
C VAL D 226 78.08 -4.45 15.35
N PRO D 227 78.69 -4.23 16.51
CA PRO D 227 80.13 -3.92 16.56
C PRO D 227 81.00 -5.14 16.31
N GLU D 228 82.27 -4.87 16.07
CA GLU D 228 83.26 -5.93 15.97
C GLU D 228 83.24 -6.74 17.27
N PRO D 229 83.44 -8.06 17.21
CA PRO D 229 83.93 -8.90 16.11
C PRO D 229 82.96 -9.21 14.98
N PHE D 230 81.67 -9.01 15.20
CA PHE D 230 80.69 -9.42 14.19
C PHE D 230 80.64 -8.51 12.98
N GLY D 231 80.47 -7.21 13.19
CA GLY D 231 80.22 -6.32 12.08
C GLY D 231 78.86 -6.64 11.48
N GLY D 232 78.50 -5.90 10.44
CA GLY D 232 77.24 -6.14 9.78
C GLY D 232 76.08 -5.56 10.56
N ALA D 233 74.87 -6.07 10.27
CA ALA D 233 73.67 -5.50 10.85
C ALA D 233 72.64 -6.57 11.12
N ILE D 234 71.75 -6.27 12.08
CA ILE D 234 70.59 -7.10 12.37
C ILE D 234 69.35 -6.30 12.00
N ILE D 235 68.38 -6.96 11.38
CA ILE D 235 67.14 -6.34 10.95
C ILE D 235 66.00 -6.96 11.75
N ILE D 236 65.26 -6.11 12.48
CA ILE D 236 64.14 -6.55 13.31
C ILE D 236 62.86 -6.37 12.52
N GLY D 237 62.03 -7.41 12.47
CA GLY D 237 60.75 -7.31 11.78
C GLY D 237 59.56 -7.59 12.66
N GLN D 238 58.46 -8.02 12.04
CA GLN D 238 57.25 -8.43 12.74
C GLN D 238 57.30 -9.92 13.07
N GLU D 239 57.80 -10.73 12.14
CA GLU D 239 57.88 -12.17 12.30
C GLU D 239 59.30 -12.71 12.42
N SER D 240 60.30 -11.99 11.89
CA SER D 240 61.65 -12.54 11.79
C SER D 240 62.71 -11.51 12.12
N ILE D 241 63.86 -12.02 12.56
CA ILE D 241 65.07 -11.24 12.82
C ILE D 241 66.19 -11.77 11.93
N THR D 242 66.82 -10.88 11.17
CA THR D 242 67.84 -11.29 10.21
C THR D 242 69.15 -10.55 10.46
N TYR D 243 70.27 -11.24 10.18
CA TYR D 243 71.60 -10.67 10.27
C TYR D 243 72.22 -10.67 8.88
N HIS D 244 72.69 -9.51 8.42
CA HIS D 244 73.30 -9.38 7.10
C HIS D 244 74.71 -8.82 7.24
N ASN D 245 75.69 -9.53 6.67
CA ASN D 245 77.05 -9.01 6.59
C ASN D 245 77.74 -9.66 5.39
N GLY D 246 77.82 -8.91 4.29
CA GLY D 246 78.44 -9.45 3.11
C GLY D 246 77.91 -10.79 2.66
N ASP D 247 78.78 -11.80 2.77
CA ASP D 247 78.40 -13.15 2.37
C ASP D 247 77.56 -13.86 3.43
N LYS D 248 77.64 -13.45 4.69
CA LYS D 248 76.91 -14.11 5.75
C LYS D 248 75.46 -13.66 5.78
N TYR D 249 74.55 -14.64 5.95
CA TYR D 249 73.12 -14.40 6.09
C TYR D 249 72.52 -15.36 7.10
N LEU D 250 71.85 -14.83 8.12
CA LEU D 250 71.14 -15.64 9.11
C LEU D 250 69.73 -15.09 9.29
N ALA D 251 68.78 -15.99 9.55
CA ALA D 251 67.37 -15.59 9.74
C ALA D 251 66.71 -16.50 10.76
N ILE D 252 66.35 -15.94 11.93
CA ILE D 252 65.56 -16.66 12.93
C ILE D 252 64.16 -16.06 12.96
N ALA D 253 63.15 -16.93 13.00
CA ALA D 253 61.75 -16.52 12.97
C ALA D 253 60.98 -17.26 14.07
N PRO D 254 61.26 -16.96 15.33
CA PRO D 254 60.61 -17.68 16.43
C PRO D 254 59.16 -17.26 16.54
N PRO D 255 58.25 -18.22 16.78
CA PRO D 255 56.81 -17.87 16.81
C PRO D 255 56.46 -16.85 17.87
N ILE D 256 57.34 -16.61 18.83
CA ILE D 256 56.99 -15.82 20.01
C ILE D 256 56.85 -14.35 19.67
N ILE D 257 57.73 -13.82 18.82
CA ILE D 257 57.74 -12.39 18.57
C ILE D 257 56.58 -11.95 17.66
N LYS D 258 56.06 -12.84 16.83
CA LYS D 258 54.92 -12.51 15.97
C LYS D 258 53.71 -12.07 16.78
N GLN D 259 53.63 -12.49 18.05
CA GLN D 259 52.46 -12.15 18.86
C GLN D 259 52.33 -10.66 19.07
N SER D 260 53.44 -9.94 19.21
CA SER D 260 53.38 -8.51 19.45
C SER D 260 54.59 -7.82 18.82
N THR D 261 54.32 -6.70 18.17
CA THR D 261 55.36 -5.97 17.46
C THR D 261 56.49 -5.55 18.39
N ILE D 262 57.73 -5.78 17.95
CA ILE D 262 58.91 -5.34 18.67
C ILE D 262 59.23 -3.92 18.23
N VAL D 263 59.39 -3.02 19.19
CA VAL D 263 59.48 -1.61 18.87
C VAL D 263 60.80 -0.98 19.28
N CYS D 264 61.57 -1.58 20.19
CA CYS D 264 62.82 -0.98 20.62
C CYS D 264 63.88 -2.05 20.86
N HIS D 265 65.14 -1.61 20.86
CA HIS D 265 66.31 -2.48 20.99
C HIS D 265 67.43 -1.73 21.70
N ASN D 266 68.27 -2.48 22.41
CA ASN D 266 69.47 -1.90 22.99
C ASN D 266 70.60 -2.93 23.09
N ARG D 267 71.83 -2.44 22.94
CA ARG D 267 73.02 -3.29 23.00
C ARG D 267 73.39 -3.47 24.47
N VAL D 268 73.58 -4.72 24.90
CA VAL D 268 73.93 -5.02 26.28
C VAL D 268 75.45 -5.16 26.38
N ASP D 269 75.99 -6.14 25.65
CA ASP D 269 77.42 -6.45 25.70
C ASP D 269 78.16 -5.63 24.66
N PRO D 270 79.15 -4.82 25.04
CA PRO D 270 79.83 -3.99 24.03
C PRO D 270 80.26 -4.73 22.77
N ASN D 271 80.57 -6.02 22.84
CA ASN D 271 80.97 -6.74 21.64
C ASN D 271 79.80 -7.23 20.80
N GLY D 272 78.56 -6.98 21.22
CA GLY D 272 77.40 -7.36 20.44
C GLY D 272 76.85 -8.75 20.68
N SER D 273 77.34 -9.45 21.70
CA SER D 273 76.89 -10.82 21.94
C SER D 273 75.41 -10.86 22.33
N ARG D 274 74.95 -9.88 23.11
CA ARG D 274 73.59 -9.87 23.64
C ARG D 274 72.94 -8.52 23.43
N TYR D 275 71.64 -8.54 23.05
CA TYR D 275 70.83 -7.34 22.89
C TYR D 275 69.51 -7.53 23.63
N LEU D 276 68.89 -6.40 24.01
CA LEU D 276 67.56 -6.40 24.59
C LEU D 276 66.54 -5.95 23.57
N LEU D 277 65.36 -6.57 23.58
CA LEU D 277 64.27 -6.22 22.70
C LEU D 277 62.98 -6.03 23.49
N GLY D 278 62.18 -5.05 23.11
CA GLY D 278 60.89 -4.81 23.74
C GLY D 278 59.79 -4.67 22.70
N ASP D 279 58.61 -5.16 23.06
CA ASP D 279 57.45 -5.16 22.17
C ASP D 279 56.27 -4.46 22.82
N MET D 280 55.20 -4.30 22.02
CA MET D 280 54.06 -3.47 22.43
C MET D 280 53.25 -4.05 23.57
N GLU D 281 53.35 -5.35 23.83
CA GLU D 281 52.69 -5.92 25.00
C GLU D 281 53.56 -5.84 26.25
N GLY D 282 54.69 -5.14 26.15
CA GLY D 282 55.55 -4.92 27.29
C GLY D 282 56.55 -6.03 27.55
N ARG D 283 56.66 -6.99 26.63
CA ARG D 283 57.51 -8.13 26.84
C ARG D 283 58.95 -7.76 26.57
N LEU D 284 59.85 -8.30 27.40
CA LEU D 284 61.27 -8.02 27.31
C LEU D 284 62.00 -9.28 26.89
N PHE D 285 62.76 -9.19 25.80
CA PHE D 285 63.49 -10.32 25.27
C PHE D 285 64.99 -10.07 25.34
N MET D 286 65.74 -11.16 25.29
CA MET D 286 67.19 -11.13 25.11
C MET D 286 67.51 -11.74 23.76
N LEU D 287 68.21 -10.98 22.91
CA LEU D 287 68.67 -11.45 21.61
C LEU D 287 70.15 -11.84 21.74
N LEU D 288 70.45 -13.11 21.47
CA LEU D 288 71.76 -13.69 21.68
C LEU D 288 72.43 -13.93 20.33
N LEU D 289 73.67 -13.47 20.19
CA LEU D 289 74.48 -13.74 19.00
C LEU D 289 75.50 -14.80 19.36
N GLU D 290 75.27 -16.03 18.92
CA GLU D 290 76.21 -17.11 19.21
C GLU D 290 77.40 -17.06 18.27
N LYS D 291 78.59 -17.05 18.86
CA LYS D 291 79.83 -16.84 18.14
C LYS D 291 80.47 -18.19 17.80
N GLU D 292 81.20 -18.19 16.70
CA GLU D 292 82.00 -19.34 16.28
C GLU D 292 83.38 -18.82 15.90
N GLU D 293 84.41 -19.37 16.54
CA GLU D 293 85.78 -18.99 16.22
C GLU D 293 86.28 -19.91 15.12
N GLN D 294 86.83 -19.32 14.07
CA GLN D 294 87.35 -20.08 12.93
C GLN D 294 88.79 -20.50 13.24
N MET D 295 89.25 -21.53 12.53
CA MET D 295 90.65 -21.91 12.67
C MET D 295 91.58 -20.75 12.35
N ASP D 296 91.06 -19.65 11.82
CA ASP D 296 91.86 -18.49 11.48
C ASP D 296 92.16 -17.63 12.70
N GLY D 297 91.43 -17.83 13.79
CA GLY D 297 91.42 -16.93 14.92
C GLY D 297 90.34 -15.89 14.83
N THR D 298 89.78 -15.70 13.63
CA THR D 298 88.69 -14.78 13.35
C THR D 298 87.36 -15.34 13.85
N VAL D 299 86.45 -14.44 14.23
CA VAL D 299 85.15 -14.81 14.79
C VAL D 299 84.02 -14.47 13.82
N THR D 300 83.15 -15.46 13.57
CA THR D 300 81.95 -15.34 12.77
C THR D 300 80.71 -15.69 13.61
N LEU D 301 79.55 -15.23 13.13
CA LEU D 301 78.28 -15.46 13.81
C LEU D 301 77.66 -16.78 13.38
N LYS D 302 77.58 -17.73 14.31
CA LYS D 302 77.00 -19.04 14.02
C LYS D 302 75.47 -19.00 13.99
N ASP D 303 74.84 -18.35 14.97
CA ASP D 303 73.40 -18.44 15.09
C ASP D 303 72.84 -17.34 15.99
N LEU D 304 71.52 -17.16 15.90
CA LEU D 304 70.76 -16.21 16.69
C LEU D 304 69.77 -16.94 17.59
N ARG D 305 69.56 -16.41 18.80
CA ARG D 305 68.62 -16.99 19.74
C ARG D 305 67.87 -15.86 20.45
N VAL D 306 66.59 -16.12 20.77
CA VAL D 306 65.76 -15.16 21.49
C VAL D 306 65.24 -15.82 22.76
N GLU D 307 65.37 -15.14 23.89
CA GLU D 307 64.90 -15.65 25.17
C GLU D 307 64.00 -14.61 25.82
N LEU D 308 62.83 -15.05 26.29
CA LEU D 308 61.90 -14.18 26.97
C LEU D 308 62.39 -13.96 28.40
N LEU D 309 62.56 -12.69 28.78
CA LEU D 309 63.03 -12.39 30.13
C LEU D 309 61.88 -12.15 31.09
N GLY D 310 60.87 -11.41 30.66
CA GLY D 310 59.77 -11.09 31.55
C GLY D 310 58.93 -9.97 30.97
N GLU D 311 58.38 -9.16 31.87
CA GLU D 311 57.48 -8.09 31.51
C GLU D 311 57.96 -6.78 32.12
N THR D 312 57.90 -5.73 31.32
CA THR D 312 58.20 -4.38 31.79
C THR D 312 57.03 -3.47 31.40
N SER D 313 57.18 -2.17 31.63
CA SER D 313 56.25 -1.21 31.06
C SER D 313 56.53 -1.09 29.57
N ILE D 314 55.48 -0.82 28.81
CA ILE D 314 55.60 -0.64 27.36
C ILE D 314 56.71 0.37 27.10
N ALA D 315 57.78 -0.07 26.45
CA ALA D 315 59.00 0.71 26.36
C ALA D 315 59.05 1.49 25.04
N GLU D 316 59.27 2.80 25.15
CA GLU D 316 59.65 3.57 23.97
C GLU D 316 61.10 3.29 23.62
N CYS D 317 61.96 3.25 24.64
CA CYS D 317 63.37 2.92 24.48
C CYS D 317 63.86 2.18 25.71
N LEU D 318 64.85 1.31 25.49
CA LEU D 318 65.50 0.56 26.55
C LEU D 318 66.96 0.96 26.60
N THR D 319 67.54 0.92 27.79
CA THR D 319 68.99 1.08 27.92
C THR D 319 69.50 0.26 29.09
N TYR D 320 70.60 -0.48 28.83
CA TYR D 320 71.19 -1.34 29.84
C TYR D 320 72.23 -0.47 30.54
N LEU D 321 72.10 -0.34 31.86
CA LEU D 321 73.08 0.42 32.64
C LEU D 321 74.24 -0.49 33.02
N ASP D 322 74.07 -1.33 34.03
CA ASP D 322 75.17 -2.17 34.49
C ASP D 322 74.75 -3.11 35.61
N ASN D 323 75.42 -4.25 35.72
CA ASN D 323 75.18 -5.18 36.83
C ASN D 323 73.78 -5.77 36.79
N GLY D 324 73.16 -5.79 35.62
CA GLY D 324 71.83 -6.34 35.44
C GLY D 324 70.70 -5.35 35.64
N VAL D 325 70.99 -4.06 35.66
CA VAL D 325 69.97 -3.03 35.85
C VAL D 325 69.68 -2.37 34.50
N VAL D 326 68.40 -2.30 34.15
CA VAL D 326 67.95 -1.76 32.87
C VAL D 326 66.94 -0.65 33.09
N PHE D 327 67.16 0.50 32.44
CA PHE D 327 66.19 1.59 32.49
C PHE D 327 65.15 1.40 31.40
N VAL D 328 63.88 1.37 31.78
CA VAL D 328 62.76 1.20 30.85
C VAL D 328 62.14 2.57 30.66
N GLY D 329 62.32 3.18 29.51
CA GLY D 329 61.78 4.49 29.22
C GLY D 329 60.47 4.36 28.47
N SER D 330 59.39 4.82 29.10
CA SER D 330 58.04 4.61 28.61
C SER D 330 57.34 5.91 28.31
N ARG D 331 56.60 5.93 27.19
CA ARG D 331 55.74 7.05 26.84
C ARG D 331 54.27 6.81 27.18
N LEU D 332 53.83 5.56 27.27
CA LEU D 332 52.44 5.23 27.54
C LEU D 332 52.18 4.90 29.01
N GLY D 333 53.22 4.58 29.78
CA GLY D 333 53.08 4.17 31.15
C GLY D 333 54.26 4.59 32.01
N ASP D 334 54.29 4.11 33.26
CA ASP D 334 55.38 4.47 34.16
C ASP D 334 56.71 3.92 33.64
N SER D 335 57.75 4.74 33.72
CA SER D 335 59.11 4.32 33.40
C SER D 335 59.67 3.51 34.56
N GLN D 336 60.79 2.81 34.31
CA GLN D 336 61.22 1.84 35.31
C GLN D 336 62.73 1.69 35.39
N LEU D 337 63.20 1.25 36.56
CA LEU D 337 64.47 0.56 36.74
C LEU D 337 64.16 -0.89 37.07
N VAL D 338 64.72 -1.84 36.32
CA VAL D 338 64.47 -3.24 36.57
C VAL D 338 65.78 -4.00 36.71
N LYS D 339 65.74 -5.11 37.44
CA LYS D 339 66.86 -5.99 37.65
C LYS D 339 66.67 -7.28 36.86
N LEU D 340 67.69 -7.63 36.08
CA LEU D 340 67.72 -8.88 35.33
C LEU D 340 68.52 -9.90 36.11
N ASN D 341 67.88 -11.01 36.48
CA ASN D 341 68.51 -12.06 37.25
C ASN D 341 68.90 -13.23 36.37
N VAL D 342 69.96 -13.95 36.79
CA VAL D 342 70.41 -15.12 36.06
C VAL D 342 69.45 -16.29 36.23
N ASP D 343 68.92 -16.47 37.44
CA ASP D 343 67.93 -17.49 37.72
C ASP D 343 66.54 -16.83 37.69
N SER D 344 65.58 -17.55 37.13
CA SER D 344 64.21 -17.08 37.11
C SER D 344 63.57 -17.21 38.49
N ASN D 345 62.51 -16.44 38.72
CA ASN D 345 61.79 -16.53 39.98
C ASN D 345 60.73 -17.63 39.86
N GLU D 346 59.86 -17.73 40.86
CA GLU D 346 58.88 -18.81 40.90
C GLU D 346 57.86 -18.73 39.77
N GLN D 347 57.74 -17.56 39.12
CA GLN D 347 56.78 -17.37 38.05
C GLN D 347 57.38 -17.61 36.67
N GLY D 348 58.67 -17.90 36.61
CA GLY D 348 59.36 -18.05 35.35
C GLY D 348 59.99 -16.78 34.85
N SER D 349 59.93 -15.70 35.62
CA SER D 349 60.42 -14.40 35.20
C SER D 349 61.85 -14.18 35.68
N TYR D 350 62.64 -13.55 34.82
CA TYR D 350 63.99 -13.11 35.16
C TYR D 350 64.04 -11.62 35.46
N VAL D 351 62.90 -10.94 35.49
CA VAL D 351 62.82 -9.49 35.62
C VAL D 351 62.14 -9.14 36.92
N VAL D 352 62.76 -8.25 37.69
CA VAL D 352 62.19 -7.75 38.94
C VAL D 352 62.31 -6.24 38.93
N ALA D 353 61.19 -5.56 39.17
CA ALA D 353 61.19 -4.10 39.19
C ALA D 353 61.94 -3.60 40.40
N MET D 354 62.77 -2.58 40.20
CA MET D 354 63.45 -1.88 41.29
C MET D 354 62.70 -0.62 41.67
N GLU D 355 62.58 0.33 40.74
CA GLU D 355 61.94 1.61 40.99
C GLU D 355 60.91 1.91 39.91
N THR D 356 59.97 2.79 40.26
CA THR D 356 58.93 3.23 39.33
C THR D 356 58.90 4.76 39.28
N PHE D 357 59.00 5.30 38.07
CA PHE D 357 59.02 6.73 37.81
C PHE D 357 57.66 7.17 37.27
N THR D 358 57.00 8.07 38.00
CA THR D 358 55.65 8.48 37.61
C THR D 358 55.65 9.05 36.21
N ASN D 359 54.77 8.49 35.36
CA ASN D 359 54.53 9.04 34.03
C ASN D 359 53.02 9.21 33.87
N LEU D 360 52.58 10.48 33.78
CA LEU D 360 51.18 10.74 33.52
C LEU D 360 50.74 10.20 32.16
N GLY D 361 51.70 9.99 31.25
CA GLY D 361 51.42 9.33 30.00
C GLY D 361 50.44 10.14 29.19
N PRO D 362 49.90 9.55 28.13
CA PRO D 362 48.87 10.26 27.35
C PRO D 362 47.68 10.58 28.25
N ILE D 363 47.34 11.88 28.34
CA ILE D 363 46.18 12.31 29.09
C ILE D 363 45.06 12.44 28.07
N VAL D 364 44.23 11.40 27.97
CA VAL D 364 43.16 11.43 26.98
C VAL D 364 42.03 12.36 27.42
N ASP D 365 41.77 12.45 28.72
CA ASP D 365 40.75 13.33 29.26
C ASP D 365 41.08 13.55 30.74
N MET D 366 40.47 14.58 31.32
CA MET D 366 40.68 14.85 32.74
C MET D 366 39.52 15.69 33.26
N CYS D 367 39.30 15.64 34.58
CA CYS D 367 38.27 16.44 35.23
C CYS D 367 38.79 17.00 36.54
N VAL D 368 38.33 18.21 36.86
CA VAL D 368 38.67 18.89 38.11
C VAL D 368 37.51 18.72 39.09
N VAL D 369 37.81 18.19 40.28
CA VAL D 369 36.79 18.02 41.31
C VAL D 369 37.42 18.31 42.66
N ASP D 370 36.68 19.02 43.51
CA ASP D 370 37.12 19.30 44.87
C ASP D 370 36.56 18.16 45.72
N LEU D 371 37.32 17.07 45.82
CA LEU D 371 36.82 15.91 46.56
C LEU D 371 36.77 16.21 48.04
N GLU D 372 37.71 17.01 48.53
CA GLU D 372 37.72 17.38 49.93
C GLU D 372 36.68 18.46 50.22
N ARG D 373 36.05 18.99 49.17
CA ARG D 373 35.06 20.07 49.19
C ARG D 373 35.60 21.42 49.67
N GLN D 374 36.89 21.52 49.94
CA GLN D 374 37.52 22.78 50.31
C GLN D 374 37.70 23.62 49.04
N GLY D 375 38.51 24.68 49.09
CA GLY D 375 38.73 25.43 47.89
C GLY D 375 39.75 24.77 46.96
N GLN D 376 40.61 23.92 47.52
CA GLN D 376 41.57 23.20 46.70
C GLN D 376 40.88 22.08 45.91
N GLY D 377 41.22 22.00 44.62
CA GLY D 377 40.64 21.04 43.70
C GLY D 377 41.70 20.06 43.25
N GLN D 378 41.30 18.83 42.97
CA GLN D 378 42.21 17.78 42.52
C GLN D 378 41.83 17.39 41.10
N LEU D 379 42.83 16.96 40.33
CA LEU D 379 42.67 16.63 38.93
C LEU D 379 42.78 15.12 38.72
N VAL D 380 41.72 14.51 38.22
CA VAL D 380 41.71 13.08 37.91
C VAL D 380 41.84 12.93 36.39
N THR D 381 42.89 12.27 35.94
CA THR D 381 43.20 12.14 34.52
C THR D 381 42.97 10.71 34.05
N CYS D 382 42.46 10.58 32.83
CA CYS D 382 42.53 9.31 32.12
C CYS D 382 43.90 9.24 31.45
N SER D 383 44.77 8.37 31.95
CA SER D 383 46.17 8.39 31.57
C SER D 383 46.63 7.01 31.10
N GLY D 384 47.55 7.02 30.15
CA GLY D 384 48.15 5.79 29.68
C GLY D 384 47.32 5.09 28.63
N ALA D 385 47.85 3.96 28.19
CA ALA D 385 47.17 3.12 27.21
C ALA D 385 47.46 1.66 27.50
N PHE D 386 46.56 0.80 27.01
CA PHE D 386 46.67 -0.66 27.08
C PHE D 386 46.88 -1.07 28.54
N LYS D 387 47.84 -1.94 28.86
CA LYS D 387 48.00 -2.43 30.22
C LYS D 387 48.46 -1.34 31.18
N GLU D 388 48.93 -0.21 30.65
CA GLU D 388 49.35 0.92 31.47
C GLU D 388 48.21 1.88 31.78
N GLY D 389 47.01 1.59 31.29
CA GLY D 389 45.89 2.48 31.52
C GLY D 389 45.63 2.66 33.01
N SER D 390 45.35 3.90 33.38
CA SER D 390 45.15 4.24 34.78
C SER D 390 44.33 5.51 34.87
N LEU D 391 43.78 5.75 36.06
CA LEU D 391 43.31 7.06 36.46
C LEU D 391 44.37 7.63 37.40
N ARG D 392 44.71 8.89 37.22
CA ARG D 392 45.72 9.54 38.04
C ARG D 392 45.07 10.75 38.70
N ILE D 393 45.15 10.80 40.02
CA ILE D 393 44.61 11.90 40.81
C ILE D 393 45.77 12.77 41.24
N ILE D 394 45.73 14.04 40.84
CA ILE D 394 46.80 14.99 41.07
C ILE D 394 46.23 16.06 41.98
N ARG D 395 46.93 16.36 43.06
CA ARG D 395 46.47 17.34 44.02
C ARG D 395 47.66 18.22 44.35
N ASN D 396 47.41 19.50 44.55
CA ASN D 396 48.49 20.38 44.96
C ASN D 396 48.88 20.02 46.39
N GLY D 397 50.16 20.08 46.68
CA GLY D 397 50.67 19.69 47.97
C GLY D 397 50.98 20.88 48.86
N ILE D 398 50.80 20.68 50.16
CA ILE D 398 51.09 21.71 51.14
C ILE D 398 52.17 21.22 52.11
N GLN D 408 58.05 21.78 47.40
CA GLN D 408 56.81 21.97 46.65
C GLN D 408 56.75 20.93 45.53
N LYS D 409 55.67 20.15 45.54
CA LYS D 409 55.47 19.08 44.56
C LYS D 409 53.97 18.83 44.44
N LEU D 410 53.59 18.09 43.40
CA LEU D 410 52.25 17.59 43.24
C LEU D 410 52.19 16.17 43.81
N HIS D 411 51.15 15.88 44.60
CA HIS D 411 50.97 14.54 45.13
C HIS D 411 50.05 13.80 44.18
N ILE D 412 50.51 12.65 43.70
CA ILE D 412 49.86 11.93 42.61
C ILE D 412 49.52 10.54 43.12
N ARG D 413 48.23 10.24 43.17
CA ARG D 413 47.74 8.91 43.46
C ARG D 413 47.45 8.22 42.14
N THR D 414 47.84 6.95 42.05
CA THR D 414 47.72 6.19 40.81
C THR D 414 46.71 5.07 40.99
N VAL D 415 45.79 4.97 40.02
CA VAL D 415 44.74 3.95 40.03
C VAL D 415 44.86 3.11 38.76
N PRO D 416 45.55 1.97 38.80
CA PRO D 416 45.69 1.18 37.58
C PRO D 416 44.37 0.57 37.11
N LEU D 417 44.19 0.58 35.79
CA LEU D 417 43.03 -0.04 35.15
C LEU D 417 43.40 -1.22 34.27
N TYR D 418 44.63 -1.28 33.78
CA TYR D 418 45.13 -2.35 32.91
C TYR D 418 44.37 -2.43 31.60
N GLU D 419 43.62 -1.38 31.25
CA GLU D 419 42.98 -1.27 29.96
C GLU D 419 42.98 0.22 29.61
N SER D 420 42.73 0.53 28.35
CA SER D 420 42.92 1.91 27.92
C SER D 420 41.75 2.77 28.41
N PRO D 421 42.04 3.86 29.15
CA PRO D 421 40.96 4.78 29.55
C PRO D 421 40.81 5.84 28.46
N ARG D 422 39.56 6.27 28.21
CA ARG D 422 39.36 7.23 27.12
C ARG D 422 38.70 8.52 27.56
N LYS D 423 37.60 8.47 28.32
CA LYS D 423 36.95 9.70 28.77
C LYS D 423 36.48 9.49 30.20
N ILE D 424 36.43 10.58 30.96
CA ILE D 424 36.05 10.54 32.36
C ILE D 424 35.05 11.65 32.64
N CYS D 425 34.06 11.35 33.49
CA CYS D 425 33.05 12.29 33.90
C CYS D 425 32.73 12.06 35.36
N TYR D 426 32.55 13.15 36.09
CA TYR D 426 32.29 13.09 37.52
C TYR D 426 30.79 13.30 37.74
N GLN D 427 30.21 12.45 38.56
CA GLN D 427 28.80 12.50 38.93
C GLN D 427 28.77 12.64 40.45
N GLU D 428 28.55 13.86 40.94
CA GLU D 428 28.56 14.07 42.38
C GLU D 428 27.44 13.31 43.06
N VAL D 429 26.26 13.28 42.45
CA VAL D 429 25.10 12.70 43.12
C VAL D 429 25.38 11.28 43.59
N SER D 430 26.16 10.53 42.80
CA SER D 430 26.50 9.16 43.12
C SER D 430 27.90 9.01 43.74
N GLN D 431 28.57 10.13 44.02
CA GLN D 431 29.92 10.10 44.61
C GLN D 431 30.83 9.18 43.82
N CYS D 432 30.71 9.23 42.50
CA CYS D 432 31.48 8.34 41.64
C CYS D 432 31.80 9.02 40.32
N PHE D 433 32.81 8.48 39.64
CA PHE D 433 33.16 8.88 38.29
C PHE D 433 32.58 7.88 37.29
N GLY D 434 32.27 8.38 36.11
CA GLY D 434 32.00 7.53 34.96
C GLY D 434 33.20 7.60 34.04
N VAL D 435 33.72 6.44 33.66
CA VAL D 435 34.89 6.36 32.80
C VAL D 435 34.59 5.44 31.63
N LEU D 436 34.89 5.91 30.43
CA LEU D 436 34.82 5.11 29.23
C LEU D 436 36.19 4.48 29.01
N SER D 437 36.20 3.19 28.67
CA SER D 437 37.45 2.48 28.54
C SER D 437 37.32 1.41 27.46
N SER D 438 38.46 0.98 26.93
CA SER D 438 38.49 -0.09 25.93
C SER D 438 39.67 -1.01 26.20
N ARG D 439 39.45 -2.29 25.93
CA ARG D 439 40.46 -3.33 26.08
C ARG D 439 40.58 -4.12 24.78
N ILE D 440 41.75 -4.72 24.57
CA ILE D 440 42.02 -5.47 23.36
C ILE D 440 41.73 -6.95 23.61
N GLU D 441 40.80 -7.51 22.85
CA GLU D 441 40.63 -8.96 22.76
C GLU D 441 41.04 -9.42 21.38
N VAL D 442 41.33 -10.72 21.25
CA VAL D 442 41.88 -11.28 20.03
C VAL D 442 41.02 -12.45 19.56
N GLN D 443 40.82 -12.54 18.25
CA GLN D 443 40.03 -13.60 17.66
C GLN D 443 40.64 -14.97 17.94
N ASP D 444 39.85 -15.83 18.56
CA ASP D 444 40.31 -17.15 18.97
C ASP D 444 39.52 -18.25 18.26
N THR D 445 39.88 -19.49 18.57
CA THR D 445 39.35 -20.67 17.91
C THR D 445 37.90 -20.98 18.26
N SER D 446 37.32 -20.31 19.26
CA SER D 446 35.91 -20.51 19.58
C SER D 446 34.98 -19.73 18.66
N GLY D 447 35.53 -18.86 17.81
CA GLY D 447 34.75 -17.93 17.03
C GLY D 447 34.59 -16.57 17.71
N GLY D 448 34.68 -16.53 19.03
CA GLY D 448 34.67 -15.29 19.77
C GLY D 448 36.05 -14.70 19.93
N THR D 449 36.23 -13.91 20.99
CA THR D 449 37.50 -13.28 21.29
C THR D 449 37.85 -13.53 22.75
N THR D 450 39.13 -13.35 23.05
CA THR D 450 39.69 -13.62 24.37
C THR D 450 40.54 -12.44 24.80
N ALA D 451 40.39 -12.02 26.05
CA ALA D 451 41.17 -10.91 26.57
C ALA D 451 42.60 -11.37 26.86
N LEU D 452 43.56 -10.51 26.52
CA LEU D 452 44.96 -10.87 26.71
C LEU D 452 45.35 -10.90 28.17
N ARG D 453 44.60 -10.23 29.03
CA ARG D 453 44.87 -10.16 30.46
C ARG D 453 43.62 -9.66 31.16
N PRO D 454 43.46 -9.97 32.44
CA PRO D 454 42.34 -9.39 33.19
C PRO D 454 42.55 -7.90 33.40
N SER D 455 41.44 -7.16 33.44
CA SER D 455 41.51 -5.71 33.58
C SER D 455 40.22 -5.21 34.19
N ALA D 456 40.16 -3.89 34.38
CA ALA D 456 39.09 -3.28 35.17
C ALA D 456 37.70 -3.73 34.72
N SER D 457 37.45 -3.76 33.42
CA SER D 457 36.11 -4.08 32.93
C SER D 457 35.78 -5.55 33.10
N THR D 458 36.78 -6.41 33.25
CA THR D 458 36.57 -7.84 33.40
C THR D 458 36.58 -8.29 34.84
N GLN D 459 37.13 -7.47 35.74
CA GLN D 459 37.24 -7.80 37.16
C GLN D 459 36.27 -6.95 37.96
N ALA D 460 35.28 -6.36 37.28
CA ALA D 460 34.31 -5.52 37.95
C ALA D 460 33.46 -6.34 38.91
N LEU D 461 33.06 -5.69 39.99
CA LEU D 461 32.18 -6.33 40.97
C LEU D 461 30.87 -6.74 40.30
N SER D 462 30.24 -5.82 39.59
CA SER D 462 29.03 -6.07 38.83
C SER D 462 29.29 -5.73 37.37
N SER D 463 28.62 -6.45 36.47
CA SER D 463 28.86 -6.29 35.04
C SER D 463 27.55 -6.47 34.29
N SER D 464 27.49 -5.82 33.12
CA SER D 464 26.32 -5.90 32.25
C SER D 464 26.79 -5.70 30.81
N VAL D 465 25.95 -6.11 29.87
CA VAL D 465 26.25 -6.01 28.44
C VAL D 465 25.01 -5.48 27.73
N SER D 466 25.19 -4.51 26.84
CA SER D 466 24.05 -3.99 26.10
C SER D 466 23.36 -5.09 25.33
N SER D 467 22.04 -5.06 25.35
CA SER D 467 21.20 -5.96 24.57
C SER D 467 20.48 -5.21 23.46
N SER D 468 21.01 -4.05 23.08
CA SER D 468 20.35 -3.20 22.10
C SER D 468 20.20 -3.95 20.79
N LYS D 469 19.01 -3.84 20.19
CA LYS D 469 18.72 -4.49 18.93
C LYS D 469 18.65 -3.48 17.79
N LEU D 470 19.04 -2.23 18.04
CA LEU D 470 18.84 -1.17 17.05
C LEU D 470 19.48 -1.50 15.71
N PHE D 471 20.76 -1.88 15.74
CA PHE D 471 21.44 -2.23 14.50
C PHE D 471 21.20 -3.68 14.15
N SER D 472 20.70 -4.47 15.10
CA SER D 472 20.26 -5.84 14.86
C SER D 472 21.18 -6.60 13.92
N SER D 473 20.58 -7.41 13.06
CA SER D 473 21.29 -8.13 12.01
C SER D 473 21.24 -7.38 10.69
N SER D 474 20.67 -6.17 10.66
CA SER D 474 20.62 -5.37 9.45
C SER D 474 22.01 -5.26 8.81
N THR D 475 23.01 -4.86 9.59
CA THR D 475 24.37 -4.77 9.06
C THR D 475 24.90 -6.18 8.80
N ALA D 476 25.45 -6.39 7.60
CA ALA D 476 26.02 -7.68 7.26
C ALA D 476 27.28 -7.96 8.09
N PRO D 477 27.49 -9.20 8.52
CA PRO D 477 28.66 -9.51 9.34
C PRO D 477 29.93 -9.57 8.50
N HIS D 478 31.02 -9.07 9.05
CA HIS D 478 32.29 -9.00 8.36
C HIS D 478 33.18 -10.18 8.73
N GLU D 479 34.10 -10.49 7.82
CA GLU D 479 34.89 -11.69 7.96
C GLU D 479 35.87 -11.52 9.13
N THR D 480 36.00 -12.55 9.96
CA THR D 480 36.90 -12.52 11.10
C THR D 480 37.93 -13.62 10.95
N SER D 481 39.21 -13.24 11.08
CA SER D 481 40.33 -14.16 10.96
C SER D 481 40.97 -14.33 12.33
N PHE D 482 41.37 -15.56 12.65
CA PHE D 482 41.96 -15.83 13.94
C PHE D 482 43.22 -14.99 14.13
N GLY D 483 43.36 -14.41 15.33
CA GLY D 483 44.50 -13.60 15.67
C GLY D 483 44.30 -12.10 15.53
N GLU D 484 43.27 -11.66 14.82
CA GLU D 484 43.05 -10.23 14.67
C GLU D 484 42.62 -9.60 15.99
N GLU D 485 43.05 -8.37 16.20
CA GLU D 485 42.68 -7.62 17.39
C GLU D 485 41.38 -6.87 17.16
N VAL D 486 40.61 -6.71 18.24
CA VAL D 486 39.41 -5.89 18.23
C VAL D 486 39.34 -5.15 19.56
N GLU D 487 38.66 -4.00 19.56
CA GLU D 487 38.46 -3.21 20.76
C GLU D 487 37.09 -3.49 21.36
N VAL D 488 37.06 -3.66 22.68
CA VAL D 488 35.82 -3.83 23.43
C VAL D 488 35.68 -2.66 24.38
N HIS D 489 34.59 -1.91 24.23
CA HIS D 489 34.39 -0.68 24.99
C HIS D 489 33.40 -0.91 26.12
N ASN D 490 33.67 -0.27 27.25
CA ASN D 490 32.88 -0.47 28.45
C ASN D 490 32.70 0.87 29.14
N LEU D 491 31.61 0.98 29.91
CA LEU D 491 31.40 2.09 30.82
C LEU D 491 31.75 1.59 32.22
N LEU D 492 32.73 2.23 32.85
CA LEU D 492 33.13 1.88 34.20
C LEU D 492 32.56 2.92 35.16
N ILE D 493 31.97 2.44 36.25
CA ILE D 493 31.50 3.32 37.32
C ILE D 493 32.44 3.10 38.49
N ILE D 494 33.16 4.15 38.89
CA ILE D 494 34.26 4.07 39.84
C ILE D 494 34.02 5.00 41.03
N ASP D 495 34.28 4.50 42.23
CA ASP D 495 34.04 5.26 43.45
C ASP D 495 35.02 6.42 43.60
N GLN D 496 34.53 7.54 44.15
CA GLN D 496 35.33 8.75 44.17
C GLN D 496 36.39 8.75 45.28
N HIS D 497 36.26 7.88 46.28
CA HIS D 497 37.22 7.78 47.36
C HIS D 497 38.07 6.52 47.26
N THR D 498 37.45 5.36 47.07
CA THR D 498 38.17 4.11 46.95
C THR D 498 38.68 3.85 45.54
N PHE D 499 38.03 4.42 44.53
CA PHE D 499 38.40 4.20 43.14
C PHE D 499 38.39 2.70 42.80
N GLU D 500 37.32 2.05 43.22
CA GLU D 500 37.00 0.68 42.87
C GLU D 500 36.01 0.63 41.71
N VAL D 501 36.15 -0.39 40.87
CA VAL D 501 35.22 -0.52 39.74
C VAL D 501 33.91 -1.08 40.31
N LEU D 502 32.96 -0.19 40.58
CA LEU D 502 31.68 -0.63 41.12
C LEU D 502 30.87 -1.37 40.09
N HIS D 503 30.93 -0.93 38.83
CA HIS D 503 30.17 -1.56 37.78
C HIS D 503 30.93 -1.47 36.46
N ALA D 504 30.65 -2.43 35.57
CA ALA D 504 31.20 -2.40 34.21
C ALA D 504 30.07 -2.77 33.26
N HIS D 505 29.83 -1.91 32.28
CA HIS D 505 28.85 -2.14 31.22
C HIS D 505 29.58 -2.28 29.90
N GLN D 506 29.34 -3.39 29.21
CA GLN D 506 30.03 -3.69 27.96
C GLN D 506 29.13 -3.35 26.79
N PHE D 507 29.63 -2.50 25.89
CA PHE D 507 28.84 -2.05 24.77
C PHE D 507 28.81 -3.10 23.66
N LEU D 508 28.01 -2.80 22.64
CA LEU D 508 27.78 -3.75 21.56
C LEU D 508 29.09 -4.11 20.87
N GLN D 509 29.08 -5.27 20.21
CA GLN D 509 30.21 -5.68 19.40
C GLN D 509 30.48 -4.67 18.30
N ASN D 510 31.74 -4.21 18.24
CA ASN D 510 32.19 -3.21 17.26
C ASN D 510 31.62 -1.82 17.54
N GLU D 511 31.13 -1.58 18.75
CA GLU D 511 30.65 -0.27 19.16
C GLU D 511 31.75 0.43 19.95
N TYR D 512 32.08 1.65 19.56
CA TYR D 512 33.07 2.47 20.26
C TYR D 512 32.36 3.55 21.06
N ALA D 513 32.73 3.67 22.34
CA ALA D 513 32.22 4.74 23.18
C ALA D 513 33.13 5.95 23.00
N LEU D 514 32.56 7.06 22.52
CA LEU D 514 33.35 8.23 22.19
C LEU D 514 33.11 9.43 23.08
N SER D 515 31.94 9.54 23.69
CA SER D 515 31.59 10.74 24.44
C SER D 515 30.79 10.36 25.68
N LEU D 516 31.01 11.10 26.76
CA LEU D 516 30.37 10.81 28.04
C LEU D 516 30.04 12.13 28.73
N VAL D 517 28.82 12.21 29.26
CA VAL D 517 28.41 13.35 30.07
C VAL D 517 27.67 12.85 31.31
N SER D 518 27.70 13.66 32.37
CA SER D 518 26.88 13.46 33.56
C SER D 518 26.07 14.73 33.78
N CYS D 519 24.74 14.61 33.77
CA CYS D 519 23.89 15.80 33.88
C CYS D 519 22.45 15.42 34.16
N LYS D 520 21.68 16.45 34.56
CA LYS D 520 20.23 16.39 34.66
C LYS D 520 19.66 17.01 33.39
N LEU D 521 18.53 16.50 32.90
CA LEU D 521 17.92 17.05 31.70
C LEU D 521 16.44 17.36 31.90
N GLY D 522 15.99 18.39 31.18
CA GLY D 522 14.58 18.71 31.15
C GLY D 522 14.00 18.92 32.53
N LYS D 523 12.84 18.31 32.77
CA LYS D 523 12.20 18.34 34.07
C LYS D 523 12.42 17.06 34.87
N ASP D 524 13.39 16.23 34.45
CA ASP D 524 13.71 15.01 35.16
C ASP D 524 14.74 15.29 36.24
N PRO D 525 14.44 15.08 37.53
CA PRO D 525 15.43 15.36 38.57
C PRO D 525 16.54 14.32 38.63
N ASN D 526 16.37 13.16 37.98
CA ASN D 526 17.37 12.11 38.03
C ASN D 526 18.62 12.51 37.25
N THR D 527 19.78 12.21 37.83
CA THR D 527 21.07 12.47 37.20
C THR D 527 21.58 11.21 36.50
N TYR D 528 21.94 11.37 35.23
CA TYR D 528 22.27 10.25 34.35
C TYR D 528 23.70 10.30 33.86
N PHE D 529 24.23 9.13 33.48
CA PHE D 529 25.44 9.03 32.67
C PHE D 529 24.99 8.80 31.24
N ILE D 530 25.42 9.68 30.32
CA ILE D 530 25.03 9.57 28.92
C ILE D 530 26.28 9.37 28.08
N VAL D 531 26.25 8.37 27.21
CA VAL D 531 27.37 7.99 26.37
C VAL D 531 26.96 8.13 24.91
N GLY D 532 27.87 8.67 24.11
CA GLY D 532 27.72 8.77 22.67
C GLY D 532 28.67 7.79 22.01
N THR D 533 28.15 7.00 21.07
CA THR D 533 28.87 5.87 20.53
C THR D 533 28.91 5.93 19.01
N ALA D 534 29.76 5.07 18.44
CA ALA D 534 29.87 4.91 17.00
C ALA D 534 30.02 3.42 16.68
N MET D 535 29.41 2.98 15.58
CA MET D 535 29.60 1.62 15.10
C MET D 535 30.77 1.62 14.13
N VAL D 536 31.83 0.93 14.49
CA VAL D 536 33.09 0.94 13.76
C VAL D 536 33.19 -0.38 13.02
N TYR D 537 33.17 -0.31 11.70
CA TYR D 537 33.41 -1.45 10.85
C TYR D 537 34.62 -1.13 9.98
N PRO D 538 35.59 -2.05 9.88
CA PRO D 538 36.86 -1.70 9.22
C PRO D 538 36.72 -1.15 7.81
N GLU D 539 35.69 -1.56 7.08
CA GLU D 539 35.52 -1.15 5.70
C GLU D 539 35.13 0.31 5.59
N GLU D 540 34.32 0.80 6.52
CA GLU D 540 33.77 2.14 6.39
C GLU D 540 34.81 3.20 6.69
N ALA D 541 34.92 4.17 5.78
CA ALA D 541 35.79 5.30 6.03
C ALA D 541 35.27 6.15 7.18
N GLU D 542 33.98 6.47 7.16
CA GLU D 542 33.33 7.19 8.22
C GLU D 542 32.18 6.35 8.77
N PRO D 543 32.02 6.28 10.09
CA PRO D 543 30.95 5.45 10.63
C PRO D 543 29.60 5.98 10.17
N LYS D 544 28.68 5.06 9.89
CA LYS D 544 27.36 5.44 9.41
C LYS D 544 26.27 5.06 10.41
N GLN D 545 26.65 4.56 11.59
CA GLN D 545 25.71 4.18 12.62
C GLN D 545 26.24 4.55 14.00
N GLY D 546 25.32 4.78 14.93
CA GLY D 546 25.71 5.14 16.28
C GLY D 546 24.52 5.18 17.22
N ARG D 547 24.84 5.27 18.51
CA ARG D 547 23.86 5.34 19.58
C ARG D 547 24.23 6.41 20.60
N ILE D 548 23.20 7.02 21.17
CA ILE D 548 23.30 7.82 22.39
C ILE D 548 22.56 7.04 23.48
N VAL D 549 23.28 6.69 24.54
CA VAL D 549 22.74 5.82 25.57
C VAL D 549 22.72 6.55 26.92
N VAL D 550 21.56 6.55 27.57
CA VAL D 550 21.33 7.20 28.85
C VAL D 550 21.24 6.12 29.94
N PHE D 551 22.08 6.23 30.97
CA PHE D 551 22.11 5.31 32.08
C PHE D 551 21.75 6.02 33.37
N GLN D 552 21.29 5.25 34.37
CA GLN D 552 21.17 5.77 35.73
C GLN D 552 21.84 4.79 36.69
N TYR D 553 22.76 5.28 37.52
CA TYR D 553 23.38 4.48 38.57
C TYR D 553 22.72 4.86 39.90
N SER D 554 21.92 3.94 40.46
CA SER D 554 21.28 4.17 41.74
C SER D 554 21.18 2.83 42.47
N ASP D 555 21.51 2.84 43.76
CA ASP D 555 21.43 1.65 44.60
C ASP D 555 22.27 0.53 44.00
N GLY D 556 23.45 0.88 43.51
CA GLY D 556 24.40 -0.10 43.03
C GLY D 556 24.07 -0.81 41.74
N LYS D 557 23.11 -0.34 40.96
CA LYS D 557 22.77 -0.98 39.70
C LYS D 557 22.75 0.07 38.60
N LEU D 558 23.27 -0.30 37.44
CA LEU D 558 23.27 0.57 36.28
C LEU D 558 22.12 0.12 35.39
N GLN D 559 21.11 0.98 35.27
CA GLN D 559 19.92 0.71 34.49
C GLN D 559 19.95 1.55 33.23
N THR D 560 19.76 0.91 32.09
CA THR D 560 19.74 1.58 30.80
C THR D 560 18.41 2.29 30.67
N VAL D 561 18.42 3.61 30.82
CA VAL D 561 17.15 4.35 30.86
C VAL D 561 16.58 4.51 29.46
N ALA D 562 17.42 4.85 28.48
CA ALA D 562 16.92 5.09 27.13
C ALA D 562 18.04 5.01 26.12
N GLU D 563 17.67 4.83 24.85
CA GLU D 563 18.63 4.78 23.76
C GLU D 563 18.06 5.50 22.54
N LYS D 564 18.93 6.24 21.86
CA LYS D 564 18.60 7.02 20.67
C LYS D 564 19.54 6.63 19.55
N GLU D 565 18.98 6.23 18.41
CA GLU D 565 19.79 5.84 17.26
C GLU D 565 20.14 7.07 16.43
N VAL D 566 21.40 7.17 16.02
CA VAL D 566 21.87 8.23 15.14
C VAL D 566 22.61 7.59 13.97
N LYS D 567 22.75 8.35 12.89
CA LYS D 567 23.40 7.88 11.67
C LYS D 567 24.85 8.35 11.59
N GLY D 568 25.65 8.07 12.62
CA GLY D 568 27.03 8.51 12.62
C GLY D 568 27.67 8.32 13.98
N ALA D 569 28.87 8.89 14.12
CA ALA D 569 29.65 8.81 15.35
C ALA D 569 29.35 10.01 16.23
N VAL D 570 28.99 9.75 17.48
CA VAL D 570 28.65 10.82 18.43
C VAL D 570 29.94 11.21 19.14
N TYR D 571 30.72 12.08 18.48
CA TYR D 571 32.07 12.38 18.97
C TYR D 571 32.03 13.17 20.28
N SER D 572 31.11 14.13 20.41
CA SER D 572 31.10 15.01 21.57
C SER D 572 29.69 15.35 21.99
N MET D 573 29.47 15.37 23.31
CA MET D 573 28.22 15.76 23.91
C MET D 573 28.49 16.70 25.08
N VAL D 574 27.59 17.66 25.30
CA VAL D 574 27.69 18.55 26.44
C VAL D 574 26.28 18.96 26.87
N GLU D 575 26.10 19.15 28.17
CA GLU D 575 24.84 19.63 28.68
C GLU D 575 24.68 21.11 28.32
N PHE D 576 23.49 21.45 27.82
CA PHE D 576 23.21 22.79 27.28
C PHE D 576 21.84 23.21 27.80
N ASN D 577 21.84 23.89 28.96
CA ASN D 577 20.64 24.52 29.49
C ASN D 577 19.49 23.52 29.55
N GLY D 578 19.76 22.39 30.20
CA GLY D 578 18.77 21.35 30.36
C GLY D 578 18.53 20.50 29.13
N LYS D 579 19.23 20.77 28.04
CA LYS D 579 19.12 19.99 26.81
C LYS D 579 20.47 19.33 26.55
N LEU D 580 20.47 18.36 25.65
CA LEU D 580 21.65 17.59 25.33
C LEU D 580 22.16 18.04 23.98
N LEU D 581 23.36 18.62 23.95
CA LEU D 581 24.01 19.00 22.71
C LEU D 581 24.95 17.88 22.32
N ALA D 582 24.82 17.42 21.08
CA ALA D 582 25.58 16.27 20.61
C ALA D 582 26.01 16.53 19.16
N SER D 583 27.17 15.98 18.80
CA SER D 583 27.76 16.13 17.48
C SER D 583 27.85 14.76 16.83
N ILE D 584 26.99 14.52 15.84
CA ILE D 584 26.95 13.28 15.07
C ILE D 584 27.60 13.53 13.71
N ASN D 585 28.83 13.03 13.51
CA ASN D 585 29.59 13.28 12.30
C ASN D 585 29.65 14.79 12.03
N SER D 586 29.09 15.24 10.91
CA SER D 586 29.10 16.66 10.56
C SER D 586 28.01 17.45 11.29
N THR D 587 26.90 16.81 11.63
CA THR D 587 25.75 17.47 12.21
C THR D 587 25.98 17.78 13.69
N VAL D 588 25.53 18.96 14.11
CA VAL D 588 25.46 19.33 15.53
C VAL D 588 23.98 19.46 15.88
N ARG D 589 23.51 18.67 16.85
CA ARG D 589 22.10 18.58 17.15
C ARG D 589 21.85 18.93 18.62
N LEU D 590 20.68 19.51 18.89
CA LEU D 590 20.20 19.78 20.24
C LEU D 590 19.00 18.87 20.47
N TYR D 591 19.08 18.04 21.50
CA TYR D 591 18.03 17.10 21.88
C TYR D 591 17.30 17.62 23.12
N GLU D 592 16.03 17.25 23.25
CA GLU D 592 15.23 17.54 24.41
C GLU D 592 14.82 16.27 25.15
N TRP D 593 14.62 16.39 26.47
CA TRP D 593 14.23 15.26 27.31
C TRP D 593 12.71 15.32 27.48
N THR D 594 12.00 14.37 26.88
CA THR D 594 10.54 14.37 26.89
C THR D 594 10.01 13.84 28.23
N THR D 595 8.70 14.00 28.44
CA THR D 595 8.07 13.39 29.60
C THR D 595 8.08 11.87 29.51
N GLU D 596 8.19 11.31 28.30
CA GLU D 596 8.31 9.88 28.10
C GLU D 596 9.74 9.39 28.23
N LYS D 597 10.67 10.28 28.56
CA LYS D 597 12.07 9.94 28.83
C LYS D 597 12.77 9.36 27.60
N GLU D 598 12.47 9.90 26.43
CA GLU D 598 13.17 9.54 25.20
C GLU D 598 13.63 10.87 24.60
N LEU D 599 14.79 10.86 23.94
CA LEU D 599 15.33 12.11 23.39
C LEU D 599 14.65 12.48 22.08
N ARG D 600 14.36 13.77 21.94
CA ARG D 600 13.68 14.32 20.77
C ARG D 600 14.52 15.45 20.19
N THR D 601 14.75 15.41 18.89
CA THR D 601 15.59 16.40 18.24
C THR D 601 14.84 17.72 18.12
N GLU D 602 15.44 18.80 18.61
CA GLU D 602 14.85 20.13 18.47
C GLU D 602 15.32 20.82 17.18
N CYS D 603 16.63 20.87 16.96
CA CYS D 603 17.17 21.59 15.81
C CYS D 603 18.54 21.03 15.48
N ASN D 604 18.99 21.34 14.26
CA ASN D 604 20.26 20.83 13.75
C ASN D 604 21.06 21.94 13.07
N HIS D 605 22.35 21.67 12.93
CA HIS D 605 23.30 22.49 12.19
C HIS D 605 24.19 21.55 11.41
N TYR D 606 24.39 21.82 10.10
CA TYR D 606 25.06 20.86 9.24
C TYR D 606 26.35 21.34 8.57
N ASN D 607 26.74 22.60 8.73
CA ASN D 607 27.89 23.13 8.01
C ASN D 607 29.20 22.83 8.75
N ASN D 608 29.52 21.55 8.81
CA ASN D 608 30.80 21.13 9.38
C ASN D 608 31.35 19.93 8.62
N ILE D 609 32.66 19.90 8.42
CA ILE D 609 33.30 18.69 7.89
C ILE D 609 33.22 17.58 8.92
N MET D 610 33.67 17.86 10.15
CA MET D 610 33.52 16.90 11.24
C MET D 610 33.54 17.65 12.57
N ALA D 611 32.45 17.52 13.34
CA ALA D 611 32.27 18.27 14.59
C ALA D 611 32.84 17.45 15.75
N LEU D 612 34.17 17.49 15.89
CA LEU D 612 34.86 16.64 16.86
C LEU D 612 34.68 17.12 18.29
N TYR D 613 34.64 18.44 18.52
CA TYR D 613 34.66 18.98 19.88
C TYR D 613 33.58 20.03 20.09
N LEU D 614 33.04 20.07 21.32
CA LEU D 614 32.00 21.02 21.69
C LEU D 614 32.26 21.62 23.06
N LYS D 615 31.99 22.93 23.20
CA LYS D 615 31.97 23.62 24.48
C LYS D 615 30.82 24.62 24.45
N THR D 616 30.31 24.97 25.63
CA THR D 616 29.16 25.87 25.71
C THR D 616 29.35 26.91 26.81
N LYS D 617 28.76 28.09 26.60
CA LYS D 617 28.64 29.12 27.62
C LYS D 617 27.33 29.87 27.36
N GLY D 618 26.41 29.81 28.31
CA GLY D 618 25.11 30.42 28.07
C GLY D 618 24.41 29.71 26.92
N ASP D 619 23.92 30.48 25.96
CA ASP D 619 23.31 29.93 24.76
C ASP D 619 24.25 29.87 23.56
N PHE D 620 25.55 30.07 23.79
CA PHE D 620 26.58 30.01 22.74
C PHE D 620 27.24 28.63 22.72
N ILE D 621 27.60 28.17 21.51
CA ILE D 621 28.22 26.86 21.30
C ILE D 621 29.52 27.03 20.52
N LEU D 622 30.60 26.42 21.00
CA LEU D 622 31.88 26.42 20.30
C LEU D 622 32.08 25.05 19.64
N VAL D 623 32.33 25.05 18.34
CA VAL D 623 32.45 23.80 17.58
C VAL D 623 33.88 23.67 17.08
N GLY D 624 34.49 22.51 17.33
CA GLY D 624 35.83 22.22 16.88
C GLY D 624 35.77 21.23 15.74
N ASP D 625 36.37 21.58 14.62
CA ASP D 625 36.28 20.80 13.41
C ASP D 625 37.64 20.22 13.03
N LEU D 626 37.59 19.15 12.24
CA LEU D 626 38.80 18.45 11.85
C LEU D 626 39.76 19.35 11.11
N MET D 627 39.26 20.13 10.14
CA MET D 627 40.17 20.98 9.38
C MET D 627 39.68 22.43 9.33
N ARG D 628 38.36 22.63 9.34
CA ARG D 628 37.81 23.98 9.38
C ARG D 628 38.06 24.38 10.82
N SER D 629 38.48 25.61 11.07
CA SER D 629 38.83 25.88 12.47
C SER D 629 37.57 25.93 13.33
N VAL D 630 37.60 26.71 14.41
CA VAL D 630 36.55 26.66 15.42
C VAL D 630 35.44 27.59 14.98
N LEU D 631 34.20 27.22 15.27
CA LEU D 631 33.02 28.01 14.91
C LEU D 631 32.17 28.27 16.15
N LEU D 632 31.77 29.53 16.32
CA LEU D 632 30.87 29.95 17.40
C LEU D 632 29.43 29.89 16.89
N LEU D 633 28.66 28.93 17.38
CA LEU D 633 27.23 28.88 17.14
C LEU D 633 26.50 29.56 18.30
N ALA D 634 25.25 29.95 18.04
CA ALA D 634 24.38 30.44 19.09
C ALA D 634 23.01 29.80 18.91
N TYR D 635 22.39 29.48 20.04
CA TYR D 635 21.02 28.99 20.07
C TYR D 635 20.09 30.18 20.17
N LYS D 636 19.16 30.29 19.23
CA LYS D 636 18.20 31.38 19.30
C LYS D 636 16.89 30.84 19.86
N PRO D 637 16.62 31.02 21.16
CA PRO D 637 15.45 30.34 21.74
C PRO D 637 14.13 30.82 21.15
N MET D 638 14.01 32.09 20.73
CA MET D 638 12.73 32.53 20.18
C MET D 638 12.35 31.70 18.95
N GLU D 639 13.33 31.31 18.13
CA GLU D 639 13.03 30.53 16.93
C GLU D 639 13.15 29.02 17.15
N GLY D 640 14.00 28.59 18.07
CA GLY D 640 14.20 27.16 18.26
C GLY D 640 15.18 26.54 17.28
N ASN D 641 16.27 27.22 16.97
CA ASN D 641 17.23 26.74 16.00
C ASN D 641 18.57 27.42 16.26
N PHE D 642 19.59 26.95 15.53
CA PHE D 642 20.91 27.55 15.64
C PHE D 642 21.05 28.71 14.64
N GLU D 643 22.06 29.54 14.86
CA GLU D 643 22.43 30.58 13.93
C GLU D 643 23.95 30.70 14.07
N GLU D 644 24.64 30.78 12.93
CA GLU D 644 26.08 30.91 12.93
C GLU D 644 26.47 32.33 13.31
N ILE D 645 27.23 32.48 14.40
CA ILE D 645 27.67 33.82 14.77
C ILE D 645 28.94 34.19 14.02
N ALA D 646 29.97 33.36 14.10
CA ALA D 646 31.21 33.68 13.43
C ALA D 646 32.11 32.45 13.41
N ARG D 647 32.87 32.31 12.33
CA ARG D 647 33.80 31.21 12.15
C ARG D 647 35.17 31.80 11.83
N ASP D 648 36.21 31.17 12.35
CA ASP D 648 37.57 31.49 11.97
C ASP D 648 37.84 30.81 10.64
N PHE D 649 38.03 31.59 9.59
CA PHE D 649 38.18 31.03 8.25
C PHE D 649 39.56 30.42 8.03
N ASN D 650 40.57 30.82 8.79
CA ASN D 650 41.87 30.18 8.68
C ASN D 650 41.77 28.70 9.04
N PRO D 651 42.33 27.79 8.23
CA PRO D 651 42.16 26.35 8.48
C PRO D 651 43.20 25.78 9.43
N ASN D 652 42.76 25.07 10.47
CA ASN D 652 43.66 24.45 11.42
C ASN D 652 43.13 23.06 11.75
N TRP D 653 44.02 22.11 11.95
CA TRP D 653 43.64 20.80 12.47
C TRP D 653 43.50 20.95 13.99
N MET D 654 42.29 20.81 14.49
CA MET D 654 42.00 21.13 15.88
C MET D 654 42.21 19.86 16.71
N SER D 655 42.81 20.02 17.88
CA SER D 655 42.91 18.93 18.86
C SER D 655 42.04 19.15 20.08
N ALA D 656 41.75 20.39 20.43
CA ALA D 656 40.86 20.74 21.52
C ALA D 656 40.52 22.22 21.42
N VAL D 657 39.35 22.58 21.93
CA VAL D 657 38.90 23.97 21.94
C VAL D 657 38.37 24.28 23.34
N GLU D 658 38.41 25.57 23.69
CA GLU D 658 37.87 26.01 24.96
C GLU D 658 37.36 27.44 24.82
N ILE D 659 36.32 27.75 25.60
CA ILE D 659 35.76 29.10 25.67
C ILE D 659 36.37 29.80 26.87
N LEU D 660 37.10 30.90 26.60
CA LEU D 660 37.71 31.65 27.69
C LEU D 660 36.71 32.62 28.33
N ASP D 661 36.05 33.44 27.51
CA ASP D 661 35.01 34.34 27.97
C ASP D 661 34.07 34.55 26.78
N ASP D 662 33.05 35.39 26.97
CA ASP D 662 32.03 35.49 25.94
C ASP D 662 32.60 35.97 24.60
N ASP D 663 33.73 36.67 24.63
CA ASP D 663 34.32 37.17 23.39
C ASP D 663 35.67 36.54 23.06
N ASN D 664 36.24 35.69 23.92
CA ASN D 664 37.50 35.02 23.61
C ASN D 664 37.32 33.50 23.55
N PHE D 665 37.90 32.86 22.53
CA PHE D 665 37.81 31.44 22.26
C PHE D 665 39.22 30.90 22.02
N LEU D 666 39.52 29.76 22.62
CA LEU D 666 40.86 29.17 22.62
C LEU D 666 40.89 27.83 21.88
N GLY D 667 41.97 27.60 21.12
CA GLY D 667 42.09 26.35 20.39
C GLY D 667 43.50 25.77 20.45
N ALA D 668 43.58 24.48 20.11
CA ALA D 668 44.84 23.74 20.07
C ALA D 668 44.93 22.97 18.76
N GLU D 669 46.05 23.12 18.07
CA GLU D 669 46.30 22.51 16.77
C GLU D 669 47.18 21.27 16.87
N ASN D 670 47.08 20.42 15.85
CA ASN D 670 47.96 19.25 15.78
C ASN D 670 49.40 19.64 15.50
N ALA D 671 49.66 20.91 15.22
CA ALA D 671 51.02 21.42 15.03
C ALA D 671 51.66 21.83 16.33
N PHE D 672 51.06 21.44 17.46
CA PHE D 672 51.56 21.81 18.77
C PHE D 672 51.45 23.32 18.98
N ASN D 673 50.38 23.92 18.47
CA ASN D 673 50.22 25.37 18.58
C ASN D 673 48.91 25.66 19.30
N LEU D 674 48.88 26.78 20.01
CA LEU D 674 47.69 27.29 20.67
C LEU D 674 47.33 28.59 19.99
N PHE D 675 46.04 28.78 19.67
CA PHE D 675 45.64 30.05 19.09
C PHE D 675 44.33 30.50 19.74
N VAL D 676 44.18 31.82 19.84
CA VAL D 676 43.00 32.45 20.42
C VAL D 676 42.38 33.36 19.36
N CYS D 677 41.09 33.18 19.12
CA CYS D 677 40.34 34.00 18.17
C CYS D 677 39.17 34.63 18.91
N GLN D 678 38.94 35.92 18.64
CA GLN D 678 37.89 36.69 19.27
C GLN D 678 36.99 37.28 18.19
N LYS D 679 35.74 37.56 18.57
CA LYS D 679 34.87 38.33 17.69
C LYS D 679 35.42 39.73 17.53
N ASP D 680 35.47 40.21 16.28
CA ASP D 680 35.92 41.58 16.05
C ASP D 680 34.86 42.56 16.53
N SER D 681 33.60 42.32 16.16
CA SER D 681 32.48 43.18 16.54
C SER D 681 32.83 44.63 16.29
N ALA D 682 33.52 44.88 15.17
CA ALA D 682 33.87 46.22 14.75
C ALA D 682 33.61 46.39 13.26
N ALA D 683 33.51 47.65 12.85
CA ALA D 683 33.17 48.10 11.49
C ALA D 683 31.69 47.99 11.14
N THR D 684 30.84 47.55 12.08
CA THR D 684 29.39 47.52 11.87
C THR D 684 29.01 46.92 10.52
N THR D 685 29.79 45.97 10.03
CA THR D 685 29.51 45.27 8.78
C THR D 685 28.98 43.90 9.19
N ASP D 686 27.86 43.47 8.60
CA ASP D 686 27.36 42.15 8.94
C ASP D 686 28.39 41.10 8.56
N GLU D 687 29.08 41.33 7.44
CA GLU D 687 30.10 40.43 6.95
C GLU D 687 31.33 40.43 7.85
N GLU D 688 31.68 41.61 8.39
CA GLU D 688 32.88 41.71 9.22
C GLU D 688 32.67 41.02 10.57
N ARG D 689 31.49 41.17 11.16
CA ARG D 689 31.22 40.48 12.42
C ARG D 689 31.46 38.98 12.30
N GLN D 690 31.05 38.39 11.19
CA GLN D 690 31.07 36.94 11.05
C GLN D 690 32.48 36.37 10.94
N HIS D 691 33.50 37.23 10.88
CA HIS D 691 34.89 36.79 10.73
C HIS D 691 35.58 36.82 12.09
N LEU D 692 35.70 35.64 12.71
CA LEU D 692 36.57 35.50 13.86
C LEU D 692 38.02 35.72 13.46
N GLN D 693 38.76 36.43 14.30
CA GLN D 693 40.12 36.83 13.97
C GLN D 693 41.11 36.16 14.92
N GLU D 694 42.05 35.41 14.34
CA GLU D 694 43.12 34.77 15.10
C GLU D 694 44.03 35.86 15.64
N VAL D 695 43.81 36.26 16.90
CA VAL D 695 44.56 37.34 17.52
C VAL D 695 45.76 36.85 18.32
N GLY D 696 45.76 35.59 18.75
CA GLY D 696 46.88 35.07 19.52
C GLY D 696 47.46 33.80 18.93
N LEU D 697 48.79 33.73 18.86
CA LEU D 697 49.50 32.57 18.33
C LEU D 697 50.66 32.24 19.26
N PHE D 698 50.79 30.96 19.61
CA PHE D 698 51.82 30.51 20.54
C PHE D 698 52.13 29.06 20.20
N HIS D 699 53.42 28.76 20.04
CA HIS D 699 53.88 27.38 19.84
C HIS D 699 54.06 26.76 21.23
N LEU D 700 53.13 25.88 21.59
CA LEU D 700 53.19 25.26 22.91
C LEU D 700 54.30 24.22 22.98
N GLY D 701 54.45 23.42 21.93
CA GLY D 701 55.37 22.32 21.93
C GLY D 701 54.80 21.01 22.43
N GLU D 702 53.52 20.98 22.78
CA GLU D 702 52.87 19.81 23.32
C GLU D 702 51.56 19.59 22.59
N PHE D 703 51.07 18.37 22.62
CA PHE D 703 49.81 18.01 22.00
C PHE D 703 48.72 18.05 23.07
N VAL D 704 47.77 18.96 22.91
CA VAL D 704 46.73 19.19 23.90
C VAL D 704 45.52 18.35 23.53
N ASN D 705 45.22 17.36 24.38
CA ASN D 705 44.03 16.54 24.18
C ASN D 705 42.80 17.16 24.82
N VAL D 706 42.94 17.81 25.97
CA VAL D 706 41.79 18.25 26.76
C VAL D 706 42.03 19.63 27.37
N PHE D 707 41.01 20.50 27.28
CA PHE D 707 40.97 21.76 28.01
C PHE D 707 39.94 21.64 29.13
N CYS D 708 40.29 22.11 30.32
CA CYS D 708 39.43 21.99 31.49
C CYS D 708 39.53 23.25 32.34
N HIS D 709 38.39 23.87 32.62
CA HIS D 709 38.35 25.01 33.52
C HIS D 709 38.58 24.55 34.95
N GLY D 710 39.27 25.39 35.73
CA GLY D 710 39.55 25.08 37.12
C GLY D 710 40.97 25.36 37.54
N SER D 711 41.21 25.41 38.85
CA SER D 711 42.54 25.62 39.39
C SER D 711 42.79 24.64 40.53
N LEU D 712 44.01 24.11 40.57
CA LEU D 712 44.37 23.15 41.59
C LEU D 712 44.70 23.82 42.92
N VAL D 713 45.13 25.08 42.88
CA VAL D 713 45.45 25.80 44.10
C VAL D 713 44.14 26.22 44.76
N MET D 714 44.21 26.41 46.06
CA MET D 714 43.03 26.74 46.86
C MET D 714 42.58 28.16 46.61
N GLN D 715 41.33 28.30 46.17
CA GLN D 715 40.73 29.62 46.02
C GLN D 715 40.02 29.99 47.32
N ASN D 716 40.35 31.15 47.87
CA ASN D 716 39.68 31.61 49.07
C ASN D 716 38.45 32.36 48.58
N LEU D 717 37.33 32.20 49.29
CA LEU D 717 36.14 32.93 48.88
C LEU D 717 36.38 34.41 49.01
N GLY D 718 37.30 34.79 49.91
CA GLY D 718 37.68 36.17 50.08
C GLY D 718 38.24 36.72 48.80
N GLU D 719 37.78 37.90 48.40
CA GLU D 719 38.23 38.47 47.15
C GLU D 719 39.71 38.83 47.25
N THR D 720 40.48 38.40 46.26
CA THR D 720 41.89 38.72 46.12
C THR D 720 42.08 39.29 44.73
N SER D 721 42.84 40.38 44.61
CA SER D 721 43.03 41.04 43.32
C SER D 721 44.23 40.42 42.60
N THR D 722 44.02 39.22 42.07
CA THR D 722 45.09 38.56 41.34
C THR D 722 45.30 39.29 40.01
N PRO D 723 46.53 39.33 39.51
CA PRO D 723 46.73 39.89 38.16
C PRO D 723 46.15 39.03 37.06
N THR D 724 46.15 37.72 37.27
CA THR D 724 45.62 36.79 36.29
C THR D 724 44.12 36.68 36.46
N GLN D 725 43.41 36.62 35.35
CA GLN D 725 41.96 36.43 35.32
C GLN D 725 41.68 35.14 34.58
N GLY D 726 40.93 34.24 35.20
CA GLY D 726 40.59 32.98 34.58
C GLY D 726 41.62 31.88 34.82
N SER D 727 41.17 30.64 34.68
CA SER D 727 42.05 29.49 34.88
C SER D 727 41.60 28.29 34.06
N VAL D 728 42.34 27.95 33.00
CA VAL D 728 42.10 26.75 32.19
C VAL D 728 43.31 25.82 32.29
N LEU D 729 43.06 24.55 32.62
CA LEU D 729 44.09 23.53 32.71
C LEU D 729 44.01 22.63 31.47
N PHE D 730 45.17 22.19 30.96
CA PHE D 730 45.20 21.33 29.78
C PHE D 730 46.13 20.14 30.00
N GLY D 731 45.77 19.03 29.35
CA GLY D 731 46.55 17.81 29.41
C GLY D 731 47.15 17.47 28.06
N THR D 732 48.34 16.90 28.07
CA THR D 732 49.10 16.62 26.85
C THR D 732 49.51 15.15 26.80
N VAL D 733 50.01 14.75 25.63
CA VAL D 733 50.39 13.36 25.43
C VAL D 733 51.64 13.03 26.24
N ASN D 734 52.53 14.01 26.43
CA ASN D 734 53.73 13.77 27.19
C ASN D 734 53.51 13.91 28.69
N GLY D 735 52.27 14.12 29.12
CA GLY D 735 51.94 14.20 30.53
C GLY D 735 51.93 15.59 31.10
N MET D 736 52.47 16.57 30.39
CA MET D 736 52.50 17.93 30.90
C MET D 736 51.10 18.42 31.20
N ILE D 737 50.96 19.10 32.32
CA ILE D 737 49.73 19.78 32.71
C ILE D 737 50.08 21.26 32.80
N GLY D 738 49.30 22.10 32.12
CA GLY D 738 49.59 23.52 32.05
C GLY D 738 48.34 24.34 32.29
N LEU D 739 48.56 25.62 32.58
CA LEU D 739 47.48 26.54 32.95
C LEU D 739 47.49 27.70 31.97
N VAL D 740 46.31 28.05 31.46
CA VAL D 740 46.12 29.19 30.58
C VAL D 740 45.25 30.21 31.30
N THR D 741 45.71 31.47 31.33
CA THR D 741 44.94 32.53 31.97
C THR D 741 45.11 33.81 31.14
N SER D 742 44.12 34.70 31.24
CA SER D 742 44.10 35.96 30.52
C SER D 742 44.69 37.09 31.35
N LEU D 743 45.06 38.18 30.66
CA LEU D 743 45.72 39.30 31.30
C LEU D 743 45.07 40.61 30.90
N SER D 744 45.16 41.60 31.78
CA SER D 744 44.77 42.95 31.38
C SER D 744 45.81 43.53 30.45
N GLU D 745 45.41 44.51 29.65
CA GLU D 745 46.37 45.13 28.74
C GLU D 745 47.57 45.65 29.51
N SER D 746 47.34 46.21 30.70
CA SER D 746 48.44 46.72 31.50
C SER D 746 49.44 45.63 31.80
N TRP D 747 48.95 44.43 32.12
CA TRP D 747 49.83 43.33 32.52
C TRP D 747 50.56 42.68 31.36
N TYR D 748 49.89 42.50 30.22
CA TYR D 748 50.56 41.93 29.06
C TYR D 748 51.82 42.72 28.72
N ASN D 749 51.67 44.03 28.54
CA ASN D 749 52.80 44.85 28.13
C ASN D 749 53.97 44.76 29.10
N LEU D 750 53.73 44.82 30.41
CA LEU D 750 54.85 44.65 31.33
C LEU D 750 55.54 43.31 31.11
N LEU D 751 54.77 42.22 31.11
CA LEU D 751 55.36 40.89 31.03
C LEU D 751 56.06 40.69 29.69
N LEU D 752 55.47 41.20 28.61
CA LEU D 752 56.10 41.08 27.31
C LEU D 752 57.45 41.80 27.28
N ASP D 753 57.48 43.02 27.82
CA ASP D 753 58.74 43.75 27.90
C ASP D 753 59.81 42.97 28.65
N MET D 754 59.42 42.29 29.74
CA MET D 754 60.39 41.52 30.52
C MET D 754 60.91 40.33 29.73
N GLN D 755 60.04 39.69 28.96
CA GLN D 755 60.50 38.58 28.12
C GLN D 755 61.64 39.04 27.23
N ASN D 756 61.43 40.12 26.48
CA ASN D 756 62.48 40.68 25.63
C ASN D 756 63.73 41.02 26.42
N ARG D 757 63.57 41.44 27.68
CA ARG D 757 64.74 41.71 28.53
C ARG D 757 65.40 40.43 29.02
N LEU D 758 64.58 39.47 29.44
CA LEU D 758 65.10 38.21 29.97
C LEU D 758 65.87 37.45 28.90
N ASN D 759 65.40 37.55 27.65
CA ASN D 759 66.03 36.81 26.56
C ASN D 759 67.45 37.29 26.29
N LYS D 760 67.72 38.58 26.48
CA LYS D 760 69.08 39.08 26.32
C LYS D 760 70.00 38.58 27.42
N VAL D 761 69.43 38.28 28.59
CA VAL D 761 70.22 37.95 29.78
C VAL D 761 70.50 36.46 29.87
N ILE D 762 69.49 35.64 29.58
CA ILE D 762 69.55 34.21 29.84
C ILE D 762 70.22 33.51 28.68
N LYS D 763 71.16 32.62 28.99
CA LYS D 763 71.85 31.81 27.99
C LYS D 763 71.04 30.53 27.81
N SER D 764 70.62 30.26 26.58
CA SER D 764 69.83 29.06 26.32
C SER D 764 70.74 27.91 25.89
N VAL D 765 70.33 26.69 26.25
CA VAL D 765 71.07 25.51 25.83
C VAL D 765 71.01 25.42 24.31
N GLY D 766 72.17 25.26 23.68
CA GLY D 766 72.25 25.27 22.24
C GLY D 766 72.14 26.63 21.62
N LYS D 767 71.99 27.67 22.44
CA LYS D 767 71.86 29.05 21.96
C LYS D 767 70.73 29.19 20.96
N ILE D 768 69.57 28.64 21.32
CA ILE D 768 68.36 28.75 20.51
C ILE D 768 67.62 30.02 20.90
N GLU D 769 67.32 30.85 19.91
CA GLU D 769 66.56 32.08 20.13
C GLU D 769 65.16 31.75 20.62
N HIS D 770 64.76 32.35 21.75
CA HIS D 770 63.45 32.07 22.33
C HIS D 770 62.32 32.48 21.40
N SER D 771 62.43 33.65 20.77
CA SER D 771 61.36 34.13 19.90
C SER D 771 61.07 33.12 18.80
N PHE D 772 62.11 32.47 18.28
CA PHE D 772 61.94 31.43 17.26
C PHE D 772 61.18 30.24 17.82
N TRP D 773 61.62 29.76 18.99
CA TRP D 773 61.00 28.59 19.60
C TRP D 773 59.51 28.77 19.78
N ARG D 774 59.08 29.91 20.32
CA ARG D 774 57.67 30.12 20.58
C ARG D 774 56.89 30.59 19.36
N SER D 775 57.55 30.85 18.23
CA SER D 775 56.83 31.29 17.04
C SER D 775 55.93 30.16 16.54
N PHE D 776 54.70 30.54 16.16
CA PHE D 776 53.75 29.62 15.53
C PHE D 776 54.40 28.93 14.35
N HIS D 777 54.29 27.61 14.29
CA HIS D 777 54.98 26.84 13.25
C HIS D 777 54.12 25.65 12.83
N THR D 778 53.70 25.69 11.58
CA THR D 778 53.20 24.55 10.82
C THR D 778 54.19 24.37 9.67
N GLU D 779 54.15 23.22 9.01
CA GLU D 779 55.04 23.05 7.87
C GLU D 779 54.84 24.17 6.86
N ARG D 780 53.63 24.71 6.80
CA ARG D 780 53.23 25.64 5.76
C ARG D 780 53.54 27.07 6.14
N LYS D 781 53.23 27.46 7.38
CA LYS D 781 53.40 28.83 7.82
C LYS D 781 54.17 28.82 9.13
N THR D 782 55.01 29.83 9.31
CA THR D 782 55.74 30.08 10.54
C THR D 782 55.60 31.57 10.80
N GLU D 783 54.89 31.92 11.85
CA GLU D 783 54.60 33.31 12.19
C GLU D 783 55.06 33.62 13.60
N PRO D 784 55.44 34.86 13.87
CA PRO D 784 55.87 35.21 15.24
C PRO D 784 54.74 35.08 16.25
N ALA D 785 55.12 34.69 17.47
CA ALA D 785 54.16 34.55 18.54
C ALA D 785 53.54 35.90 18.88
N THR D 786 52.26 35.86 19.26
CA THR D 786 51.53 37.07 19.59
C THR D 786 50.41 36.76 20.57
N GLY D 787 50.16 37.71 21.49
CA GLY D 787 49.08 37.62 22.45
C GLY D 787 49.34 36.68 23.61
N PHE D 788 50.53 36.11 23.73
CA PHE D 788 50.81 35.10 24.73
C PHE D 788 52.11 35.42 25.47
N ILE D 789 52.10 35.20 26.78
CA ILE D 789 53.27 35.37 27.63
C ILE D 789 53.75 34.00 28.05
N ASP D 790 55.02 33.70 27.78
CA ASP D 790 55.59 32.42 28.22
C ASP D 790 55.82 32.49 29.73
N GLY D 791 54.96 31.82 30.50
CA GLY D 791 55.04 31.92 31.94
C GLY D 791 56.36 31.42 32.49
N ASP D 792 56.90 30.35 31.90
CA ASP D 792 58.15 29.78 32.41
C ASP D 792 59.30 30.77 32.27
N LEU D 793 59.34 31.53 31.18
CA LEU D 793 60.36 32.56 31.04
C LEU D 793 60.21 33.63 32.13
N ILE D 794 58.97 34.03 32.42
CA ILE D 794 58.75 35.02 33.47
C ILE D 794 59.16 34.47 34.83
N GLU D 795 58.85 33.20 35.08
CA GLU D 795 59.16 32.56 36.37
C GLU D 795 60.59 32.12 36.49
N SER D 796 61.41 32.28 35.46
CA SER D 796 62.84 32.06 35.57
C SER D 796 63.58 33.31 36.04
N PHE D 797 62.91 34.47 36.04
CA PHE D 797 63.48 35.69 36.61
C PHE D 797 63.86 35.46 38.07
N LEU D 798 63.07 34.67 38.79
CA LEU D 798 63.35 34.41 40.19
C LEU D 798 64.55 33.49 40.39
N ASP D 799 65.08 32.89 39.33
CA ASP D 799 66.19 31.95 39.43
C ASP D 799 67.51 32.48 38.88
N ILE D 800 67.53 33.69 38.29
CA ILE D 800 68.78 34.27 37.82
C ILE D 800 69.43 35.04 38.95
N SER D 801 70.76 35.17 38.89
CA SER D 801 71.50 35.77 40.00
C SER D 801 71.14 37.24 40.15
N ARG D 802 71.37 37.78 41.35
CA ARG D 802 71.04 39.16 41.62
C ARG D 802 71.63 40.11 40.58
N PRO D 803 72.87 39.95 40.16
CA PRO D 803 73.41 40.84 39.10
C PRO D 803 72.55 40.86 37.85
N LYS D 804 72.08 39.71 37.39
CA LYS D 804 71.30 39.66 36.15
C LYS D 804 69.91 40.28 36.35
N MET D 805 69.31 40.09 37.52
CA MET D 805 68.04 40.74 37.80
C MET D 805 68.16 42.25 37.66
N GLN D 806 69.23 42.82 38.19
CA GLN D 806 69.44 44.26 38.10
C GLN D 806 69.65 44.68 36.66
N GLU D 807 70.30 43.82 35.86
CA GLU D 807 70.42 44.09 34.43
C GLU D 807 69.06 44.10 33.74
N VAL D 808 68.15 43.22 34.17
CA VAL D 808 66.86 43.11 33.50
C VAL D 808 66.04 44.37 33.69
N VAL D 809 66.09 44.97 34.88
CA VAL D 809 65.25 46.11 35.19
C VAL D 809 65.86 47.46 34.79
N ALA D 810 67.03 47.45 34.18
CA ALA D 810 67.64 48.72 33.77
C ALA D 810 66.68 49.45 32.83
N ASN D 811 66.47 50.73 33.11
CA ASN D 811 65.55 51.59 32.36
C ASN D 811 64.14 51.02 32.32
N LEU D 812 63.69 50.42 33.42
CA LEU D 812 62.37 49.83 33.51
C LEU D 812 61.53 50.65 34.47
N GLN D 813 60.29 50.93 34.08
CA GLN D 813 59.39 51.74 34.89
C GLN D 813 58.27 50.80 35.32
N TYR D 814 57.95 50.83 36.60
CA TYR D 814 56.96 49.93 37.19
C TYR D 814 55.80 50.78 37.66
N ASP D 815 54.61 50.46 37.16
CA ASP D 815 53.41 51.15 37.62
C ASP D 815 53.24 50.77 39.09
N ASP D 816 53.14 51.77 39.95
CA ASP D 816 52.98 51.47 41.36
C ASP D 816 51.64 50.80 41.63
N GLY D 817 50.75 50.75 40.64
CA GLY D 817 49.42 50.28 40.87
C GLY D 817 48.59 51.29 41.61
N SER D 818 49.23 52.40 41.99
CA SER D 818 48.63 53.53 42.68
C SER D 818 48.57 54.78 41.82
N GLY D 819 49.09 54.72 40.60
CA GLY D 819 49.00 55.86 39.71
C GLY D 819 50.33 56.35 39.19
N MET D 820 51.31 56.42 40.08
CA MET D 820 52.60 57.02 39.76
C MET D 820 53.54 55.95 39.22
N LYS D 821 53.88 56.05 37.93
CA LYS D 821 54.84 55.13 37.35
C LYS D 821 56.24 55.58 37.75
N ARG D 822 57.02 54.66 38.32
CA ARG D 822 58.34 54.96 38.86
C ARG D 822 59.31 53.86 38.42
N GLU D 823 60.60 54.20 38.42
CA GLU D 823 61.61 53.24 37.98
C GLU D 823 61.55 52.01 38.89
N ALA D 824 61.69 50.84 38.30
CA ALA D 824 61.46 49.59 38.99
C ALA D 824 62.74 49.02 39.59
N THR D 825 62.59 48.42 40.77
CA THR D 825 63.68 47.70 41.42
C THR D 825 63.57 46.20 41.14
N ALA D 826 64.67 45.49 41.34
CA ALA D 826 64.62 44.04 41.23
C ALA D 826 63.59 43.48 42.19
N ASP D 827 63.52 44.09 43.38
CA ASP D 827 62.61 43.63 44.42
C ASP D 827 61.15 43.85 44.06
N ASP D 828 60.86 44.97 43.37
CA ASP D 828 59.47 45.23 42.96
C ASP D 828 58.96 44.15 42.01
N LEU D 829 59.80 43.74 41.06
CA LEU D 829 59.39 42.73 40.10
C LEU D 829 59.34 41.35 40.76
N ILE D 830 60.30 41.07 41.66
CA ILE D 830 60.29 39.79 42.37
C ILE D 830 58.96 39.59 43.08
N LYS D 831 58.33 40.66 43.56
CA LYS D 831 57.00 40.50 44.14
C LYS D 831 55.99 40.10 43.08
N VAL D 832 56.05 40.73 41.91
CA VAL D 832 55.09 40.44 40.84
C VAL D 832 55.26 39.00 40.35
N VAL D 833 56.49 38.58 40.12
CA VAL D 833 56.70 37.23 39.59
C VAL D 833 56.23 36.19 40.60
N GLU D 834 56.52 36.42 41.89
CA GLU D 834 56.09 35.50 42.92
C GLU D 834 54.57 35.42 42.98
N GLU D 835 53.89 36.55 42.75
CA GLU D 835 52.43 36.51 42.63
C GLU D 835 51.99 35.61 41.49
N LEU D 836 52.71 35.62 40.37
CA LEU D 836 52.34 34.76 39.25
C LEU D 836 52.66 33.30 39.52
N THR D 837 53.57 33.00 40.44
CA THR D 837 53.87 31.61 40.75
C THR D 837 52.80 30.97 41.63
N ARG D 838 51.89 31.79 42.18
CA ARG D 838 50.79 31.27 42.97
C ARG D 838 49.73 30.60 42.12
N ILE D 839 49.56 31.00 40.85
CA ILE D 839 48.43 30.49 40.09
C ILE D 839 48.53 28.99 39.91
N HIS D 840 49.73 28.49 39.64
CA HIS D 840 49.96 27.06 39.47
C HIS D 840 50.49 26.37 40.72
N THR E 7 11.61 28.60 -17.78
CA THR E 7 12.55 27.63 -18.32
C THR E 7 13.87 27.72 -17.56
N GLU E 8 14.78 26.79 -17.87
CA GLU E 8 16.08 26.73 -17.21
C GLU E 8 16.95 27.95 -17.50
N SER E 9 16.60 28.77 -18.49
CA SER E 9 17.48 29.84 -18.96
C SER E 9 17.14 31.21 -18.38
N ASP E 10 16.00 31.35 -17.71
CA ASP E 10 15.51 32.66 -17.30
C ASP E 10 16.12 33.05 -15.95
N TRP E 11 17.40 33.43 -16.01
CA TRP E 11 18.15 33.75 -14.81
C TRP E 11 17.74 35.12 -14.27
N GLY E 12 17.95 35.32 -12.97
CA GLY E 12 17.65 36.58 -12.32
C GLY E 12 16.24 36.73 -11.83
N LYS E 13 15.36 35.77 -12.13
CA LYS E 13 13.95 35.83 -11.78
C LYS E 13 13.61 35.01 -10.53
N ARG E 14 14.20 33.83 -10.37
CA ARG E 14 13.88 32.96 -9.23
C ARG E 14 14.34 33.63 -7.93
N CYS E 15 13.58 33.38 -6.86
CA CYS E 15 13.87 34.03 -5.59
C CYS E 15 14.95 33.25 -4.84
N VAL E 16 15.69 33.96 -3.98
CA VAL E 16 16.70 33.30 -3.15
C VAL E 16 16.08 32.47 -2.04
N ASP E 17 14.76 32.58 -1.87
CA ASP E 17 14.06 31.79 -0.85
C ASP E 17 14.08 30.31 -1.18
N LYS E 18 14.08 29.95 -2.46
CA LYS E 18 14.07 28.55 -2.86
C LYS E 18 15.24 27.80 -2.23
N PHE E 19 16.34 28.51 -1.94
CA PHE E 19 17.50 27.96 -1.28
C PHE E 19 17.48 28.32 0.21
N ASP E 20 17.82 27.34 1.04
CA ASP E 20 17.95 27.51 2.49
C ASP E 20 19.43 27.61 2.84
N ILE E 21 19.79 28.67 3.56
CA ILE E 21 21.20 28.99 3.80
C ILE E 21 21.72 28.16 4.96
N ILE E 22 22.61 27.22 4.67
CA ILE E 22 23.19 26.38 5.71
C ILE E 22 24.23 27.15 6.52
N GLY E 23 25.03 27.97 5.85
CA GLY E 23 26.13 28.65 6.52
C GLY E 23 26.98 29.42 5.54
N ILE E 24 28.02 30.04 6.09
CA ILE E 24 28.96 30.88 5.34
C ILE E 24 30.25 30.10 5.03
N ILE E 25 30.57 29.94 3.74
CA ILE E 25 31.78 29.19 3.39
C ILE E 25 33.01 30.10 3.30
N GLY E 26 32.88 31.29 2.73
CA GLY E 26 34.02 32.17 2.58
C GLY E 26 33.57 33.59 2.31
N GLU E 27 34.55 34.50 2.35
CA GLU E 27 34.31 35.89 1.99
C GLU E 27 34.82 36.12 0.58
N GLY E 28 33.92 36.51 -0.33
CA GLY E 28 34.25 36.74 -1.71
C GLY E 28 34.53 38.20 -1.95
N THR E 29 35.17 38.49 -3.08
CA THR E 29 35.58 39.85 -3.37
C THR E 29 34.41 40.81 -3.44
N TYR E 30 33.30 40.40 -4.05
CA TYR E 30 32.14 41.28 -4.18
C TYR E 30 31.14 41.12 -3.06
N GLY E 31 31.00 39.92 -2.52
CA GLY E 31 30.17 39.67 -1.37
C GLY E 31 30.49 38.30 -0.83
N GLN E 32 30.09 38.07 0.41
CA GLN E 32 30.42 36.79 1.03
C GLN E 32 29.74 35.63 0.29
N VAL E 33 30.38 34.47 0.36
CA VAL E 33 29.90 33.25 -0.31
C VAL E 33 29.25 32.37 0.74
N TYR E 34 28.07 31.84 0.44
CA TYR E 34 27.29 31.04 1.38
C TYR E 34 26.96 29.67 0.78
N LYS E 35 26.95 28.63 1.62
CA LYS E 35 26.46 27.31 1.25
C LYS E 35 24.95 27.23 1.48
N ALA E 36 24.27 26.45 0.63
CA ALA E 36 22.81 26.38 0.68
C ALA E 36 22.34 25.06 0.09
N LYS E 37 21.08 24.72 0.38
CA LYS E 37 20.44 23.50 -0.10
C LYS E 37 19.17 23.93 -0.84
N ASP E 38 18.98 23.39 -2.05
CA ASP E 38 17.78 23.69 -2.83
C ASP E 38 16.60 22.92 -2.25
N LYS E 39 15.53 23.63 -1.90
CA LYS E 39 14.37 22.95 -1.34
C LYS E 39 13.78 21.96 -2.33
N ASP E 40 13.72 22.33 -3.61
CA ASP E 40 13.08 21.48 -4.60
C ASP E 40 13.93 20.26 -4.92
N THR E 41 15.25 20.43 -5.08
CA THR E 41 16.07 19.34 -5.56
C THR E 41 16.86 18.60 -4.49
N GLY E 42 17.05 19.20 -3.32
CA GLY E 42 17.94 18.63 -2.34
C GLY E 42 19.41 18.82 -2.65
N GLU E 43 19.73 19.49 -3.75
CA GLU E 43 21.12 19.73 -4.14
C GLU E 43 21.79 20.73 -3.21
N LEU E 44 23.06 20.48 -2.93
CA LEU E 44 23.90 21.40 -2.18
C LEU E 44 24.57 22.35 -3.17
N VAL E 45 24.38 23.65 -2.96
CA VAL E 45 24.90 24.69 -3.84
C VAL E 45 25.59 25.76 -3.00
N ALA E 46 26.44 26.55 -3.66
CA ALA E 46 27.14 27.65 -3.03
C ALA E 46 26.72 28.95 -3.70
N LEU E 47 26.22 29.88 -2.89
CA LEU E 47 25.74 31.16 -3.39
C LEU E 47 26.76 32.26 -3.11
N LYS E 48 27.14 32.98 -4.15
CA LYS E 48 28.01 34.14 -4.03
C LYS E 48 27.11 35.38 -4.03
N LYS E 49 27.11 36.12 -2.92
CA LYS E 49 26.30 37.31 -2.80
C LYS E 49 26.94 38.46 -3.57
N VAL E 50 26.20 39.00 -4.54
CA VAL E 50 26.58 40.19 -5.28
C VAL E 50 25.59 41.29 -4.89
N ARG E 51 26.12 42.39 -4.38
CA ARG E 51 25.30 43.47 -3.86
C ARG E 51 25.40 44.62 -4.85
N LEU E 52 24.29 44.95 -5.51
CA LEU E 52 24.23 46.16 -6.31
C LEU E 52 23.64 47.32 -5.53
N ASP E 53 23.34 47.11 -4.25
CA ASP E 53 22.68 48.13 -3.45
C ASP E 53 23.54 49.36 -3.22
N ASN E 54 24.87 49.22 -3.21
CA ASN E 54 25.72 50.41 -3.04
C ASN E 54 25.48 51.42 -4.17
N GLU E 55 25.33 50.94 -5.40
CA GLU E 55 25.00 51.78 -6.54
C GLU E 55 26.09 52.79 -6.87
N LYS E 56 27.31 52.56 -6.38
CA LYS E 56 28.44 53.40 -6.77
C LYS E 56 28.66 53.35 -8.27
N GLU E 57 28.60 52.15 -8.84
CA GLU E 57 28.70 51.96 -10.28
C GLU E 57 27.76 50.85 -10.74
N GLY E 58 26.67 50.63 -10.02
CA GLY E 58 25.74 49.63 -10.47
C GLY E 58 26.30 48.26 -10.12
N PHE E 59 26.07 47.30 -10.98
CA PHE E 59 26.51 45.93 -10.77
C PHE E 59 28.04 45.86 -10.78
N PRO E 60 28.65 45.12 -9.86
CA PRO E 60 30.12 45.08 -9.84
C PRO E 60 30.60 44.45 -11.15
N ILE E 61 31.71 44.99 -11.68
CA ILE E 61 32.21 44.44 -12.93
C ILE E 61 32.88 43.11 -12.65
N THR E 62 33.48 42.94 -11.47
CA THR E 62 34.05 41.67 -11.07
C THR E 62 33.05 40.54 -11.25
N ALA E 63 31.81 40.76 -10.83
CA ALA E 63 30.78 39.75 -11.00
C ALA E 63 30.42 39.58 -12.46
N ILE E 64 30.35 40.70 -13.19
CA ILE E 64 30.02 40.67 -14.61
C ILE E 64 31.00 39.78 -15.38
N ARG E 65 32.29 39.87 -15.04
CA ARG E 65 33.26 39.01 -15.70
C ARG E 65 33.02 37.55 -15.40
N GLU E 66 32.77 37.21 -14.13
CA GLU E 66 32.60 35.80 -13.79
C GLU E 66 31.28 35.25 -14.33
N ILE E 67 30.28 36.12 -14.52
CA ILE E 67 29.03 35.67 -15.12
C ILE E 67 29.19 35.48 -16.61
N LYS E 68 29.70 36.52 -17.27
CA LYS E 68 29.95 36.47 -18.70
C LYS E 68 30.86 35.31 -19.07
N ILE E 69 31.89 35.05 -18.27
CA ILE E 69 32.88 34.04 -18.60
C ILE E 69 32.39 32.66 -18.23
N LEU E 70 31.81 32.50 -17.04
CA LEU E 70 31.42 31.16 -16.62
C LEU E 70 30.11 30.68 -17.23
N ARG E 71 29.33 31.56 -17.89
CA ARG E 71 28.26 31.03 -18.72
C ARG E 71 28.78 30.56 -20.08
N GLN E 72 30.00 30.97 -20.43
CA GLN E 72 30.64 30.60 -21.68
C GLN E 72 31.51 29.36 -21.52
N LEU E 73 32.04 29.12 -20.32
CA LEU E 73 32.99 28.04 -20.09
C LEU E 73 32.29 26.87 -19.42
N ILE E 74 32.30 25.71 -20.08
CA ILE E 74 31.72 24.47 -19.58
C ILE E 74 32.80 23.40 -19.66
N HIS E 75 33.33 22.99 -18.50
CA HIS E 75 34.37 21.98 -18.46
C HIS E 75 34.33 21.29 -17.11
N ARG E 76 34.78 20.03 -17.08
CA ARG E 76 34.76 19.28 -15.83
C ARG E 76 35.57 19.99 -14.76
N SER E 77 36.65 20.66 -15.16
CA SER E 77 37.58 21.31 -14.25
C SER E 77 37.33 22.81 -14.14
N VAL E 78 36.12 23.27 -14.45
CA VAL E 78 35.70 24.65 -14.30
C VAL E 78 34.41 24.65 -13.50
N VAL E 79 34.35 25.50 -12.47
CA VAL E 79 33.18 25.50 -11.62
C VAL E 79 31.97 25.95 -12.41
N ASN E 80 30.87 25.22 -12.27
CA ASN E 80 29.70 25.41 -13.10
C ASN E 80 28.77 26.39 -12.39
N MET E 81 28.51 27.53 -13.04
CA MET E 81 27.51 28.45 -12.55
C MET E 81 26.14 27.94 -12.99
N LYS E 82 25.29 27.64 -12.01
CA LYS E 82 24.00 27.03 -12.30
C LYS E 82 22.92 28.05 -12.60
N GLU E 83 22.85 29.12 -11.81
CA GLU E 83 21.84 30.15 -12.02
C GLU E 83 22.17 31.33 -11.13
N ILE E 84 21.36 32.38 -11.24
CA ILE E 84 21.47 33.58 -10.44
C ILE E 84 20.08 33.87 -9.89
N VAL E 85 19.98 34.06 -8.59
CA VAL E 85 18.70 34.30 -7.93
C VAL E 85 18.77 35.67 -7.26
N THR E 86 17.60 36.18 -6.89
CA THR E 86 17.49 37.52 -6.35
C THR E 86 16.82 37.50 -4.99
N ASP E 87 17.20 38.46 -4.16
CA ASP E 87 16.50 38.69 -2.89
C ASP E 87 15.08 39.13 -3.19
N LYS E 88 14.13 38.61 -2.41
CA LYS E 88 12.73 38.94 -2.62
C LYS E 88 12.50 40.45 -2.66
N GLN E 89 11.87 40.92 -3.73
CA GLN E 89 11.53 42.34 -3.83
C GLN E 89 10.11 42.50 -3.30
N ASP E 90 10.00 42.95 -2.05
CA ASP E 90 8.69 43.23 -1.47
C ASP E 90 8.08 44.50 -2.05
N ALA E 91 8.91 45.40 -2.58
CA ALA E 91 8.41 46.65 -3.13
C ALA E 91 8.04 46.44 -4.59
N LEU E 92 6.95 47.08 -5.02
CA LEU E 92 6.51 46.95 -6.41
C LEU E 92 7.28 47.85 -7.36
N ASP E 93 7.60 49.06 -6.92
CA ASP E 93 8.38 49.98 -7.75
C ASP E 93 9.81 49.49 -7.81
N PHE E 94 10.27 49.16 -9.02
CA PHE E 94 11.66 48.78 -9.20
C PHE E 94 12.62 49.84 -8.66
N LYS E 95 12.20 51.10 -8.63
CA LYS E 95 13.07 52.15 -8.10
C LYS E 95 13.39 51.89 -6.63
N LYS E 96 12.39 51.45 -5.85
CA LYS E 96 12.59 51.26 -4.42
C LYS E 96 13.36 49.98 -4.09
N ASP E 97 13.65 49.14 -5.08
CA ASP E 97 14.35 47.88 -4.83
C ASP E 97 15.81 48.12 -4.49
N LYS E 98 16.22 47.66 -3.30
CA LYS E 98 17.63 47.68 -2.92
C LYS E 98 18.13 46.27 -2.61
N GLY E 99 17.44 45.26 -3.14
CA GLY E 99 17.84 43.89 -2.92
C GLY E 99 19.04 43.53 -3.77
N ALA E 100 19.58 42.35 -3.50
CA ALA E 100 20.79 41.88 -4.16
C ALA E 100 20.51 40.61 -4.96
N PHE E 101 21.50 40.25 -5.77
CA PHE E 101 21.48 39.03 -6.56
C PHE E 101 22.53 38.08 -5.99
N TYR E 102 22.21 36.79 -5.98
CA TYR E 102 23.10 35.76 -5.48
C TYR E 102 23.42 34.85 -6.66
N LEU E 103 24.70 34.59 -6.87
CA LEU E 103 25.14 33.76 -7.99
C LEU E 103 25.21 32.32 -7.49
N VAL E 104 24.32 31.48 -7.98
CA VAL E 104 24.31 30.09 -7.54
C VAL E 104 25.40 29.33 -8.27
N PHE E 105 26.24 28.64 -7.52
CA PHE E 105 27.35 27.85 -8.03
C PHE E 105 27.19 26.42 -7.50
N GLU E 106 27.87 25.49 -8.16
CA GLU E 106 28.08 24.15 -7.62
C GLU E 106 28.91 24.19 -6.34
N TYR E 107 28.56 23.33 -5.39
CA TYR E 107 29.25 23.28 -4.11
C TYR E 107 30.37 22.24 -4.13
N MET E 108 31.56 22.64 -3.70
CA MET E 108 32.71 21.75 -3.56
C MET E 108 33.03 21.59 -2.08
N ASP E 109 33.27 20.35 -1.65
CA ASP E 109 33.40 20.06 -0.22
C ASP E 109 34.63 20.71 0.41
N HIS E 110 35.79 20.63 -0.25
CA HIS E 110 37.05 21.07 0.34
C HIS E 110 37.79 21.98 -0.66
N ASP E 111 38.76 22.72 -0.14
CA ASP E 111 39.69 23.48 -0.98
C ASP E 111 41.11 22.95 -0.76
N LEU E 112 41.95 23.09 -1.80
CA LEU E 112 43.28 22.50 -1.74
C LEU E 112 44.08 23.05 -0.56
N MET E 113 43.98 24.35 -0.30
CA MET E 113 44.79 24.96 0.75
C MET E 113 44.46 24.37 2.11
N GLY E 114 43.18 24.16 2.39
CA GLY E 114 42.80 23.59 3.68
C GLY E 114 43.35 22.20 3.89
N LEU E 115 43.35 21.37 2.84
CA LEU E 115 43.85 20.02 2.97
C LEU E 115 45.33 20.01 3.29
N LEU E 116 46.09 20.86 2.60
CA LEU E 116 47.53 20.94 2.82
C LEU E 116 47.87 21.65 4.13
N GLU E 117 47.16 22.73 4.44
CA GLU E 117 47.47 23.53 5.63
C GLU E 117 47.20 22.75 6.90
N SER E 118 46.23 21.84 6.87
CA SER E 118 46.03 20.92 7.99
C SER E 118 47.14 19.90 8.12
N GLY E 119 47.96 19.71 7.08
CA GLY E 119 48.96 18.67 7.12
C GLY E 119 48.29 17.32 7.19
N LEU E 120 46.97 17.34 6.96
CA LEU E 120 46.13 16.17 7.16
C LEU E 120 46.32 15.15 6.04
N VAL E 121 46.29 15.61 4.79
CA VAL E 121 46.38 14.73 3.64
C VAL E 121 47.82 14.52 3.17
N HIS E 122 48.03 13.39 2.49
CA HIS E 122 49.27 13.05 1.83
C HIS E 122 48.96 12.70 0.38
N PHE E 123 49.66 13.33 -0.57
CA PHE E 123 49.41 13.13 -2.00
C PHE E 123 50.51 12.28 -2.62
N SER E 124 50.15 11.09 -3.13
CA SER E 124 51.07 10.21 -3.82
C SER E 124 51.26 10.64 -5.27
N GLU E 125 52.24 10.02 -5.94
CA GLU E 125 52.53 10.43 -7.31
C GLU E 125 51.29 10.34 -8.20
N ASP E 126 50.60 9.19 -8.17
CA ASP E 126 49.47 9.00 -9.07
C ASP E 126 48.32 9.94 -8.72
N HIS E 127 48.18 10.28 -7.44
CA HIS E 127 47.21 11.29 -7.06
C HIS E 127 47.58 12.64 -7.65
N ILE E 128 48.87 12.97 -7.62
CA ILE E 128 49.31 14.27 -8.16
C ILE E 128 49.08 14.32 -9.66
N LYS E 129 49.27 13.20 -10.36
CA LYS E 129 49.03 13.17 -11.79
C LYS E 129 47.58 13.50 -12.12
N SER E 130 46.64 12.81 -11.47
CA SER E 130 45.22 13.06 -11.74
C SER E 130 44.83 14.48 -11.33
N PHE E 131 45.43 14.99 -10.26
CA PHE E 131 45.14 16.35 -9.83
C PHE E 131 45.59 17.36 -10.87
N MET E 132 46.85 17.29 -11.29
CA MET E 132 47.37 18.30 -12.20
C MET E 132 46.78 18.15 -13.60
N LYS E 133 46.55 16.91 -14.06
CA LYS E 133 45.96 16.75 -15.38
C LYS E 133 44.59 17.42 -15.45
N GLN E 134 43.75 17.22 -14.43
CA GLN E 134 42.45 17.88 -14.43
C GLN E 134 42.63 19.39 -14.46
N LEU E 135 43.50 19.92 -13.59
CA LEU E 135 43.73 21.36 -13.55
C LEU E 135 44.18 21.90 -14.90
N MET E 136 45.18 21.25 -15.51
CA MET E 136 45.74 21.77 -16.75
C MET E 136 44.79 21.58 -17.93
N GLU E 137 44.02 20.49 -17.93
CA GLU E 137 42.97 20.35 -18.91
C GLU E 137 41.96 21.47 -18.80
N GLY E 138 41.60 21.83 -17.57
CA GLY E 138 40.74 22.99 -17.38
C GLY E 138 41.39 24.26 -17.89
N LEU E 139 42.68 24.46 -17.59
CA LEU E 139 43.36 25.65 -18.06
C LEU E 139 43.53 25.66 -19.57
N GLU E 140 43.85 24.52 -20.19
CA GLU E 140 43.96 24.49 -21.64
C GLU E 140 42.65 24.96 -22.27
N TYR E 141 41.52 24.51 -21.71
CA TYR E 141 40.22 24.92 -22.23
C TYR E 141 40.06 26.44 -22.18
N CYS E 142 40.30 27.03 -21.01
CA CYS E 142 40.16 28.48 -20.87
C CYS E 142 41.14 29.20 -21.80
N HIS E 143 42.38 28.73 -21.87
CA HIS E 143 43.38 29.40 -22.68
C HIS E 143 43.10 29.26 -24.17
N LYS E 144 42.47 28.16 -24.60
CA LYS E 144 42.09 28.06 -26.00
C LYS E 144 40.92 28.98 -26.34
N LYS E 145 40.08 29.28 -25.35
CA LYS E 145 39.00 30.25 -25.50
C LYS E 145 39.45 31.66 -25.16
N ASN E 146 40.76 31.85 -24.95
CA ASN E 146 41.37 33.14 -24.76
C ASN E 146 40.90 33.85 -23.50
N PHE E 147 40.65 33.09 -22.44
CA PHE E 147 40.30 33.65 -21.16
C PHE E 147 41.48 33.37 -20.24
N LEU E 148 41.99 34.41 -19.61
CA LEU E 148 43.19 34.30 -18.78
C LEU E 148 42.74 34.47 -17.34
N HIS E 149 42.76 33.37 -16.60
CA HIS E 149 42.48 33.44 -15.17
C HIS E 149 43.69 34.01 -14.45
N ARG E 150 43.44 34.70 -13.36
CA ARG E 150 44.46 35.41 -12.60
C ARG E 150 44.25 35.01 -11.16
N ASP E 151 45.30 35.18 -10.37
CA ASP E 151 45.25 34.79 -8.96
C ASP E 151 44.94 33.29 -8.87
N ILE E 152 45.73 32.48 -9.57
CA ILE E 152 45.58 31.04 -9.47
C ILE E 152 46.38 30.64 -8.24
N LYS E 153 45.66 30.27 -7.17
CA LYS E 153 46.26 29.94 -5.89
C LYS E 153 45.59 28.69 -5.35
N CYS E 154 46.13 28.20 -4.23
CA CYS E 154 45.55 27.05 -3.56
C CYS E 154 44.15 27.35 -3.06
N SER E 155 43.81 28.62 -2.86
CA SER E 155 42.45 28.96 -2.45
C SER E 155 41.45 28.76 -3.58
N ASN E 156 41.83 29.10 -4.83
CA ASN E 156 40.90 29.01 -5.95
C ASN E 156 40.78 27.60 -6.51
N ILE E 157 41.71 26.69 -6.17
CA ILE E 157 41.57 25.28 -6.56
C ILE E 157 40.70 24.57 -5.54
N LEU E 158 39.67 23.88 -6.01
CA LEU E 158 38.67 23.23 -5.16
C LEU E 158 38.64 21.73 -5.38
N LEU E 159 38.35 21.00 -4.30
CA LEU E 159 38.34 19.54 -4.27
C LEU E 159 37.03 19.03 -3.67
N ASN E 160 36.52 17.92 -4.23
CA ASN E 160 35.40 17.20 -3.63
C ASN E 160 35.78 15.76 -3.28
N ASN E 161 34.87 15.08 -2.56
CA ASN E 161 35.17 13.75 -2.06
C ASN E 161 35.42 12.76 -3.20
N SER E 162 34.82 12.98 -4.38
CA SER E 162 35.07 12.09 -5.50
C SER E 162 36.50 12.20 -6.03
N GLY E 163 37.19 13.30 -5.74
CA GLY E 163 38.50 13.54 -6.30
C GLY E 163 38.55 14.42 -7.53
N GLN E 164 37.42 14.99 -7.93
CA GLN E 164 37.38 15.94 -9.03
C GLN E 164 37.94 17.29 -8.57
N ILE E 165 38.73 17.92 -9.42
CA ILE E 165 39.33 19.22 -9.16
C ILE E 165 38.63 20.25 -10.05
N LYS E 166 38.30 21.41 -9.49
CA LYS E 166 37.65 22.45 -10.28
C LYS E 166 38.25 23.80 -9.96
N LEU E 167 38.57 24.57 -11.01
CA LEU E 167 39.06 25.93 -10.87
C LEU E 167 37.91 26.92 -10.67
N ALA E 168 38.19 27.97 -9.89
CA ALA E 168 37.11 28.86 -9.47
C ALA E 168 37.58 30.32 -9.39
N ASP E 169 36.64 31.18 -8.97
CA ASP E 169 36.81 32.63 -8.91
C ASP E 169 37.57 33.14 -10.11
N PHE E 170 36.85 33.27 -11.22
CA PHE E 170 37.34 33.83 -12.46
C PHE E 170 37.07 35.32 -12.54
N GLY E 171 36.88 35.96 -11.39
CA GLY E 171 36.52 37.36 -11.31
C GLY E 171 37.50 38.31 -11.97
N LEU E 172 38.71 37.85 -12.22
CA LEU E 172 39.72 38.66 -12.87
C LEU E 172 40.03 38.22 -14.30
N ALA E 173 39.29 37.25 -14.84
CA ALA E 173 39.58 36.73 -16.17
C ALA E 173 39.12 37.72 -17.24
N ARG E 174 39.95 37.86 -18.28
CA ARG E 174 39.74 38.82 -19.37
C ARG E 174 40.11 38.13 -20.68
N LEU E 175 39.58 38.67 -21.78
CA LEU E 175 39.95 38.16 -23.09
C LEU E 175 41.42 38.50 -23.39
N TYR E 176 42.10 37.61 -24.10
CA TYR E 176 43.51 37.80 -24.46
C TYR E 176 43.62 37.96 -25.96
N ASN E 177 44.25 39.06 -26.39
CA ASN E 177 44.55 39.30 -27.79
C ASN E 177 46.06 39.31 -27.99
N SER E 178 46.55 38.47 -28.92
CA SER E 178 47.97 38.51 -29.21
C SER E 178 48.28 39.67 -30.15
N GLU E 179 47.42 39.90 -31.13
CA GLU E 179 47.47 41.08 -31.97
C GLU E 179 46.84 42.24 -31.21
N GLU E 180 47.15 43.46 -31.62
CA GLU E 180 46.64 44.66 -30.96
C GLU E 180 46.77 44.53 -29.44
N SER E 181 48.01 44.43 -28.98
CA SER E 181 48.27 44.30 -27.55
C SER E 181 47.60 45.46 -26.82
N ARG E 182 46.91 45.12 -25.73
CA ARG E 182 46.12 46.08 -24.97
C ARG E 182 46.58 46.12 -23.52
N PRO E 183 46.58 47.29 -22.89
CA PRO E 183 47.05 47.38 -21.50
C PRO E 183 46.19 46.55 -20.57
N TYR E 184 46.84 45.85 -19.64
CA TYR E 184 46.17 44.99 -18.67
C TYR E 184 46.58 45.40 -17.25
N ASN E 186 48.74 44.66 -13.85
CA ASN E 186 49.94 43.93 -13.39
C ASN E 186 49.89 43.69 -11.87
N LYS E 187 50.64 42.70 -11.40
CA LYS E 187 50.61 42.29 -10.00
C LYS E 187 49.22 41.82 -9.58
N VAL E 188 48.60 40.97 -10.41
CA VAL E 188 47.24 40.53 -10.15
C VAL E 188 47.20 39.15 -9.48
N ILE E 189 48.27 38.39 -9.55
CA ILE E 189 48.34 37.06 -8.95
C ILE E 189 48.81 37.24 -7.51
N THR E 190 48.47 36.29 -6.63
CA THR E 190 48.94 36.38 -5.24
C THR E 190 50.46 36.28 -5.23
N LEU E 191 51.10 37.09 -4.38
CA LEU E 191 52.55 37.22 -4.45
C LEU E 191 53.25 35.87 -4.46
N TRP E 192 52.77 34.92 -3.65
CA TRP E 192 53.46 33.64 -3.58
C TRP E 192 53.46 32.93 -4.93
N TYR E 193 52.39 33.09 -5.71
CA TYR E 193 52.27 32.43 -7.00
C TYR E 193 52.43 33.39 -8.17
N ARG E 194 52.93 34.60 -7.92
CA ARG E 194 53.07 35.58 -8.99
C ARG E 194 54.25 35.22 -9.89
N PRO E 195 54.13 35.44 -11.20
CA PRO E 195 55.23 35.12 -12.11
C PRO E 195 56.23 36.27 -12.15
N PRO E 196 57.46 35.99 -12.59
CA PRO E 196 58.48 37.06 -12.57
C PRO E 196 58.18 38.21 -13.52
N GLU E 197 57.61 37.94 -14.69
CA GLU E 197 57.34 39.02 -15.63
C GLU E 197 56.40 40.06 -15.02
N LEU E 198 55.42 39.61 -14.25
CA LEU E 198 54.49 40.53 -13.57
C LEU E 198 55.11 41.20 -12.37
N LEU E 199 56.17 40.61 -11.79
CA LEU E 199 56.92 41.27 -10.73
C LEU E 199 57.84 42.36 -11.26
N LEU E 200 58.24 42.26 -12.52
CA LEU E 200 58.99 43.30 -13.19
C LEU E 200 58.09 44.25 -13.96
N GLY E 201 56.78 44.16 -13.75
CA GLY E 201 55.86 45.14 -14.30
C GLY E 201 55.54 44.97 -15.78
N GLU E 202 55.41 43.73 -16.25
CA GLU E 202 55.07 43.52 -17.65
C GLU E 202 53.65 44.01 -17.89
N GLU E 203 53.47 44.86 -18.89
CA GLU E 203 52.19 45.52 -19.01
C GLU E 203 51.17 44.66 -19.73
N ARG E 204 51.61 43.84 -20.68
CA ARG E 204 50.72 42.95 -21.42
C ARG E 204 51.12 41.52 -21.08
N TYR E 205 50.44 40.92 -20.10
CA TYR E 205 50.81 39.57 -19.70
C TYR E 205 50.39 38.55 -20.76
N THR E 206 51.13 37.45 -20.84
CA THR E 206 50.82 36.33 -21.70
C THR E 206 50.05 35.30 -20.90
N PRO E 207 49.37 34.33 -21.54
CA PRO E 207 48.72 33.28 -20.75
C PRO E 207 49.69 32.52 -19.87
N ALA E 208 50.99 32.63 -20.13
CA ALA E 208 52.00 31.91 -19.37
C ALA E 208 52.02 32.30 -17.90
N ILE E 209 51.31 33.37 -17.52
CA ILE E 209 51.24 33.74 -16.10
C ILE E 209 50.54 32.65 -15.29
N ASP E 210 49.48 32.05 -15.84
CA ASP E 210 48.81 30.98 -15.13
C ASP E 210 49.66 29.72 -15.08
N VAL E 211 50.36 29.42 -16.16
CA VAL E 211 51.17 28.20 -16.20
C VAL E 211 52.28 28.28 -15.14
N TRP E 212 52.82 29.48 -14.91
CA TRP E 212 53.77 29.66 -13.81
C TRP E 212 53.09 29.41 -12.46
N SER E 213 51.90 29.97 -12.27
CA SER E 213 51.17 29.74 -11.03
C SER E 213 50.96 28.24 -10.80
N CYS E 214 50.48 27.53 -11.82
CA CYS E 214 50.23 26.10 -11.67
C CYS E 214 51.52 25.33 -11.41
N GLY E 215 52.65 25.81 -11.92
CA GLY E 215 53.91 25.17 -11.62
C GLY E 215 54.26 25.30 -10.16
N CYS E 216 54.04 26.49 -9.58
CA CYS E 216 54.21 26.65 -8.15
C CYS E 216 53.35 25.66 -7.38
N ILE E 217 52.13 25.41 -7.84
CA ILE E 217 51.26 24.44 -7.19
C ILE E 217 51.82 23.03 -7.34
N LEU E 218 52.32 22.70 -8.54
CA LEU E 218 52.87 21.37 -8.75
C LEU E 218 53.95 21.06 -7.72
N GLY E 219 54.89 21.97 -7.53
CA GLY E 219 55.93 21.74 -6.55
C GLY E 219 55.39 21.66 -5.14
N GLU E 220 54.39 22.47 -4.83
CA GLU E 220 53.81 22.46 -3.50
C GLU E 220 53.22 21.10 -3.17
N LEU E 221 52.72 20.39 -4.18
CA LEU E 221 52.18 19.05 -3.98
C LEU E 221 53.26 18.00 -3.71
N PHE E 222 54.52 18.29 -4.03
CA PHE E 222 55.60 17.36 -3.73
C PHE E 222 56.34 17.68 -2.44
N THR E 223 56.20 18.90 -1.90
CA THR E 223 56.80 19.26 -0.64
C THR E 223 55.77 19.48 0.45
N LYS E 224 54.51 19.73 0.08
CA LYS E 224 53.43 20.05 0.98
C LYS E 224 53.67 21.40 1.65
N LYS E 225 54.59 22.21 1.13
CA LYS E 225 54.96 23.53 1.59
C LYS E 225 55.06 24.40 0.34
N PRO E 226 54.51 25.62 0.37
CA PRO E 226 54.63 26.51 -0.80
C PRO E 226 56.08 26.72 -1.19
N ILE E 227 56.31 26.87 -2.50
CA ILE E 227 57.67 26.99 -2.98
C ILE E 227 58.24 28.36 -2.64
N PHE E 228 57.48 29.42 -2.88
CA PHE E 228 57.93 30.80 -2.66
C PHE E 228 57.02 31.54 -1.68
N GLN E 229 57.47 31.73 -0.45
CA GLN E 229 56.70 32.49 0.52
C GLN E 229 57.46 33.76 0.88
N ALA E 230 56.86 34.92 0.62
CA ALA E 230 57.49 36.19 0.95
C ALA E 230 56.39 37.23 1.12
N ASN E 231 56.72 38.31 1.82
CA ASN E 231 55.79 39.41 2.02
C ASN E 231 56.11 40.61 1.14
N LEU E 232 57.23 40.59 0.43
CA LEU E 232 57.67 41.72 -0.37
C LEU E 232 57.94 41.27 -1.80
N GLU E 233 57.63 42.16 -2.76
CA GLU E 233 57.77 41.79 -4.16
C GLU E 233 59.22 41.52 -4.52
N LEU E 234 60.13 42.34 -4.00
CA LEU E 234 61.54 42.14 -4.26
C LEU E 234 62.02 40.84 -3.63
N ALA E 235 61.58 40.54 -2.41
CA ALA E 235 61.96 39.29 -1.77
C ALA E 235 61.49 38.09 -2.56
N GLN E 236 60.28 38.18 -3.14
CA GLN E 236 59.79 37.09 -4.00
C GLN E 236 60.69 36.92 -5.22
N LEU E 237 61.10 38.03 -5.84
CA LEU E 237 62.00 37.95 -6.99
C LEU E 237 63.33 37.32 -6.61
N GLU E 238 63.83 37.63 -5.40
CA GLU E 238 65.07 36.99 -4.93
C GLU E 238 64.86 35.50 -4.69
N LEU E 239 63.72 35.12 -4.13
CA LEU E 239 63.45 33.71 -3.89
C LEU E 239 63.36 32.94 -5.21
N ILE E 240 62.62 33.50 -6.18
CA ILE E 240 62.57 32.92 -7.51
C ILE E 240 63.96 32.78 -8.10
N SER E 241 64.80 33.81 -7.94
CA SER E 241 66.12 33.81 -8.55
C SER E 241 67.02 32.75 -7.95
N ARG E 242 66.92 32.53 -6.63
CA ARG E 242 67.78 31.54 -5.99
C ARG E 242 67.57 30.15 -6.58
N LEU E 243 66.34 29.88 -7.05
CA LEU E 243 65.95 28.57 -7.55
C LEU E 243 66.00 28.49 -9.07
N CYS E 244 65.37 29.43 -9.76
CA CYS E 244 65.25 29.38 -11.21
C CYS E 244 66.41 30.06 -11.93
N GLY E 245 67.22 30.83 -11.22
CA GLY E 245 68.24 31.65 -11.85
C GLY E 245 67.80 33.10 -11.95
N SER E 246 68.77 33.99 -11.95
CA SER E 246 68.37 35.40 -11.95
C SER E 246 67.91 35.80 -13.35
N PRO E 247 66.84 36.60 -13.45
CA PRO E 247 66.43 37.10 -14.78
C PRO E 247 67.58 37.86 -15.42
N CYS E 248 67.99 37.41 -16.59
CA CYS E 248 69.06 38.03 -17.33
C CYS E 248 68.86 37.78 -18.81
N PRO E 249 69.33 38.68 -19.67
CA PRO E 249 69.16 38.45 -21.12
C PRO E 249 69.73 37.13 -21.58
N ALA E 250 70.64 36.52 -20.79
CA ALA E 250 71.25 35.27 -21.22
C ALA E 250 70.23 34.17 -21.39
N VAL E 251 69.19 34.17 -20.55
CA VAL E 251 68.11 33.19 -20.62
C VAL E 251 66.77 33.81 -20.99
N TRP E 252 66.67 35.13 -20.96
CA TRP E 252 65.41 35.85 -21.16
C TRP E 252 65.70 37.09 -21.96
N PRO E 253 65.80 36.96 -23.29
CA PRO E 253 66.33 38.08 -24.10
C PRO E 253 65.57 39.40 -23.95
N ASP E 254 64.27 39.35 -23.71
CA ASP E 254 63.46 40.55 -23.63
C ASP E 254 63.24 41.03 -22.21
N VAL E 255 64.00 40.52 -21.24
CA VAL E 255 63.84 41.00 -19.87
C VAL E 255 64.22 42.47 -19.76
N ILE E 256 65.14 42.92 -20.60
CA ILE E 256 65.62 44.29 -20.57
C ILE E 256 64.52 45.30 -20.92
N ARG E 257 63.46 44.86 -21.59
CA ARG E 257 62.30 45.68 -21.95
C ARG E 257 61.31 45.89 -20.81
N LEU E 258 61.65 45.46 -19.60
CA LEU E 258 60.74 45.51 -18.47
C LEU E 258 60.94 46.73 -17.57
N PRO E 259 59.84 47.33 -17.10
CA PRO E 259 59.97 48.57 -16.31
C PRO E 259 60.87 48.43 -15.09
N TYR E 260 60.85 47.28 -14.41
CA TYR E 260 61.61 47.11 -13.18
C TYR E 260 62.82 46.22 -13.31
N PHE E 261 63.29 45.93 -14.52
CA PHE E 261 64.42 45.01 -14.65
C PHE E 261 65.63 45.53 -13.89
N ASN E 262 66.00 46.80 -14.14
CA ASN E 262 67.10 47.41 -13.40
C ASN E 262 66.71 47.75 -11.97
N THR E 263 65.48 48.22 -11.77
CA THR E 263 65.08 48.72 -10.45
C THR E 263 65.18 47.62 -9.41
N MET E 264 64.57 46.48 -9.69
CA MET E 264 64.54 45.32 -8.81
C MET E 264 65.65 44.39 -9.28
N LYS E 265 66.82 44.50 -8.66
CA LYS E 265 67.89 43.64 -9.10
C LYS E 265 68.06 42.51 -8.08
N PRO E 266 68.25 41.26 -8.49
CA PRO E 266 68.53 40.21 -7.50
C PRO E 266 69.84 40.50 -6.77
N LYS E 267 69.94 39.96 -5.56
CA LYS E 267 71.12 40.21 -4.73
C LYS E 267 72.38 39.86 -5.52
N LYS E 268 72.35 38.73 -6.21
CA LYS E 268 73.41 38.23 -7.06
C LYS E 268 72.72 37.78 -8.35
N GLN E 269 73.50 37.51 -9.39
CA GLN E 269 72.94 36.86 -10.59
C GLN E 269 73.06 35.36 -10.37
N TYR E 270 72.05 34.78 -9.72
CA TYR E 270 72.09 33.38 -9.32
C TYR E 270 71.93 32.42 -10.51
N ARG E 271 72.47 31.21 -10.34
CA ARG E 271 72.34 30.15 -11.33
C ARG E 271 71.13 29.27 -11.02
N ARG E 272 70.54 28.70 -12.07
CA ARG E 272 69.36 27.85 -11.87
C ARG E 272 69.77 26.60 -11.10
N ARG E 273 69.06 26.32 -10.01
CA ARG E 273 69.35 25.15 -9.18
C ARG E 273 68.14 24.23 -9.06
N LEU E 274 67.08 24.51 -9.82
CA LEU E 274 65.80 23.86 -9.59
C LEU E 274 65.91 22.35 -9.52
N ARG E 275 66.65 21.74 -10.46
CA ARG E 275 66.73 20.29 -10.49
C ARG E 275 67.46 19.75 -9.27
N GLU E 276 68.42 20.51 -8.74
CA GLU E 276 69.15 20.08 -7.57
C GLU E 276 68.26 20.17 -6.34
N GLU E 277 67.56 21.30 -6.19
CA GLU E 277 66.75 21.51 -4.99
C GLU E 277 65.56 20.55 -4.96
N PHE E 278 65.08 20.11 -6.13
CA PHE E 278 63.94 19.19 -6.23
C PHE E 278 64.36 17.79 -6.70
N SER E 279 65.51 17.30 -6.24
CA SER E 279 65.98 16.02 -6.78
C SER E 279 65.05 14.87 -6.43
N PHE E 280 64.32 14.98 -5.31
CA PHE E 280 63.47 13.89 -4.84
C PHE E 280 62.24 13.70 -5.70
N ILE E 281 61.97 14.58 -6.64
CA ILE E 281 60.75 14.50 -7.42
C ILE E 281 60.98 13.48 -8.52
N PRO E 282 60.00 12.64 -8.83
CA PRO E 282 60.16 11.71 -9.95
C PRO E 282 60.57 12.47 -11.21
N SER E 283 61.39 11.83 -12.03
CA SER E 283 61.98 12.53 -13.16
C SER E 283 60.91 13.05 -14.11
N ALA E 284 59.89 12.25 -14.40
CA ALA E 284 58.85 12.70 -15.30
C ALA E 284 58.19 13.97 -14.78
N ALA E 285 57.97 14.06 -13.47
CA ALA E 285 57.36 15.25 -12.89
C ALA E 285 58.36 16.41 -12.82
N LEU E 286 59.61 16.11 -12.46
CA LEU E 286 60.62 17.15 -12.37
C LEU E 286 60.77 17.89 -13.70
N ASP E 287 60.79 17.13 -14.80
CA ASP E 287 60.85 17.76 -16.12
C ASP E 287 59.69 18.71 -16.33
N LEU E 288 58.48 18.30 -15.92
CA LEU E 288 57.32 19.19 -16.01
C LEU E 288 57.54 20.45 -15.21
N LEU E 289 58.01 20.31 -13.97
CA LEU E 289 58.24 21.48 -13.13
C LEU E 289 59.25 22.43 -13.76
N ASP E 290 60.34 21.88 -14.28
CA ASP E 290 61.38 22.73 -14.87
C ASP E 290 60.82 23.60 -15.98
N HIS E 291 59.93 23.04 -16.79
CA HIS E 291 59.39 23.79 -17.93
C HIS E 291 58.36 24.81 -17.48
N MET E 292 57.50 24.44 -16.52
CA MET E 292 56.49 25.39 -16.06
C MET E 292 57.13 26.57 -15.35
N LEU E 293 58.22 26.35 -14.62
CA LEU E 293 58.95 27.40 -13.91
C LEU E 293 60.13 27.91 -14.71
N THR E 294 59.94 28.06 -16.02
CA THR E 294 60.92 28.68 -16.90
C THR E 294 60.72 30.18 -16.84
N LEU E 295 61.82 30.93 -16.66
CA LEU E 295 61.67 32.35 -16.37
C LEU E 295 61.02 33.11 -17.51
N ASP E 296 61.51 32.93 -18.72
CA ASP E 296 61.04 33.70 -19.86
C ASP E 296 59.67 33.20 -20.28
N PRO E 297 58.61 34.03 -20.21
CA PRO E 297 57.28 33.52 -20.58
C PRO E 297 57.21 32.98 -22.00
N SER E 298 58.06 33.47 -22.90
CA SER E 298 58.10 32.96 -24.26
C SER E 298 58.80 31.61 -24.38
N LYS E 299 59.57 31.21 -23.36
CA LYS E 299 60.17 29.88 -23.32
C LYS E 299 59.43 28.93 -22.38
N ARG E 300 58.51 29.45 -21.57
CA ARG E 300 57.75 28.62 -20.66
C ARG E 300 56.68 27.83 -21.41
N CYS E 301 56.59 26.54 -21.11
CA CYS E 301 55.62 25.66 -21.75
C CYS E 301 54.19 26.16 -21.55
N THR E 302 53.32 25.73 -22.46
CA THR E 302 51.90 26.04 -22.44
C THR E 302 51.12 24.95 -21.71
N ALA E 303 49.82 25.21 -21.51
CA ALA E 303 48.96 24.18 -20.92
C ALA E 303 48.91 22.93 -21.79
N GLU E 304 48.74 23.12 -23.10
CA GLU E 304 48.70 21.97 -24.00
C GLU E 304 49.98 21.15 -23.91
N GLN E 305 51.13 21.80 -23.83
CA GLN E 305 52.39 21.05 -23.79
C GLN E 305 52.51 20.21 -22.53
N THR E 306 52.03 20.71 -21.39
CA THR E 306 52.08 19.92 -20.16
C THR E 306 51.28 18.63 -20.30
N LEU E 307 50.14 18.70 -21.00
CA LEU E 307 49.35 17.51 -21.28
C LEU E 307 50.09 16.54 -22.17
N GLN E 308 51.04 17.02 -22.97
CA GLN E 308 51.93 16.17 -23.77
C GLN E 308 53.29 15.97 -23.10
N SER E 309 53.27 15.66 -21.80
CA SER E 309 54.48 15.39 -21.04
C SER E 309 54.47 13.93 -20.62
N ASP E 310 55.66 13.37 -20.42
CA ASP E 310 55.72 11.99 -19.93
C ASP E 310 54.97 11.84 -18.62
N PHE E 311 54.83 12.93 -17.86
CA PHE E 311 54.17 12.85 -16.56
C PHE E 311 52.66 12.73 -16.69
N LEU E 312 52.04 13.51 -17.59
CA LEU E 312 50.59 13.53 -17.70
C LEU E 312 50.06 12.91 -18.99
N LYS E 313 50.93 12.60 -19.95
CA LYS E 313 50.48 12.17 -21.27
C LYS E 313 49.57 10.95 -21.19
N ASP E 314 49.98 9.94 -20.43
CA ASP E 314 49.25 8.68 -20.39
C ASP E 314 48.35 8.56 -19.16
N VAL E 315 48.22 9.62 -18.36
CA VAL E 315 47.30 9.59 -17.24
C VAL E 315 45.87 9.51 -17.76
N GLU E 316 45.11 8.55 -17.25
CA GLU E 316 43.72 8.36 -17.61
C GLU E 316 42.87 8.74 -16.41
N LEU E 317 41.98 9.72 -16.59
CA LEU E 317 41.14 10.12 -15.47
C LEU E 317 40.08 9.07 -15.14
N SER E 318 39.95 8.02 -15.95
CA SER E 318 39.01 6.95 -15.60
C SER E 318 39.37 6.42 -14.22
N LYS E 319 40.65 6.18 -13.97
CA LYS E 319 41.20 5.95 -12.63
C LYS E 319 41.31 7.30 -11.91
N MET E 320 40.28 7.64 -11.14
CA MET E 320 40.32 8.92 -10.42
C MET E 320 41.35 8.90 -9.30
N ALA E 321 41.46 7.77 -8.58
CA ALA E 321 42.41 7.59 -7.48
C ALA E 321 42.19 8.72 -6.47
N PRO E 322 41.04 8.73 -5.79
CA PRO E 322 40.71 9.85 -4.87
C PRO E 322 41.70 9.99 -3.73
N PRO E 323 42.01 11.24 -3.33
CA PRO E 323 42.78 11.44 -2.10
C PRO E 323 41.91 11.06 -0.90
N ASP E 324 42.56 10.61 0.17
CA ASP E 324 41.83 10.20 1.36
C ASP E 324 42.32 10.97 2.58
N LEU E 325 41.36 11.52 3.32
CA LEU E 325 41.62 12.15 4.59
C LEU E 325 42.01 11.06 5.58
N PRO E 326 42.46 11.44 6.78
CA PRO E 326 42.83 10.39 7.75
C PRO E 326 41.61 9.70 8.33
N HIS E 327 40.44 10.04 7.79
CA HIS E 327 39.16 9.52 8.27
C HIS E 327 39.10 9.25 9.77
N TRP E 328 38.81 8.01 10.16
CA TRP E 328 38.58 7.66 11.55
C TRP E 328 39.82 7.47 12.40
N GLN E 329 40.97 7.11 11.82
CA GLN E 329 42.12 6.76 12.64
C GLN E 329 42.61 7.93 13.47
N ASP E 330 42.50 9.15 12.97
CA ASP E 330 42.94 10.34 13.67
C ASP E 330 41.80 11.14 14.31
N CYS E 331 40.56 10.65 14.22
CA CYS E 331 39.47 11.25 14.98
C CYS E 331 39.79 11.15 16.48
N THR F 24 19.86 25.06 -22.13
CA THR F 24 21.07 25.65 -21.54
C THR F 24 20.98 27.16 -21.64
N LYS F 25 21.20 27.69 -22.87
CA LYS F 25 21.18 29.12 -23.11
C LYS F 25 19.84 29.52 -23.71
N PRO F 26 19.31 30.70 -23.41
CA PRO F 26 17.98 31.05 -23.93
C PRO F 26 18.02 31.41 -25.41
N CYS F 27 16.86 31.29 -26.04
CA CYS F 27 16.70 31.59 -27.46
C CYS F 27 16.29 33.05 -27.61
N TRP F 28 17.06 33.81 -28.38
CA TRP F 28 16.84 35.24 -28.53
C TRP F 28 16.37 35.59 -29.95
N TYR F 29 15.66 34.69 -30.62
CA TYR F 29 15.20 34.95 -31.98
C TYR F 29 13.71 34.63 -32.10
N TRP F 30 12.99 35.58 -32.69
CA TRP F 30 11.56 35.54 -32.94
C TRP F 30 11.31 35.57 -34.44
N ASP F 31 10.08 35.24 -34.85
CA ASP F 31 9.62 35.40 -36.22
C ASP F 31 9.08 36.81 -36.42
N LYS F 32 9.27 37.37 -37.63
CA LYS F 32 8.73 38.72 -37.85
C LYS F 32 7.25 38.78 -37.47
N LYS F 33 6.48 37.76 -37.85
CA LYS F 33 5.05 37.74 -37.54
C LYS F 33 4.81 37.90 -36.05
N ASP F 34 5.78 37.51 -35.21
CA ASP F 34 5.62 37.65 -33.77
C ASP F 34 5.74 39.10 -33.31
N LEU F 35 6.40 39.97 -34.09
CA LEU F 35 6.56 41.35 -33.67
C LEU F 35 5.26 42.13 -33.66
N ALA F 36 4.20 41.61 -34.25
CA ALA F 36 2.88 42.22 -34.13
C ALA F 36 2.31 42.05 -32.74
N HIS F 37 2.99 41.30 -31.87
CA HIS F 37 2.48 40.94 -30.55
C HIS F 37 3.48 41.28 -29.46
N THR F 38 4.26 42.33 -29.66
CA THR F 38 5.11 42.82 -28.58
C THR F 38 4.23 43.48 -27.53
N PRO F 39 4.71 43.57 -26.29
CA PRO F 39 3.98 44.38 -25.29
C PRO F 39 3.61 45.75 -25.83
N SER F 40 4.52 46.39 -26.57
CA SER F 40 4.25 47.72 -27.10
C SER F 40 3.04 47.71 -28.02
N GLN F 41 2.99 46.75 -28.96
CA GLN F 41 1.84 46.65 -29.85
C GLN F 41 0.56 46.43 -29.06
N LEU F 42 0.59 45.56 -28.06
CA LEU F 42 -0.62 45.20 -27.35
C LEU F 42 -1.10 46.28 -26.39
N GLU F 43 -0.27 47.27 -26.11
CA GLU F 43 -0.71 48.46 -25.39
C GLU F 43 -1.18 49.55 -26.35
N GLY F 44 -1.37 49.23 -27.62
CA GLY F 44 -1.93 50.16 -28.58
C GLY F 44 -0.94 50.93 -29.41
N LEU F 45 0.35 50.66 -29.26
CA LEU F 45 1.34 51.29 -30.13
C LEU F 45 1.29 50.63 -31.51
N ASP F 46 1.24 51.42 -32.56
CA ASP F 46 1.08 50.86 -33.91
C ASP F 46 2.43 50.43 -34.45
N PRO F 47 2.44 49.64 -35.52
CA PRO F 47 3.72 49.10 -36.01
C PRO F 47 4.73 50.16 -36.40
N ALA F 48 4.28 51.23 -37.08
CA ALA F 48 5.23 52.25 -37.50
C ALA F 48 5.87 52.94 -36.29
N THR F 49 5.07 53.21 -35.26
CA THR F 49 5.60 53.92 -34.10
C THR F 49 6.68 53.09 -33.39
N GLU F 50 6.41 51.80 -33.17
CA GLU F 50 7.41 50.98 -32.50
C GLU F 50 8.68 50.90 -33.35
N ALA F 51 8.53 50.78 -34.68
CA ALA F 51 9.71 50.81 -35.54
C ALA F 51 10.48 52.11 -35.38
N ARG F 52 9.77 53.24 -35.33
CA ARG F 52 10.43 54.52 -35.12
C ARG F 52 11.10 54.57 -33.75
N TYR F 53 10.40 54.14 -32.70
CA TYR F 53 11.00 54.16 -31.38
C TYR F 53 12.27 53.31 -31.33
N ARG F 54 12.28 52.18 -32.04
CA ARG F 54 13.49 51.35 -32.07
C ARG F 54 14.61 52.04 -32.82
N ARG F 55 14.31 52.68 -33.95
CA ARG F 55 15.34 53.43 -34.66
C ARG F 55 15.90 54.54 -33.79
N GLU F 56 15.02 55.33 -33.17
CA GLU F 56 15.48 56.44 -32.35
C GLU F 56 16.33 55.94 -31.20
N GLY F 57 15.89 54.88 -30.53
CA GLY F 57 16.68 54.32 -29.44
C GLY F 57 18.01 53.79 -29.91
N ALA F 58 18.02 53.04 -31.00
CA ALA F 58 19.26 52.50 -31.51
C ALA F 58 20.24 53.61 -31.88
N ARG F 59 19.76 54.61 -32.64
CA ARG F 59 20.65 55.69 -33.05
C ARG F 59 21.12 56.53 -31.86
N PHE F 60 20.24 56.73 -30.87
CA PHE F 60 20.64 57.40 -29.63
C PHE F 60 21.81 56.68 -28.98
N ILE F 61 21.68 55.37 -28.77
CA ILE F 61 22.78 54.59 -28.22
C ILE F 61 24.02 54.74 -29.11
N PHE F 62 23.82 54.64 -30.42
CA PHE F 62 24.92 54.74 -31.36
C PHE F 62 25.62 56.09 -31.25
N ASP F 63 24.84 57.17 -31.25
CA ASP F 63 25.43 58.51 -31.24
C ASP F 63 26.09 58.78 -29.89
N VAL F 64 25.39 58.46 -28.79
CA VAL F 64 25.96 58.71 -27.47
C VAL F 64 27.31 58.00 -27.32
N GLY F 65 27.34 56.72 -27.66
CA GLY F 65 28.57 55.95 -27.52
C GLY F 65 29.65 56.43 -28.46
N THR F 66 29.28 56.85 -29.67
CA THR F 66 30.26 57.39 -30.60
C THR F 66 30.92 58.65 -30.03
N ARG F 67 30.11 59.53 -29.45
CA ARG F 67 30.63 60.75 -28.82
C ARG F 67 31.54 60.41 -27.65
N LEU F 68 31.27 59.34 -26.93
CA LEU F 68 32.10 58.90 -25.81
C LEU F 68 33.35 58.13 -26.25
N GLY F 69 33.51 57.88 -27.55
CA GLY F 69 34.69 57.21 -28.04
C GLY F 69 34.66 55.71 -27.93
N LEU F 70 33.47 55.10 -27.95
CA LEU F 70 33.33 53.69 -27.65
C LEU F 70 33.57 52.79 -28.86
N HIS F 71 34.16 51.63 -28.59
CA HIS F 71 34.39 50.59 -29.59
C HIS F 71 33.07 50.14 -30.22
N TYR F 72 33.16 49.69 -31.47
CA TYR F 72 31.94 49.38 -32.22
C TYR F 72 31.17 48.22 -31.59
N ASP F 73 31.87 47.23 -31.03
CA ASP F 73 31.17 46.14 -30.37
C ASP F 73 30.36 46.64 -29.20
N THR F 74 30.89 47.62 -28.47
CA THR F 74 30.18 48.14 -27.30
C THR F 74 28.87 48.80 -27.71
N LEU F 75 28.86 49.55 -28.81
CA LEU F 75 27.63 50.16 -29.28
C LEU F 75 26.59 49.10 -29.61
N ALA F 76 27.00 48.08 -30.35
CA ALA F 76 26.06 47.04 -30.77
C ALA F 76 25.51 46.27 -29.58
N THR F 77 26.37 45.92 -28.61
CA THR F 77 25.90 45.18 -27.46
C THR F 77 24.79 45.93 -26.75
N GLY F 78 24.98 47.23 -26.52
CA GLY F 78 23.91 48.03 -25.96
C GLY F 78 22.66 48.02 -26.80
N ILE F 79 22.80 48.14 -28.12
CA ILE F 79 21.64 48.19 -28.98
C ILE F 79 20.90 46.86 -28.94
N ILE F 80 21.64 45.75 -28.94
CA ILE F 80 20.98 44.45 -28.90
C ILE F 80 20.32 44.23 -27.55
N TYR F 81 20.98 44.62 -26.45
CA TYR F 81 20.29 44.63 -25.17
C TYR F 81 19.00 45.42 -25.27
N PHE F 82 19.09 46.62 -25.84
CA PHE F 82 17.93 47.50 -25.98
C PHE F 82 16.82 46.83 -26.77
N HIS F 83 17.14 46.29 -27.96
CA HIS F 83 16.09 45.65 -28.76
C HIS F 83 15.43 44.52 -27.98
N ARG F 84 16.23 43.68 -27.33
CA ARG F 84 15.67 42.57 -26.57
C ARG F 84 14.76 43.05 -25.46
N PHE F 85 15.17 44.12 -24.77
CA PHE F 85 14.38 44.66 -23.68
C PHE F 85 12.92 44.87 -24.07
N TYR F 86 12.67 45.47 -25.23
CA TYR F 86 11.31 45.83 -25.62
C TYR F 86 10.56 44.69 -26.27
N MET F 87 11.08 43.47 -26.19
CA MET F 87 10.28 42.28 -26.40
C MET F 87 9.55 41.84 -25.14
N PHE F 88 9.94 42.36 -23.98
CA PHE F 88 9.36 41.99 -22.71
C PHE F 88 8.63 43.14 -22.05
N HIS F 89 8.78 44.36 -22.56
CA HIS F 89 8.20 45.54 -21.95
C HIS F 89 7.67 46.44 -23.05
N SER F 90 6.87 47.41 -22.63
CA SER F 90 6.24 48.36 -23.54
C SER F 90 7.03 49.66 -23.55
N PHE F 91 7.12 50.27 -24.73
CA PHE F 91 7.73 51.59 -24.84
C PHE F 91 6.97 52.63 -24.03
N LYS F 92 5.70 52.38 -23.73
CA LYS F 92 4.92 53.34 -22.97
C LYS F 92 5.18 53.31 -21.48
N GLN F 93 5.68 52.19 -20.95
CA GLN F 93 5.91 52.07 -19.53
C GLN F 93 7.37 52.28 -19.15
N PHE F 94 8.29 52.07 -20.08
CA PHE F 94 9.72 52.30 -19.87
C PHE F 94 10.19 53.22 -20.99
N PRO F 95 10.45 54.50 -20.72
CA PRO F 95 10.90 55.40 -21.80
C PRO F 95 12.17 54.92 -22.49
N ARG F 96 12.21 55.10 -23.82
CA ARG F 96 13.25 54.49 -24.62
C ARG F 96 14.62 55.09 -24.35
N TYR F 97 14.73 56.41 -24.22
CA TYR F 97 16.06 57.01 -24.10
C TYR F 97 16.70 56.70 -22.75
N VAL F 98 15.90 56.55 -21.71
CA VAL F 98 16.46 56.09 -20.43
C VAL F 98 16.99 54.67 -20.58
N THR F 99 16.16 53.78 -21.13
CA THR F 99 16.57 52.41 -21.40
C THR F 99 17.86 52.38 -22.20
N GLY F 100 17.92 53.16 -23.28
CA GLY F 100 19.13 53.19 -24.09
C GLY F 100 20.38 53.46 -23.29
N ALA F 101 20.36 54.52 -22.48
CA ALA F 101 21.52 54.85 -21.68
C ALA F 101 21.94 53.70 -20.79
N CYS F 102 20.95 53.02 -20.18
CA CYS F 102 21.26 51.88 -19.33
C CYS F 102 21.91 50.75 -20.13
N CYS F 103 21.37 50.45 -21.31
CA CYS F 103 21.97 49.41 -22.14
C CYS F 103 23.43 49.75 -22.44
N LEU F 104 23.70 51.00 -22.83
CA LEU F 104 25.07 51.39 -23.10
C LEU F 104 25.93 51.30 -21.84
N PHE F 105 25.36 51.68 -20.69
CA PHE F 105 26.09 51.60 -19.44
C PHE F 105 26.54 50.18 -19.15
N LEU F 106 25.60 49.23 -19.19
CA LEU F 106 25.94 47.85 -18.92
C LEU F 106 26.83 47.27 -20.02
N ALA F 107 26.54 47.60 -21.28
CA ALA F 107 27.35 47.08 -22.38
C ALA F 107 28.81 47.46 -22.20
N GLY F 108 29.08 48.67 -21.70
CA GLY F 108 30.45 49.06 -21.43
C GLY F 108 31.12 48.16 -20.41
N LYS F 109 30.39 47.81 -19.35
CA LYS F 109 30.96 46.92 -18.35
C LYS F 109 31.14 45.50 -18.87
N VAL F 110 30.25 45.07 -19.76
CA VAL F 110 30.34 43.72 -20.29
C VAL F 110 31.53 43.60 -21.24
N GLU F 111 31.65 44.53 -22.18
CA GLU F 111 32.68 44.48 -23.21
C GLU F 111 33.96 45.18 -22.79
N GLU F 112 34.08 45.53 -21.50
CA GLU F 112 35.31 46.10 -20.95
C GLU F 112 35.70 47.39 -21.67
N THR F 113 34.69 48.24 -21.93
CA THR F 113 34.90 49.63 -22.36
C THR F 113 34.15 50.56 -21.42
N PRO F 114 34.39 50.45 -20.10
CA PRO F 114 33.47 51.08 -19.16
C PRO F 114 33.54 52.61 -19.17
N LYS F 115 32.40 53.21 -18.89
CA LYS F 115 32.24 54.66 -18.76
C LYS F 115 31.38 54.93 -17.54
N LYS F 116 31.61 56.06 -16.89
CA LYS F 116 30.85 56.42 -15.71
C LYS F 116 29.45 56.88 -16.08
N CYS F 117 28.47 56.52 -15.25
CA CYS F 117 27.09 56.84 -15.58
C CYS F 117 26.89 58.34 -15.78
N LYS F 118 27.62 59.16 -15.04
CA LYS F 118 27.47 60.61 -15.18
C LYS F 118 27.93 61.10 -16.54
N ASP F 119 28.90 60.42 -17.16
CA ASP F 119 29.34 60.86 -18.48
C ASP F 119 28.30 60.51 -19.54
N ILE F 120 27.65 59.37 -19.41
CA ILE F 120 26.60 59.00 -20.35
C ILE F 120 25.45 60.01 -20.26
N ILE F 121 25.08 60.40 -19.05
CA ILE F 121 24.01 61.38 -18.90
C ILE F 121 24.41 62.72 -19.53
N LYS F 122 25.64 63.19 -19.25
CA LYS F 122 26.10 64.43 -19.84
C LYS F 122 25.95 64.40 -21.36
N THR F 123 26.39 63.30 -21.98
CA THR F 123 26.33 63.20 -23.43
C THR F 123 24.89 63.14 -23.91
N ALA F 124 24.02 62.42 -23.19
CA ALA F 124 22.62 62.36 -23.58
C ALA F 124 21.98 63.74 -23.56
N ARG F 125 22.36 64.58 -22.58
CA ARG F 125 21.82 65.93 -22.54
C ARG F 125 22.25 66.72 -23.76
N SER F 126 23.48 66.50 -24.21
CA SER F 126 23.98 67.17 -25.41
C SER F 126 23.13 66.82 -26.63
N LEU F 127 22.71 65.56 -26.73
CA LEU F 127 22.04 65.07 -27.94
C LEU F 127 20.53 65.19 -27.89
N LEU F 128 19.91 65.20 -26.71
CA LEU F 128 18.47 65.25 -26.61
C LEU F 128 17.99 66.68 -26.38
N ASN F 129 16.81 66.99 -26.93
CA ASN F 129 16.18 68.29 -26.68
C ASN F 129 15.57 68.25 -25.28
N ASP F 130 14.83 69.30 -24.91
CA ASP F 130 14.28 69.36 -23.56
C ASP F 130 13.12 68.39 -23.37
N VAL F 131 12.25 68.26 -24.38
CA VAL F 131 11.14 67.31 -24.27
C VAL F 131 11.70 65.90 -24.05
N GLN F 132 12.67 65.52 -24.87
CA GLN F 132 13.23 64.18 -24.80
C GLN F 132 13.91 63.93 -23.46
N PHE F 133 14.75 64.87 -23.04
CA PHE F 133 15.44 64.68 -21.77
C PHE F 133 14.50 64.70 -20.57
N GLY F 134 13.26 65.14 -20.75
CA GLY F 134 12.28 65.02 -19.68
C GLY F 134 12.10 63.59 -19.23
N GLN F 135 12.36 62.62 -20.11
CA GLN F 135 12.22 61.22 -19.73
C GLN F 135 13.06 60.89 -18.52
N PHE F 136 14.22 61.54 -18.38
CA PHE F 136 15.14 61.26 -17.28
C PHE F 136 14.72 61.87 -15.96
N GLY F 137 13.68 62.70 -15.96
CA GLY F 137 13.17 63.20 -14.70
C GLY F 137 14.15 64.08 -13.95
N ASP F 138 13.94 64.12 -12.62
CA ASP F 138 14.70 65.03 -11.77
C ASP F 138 16.11 64.52 -11.46
N ASP F 139 16.31 63.20 -11.44
CA ASP F 139 17.63 62.62 -11.16
C ASP F 139 17.93 61.61 -12.25
N PRO F 140 18.50 62.03 -13.37
CA PRO F 140 18.74 61.08 -14.47
C PRO F 140 19.63 59.91 -14.08
N LYS F 141 20.76 60.17 -13.43
CA LYS F 141 21.69 59.09 -13.11
C LYS F 141 20.97 58.01 -12.33
N GLU F 142 20.15 58.40 -11.36
CA GLU F 142 19.45 57.41 -10.54
C GLU F 142 18.54 56.54 -11.40
N GLU F 143 17.77 57.17 -12.29
CA GLU F 143 16.82 56.41 -13.11
C GLU F 143 17.53 55.35 -13.94
N VAL F 144 18.68 55.70 -14.51
CA VAL F 144 19.44 54.75 -15.31
C VAL F 144 19.97 53.63 -14.42
N MET F 145 20.58 53.98 -13.29
CA MET F 145 21.17 52.97 -12.43
C MET F 145 20.11 51.99 -11.92
N VAL F 146 18.92 52.50 -11.60
CA VAL F 146 17.84 51.63 -11.12
C VAL F 146 17.47 50.60 -12.17
N LEU F 147 17.36 51.02 -13.42
CA LEU F 147 16.87 50.14 -14.47
C LEU F 147 17.80 48.96 -14.70
N GLU F 148 19.08 49.10 -14.35
CA GLU F 148 20.05 48.02 -14.58
C GLU F 148 19.56 46.70 -14.00
N ARG F 149 18.93 46.73 -12.83
CA ARG F 149 18.39 45.50 -12.26
C ARG F 149 17.35 44.88 -13.20
N ILE F 150 16.45 45.71 -13.72
CA ILE F 150 15.43 45.21 -14.63
C ILE F 150 16.08 44.67 -15.90
N LEU F 151 17.02 45.43 -16.47
CA LEU F 151 17.69 44.99 -17.69
C LEU F 151 18.38 43.64 -17.48
N LEU F 152 19.14 43.50 -16.40
CA LEU F 152 19.85 42.25 -16.15
C LEU F 152 18.90 41.07 -16.06
N GLN F 153 17.78 41.22 -15.35
CA GLN F 153 16.80 40.14 -15.28
C GLN F 153 16.20 39.87 -16.66
N THR F 154 15.90 40.95 -17.40
CA THR F 154 15.25 40.80 -18.70
C THR F 154 16.13 40.07 -19.70
N ILE F 155 17.41 40.42 -19.76
CA ILE F 155 18.33 39.74 -20.69
C ILE F 155 18.78 38.41 -20.12
N LYS F 156 18.18 38.01 -19.00
CA LYS F 156 18.45 36.68 -18.42
C LYS F 156 19.94 36.48 -18.18
N PHE F 157 20.64 37.57 -17.86
CA PHE F 157 22.06 37.56 -17.56
C PHE F 157 22.90 36.91 -18.65
N ASP F 158 22.36 36.84 -19.86
CA ASP F 158 23.12 36.35 -21.00
C ASP F 158 23.89 37.56 -21.54
N LEU F 159 25.02 37.85 -20.88
CA LEU F 159 25.74 39.08 -21.17
C LEU F 159 26.55 38.95 -22.46
N GLN F 160 26.95 37.73 -22.79
CA GLN F 160 27.77 37.52 -23.96
C GLN F 160 26.91 37.67 -25.22
N VAL F 161 27.36 38.54 -26.12
CA VAL F 161 26.67 38.78 -27.39
C VAL F 161 27.73 38.89 -28.47
N GLU F 162 27.47 38.28 -29.63
CA GLU F 162 28.31 38.42 -30.80
C GLU F 162 27.59 39.19 -31.90
N HIS F 163 28.38 39.83 -32.76
CA HIS F 163 27.86 40.75 -33.74
C HIS F 163 28.34 40.39 -35.14
N PRO F 164 27.57 40.78 -36.16
CA PRO F 164 27.93 40.42 -37.55
C PRO F 164 29.34 40.84 -37.92
N TYR F 165 29.88 41.85 -37.24
CA TYR F 165 31.16 42.41 -37.65
C TYR F 165 32.25 41.35 -37.70
N GLN F 166 32.40 40.60 -36.60
CA GLN F 166 33.52 39.66 -36.55
C GLN F 166 33.41 38.60 -37.62
N PHE F 167 32.19 38.25 -38.03
CA PHE F 167 32.00 37.26 -39.07
C PHE F 167 32.21 37.86 -40.46
N LEU F 168 31.80 39.11 -40.65
CA LEU F 168 32.11 39.80 -41.89
C LEU F 168 33.62 39.76 -42.17
N LEU F 169 34.43 39.93 -41.13
CA LEU F 169 35.88 39.91 -41.28
C LEU F 169 36.42 38.49 -41.41
N LYS F 170 35.93 37.58 -40.57
CA LYS F 170 36.36 36.18 -40.66
C LYS F 170 36.17 35.64 -42.06
N TYR F 171 35.03 35.95 -42.68
CA TYR F 171 34.74 35.44 -44.01
C TYR F 171 35.56 36.18 -45.06
N ALA F 172 35.70 37.49 -44.92
CA ALA F 172 36.45 38.26 -45.91
C ALA F 172 37.90 37.82 -46.00
N LYS F 173 38.52 37.45 -44.87
CA LYS F 173 39.91 37.03 -44.94
C LYS F 173 40.09 35.80 -45.81
N GLN F 174 39.04 35.00 -45.97
CA GLN F 174 39.12 33.81 -46.82
C GLN F 174 38.89 34.12 -48.29
N LEU F 175 38.64 35.38 -48.62
CA LEU F 175 38.55 35.81 -50.01
C LEU F 175 39.93 36.20 -50.52
N LYS F 176 40.22 35.80 -51.75
CA LYS F 176 41.48 36.14 -52.39
C LYS F 176 41.16 36.72 -53.77
N GLY F 177 41.76 37.85 -54.08
CA GLY F 177 41.48 38.50 -55.35
C GLY F 177 41.86 39.96 -55.29
N ASP F 178 41.22 40.74 -56.16
CA ASP F 178 41.47 42.17 -56.21
C ASP F 178 41.26 42.73 -54.79
N LYS F 179 42.36 43.14 -54.16
CA LYS F 179 42.29 43.65 -52.79
C LYS F 179 41.34 44.84 -52.71
N ASN F 180 41.32 45.69 -53.72
CA ASN F 180 40.50 46.89 -53.66
C ASN F 180 39.03 46.59 -53.88
N LYS F 181 38.69 45.63 -54.74
CA LYS F 181 37.29 45.26 -54.87
C LYS F 181 36.81 44.57 -53.60
N ILE F 182 37.66 43.74 -52.99
CA ILE F 182 37.29 43.09 -51.74
C ILE F 182 37.18 44.13 -50.63
N GLN F 183 38.07 45.12 -50.63
CA GLN F 183 37.95 46.18 -49.62
C GLN F 183 36.68 46.97 -49.82
N LYS F 184 36.32 47.28 -51.08
CA LYS F 184 35.06 47.98 -51.31
C LYS F 184 33.89 47.14 -50.83
N LEU F 185 33.95 45.82 -51.04
CA LEU F 185 32.90 44.95 -50.53
C LEU F 185 32.77 45.06 -49.02
N VAL F 186 33.89 44.98 -48.30
CA VAL F 186 33.82 44.96 -46.85
C VAL F 186 33.22 46.24 -46.31
N GLN F 187 33.75 47.39 -46.74
CA GLN F 187 33.26 48.64 -46.17
C GLN F 187 31.77 48.83 -46.44
N MET F 188 31.31 48.55 -47.67
CA MET F 188 29.89 48.66 -47.93
C MET F 188 29.10 47.72 -47.05
N ALA F 189 29.55 46.47 -46.92
CA ALA F 189 28.87 45.53 -46.03
C ALA F 189 28.91 46.02 -44.60
N TRP F 190 30.06 46.54 -44.16
CA TRP F 190 30.17 47.08 -42.81
C TRP F 190 29.14 48.18 -42.57
N THR F 191 29.00 49.10 -43.54
CA THR F 191 27.98 50.13 -43.41
C THR F 191 26.60 49.51 -43.28
N PHE F 192 26.33 48.44 -44.03
CA PHE F 192 25.02 47.79 -43.93
C PHE F 192 24.80 47.20 -42.54
N VAL F 193 25.86 46.69 -41.91
CA VAL F 193 25.71 46.18 -40.55
C VAL F 193 25.32 47.32 -39.61
N ASN F 194 26.03 48.45 -39.68
CA ASN F 194 25.71 49.58 -38.81
C ASN F 194 24.27 50.03 -38.98
N ASP F 195 23.76 50.01 -40.20
CA ASP F 195 22.39 50.45 -40.44
C ASP F 195 21.36 49.42 -40.00
N SER F 196 21.71 48.13 -40.05
CA SER F 196 20.79 47.08 -39.65
C SER F 196 20.50 47.08 -38.15
N LEU F 197 21.38 47.71 -37.34
CA LEU F 197 21.15 47.73 -35.90
C LEU F 197 19.89 48.49 -35.54
N CYS F 198 19.43 49.36 -36.43
CA CYS F 198 18.18 50.09 -36.25
C CYS F 198 16.97 49.23 -36.51
N THR F 199 17.17 47.98 -36.90
CA THR F 199 16.09 47.09 -37.28
C THR F 199 16.02 45.94 -36.29
N THR F 200 14.96 45.17 -36.43
CA THR F 200 14.73 43.96 -35.66
C THR F 200 15.45 42.76 -36.25
N LEU F 201 16.31 42.97 -37.25
CA LEU F 201 17.10 41.87 -37.79
C LEU F 201 17.97 41.23 -36.72
N SER F 202 18.49 42.05 -35.80
CA SER F 202 19.26 41.51 -34.68
C SER F 202 18.47 40.45 -33.92
N LEU F 203 17.15 40.54 -33.96
CA LEU F 203 16.27 39.62 -33.24
C LEU F 203 15.74 38.49 -34.11
N GLN F 204 15.96 38.54 -35.42
CA GLN F 204 15.41 37.54 -36.33
C GLN F 204 16.43 36.52 -36.78
N TRP F 205 17.69 36.92 -36.90
CA TRP F 205 18.70 36.10 -37.53
C TRP F 205 19.99 36.16 -36.74
N GLU F 206 20.65 35.01 -36.65
CA GLU F 206 21.96 34.89 -36.03
C GLU F 206 22.89 35.90 -36.68
N PRO F 207 23.92 36.36 -35.97
CA PRO F 207 24.83 37.34 -36.57
C PRO F 207 25.52 36.84 -37.82
N GLU F 208 25.91 35.56 -37.83
CA GLU F 208 26.58 34.98 -38.98
C GLU F 208 25.74 35.18 -40.25
N ILE F 209 24.44 34.96 -40.15
CA ILE F 209 23.55 35.10 -41.30
C ILE F 209 23.50 36.54 -41.77
N ILE F 210 23.44 37.48 -40.83
CA ILE F 210 23.46 38.89 -41.20
C ILE F 210 24.73 39.21 -41.96
N ALA F 211 25.87 38.72 -41.46
CA ALA F 211 27.15 38.98 -42.10
C ALA F 211 27.16 38.50 -43.54
N VAL F 212 26.63 37.30 -43.79
CA VAL F 212 26.55 36.82 -45.17
C VAL F 212 25.63 37.73 -45.98
N ALA F 213 24.46 38.07 -45.42
CA ALA F 213 23.50 38.87 -46.15
C ALA F 213 24.08 40.21 -46.59
N VAL F 214 24.83 40.88 -45.70
CA VAL F 214 25.37 42.18 -46.07
C VAL F 214 26.47 42.03 -47.11
N MET F 215 27.25 40.95 -47.03
CA MET F 215 28.17 40.64 -48.12
C MET F 215 27.40 40.38 -49.41
N TYR F 216 26.35 39.56 -49.30
CA TYR F 216 25.48 39.26 -50.43
C TYR F 216 24.93 40.54 -51.04
N LEU F 217 24.47 41.46 -50.20
CA LEU F 217 23.93 42.72 -50.71
C LEU F 217 25.03 43.56 -51.34
N ALA F 218 26.12 43.77 -50.61
CA ALA F 218 27.25 44.53 -51.15
C ALA F 218 27.72 43.94 -52.47
N GLY F 219 27.70 42.62 -52.59
CA GLY F 219 28.10 41.99 -53.84
C GLY F 219 27.19 42.39 -54.99
N ARG F 220 25.88 42.29 -54.77
CA ARG F 220 24.93 42.64 -55.83
C ARG F 220 25.09 44.08 -56.27
N LEU F 221 25.23 45.00 -55.30
CA LEU F 221 25.27 46.42 -55.67
C LEU F 221 26.57 46.76 -56.42
N CYS F 222 27.68 46.16 -56.01
CA CYS F 222 28.96 46.42 -56.65
C CYS F 222 29.18 45.57 -57.91
N LYS F 223 28.20 44.77 -58.31
CA LYS F 223 28.33 43.89 -59.47
C LYS F 223 29.55 42.98 -59.32
N PHE F 224 29.74 42.43 -58.12
CA PHE F 224 30.81 41.48 -57.85
C PHE F 224 30.28 40.05 -57.84
N GLU F 225 31.14 39.12 -58.26
CA GLU F 225 30.86 37.69 -58.23
C GLU F 225 31.67 37.11 -57.06
N ILE F 226 31.08 37.13 -55.86
CA ILE F 226 31.88 36.83 -54.68
C ILE F 226 32.47 35.43 -54.77
N GLN F 227 31.75 34.50 -55.40
CA GLN F 227 32.21 33.12 -55.47
C GLN F 227 33.62 33.03 -56.04
N GLU F 228 33.96 33.90 -56.99
CA GLU F 228 35.25 33.80 -57.65
C GLU F 228 36.39 33.95 -56.65
N TRP F 229 36.16 34.69 -55.57
CA TRP F 229 37.19 34.94 -54.57
C TRP F 229 37.31 33.82 -53.55
N THR F 230 36.42 32.84 -53.59
CA THR F 230 36.40 31.78 -52.60
C THR F 230 37.29 30.63 -53.03
N SER F 231 37.49 29.69 -52.11
CA SER F 231 38.21 28.47 -52.43
C SER F 231 37.44 27.55 -53.37
N LYS F 232 36.19 27.87 -53.69
CA LYS F 232 35.35 27.07 -54.58
C LYS F 232 34.73 27.98 -55.63
N PRO F 233 35.53 28.44 -56.60
CA PRO F 233 35.08 29.53 -57.49
C PRO F 233 33.93 29.18 -58.42
N MET F 234 33.56 27.90 -58.55
CA MET F 234 32.47 27.51 -59.45
C MET F 234 31.23 27.08 -58.69
N TYR F 235 31.21 27.30 -57.38
CA TYR F 235 30.07 26.99 -56.52
C TYR F 235 29.23 28.26 -56.46
N ARG F 236 28.13 28.30 -57.22
CA ARG F 236 27.42 29.56 -57.36
C ARG F 236 26.93 30.05 -56.01
N ARG F 237 26.65 29.13 -55.09
CA ARG F 237 26.26 29.48 -53.73
C ARG F 237 27.47 29.58 -52.82
N TRP F 238 28.10 30.76 -52.81
CA TRP F 238 29.35 30.91 -52.09
C TRP F 238 29.16 30.85 -50.57
N TRP F 239 28.00 31.28 -50.06
CA TRP F 239 27.84 31.38 -48.62
C TRP F 239 27.84 30.03 -47.93
N GLU F 240 27.49 28.95 -48.63
CA GLU F 240 27.42 27.66 -47.98
C GLU F 240 28.76 27.26 -47.40
N GLN F 241 29.84 27.84 -47.93
CA GLN F 241 31.17 27.57 -47.39
C GLN F 241 31.41 28.25 -46.06
N PHE F 242 30.62 29.27 -45.74
CA PHE F 242 30.70 29.98 -44.47
C PHE F 242 29.58 29.62 -43.52
N VAL F 243 28.34 29.72 -43.97
CA VAL F 243 27.18 29.47 -43.14
C VAL F 243 26.29 28.47 -43.87
N GLN F 244 26.13 27.29 -43.28
CA GLN F 244 25.33 26.22 -43.85
C GLN F 244 23.85 26.44 -43.57
N ASP F 245 23.03 25.94 -44.48
CA ASP F 245 21.57 25.90 -44.29
C ASP F 245 20.95 27.29 -44.32
N VAL F 246 21.45 28.15 -45.19
CA VAL F 246 20.87 29.48 -45.34
C VAL F 246 20.19 29.51 -46.72
N PRO F 247 18.87 29.60 -46.77
CA PRO F 247 18.20 29.72 -48.07
C PRO F 247 18.33 31.12 -48.64
N VAL F 248 18.33 31.19 -49.98
CA VAL F 248 18.46 32.47 -50.66
C VAL F 248 17.33 33.40 -50.22
N ASP F 249 16.14 32.85 -49.97
CA ASP F 249 15.02 33.65 -49.56
C ASP F 249 15.40 34.52 -48.37
N VAL F 250 16.07 33.91 -47.39
CA VAL F 250 16.48 34.62 -46.18
C VAL F 250 17.38 35.79 -46.54
N LEU F 251 18.43 35.53 -47.32
CA LEU F 251 19.33 36.60 -47.70
C LEU F 251 18.55 37.72 -48.39
N GLU F 252 17.55 37.35 -49.19
CA GLU F 252 16.72 38.37 -49.84
C GLU F 252 15.86 39.11 -48.83
N ASP F 253 15.25 38.38 -47.89
CA ASP F 253 14.45 39.02 -46.86
C ASP F 253 15.28 40.04 -46.09
N ILE F 254 16.48 39.63 -45.68
CA ILE F 254 17.37 40.52 -44.94
C ILE F 254 17.76 41.71 -45.81
N CYS F 255 18.18 41.42 -47.06
CA CYS F 255 18.55 42.51 -47.95
C CYS F 255 17.39 43.49 -48.12
N HIS F 256 16.17 42.97 -48.28
CA HIS F 256 15.02 43.84 -48.46
C HIS F 256 14.86 44.77 -47.26
N GLN F 257 14.92 44.22 -46.05
CA GLN F 257 14.74 45.03 -44.86
C GLN F 257 15.82 46.10 -44.76
N ILE F 258 17.05 45.76 -45.13
CA ILE F 258 18.12 46.76 -45.08
C ILE F 258 17.86 47.88 -46.07
N LEU F 259 17.53 47.54 -47.32
CA LEU F 259 17.32 48.54 -48.35
C LEU F 259 16.11 49.42 -48.06
N ASP F 260 15.16 48.93 -47.28
CA ASP F 260 14.00 49.74 -46.93
C ASP F 260 14.40 51.01 -46.19
N LEU F 261 15.35 50.90 -45.26
CA LEU F 261 15.79 52.07 -44.50
C LEU F 261 16.27 53.18 -45.43
N TYR F 262 17.01 52.82 -46.47
CA TYR F 262 17.54 53.79 -47.41
C TYR F 262 16.43 54.50 -48.18
N SER F 263 15.41 53.74 -48.62
CA SER F 263 14.32 54.35 -49.39
C SER F 263 13.46 55.26 -48.51
N GLN F 264 13.13 54.81 -47.29
CA GLN F 264 12.35 55.64 -46.39
C GLN F 264 13.13 56.88 -45.95
N GLY F 265 14.40 56.71 -45.59
CA GLY F 265 15.17 57.84 -45.11
C GLY F 265 15.59 58.76 -46.23
N LYS F 266 16.48 59.69 -45.87
CA LYS F 266 17.01 60.58 -46.88
C LYS F 266 18.26 60.00 -47.50
N GLN F 267 18.98 59.18 -46.75
CA GLN F 267 20.19 58.54 -47.22
C GLN F 267 19.85 57.54 -48.32
N GLN F 268 20.77 57.40 -49.26
CA GLN F 268 20.65 56.50 -50.41
C GLN F 268 21.77 55.47 -50.32
N MET F 269 21.69 54.44 -51.17
CA MET F 269 22.60 53.32 -51.06
C MET F 269 24.05 53.81 -51.05
N PRO F 270 24.92 53.24 -50.21
CA PRO F 270 26.27 53.82 -50.08
C PRO F 270 27.05 53.88 -51.38
N HIS F 271 27.04 52.82 -52.17
CA HIS F 271 27.82 52.77 -53.40
C HIS F 271 29.11 53.57 -53.34
N MET G 5 -54.96 29.30 -13.83
CA MET G 5 -54.65 28.80 -12.45
C MET G 5 -53.69 29.75 -11.72
N SER G 6 -52.80 30.41 -12.45
CA SER G 6 -51.91 31.43 -11.89
C SER G 6 -52.09 32.73 -12.65
N TYR G 7 -51.91 33.87 -11.96
CA TYR G 7 -52.18 35.18 -12.52
C TYR G 7 -51.04 36.13 -12.24
N ASN G 8 -50.49 36.75 -13.29
CA ASN G 8 -49.36 37.66 -13.14
C ASN G 8 -49.45 38.88 -14.05
N TYR G 9 -48.67 39.90 -13.68
CA TYR G 9 -48.67 41.22 -14.32
C TYR G 9 -47.23 41.58 -14.65
N VAL G 10 -46.95 41.93 -15.91
CA VAL G 10 -45.62 42.33 -16.34
C VAL G 10 -45.70 43.75 -16.88
N VAL G 11 -44.85 44.63 -16.37
CA VAL G 11 -44.83 46.02 -16.79
C VAL G 11 -43.38 46.42 -17.03
N THR G 12 -43.19 47.36 -17.96
CA THR G 12 -41.85 47.78 -18.35
C THR G 12 -41.49 49.00 -17.52
N ALA G 13 -40.56 48.81 -16.58
CA ALA G 13 -40.10 49.93 -15.77
C ALA G 13 -39.15 50.80 -16.57
N GLN G 14 -38.19 50.19 -17.25
CA GLN G 14 -37.24 50.90 -18.11
C GLN G 14 -37.27 50.27 -19.49
N LYS G 15 -37.41 51.10 -20.51
CA LYS G 15 -37.50 50.62 -21.87
C LYS G 15 -36.15 50.11 -22.38
N PRO G 16 -36.16 49.29 -23.43
CA PRO G 16 -34.88 48.84 -24.02
C PRO G 16 -33.98 50.01 -24.37
N THR G 17 -32.71 49.91 -23.99
CA THR G 17 -31.77 51.00 -24.21
C THR G 17 -30.74 50.68 -25.28
N ALA G 18 -30.53 49.40 -25.60
CA ALA G 18 -29.51 49.02 -26.57
C ALA G 18 -29.99 49.33 -27.98
N VAL G 19 -29.09 49.83 -28.81
CA VAL G 19 -29.39 50.16 -30.19
C VAL G 19 -29.14 48.91 -31.03
N ASN G 20 -30.17 48.45 -31.74
CA ASN G 20 -30.06 47.27 -32.58
C ASN G 20 -29.87 47.60 -34.05
N GLY G 21 -30.15 48.83 -34.46
CA GLY G 21 -29.92 49.26 -35.83
C GLY G 21 -30.41 50.69 -35.99
N CYS G 22 -29.87 51.35 -37.02
CA CYS G 22 -30.26 52.73 -37.27
C CYS G 22 -30.09 53.09 -38.75
N VAL G 23 -31.00 53.94 -39.25
CA VAL G 23 -31.02 54.36 -40.64
C VAL G 23 -31.18 55.86 -40.73
N THR G 24 -30.80 56.42 -41.88
CA THR G 24 -30.99 57.82 -42.19
C THR G 24 -31.78 57.98 -43.48
N GLY G 25 -32.67 58.98 -43.53
CA GLY G 25 -33.41 59.25 -44.74
C GLY G 25 -34.25 60.50 -44.66
N HIS G 26 -35.31 60.53 -45.48
CA HIS G 26 -36.23 61.67 -45.56
C HIS G 26 -37.65 61.13 -45.36
N PHE G 27 -37.94 60.73 -44.12
CA PHE G 27 -39.16 60.00 -43.75
C PHE G 27 -40.29 60.92 -43.30
N THR G 28 -39.99 61.92 -42.48
CA THR G 28 -41.06 62.79 -41.99
C THR G 28 -41.44 63.86 -43.02
N SER G 29 -40.47 64.34 -43.80
CA SER G 29 -40.73 65.30 -44.87
C SER G 29 -39.62 65.16 -45.89
N ALA G 30 -39.93 65.49 -47.15
CA ALA G 30 -38.92 65.39 -48.19
C ALA G 30 -37.74 66.34 -47.98
N GLU G 31 -37.86 67.31 -47.07
CA GLU G 31 -36.80 68.27 -46.82
C GLU G 31 -35.97 67.93 -45.59
N ASP G 32 -36.58 67.43 -44.52
CA ASP G 32 -35.85 67.16 -43.29
C ASP G 32 -35.03 65.88 -43.44
N LEU G 33 -33.93 65.83 -42.69
CA LEU G 33 -33.10 64.63 -42.58
C LEU G 33 -33.45 63.92 -41.28
N ASN G 34 -33.86 62.66 -41.36
CA ASN G 34 -34.35 61.94 -40.20
C ASN G 34 -33.39 60.83 -39.81
N LEU G 35 -33.23 60.64 -38.51
CA LEU G 35 -32.47 59.52 -37.96
C LEU G 35 -33.46 58.61 -37.24
N LEU G 36 -33.68 57.43 -37.79
CA LEU G 36 -34.54 56.42 -37.20
C LEU G 36 -33.67 55.40 -36.46
N ILE G 37 -33.89 55.29 -35.15
CA ILE G 37 -33.19 54.34 -34.31
C ILE G 37 -34.16 53.27 -33.86
N ALA G 38 -33.74 52.02 -33.98
CA ALA G 38 -34.53 50.89 -33.53
C ALA G 38 -33.83 50.34 -32.31
N LYS G 39 -34.50 50.41 -31.16
CA LYS G 39 -34.14 49.64 -29.99
C LYS G 39 -35.18 48.53 -29.92
N ASN G 40 -34.86 47.44 -29.24
CA ASN G 40 -35.73 46.27 -29.34
C ASN G 40 -37.19 46.65 -29.08
N THR G 41 -38.00 46.61 -30.14
CA THR G 41 -39.44 46.88 -30.19
C THR G 41 -39.78 48.37 -30.20
N ARG G 42 -38.80 49.27 -30.12
CA ARG G 42 -39.09 50.70 -30.03
C ARG G 42 -38.50 51.37 -31.27
N LEU G 43 -39.31 52.20 -31.95
CA LEU G 43 -38.83 52.98 -33.08
C LEU G 43 -38.78 54.44 -32.65
N GLU G 44 -37.59 55.03 -32.71
CA GLU G 44 -37.38 56.43 -32.35
C GLU G 44 -37.12 57.21 -33.62
N ILE G 45 -37.84 58.32 -33.78
CA ILE G 45 -37.70 59.19 -34.95
C ILE G 45 -37.14 60.52 -34.50
N TYR G 46 -36.06 60.95 -35.14
CA TYR G 46 -35.41 62.21 -34.85
C TYR G 46 -35.33 63.04 -36.12
N VAL G 47 -35.07 64.32 -35.94
CA VAL G 47 -34.75 65.21 -37.05
C VAL G 47 -33.35 65.76 -36.79
N VAL G 48 -32.50 65.66 -37.81
CA VAL G 48 -31.11 66.07 -37.70
C VAL G 48 -31.06 67.59 -37.82
N THR G 49 -30.40 68.24 -36.87
CA THR G 49 -30.21 69.68 -36.86
C THR G 49 -28.72 69.99 -36.88
N ALA G 50 -28.39 71.28 -36.93
CA ALA G 50 -27.00 71.68 -36.85
C ALA G 50 -26.42 71.52 -35.45
N GLU G 51 -27.28 71.27 -34.44
CA GLU G 51 -26.86 71.16 -33.05
C GLU G 51 -26.77 69.73 -32.55
N GLY G 52 -27.66 68.86 -33.02
CA GLY G 52 -27.75 67.50 -32.54
C GLY G 52 -28.96 66.83 -33.12
N LEU G 53 -29.75 66.15 -32.29
CA LEU G 53 -30.94 65.44 -32.73
C LEU G 53 -32.18 66.00 -32.05
N ARG G 54 -33.23 66.26 -32.82
CA ARG G 54 -34.50 66.73 -32.31
C ARG G 54 -35.53 65.60 -32.35
N PRO G 55 -36.06 65.14 -31.21
CA PRO G 55 -37.05 64.05 -31.26
C PRO G 55 -38.35 64.49 -31.92
N VAL G 56 -39.02 63.52 -32.56
CA VAL G 56 -40.25 63.82 -33.27
C VAL G 56 -41.41 62.94 -32.82
N LYS G 57 -41.14 61.64 -32.66
CA LYS G 57 -42.19 60.67 -32.32
C LYS G 57 -41.50 59.39 -31.91
N GLU G 58 -42.12 58.70 -30.95
CA GLU G 58 -41.68 57.36 -30.60
C GLU G 58 -42.93 56.48 -30.57
N VAL G 59 -42.85 55.34 -31.23
CA VAL G 59 -43.93 54.37 -31.26
C VAL G 59 -43.34 53.05 -30.78
N GLY G 60 -44.20 52.23 -30.19
CA GLY G 60 -43.88 50.86 -29.92
C GLY G 60 -44.48 49.98 -30.99
N MET G 61 -43.86 48.83 -31.22
CA MET G 61 -44.36 47.83 -32.12
C MET G 61 -44.53 46.52 -31.37
N TYR G 62 -45.54 45.76 -31.79
CA TYR G 62 -45.82 44.45 -31.19
C TYR G 62 -44.97 43.37 -31.88
N GLY G 63 -43.64 43.51 -31.70
CA GLY G 63 -42.65 42.64 -32.32
C GLY G 63 -41.23 43.15 -32.16
N LYS G 64 -40.24 42.25 -32.20
CA LYS G 64 -38.84 42.67 -32.17
C LYS G 64 -38.44 43.13 -33.58
N ILE G 65 -37.84 44.32 -33.68
CA ILE G 65 -37.52 44.90 -34.99
C ILE G 65 -36.27 44.22 -35.52
N ALA G 66 -36.42 43.45 -36.60
CA ALA G 66 -35.34 42.71 -37.24
C ALA G 66 -34.76 43.44 -38.45
N VAL G 67 -35.61 43.94 -39.33
CA VAL G 67 -35.21 44.70 -40.50
C VAL G 67 -35.81 46.09 -40.39
N MET G 68 -34.99 47.12 -40.61
CA MET G 68 -35.49 48.49 -40.65
C MET G 68 -34.79 49.18 -41.82
N GLU G 69 -35.58 49.59 -42.81
CA GLU G 69 -35.01 50.15 -44.02
C GLU G 69 -35.94 51.21 -44.59
N LEU G 70 -35.34 52.27 -45.14
CA LEU G 70 -36.04 53.38 -45.74
C LEU G 70 -35.92 53.34 -47.26
N PHE G 71 -37.04 53.59 -47.95
CA PHE G 71 -37.06 53.55 -49.41
C PHE G 71 -38.09 54.56 -49.91
N ARG G 72 -37.96 54.91 -51.20
CA ARG G 72 -38.82 55.90 -51.85
C ARG G 72 -39.25 55.44 -53.23
N PRO G 73 -40.44 54.85 -53.35
CA PRO G 73 -40.90 54.43 -54.69
C PRO G 73 -41.24 55.63 -55.56
N LYS G 74 -41.14 55.43 -56.88
CA LYS G 74 -41.43 56.50 -57.82
C LYS G 74 -42.84 57.03 -57.59
N GLY G 75 -42.96 58.33 -57.46
CA GLY G 75 -44.24 58.96 -57.22
C GLY G 75 -44.48 59.39 -55.80
N GLU G 76 -43.67 58.94 -54.85
CA GLU G 76 -43.81 59.34 -53.46
C GLU G 76 -43.08 60.65 -53.25
N SER G 77 -43.65 61.52 -52.42
CA SER G 77 -43.01 62.79 -52.11
C SER G 77 -41.86 62.61 -51.14
N LYS G 78 -41.92 61.56 -50.31
CA LYS G 78 -40.95 61.36 -49.25
C LYS G 78 -40.78 59.88 -49.00
N ASP G 79 -39.80 59.54 -48.17
CA ASP G 79 -39.45 58.15 -47.92
C ASP G 79 -40.53 57.42 -47.13
N LEU G 80 -40.66 56.13 -47.42
CA LEU G 80 -41.46 55.19 -46.66
C LEU G 80 -40.52 54.28 -45.86
N LEU G 81 -41.09 53.61 -44.86
CA LEU G 81 -40.33 52.77 -43.95
C LEU G 81 -40.79 51.32 -44.06
N PHE G 82 -39.83 50.43 -44.23
CA PHE G 82 -40.07 48.99 -44.21
C PHE G 82 -39.54 48.40 -42.91
N ILE G 83 -40.37 47.62 -42.23
CA ILE G 83 -39.99 46.92 -41.01
C ILE G 83 -40.48 45.49 -41.06
N LEU G 84 -39.60 44.54 -40.72
CA LEU G 84 -39.95 43.13 -40.57
C LEU G 84 -39.60 42.72 -39.15
N THR G 85 -40.53 42.07 -38.47
CA THR G 85 -40.29 41.68 -37.08
C THR G 85 -39.69 40.27 -37.02
N ALA G 86 -39.20 39.92 -35.83
CA ALA G 86 -38.58 38.61 -35.64
C ALA G 86 -39.57 37.46 -35.80
N LYS G 87 -40.87 37.73 -35.66
CA LYS G 87 -41.91 36.75 -35.94
C LYS G 87 -42.41 36.83 -37.38
N TYR G 88 -41.72 37.58 -38.23
CA TYR G 88 -42.01 37.66 -39.67
C TYR G 88 -43.25 38.50 -39.97
N ASN G 89 -43.52 39.52 -39.14
CA ASN G 89 -44.55 40.50 -39.42
C ASN G 89 -43.94 41.61 -40.28
N ALA G 90 -44.45 41.78 -41.49
CA ALA G 90 -43.96 42.79 -42.41
C ALA G 90 -44.95 43.94 -42.51
N CYS G 91 -44.44 45.14 -42.72
CA CYS G 91 -45.28 46.31 -42.92
C CYS G 91 -44.47 47.40 -43.60
N ILE G 92 -45.17 48.25 -44.34
CA ILE G 92 -44.61 49.47 -44.91
C ILE G 92 -45.31 50.64 -44.24
N LEU G 93 -44.54 51.57 -43.70
CA LEU G 93 -45.08 52.62 -42.86
C LEU G 93 -44.85 53.97 -43.51
N GLU G 94 -45.78 54.88 -43.25
CA GLU G 94 -45.71 56.24 -43.74
C GLU G 94 -45.89 57.15 -42.54
N TYR G 95 -45.04 58.17 -42.46
CA TYR G 95 -45.20 59.20 -41.45
C TYR G 95 -46.22 60.21 -41.95
N LYS G 96 -47.23 60.50 -41.14
CA LYS G 96 -48.24 61.48 -41.52
C LYS G 96 -48.57 62.34 -40.32
N GLN G 97 -48.45 63.66 -40.50
CA GLN G 97 -48.69 64.63 -39.44
C GLN G 97 -49.54 65.78 -39.97
N SER G 98 -50.63 66.07 -39.25
CA SER G 98 -51.53 67.18 -39.56
C SER G 98 -51.67 68.03 -38.29
N GLY G 99 -50.94 69.13 -38.23
CA GLY G 99 -50.88 69.95 -37.02
C GLY G 99 -50.08 69.27 -35.93
N GLU G 100 -50.68 69.14 -34.74
CA GLU G 100 -49.98 68.51 -33.62
C GLU G 100 -50.15 66.99 -33.56
N SER G 101 -51.06 66.45 -34.36
CA SER G 101 -51.42 65.03 -34.29
C SER G 101 -50.48 64.22 -35.19
N ILE G 102 -49.69 63.34 -34.58
CA ILE G 102 -48.74 62.51 -35.32
C ILE G 102 -49.26 61.09 -35.38
N ASP G 103 -49.26 60.53 -36.57
CA ASP G 103 -49.67 59.16 -36.81
C ASP G 103 -48.59 58.49 -37.65
N ILE G 104 -48.53 57.18 -37.55
CA ILE G 104 -47.72 56.37 -38.46
C ILE G 104 -48.71 55.44 -39.15
N ILE G 105 -48.84 55.59 -40.46
CA ILE G 105 -49.88 54.94 -41.23
C ILE G 105 -49.30 53.64 -41.78
N THR G 106 -50.05 52.55 -41.64
CA THR G 106 -49.65 51.27 -42.20
C THR G 106 -50.27 51.16 -43.60
N ARG G 107 -49.42 51.33 -44.61
CA ARG G 107 -49.90 51.29 -45.99
C ARG G 107 -50.02 49.86 -46.51
N ALA G 108 -49.16 48.96 -46.02
CA ALA G 108 -49.17 47.56 -46.39
C ALA G 108 -48.72 46.75 -45.20
N HIS G 109 -49.23 45.53 -45.09
CA HIS G 109 -48.82 44.68 -43.98
C HIS G 109 -49.10 43.23 -44.33
N GLY G 110 -48.35 42.34 -43.70
CA GLY G 110 -48.54 40.92 -43.87
C GLY G 110 -47.43 40.16 -43.18
N ASN G 111 -47.62 38.84 -43.10
CA ASN G 111 -46.68 37.94 -42.47
C ASN G 111 -46.03 37.07 -43.55
N VAL G 112 -44.71 37.03 -43.57
CA VAL G 112 -43.96 36.40 -44.66
C VAL G 112 -43.38 35.05 -44.24
N GLN G 113 -43.88 34.45 -43.16
CA GLN G 113 -43.34 33.18 -42.71
C GLN G 113 -43.70 32.08 -43.69
N ASP G 114 -42.73 31.24 -44.05
CA ASP G 114 -42.97 30.06 -44.85
C ASP G 114 -43.12 28.87 -43.91
N ARG G 115 -44.10 28.02 -44.18
CA ARG G 115 -44.34 26.85 -43.33
C ARG G 115 -43.13 25.94 -43.26
N ILE G 116 -42.45 25.76 -44.37
CA ILE G 116 -41.31 24.87 -44.48
C ILE G 116 -40.11 25.71 -44.86
N GLY G 117 -39.09 25.69 -44.02
CA GLY G 117 -37.86 26.40 -44.23
C GLY G 117 -36.94 26.26 -43.02
N ARG G 118 -35.62 26.29 -43.24
CA ARG G 118 -34.66 26.22 -42.16
C ARG G 118 -34.14 27.62 -41.86
N PRO G 119 -34.39 28.16 -40.66
CA PRO G 119 -33.86 29.49 -40.35
C PRO G 119 -32.35 29.55 -40.57
N SER G 120 -31.91 30.64 -41.20
CA SER G 120 -30.52 30.78 -41.61
C SER G 120 -29.61 31.08 -40.43
N GLU G 121 -28.33 30.73 -40.59
CA GLU G 121 -27.36 30.90 -39.52
C GLU G 121 -27.08 32.38 -39.26
N THR G 122 -26.89 33.18 -40.32
CA THR G 122 -26.55 34.59 -40.15
C THR G 122 -27.78 35.48 -40.04
N GLY G 123 -28.97 34.91 -39.82
CA GLY G 123 -30.15 35.66 -39.46
C GLY G 123 -30.91 36.32 -40.62
N ILE G 124 -32.01 36.97 -40.23
CA ILE G 124 -32.85 37.67 -41.19
C ILE G 124 -32.06 38.79 -41.84
N ILE G 125 -32.09 38.84 -43.16
CA ILE G 125 -31.50 39.94 -43.92
C ILE G 125 -32.60 40.55 -44.76
N GLY G 126 -32.66 41.89 -44.76
CA GLY G 126 -33.60 42.60 -45.61
C GLY G 126 -32.90 43.66 -46.41
N ILE G 127 -33.13 43.66 -47.72
CA ILE G 127 -32.51 44.59 -48.65
C ILE G 127 -33.60 45.06 -49.61
N ILE G 128 -33.42 46.24 -50.18
CA ILE G 128 -34.37 46.83 -51.10
C ILE G 128 -33.62 47.22 -52.38
N ASP G 129 -34.26 46.99 -53.52
CA ASP G 129 -33.65 47.28 -54.80
C ASP G 129 -33.38 48.78 -54.92
N PRO G 130 -32.31 49.18 -55.63
CA PRO G 130 -32.08 50.63 -55.81
C PRO G 130 -33.23 51.31 -56.54
N GLU G 131 -33.82 50.62 -57.51
CA GLU G 131 -34.98 51.12 -58.21
C GLU G 131 -36.27 50.87 -57.46
N CYS G 132 -36.16 50.44 -56.20
CA CYS G 132 -37.32 50.19 -55.33
C CYS G 132 -38.39 49.39 -56.08
N ARG G 133 -37.94 48.41 -56.84
CA ARG G 133 -38.83 47.50 -57.56
C ARG G 133 -39.31 46.35 -56.68
N MET G 134 -38.50 45.93 -55.72
CA MET G 134 -38.84 44.78 -54.90
C MET G 134 -38.09 44.84 -53.57
N ILE G 135 -38.61 44.11 -52.59
CA ILE G 135 -37.94 43.89 -51.31
C ILE G 135 -37.42 42.45 -51.30
N GLY G 136 -36.11 42.29 -51.07
CA GLY G 136 -35.51 40.98 -50.92
C GLY G 136 -35.38 40.60 -49.46
N LEU G 137 -35.74 39.36 -49.15
CA LEU G 137 -35.62 38.83 -47.80
C LEU G 137 -34.88 37.49 -47.85
N ARG G 138 -33.87 37.34 -47.01
CA ARG G 138 -33.17 36.06 -46.81
C ARG G 138 -33.63 35.57 -45.44
N LEU G 139 -34.66 34.74 -45.43
CA LEU G 139 -35.21 34.21 -44.20
C LEU G 139 -34.74 32.79 -43.92
N TYR G 140 -34.62 31.96 -44.94
CA TYR G 140 -34.32 30.54 -44.77
C TYR G 140 -33.18 30.14 -45.69
N ASP G 141 -32.42 29.15 -45.25
CA ASP G 141 -31.35 28.59 -46.06
C ASP G 141 -31.91 28.08 -47.38
N GLY G 142 -31.25 28.42 -48.48
CA GLY G 142 -31.64 27.90 -49.76
C GLY G 142 -32.81 28.59 -50.41
N LEU G 143 -33.32 29.66 -49.80
CA LEU G 143 -34.46 30.38 -50.35
C LEU G 143 -34.27 31.88 -50.28
N PHE G 144 -34.66 32.55 -51.38
CA PHE G 144 -34.69 34.00 -51.50
C PHE G 144 -36.14 34.41 -51.73
N LYS G 145 -36.67 35.27 -50.86
CA LYS G 145 -38.06 35.70 -50.93
C LYS G 145 -38.13 37.09 -51.55
N VAL G 146 -39.07 37.28 -52.48
CA VAL G 146 -39.26 38.57 -53.15
C VAL G 146 -40.68 39.07 -52.88
N ILE G 147 -40.78 40.26 -52.29
CA ILE G 147 -42.03 41.01 -52.20
C ILE G 147 -41.99 42.07 -53.30
N PRO G 148 -42.74 41.94 -54.38
CA PRO G 148 -42.72 42.99 -55.41
C PRO G 148 -43.40 44.25 -54.93
N LEU G 149 -42.76 45.39 -55.20
CA LEU G 149 -43.27 46.69 -54.72
C LEU G 149 -44.25 47.28 -55.74
N ASP G 150 -45.39 46.61 -55.86
CA ASP G 150 -46.52 47.11 -56.63
C ASP G 150 -47.35 48.01 -55.71
N ARG G 151 -47.98 49.03 -56.30
CA ARG G 151 -48.78 49.94 -55.49
C ARG G 151 -49.96 49.21 -54.85
N ASP G 152 -50.46 48.16 -55.50
CA ASP G 152 -51.62 47.42 -54.99
C ASP G 152 -51.25 46.30 -54.04
N ASN G 153 -49.95 46.01 -53.86
CA ASN G 153 -49.54 44.88 -53.03
C ASN G 153 -49.58 45.27 -51.55
N LYS G 154 -50.80 45.60 -51.09
CA LYS G 154 -51.03 46.02 -49.71
C LYS G 154 -51.01 44.85 -48.73
N GLU G 155 -51.08 43.61 -49.20
CA GLU G 155 -50.92 42.44 -48.35
C GLU G 155 -49.51 41.87 -48.35
N LEU G 156 -48.57 42.51 -49.05
CA LEU G 156 -47.18 42.07 -49.12
C LEU G 156 -47.08 40.59 -49.50
N LYS G 157 -47.83 40.22 -50.54
CA LYS G 157 -47.73 38.86 -51.07
C LYS G 157 -46.35 38.69 -51.70
N ALA G 158 -45.79 37.49 -51.57
CA ALA G 158 -44.42 37.27 -51.99
C ALA G 158 -44.27 35.85 -52.51
N PHE G 159 -43.21 35.65 -53.28
CA PHE G 159 -42.88 34.36 -53.86
C PHE G 159 -41.44 34.03 -53.51
N ASN G 160 -41.10 32.74 -53.53
CA ASN G 160 -39.75 32.31 -53.24
C ASN G 160 -39.06 31.85 -54.51
N ILE G 161 -37.79 32.22 -54.62
CA ILE G 161 -36.89 31.75 -55.68
C ILE G 161 -35.91 30.80 -55.05
N ARG G 162 -35.79 29.60 -55.61
CA ARG G 162 -34.82 28.64 -55.09
C ARG G 162 -33.42 29.23 -55.19
N LEU G 163 -32.63 29.00 -54.14
CA LEU G 163 -31.26 29.50 -54.04
C LEU G 163 -30.32 28.32 -53.95
N GLU G 164 -29.45 28.18 -54.95
CA GLU G 164 -28.56 27.02 -55.00
C GLU G 164 -27.61 26.99 -53.82
N GLU G 165 -27.07 28.14 -53.45
CA GLU G 165 -26.08 28.25 -52.37
C GLU G 165 -26.78 28.26 -51.03
N LEU G 166 -26.66 27.15 -50.30
CA LEU G 166 -27.48 27.00 -49.09
C LEU G 166 -27.01 27.91 -47.97
N HIS G 167 -25.70 28.10 -47.82
CA HIS G 167 -25.14 28.85 -46.72
C HIS G 167 -24.70 30.22 -47.25
N VAL G 168 -25.58 31.21 -47.09
CA VAL G 168 -25.32 32.58 -47.51
C VAL G 168 -24.95 33.42 -46.30
N ILE G 169 -23.86 34.17 -46.43
CA ILE G 169 -23.37 35.02 -45.35
C ILE G 169 -24.03 36.39 -45.35
N ASP G 170 -23.94 37.09 -46.47
CA ASP G 170 -24.51 38.43 -46.55
C ASP G 170 -24.84 38.69 -48.01
N VAL G 171 -25.90 39.45 -48.22
CA VAL G 171 -26.39 39.77 -49.56
C VAL G 171 -26.91 41.20 -49.55
N LYS G 172 -26.70 41.90 -50.65
CA LYS G 172 -27.18 43.25 -50.83
C LYS G 172 -27.58 43.37 -52.30
N PHE G 173 -28.58 44.20 -52.57
CA PHE G 173 -28.88 44.55 -53.95
C PHE G 173 -27.77 45.48 -54.46
N LEU G 174 -27.35 45.27 -55.69
CA LEU G 174 -26.21 45.99 -56.23
C LEU G 174 -26.71 47.21 -57.01
N TYR G 175 -25.97 48.31 -56.88
CA TYR G 175 -26.24 49.55 -57.58
C TYR G 175 -25.58 49.50 -58.95
N GLY G 176 -26.08 50.33 -59.87
CA GLY G 176 -25.40 50.49 -61.14
C GLY G 176 -25.53 49.31 -62.07
N CYS G 177 -26.65 48.61 -62.00
CA CYS G 177 -26.94 47.46 -62.85
C CYS G 177 -28.19 47.72 -63.69
N GLN G 178 -28.22 47.08 -64.85
CA GLN G 178 -29.32 47.29 -65.79
C GLN G 178 -30.62 46.69 -65.28
N ALA G 179 -30.54 45.52 -64.67
CA ALA G 179 -31.65 44.77 -64.11
C ALA G 179 -31.35 44.56 -62.64
N PRO G 180 -32.37 44.33 -61.82
CA PRO G 180 -32.12 44.05 -60.40
C PRO G 180 -31.13 42.91 -60.21
N THR G 181 -30.06 43.19 -59.46
CA THR G 181 -28.95 42.27 -59.23
C THR G 181 -28.61 42.18 -57.75
N ILE G 182 -28.43 40.94 -57.27
CA ILE G 182 -28.00 40.67 -55.90
C ILE G 182 -26.57 40.17 -55.91
N CYS G 183 -25.77 40.64 -54.95
CA CYS G 183 -24.41 40.17 -54.73
C CYS G 183 -24.34 39.56 -53.33
N PHE G 184 -23.87 38.31 -53.23
CA PHE G 184 -23.84 37.66 -51.93
C PHE G 184 -22.53 36.89 -51.76
N VAL G 185 -22.16 36.72 -50.50
CA VAL G 185 -21.04 35.89 -50.08
C VAL G 185 -21.63 34.63 -49.47
N TYR G 186 -21.12 33.46 -49.90
CA TYR G 186 -21.65 32.19 -49.44
C TYR G 186 -20.49 31.30 -49.01
N GLN G 187 -20.82 30.30 -48.19
CA GLN G 187 -19.83 29.36 -47.70
C GLN G 187 -20.26 27.94 -48.06
N ASP G 188 -19.45 27.27 -48.85
CA ASP G 188 -19.61 25.86 -49.17
C ASP G 188 -18.31 25.18 -48.74
N PRO G 189 -18.17 23.88 -48.94
CA PRO G 189 -16.95 23.19 -48.47
C PRO G 189 -15.66 23.70 -49.12
N GLN G 190 -15.75 24.39 -50.24
CA GLN G 190 -14.58 24.83 -50.99
C GLN G 190 -14.05 26.19 -50.54
N GLY G 191 -14.59 26.73 -49.44
CA GLY G 191 -14.23 28.04 -48.94
C GLY G 191 -15.42 28.97 -48.98
N ARG G 192 -15.19 30.27 -48.87
CA ARG G 192 -16.26 31.26 -49.04
C ARG G 192 -16.05 31.95 -50.37
N HIS G 193 -17.14 32.22 -51.08
CA HIS G 193 -17.07 32.78 -52.42
C HIS G 193 -18.11 33.87 -52.56
N VAL G 194 -17.91 34.74 -53.54
CA VAL G 194 -18.86 35.77 -53.90
C VAL G 194 -19.39 35.47 -55.31
N LYS G 195 -20.71 35.55 -55.46
CA LYS G 195 -21.38 35.26 -56.72
C LYS G 195 -22.47 36.31 -56.90
N THR G 196 -22.96 36.48 -58.12
CA THR G 196 -24.08 37.37 -58.37
C THR G 196 -25.11 36.69 -59.26
N TYR G 197 -26.37 37.06 -59.05
CA TYR G 197 -27.53 36.61 -59.82
C TYR G 197 -28.40 37.82 -60.15
N GLU G 198 -29.25 37.67 -61.17
CA GLU G 198 -30.24 38.68 -61.51
C GLU G 198 -31.63 38.20 -61.11
N VAL G 199 -32.52 39.14 -60.83
CA VAL G 199 -33.87 38.84 -60.33
C VAL G 199 -34.90 39.30 -61.35
N SER G 200 -35.71 38.36 -61.83
CA SER G 200 -36.77 38.65 -62.79
C SER G 200 -38.11 38.55 -62.08
N LEU G 201 -38.77 39.69 -61.86
CA LEU G 201 -40.10 39.67 -61.27
C LEU G 201 -41.11 38.99 -62.19
N ARG G 202 -40.88 39.06 -63.49
CA ARG G 202 -41.80 38.47 -64.46
C ARG G 202 -41.71 36.95 -64.46
N GLU G 203 -40.49 36.42 -64.52
CA GLU G 203 -40.29 34.97 -64.56
C GLU G 203 -40.30 34.34 -63.18
N LYS G 204 -40.12 35.14 -62.12
CA LYS G 204 -40.03 34.63 -60.75
C LYS G 204 -38.91 33.61 -60.61
N GLU G 205 -37.72 33.97 -61.09
CA GLU G 205 -36.55 33.12 -60.94
C GLU G 205 -35.29 33.95 -61.15
N PHE G 206 -34.16 33.36 -60.76
CA PHE G 206 -32.86 33.96 -61.00
C PHE G 206 -32.40 33.65 -62.43
N ASN G 207 -31.61 34.55 -62.99
CA ASN G 207 -30.91 34.37 -64.25
C ASN G 207 -29.41 34.49 -63.96
N LYS G 208 -28.57 34.14 -64.93
CA LYS G 208 -27.13 34.21 -64.67
C LYS G 208 -26.77 35.63 -64.27
N GLY G 209 -25.83 35.77 -63.34
CA GLY G 209 -25.49 37.04 -62.77
C GLY G 209 -24.54 37.85 -63.64
N PRO G 210 -24.44 39.15 -63.36
CA PRO G 210 -23.63 40.01 -64.24
C PRO G 210 -22.15 39.66 -64.27
N TRP G 211 -21.58 39.11 -63.21
CA TRP G 211 -20.14 38.86 -63.22
C TRP G 211 -19.77 37.57 -62.52
N LYS G 212 -18.49 37.22 -62.68
CA LYS G 212 -17.97 35.91 -62.32
C LYS G 212 -17.93 35.75 -60.81
N GLN G 213 -17.99 34.49 -60.36
CA GLN G 213 -17.79 34.20 -58.95
C GLN G 213 -16.29 34.19 -58.69
N GLU G 214 -15.90 34.39 -57.44
CA GLU G 214 -14.47 34.32 -57.12
C GLU G 214 -14.29 33.85 -55.68
N ASN G 215 -13.14 33.23 -55.43
CA ASN G 215 -12.80 32.77 -54.09
C ASN G 215 -12.36 33.97 -53.24
N VAL G 216 -12.93 34.09 -52.05
CA VAL G 216 -12.75 35.26 -51.19
C VAL G 216 -12.22 34.79 -49.83
N GLU G 217 -11.95 35.77 -48.96
CA GLU G 217 -11.39 35.45 -47.65
C GLU G 217 -12.27 34.45 -46.90
N ALA G 218 -11.61 33.55 -46.16
CA ALA G 218 -12.33 32.50 -45.45
C ALA G 218 -13.34 33.07 -44.47
N GLU G 219 -13.07 34.25 -43.91
CA GLU G 219 -13.96 34.90 -42.96
C GLU G 219 -14.63 36.15 -43.55
N ALA G 220 -14.83 36.16 -44.86
CA ALA G 220 -15.56 37.27 -45.48
C ALA G 220 -16.91 37.44 -44.80
N SER G 221 -17.16 38.65 -44.30
CA SER G 221 -18.27 38.88 -43.38
C SER G 221 -19.37 39.79 -43.92
N MET G 222 -19.04 40.83 -44.68
CA MET G 222 -20.04 41.82 -45.05
C MET G 222 -19.93 42.21 -46.52
N VAL G 223 -21.07 42.54 -47.12
CA VAL G 223 -21.14 43.07 -48.47
C VAL G 223 -21.60 44.51 -48.40
N ILE G 224 -20.84 45.39 -49.04
CA ILE G 224 -21.15 46.81 -49.11
C ILE G 224 -21.43 47.10 -50.58
N ALA G 225 -22.61 47.64 -50.88
CA ALA G 225 -22.97 47.99 -52.24
C ALA G 225 -22.44 49.38 -52.58
N VAL G 226 -21.57 49.47 -53.57
CA VAL G 226 -20.92 50.73 -53.92
C VAL G 226 -21.78 51.41 -54.99
N PRO G 227 -22.23 52.63 -54.75
CA PRO G 227 -23.07 53.30 -55.74
C PRO G 227 -22.27 53.81 -56.94
N GLU G 228 -23.01 54.18 -57.99
CA GLU G 228 -22.39 54.82 -59.14
C GLU G 228 -21.66 56.09 -58.70
N PRO G 229 -20.53 56.42 -59.36
CA PRO G 229 -20.01 55.82 -60.60
C PRO G 229 -19.25 54.52 -60.37
N PHE G 230 -18.84 54.25 -59.13
CA PHE G 230 -17.97 53.11 -58.89
C PHE G 230 -18.71 51.82 -59.17
N GLY G 231 -19.89 51.66 -58.61
CA GLY G 231 -20.65 50.43 -58.74
C GLY G 231 -19.91 49.29 -58.07
N GLY G 232 -20.52 48.12 -58.14
CA GLY G 232 -19.92 46.95 -57.56
C GLY G 232 -20.07 46.94 -56.05
N ALA G 233 -19.23 46.14 -55.39
CA ALA G 233 -19.36 45.95 -53.96
C ALA G 233 -17.98 45.78 -53.35
N ILE G 234 -17.90 46.11 -52.06
CA ILE G 234 -16.72 45.92 -51.24
C ILE G 234 -17.04 44.78 -50.27
N ILE G 235 -16.12 43.83 -50.13
CA ILE G 235 -16.31 42.68 -49.25
C ILE G 235 -15.29 42.77 -48.13
N ILE G 236 -15.80 42.87 -46.90
CA ILE G 236 -15.00 43.08 -45.71
C ILE G 236 -14.78 41.75 -45.02
N GLY G 237 -13.53 41.45 -44.68
CA GLY G 237 -13.22 40.24 -43.94
C GLY G 237 -12.54 40.49 -42.62
N GLN G 238 -11.76 39.54 -42.13
CA GLN G 238 -10.94 39.72 -40.94
C GLN G 238 -9.56 40.28 -41.28
N GLU G 239 -8.99 39.86 -42.41
CA GLU G 239 -7.66 40.30 -42.80
C GLU G 239 -7.63 41.19 -44.03
N SER G 240 -8.64 41.14 -44.90
CA SER G 240 -8.56 41.84 -46.18
C SER G 240 -9.89 42.49 -46.52
N ILE G 241 -9.80 43.56 -47.32
CA ILE G 241 -10.95 44.23 -47.91
C ILE G 241 -10.79 44.14 -49.41
N THR G 242 -11.80 43.61 -50.09
CA THR G 242 -11.75 43.36 -51.52
C THR G 242 -12.90 44.07 -52.22
N TYR G 243 -12.64 44.56 -53.42
CA TYR G 243 -13.62 45.23 -54.26
C TYR G 243 -13.81 44.40 -55.53
N HIS G 244 -15.05 44.07 -55.83
CA HIS G 244 -15.41 43.27 -57.00
C HIS G 244 -16.40 44.02 -57.87
N ASN G 245 -16.02 44.25 -59.13
CA ASN G 245 -16.95 44.73 -60.13
C ASN G 245 -16.41 44.35 -61.50
N GLY G 246 -17.30 43.89 -62.38
CA GLY G 246 -16.91 43.42 -63.69
C GLY G 246 -15.78 42.42 -63.51
N ASP G 247 -14.65 42.67 -64.16
CA ASP G 247 -13.43 41.89 -63.98
C ASP G 247 -12.53 42.48 -62.90
N LYS G 248 -12.81 43.70 -62.44
CA LYS G 248 -11.92 44.39 -61.52
C LYS G 248 -11.89 43.66 -60.18
N TYR G 249 -10.68 43.49 -59.64
CA TYR G 249 -10.47 42.89 -58.32
C TYR G 249 -9.39 43.74 -57.67
N LEU G 250 -9.71 44.33 -56.52
CA LEU G 250 -8.77 45.10 -55.73
C LEU G 250 -8.77 44.47 -54.35
N ALA G 251 -7.59 44.38 -53.75
CA ALA G 251 -7.43 43.70 -52.47
C ALA G 251 -6.37 44.44 -51.68
N ILE G 252 -6.80 45.15 -50.65
CA ILE G 252 -5.91 45.76 -49.66
C ILE G 252 -6.09 44.98 -48.37
N ALA G 253 -4.98 44.65 -47.73
CA ALA G 253 -4.97 43.82 -46.52
C ALA G 253 -4.09 44.46 -45.47
N PRO G 254 -4.52 45.60 -44.91
CA PRO G 254 -3.68 46.31 -43.92
C PRO G 254 -3.62 45.56 -42.62
N PRO G 255 -2.43 45.49 -41.99
CA PRO G 255 -2.30 44.66 -40.78
C PRO G 255 -3.15 45.15 -39.61
N ILE G 256 -3.61 46.39 -39.65
CA ILE G 256 -4.26 46.98 -38.48
C ILE G 256 -5.66 46.40 -38.27
N ILE G 257 -6.38 46.09 -39.34
CA ILE G 257 -7.73 45.58 -39.17
C ILE G 257 -7.70 44.15 -38.64
N LYS G 258 -6.62 43.41 -38.87
CA LYS G 258 -6.47 42.05 -38.36
C LYS G 258 -6.55 41.98 -36.84
N GLN G 259 -6.27 43.08 -36.14
CA GLN G 259 -6.23 43.05 -34.68
C GLN G 259 -7.61 42.79 -34.09
N SER G 260 -8.66 43.35 -34.71
CA SER G 260 -10.02 43.23 -34.20
C SER G 260 -11.00 43.16 -35.37
N THR G 261 -11.98 42.26 -35.24
CA THR G 261 -12.97 42.03 -36.29
C THR G 261 -13.80 43.28 -36.56
N ILE G 262 -13.99 43.59 -37.86
CA ILE G 262 -14.84 44.70 -38.28
C ILE G 262 -16.29 44.22 -38.34
N VAL G 263 -17.20 44.93 -37.67
CA VAL G 263 -18.56 44.45 -37.51
C VAL G 263 -19.61 45.35 -38.15
N CYS G 264 -19.34 46.63 -38.41
CA CYS G 264 -20.36 47.51 -38.99
C CYS G 264 -19.71 48.44 -40.00
N HIS G 265 -20.54 48.95 -40.90
CA HIS G 265 -20.09 49.81 -41.99
C HIS G 265 -21.18 50.80 -42.35
N ASN G 266 -20.77 52.00 -42.78
CA ASN G 266 -21.72 53.00 -43.22
C ASN G 266 -21.08 53.87 -44.30
N ARG G 267 -21.89 54.30 -45.26
CA ARG G 267 -21.43 55.13 -46.38
C ARG G 267 -21.46 56.60 -45.94
N VAL G 268 -20.36 57.32 -46.18
CA VAL G 268 -20.30 58.74 -45.85
C VAL G 268 -20.67 59.56 -47.07
N ASP G 269 -19.90 59.41 -48.16
CA ASP G 269 -20.12 60.21 -49.35
C ASP G 269 -21.08 59.51 -50.29
N PRO G 270 -22.23 60.12 -50.63
CA PRO G 270 -23.14 59.49 -51.60
C PRO G 270 -22.44 59.04 -52.87
N ASN G 271 -21.34 59.66 -53.26
CA ASN G 271 -20.64 59.23 -54.46
C ASN G 271 -19.84 57.97 -54.21
N GLY G 272 -19.83 57.48 -52.98
CA GLY G 272 -19.19 56.22 -52.65
C GLY G 272 -17.72 56.29 -52.36
N SER G 273 -17.14 57.49 -52.34
CA SER G 273 -15.70 57.62 -52.15
C SER G 273 -15.27 57.22 -50.75
N ARG G 274 -16.11 57.48 -49.73
CA ARG G 274 -15.70 57.28 -48.35
C ARG G 274 -16.74 56.48 -47.57
N TYR G 275 -16.25 55.54 -46.76
CA TYR G 275 -17.09 54.72 -45.89
C TYR G 275 -16.48 54.70 -44.48
N LEU G 276 -17.32 54.46 -43.47
CA LEU G 276 -16.87 54.30 -42.09
C LEU G 276 -16.92 52.82 -41.72
N LEU G 277 -15.94 52.38 -40.91
CA LEU G 277 -15.87 50.99 -40.45
C LEU G 277 -15.69 50.95 -38.94
N GLY G 278 -16.32 49.96 -38.30
CA GLY G 278 -16.22 49.81 -36.86
C GLY G 278 -15.83 48.39 -36.47
N ASP G 279 -15.10 48.28 -35.36
CA ASP G 279 -14.58 46.97 -34.92
C ASP G 279 -14.97 46.68 -33.47
N MET G 280 -14.67 45.44 -33.05
CA MET G 280 -15.06 44.96 -31.74
C MET G 280 -14.26 45.58 -30.60
N GLU G 281 -13.07 46.13 -30.87
CA GLU G 281 -12.31 46.85 -29.86
C GLU G 281 -12.66 48.34 -29.79
N GLY G 282 -13.70 48.78 -30.49
CA GLY G 282 -14.16 50.14 -30.42
C GLY G 282 -13.50 51.13 -31.35
N ARG G 283 -12.67 50.65 -32.27
CA ARG G 283 -11.94 51.53 -33.18
C ARG G 283 -12.78 51.92 -34.39
N LEU G 284 -12.62 53.15 -34.85
CA LEU G 284 -13.34 53.68 -36.00
C LEU G 284 -12.36 53.98 -37.13
N PHE G 285 -12.62 53.41 -38.31
CA PHE G 285 -11.77 53.59 -39.48
C PHE G 285 -12.54 54.32 -40.57
N MET G 286 -11.79 54.92 -41.49
CA MET G 286 -12.32 55.48 -42.73
C MET G 286 -11.80 54.63 -43.89
N LEU G 287 -12.71 54.12 -44.71
CA LEU G 287 -12.37 53.38 -45.91
C LEU G 287 -12.48 54.33 -47.11
N LEU G 288 -11.38 54.56 -47.79
CA LEU G 288 -11.32 55.52 -48.88
C LEU G 288 -11.21 54.79 -50.22
N LEU G 289 -12.04 55.22 -51.16
CA LEU G 289 -12.03 54.71 -52.52
C LEU G 289 -11.34 55.74 -53.41
N GLU G 290 -10.11 55.42 -53.85
CA GLU G 290 -9.36 56.34 -54.69
C GLU G 290 -9.91 56.29 -56.11
N LYS G 291 -10.24 57.46 -56.66
CA LYS G 291 -10.91 57.53 -57.95
C LYS G 291 -9.88 57.86 -59.03
N GLU G 292 -10.06 57.27 -60.20
CA GLU G 292 -9.29 57.65 -61.38
C GLU G 292 -10.25 57.74 -62.56
N GLU G 293 -10.34 58.92 -63.18
CA GLU G 293 -11.10 59.12 -64.40
C GLU G 293 -10.24 59.97 -65.32
N GLN G 294 -9.97 59.48 -66.53
CA GLN G 294 -9.10 60.16 -67.46
C GLN G 294 -9.90 60.98 -68.47
N MET G 295 -10.43 62.11 -68.04
CA MET G 295 -11.05 63.10 -68.92
C MET G 295 -12.43 62.72 -69.43
N ASP G 296 -13.17 61.83 -68.77
CA ASP G 296 -14.50 61.43 -69.23
C ASP G 296 -15.29 60.95 -68.03
N GLY G 297 -16.50 60.45 -68.29
CA GLY G 297 -17.35 60.03 -67.19
C GLY G 297 -16.99 58.68 -66.62
N THR G 298 -16.20 57.89 -67.34
CA THR G 298 -15.85 56.56 -66.86
C THR G 298 -14.92 56.70 -65.66
N VAL G 299 -15.26 56.02 -64.56
CA VAL G 299 -14.47 56.02 -63.33
C VAL G 299 -13.94 54.61 -63.07
N THR G 300 -12.64 54.50 -62.87
CA THR G 300 -11.98 53.26 -62.50
C THR G 300 -11.36 53.48 -61.13
N LEU G 301 -11.37 52.45 -60.30
CA LEU G 301 -10.93 52.58 -58.91
C LEU G 301 -9.43 52.34 -58.87
N LYS G 302 -8.66 53.37 -58.51
CA LYS G 302 -7.21 53.25 -58.54
C LYS G 302 -6.74 52.37 -57.38
N ASP G 303 -7.24 52.61 -56.18
CA ASP G 303 -6.84 51.80 -55.02
C ASP G 303 -7.78 52.10 -53.85
N LEU G 304 -7.67 51.27 -52.82
CA LEU G 304 -8.41 51.43 -51.58
C LEU G 304 -7.47 51.76 -50.43
N ARG G 305 -7.98 52.53 -49.46
CA ARG G 305 -7.18 52.91 -48.30
C ARG G 305 -8.02 52.83 -47.05
N VAL G 306 -7.36 52.45 -45.94
CA VAL G 306 -8.00 52.37 -44.63
C VAL G 306 -7.22 53.25 -43.68
N GLU G 307 -7.93 54.10 -42.94
CA GLU G 307 -7.31 55.03 -42.00
C GLU G 307 -8.03 55.00 -40.67
N LEU G 308 -7.26 54.86 -39.60
CA LEU G 308 -7.80 54.85 -38.26
C LEU G 308 -8.11 56.28 -37.82
N LEU G 309 -9.35 56.51 -37.39
CA LEU G 309 -9.75 57.82 -36.91
C LEU G 309 -9.62 57.92 -35.39
N GLY G 310 -10.04 56.89 -34.66
CA GLY G 310 -10.02 56.94 -33.19
C GLY G 310 -10.86 55.79 -32.63
N GLU G 311 -11.50 56.09 -31.49
CA GLU G 311 -12.30 55.13 -30.76
C GLU G 311 -13.69 55.67 -30.49
N THR G 312 -14.69 54.78 -30.56
CA THR G 312 -16.05 55.11 -30.13
C THR G 312 -16.46 54.05 -29.11
N SER G 313 -17.72 54.08 -28.64
CA SER G 313 -18.21 52.94 -27.90
C SER G 313 -18.42 51.79 -28.87
N ILE G 314 -18.20 50.56 -28.40
CA ILE G 314 -18.29 49.39 -29.27
C ILE G 314 -19.62 49.48 -30.01
N ALA G 315 -19.54 49.64 -31.34
CA ALA G 315 -20.67 50.03 -32.15
C ALA G 315 -21.35 48.82 -32.78
N GLU G 316 -22.67 48.71 -32.58
CA GLU G 316 -23.45 47.75 -33.36
C GLU G 316 -23.65 48.25 -34.78
N CYS G 317 -23.98 49.54 -34.93
CA CYS G 317 -24.17 50.16 -36.24
C CYS G 317 -23.68 51.60 -36.20
N LEU G 318 -23.25 52.08 -37.37
CA LEU G 318 -22.80 53.44 -37.57
C LEU G 318 -23.74 54.13 -38.55
N THR G 319 -23.95 55.43 -38.37
CA THR G 319 -24.66 56.20 -39.40
C THR G 319 -24.12 57.62 -39.34
N TYR G 320 -23.79 58.19 -40.50
CA TYR G 320 -23.21 59.51 -40.60
C TYR G 320 -24.31 60.55 -40.84
N LEU G 321 -24.45 61.48 -39.90
CA LEU G 321 -25.32 62.63 -40.03
C LEU G 321 -24.49 63.75 -40.68
N ASP G 322 -25.17 64.71 -41.28
CA ASP G 322 -24.41 65.74 -41.99
C ASP G 322 -23.69 66.64 -40.99
N ASN G 323 -22.70 67.38 -41.48
CA ASN G 323 -21.88 68.33 -40.71
C ASN G 323 -20.74 67.62 -39.98
N GLY G 324 -20.46 66.36 -40.28
CA GLY G 324 -19.37 65.66 -39.64
C GLY G 324 -19.71 64.98 -38.34
N VAL G 325 -20.99 64.83 -38.03
CA VAL G 325 -21.45 64.21 -36.80
C VAL G 325 -21.87 62.79 -37.14
N VAL G 326 -21.38 61.82 -36.37
CA VAL G 326 -21.66 60.41 -36.61
C VAL G 326 -22.37 59.83 -35.39
N PHE G 327 -23.53 59.23 -35.63
CA PHE G 327 -24.26 58.56 -34.56
C PHE G 327 -23.75 57.14 -34.43
N VAL G 328 -23.29 56.78 -33.24
CA VAL G 328 -22.74 55.47 -32.95
C VAL G 328 -23.78 54.69 -32.15
N GLY G 329 -24.35 53.66 -32.78
CA GLY G 329 -25.34 52.85 -32.10
C GLY G 329 -24.67 51.63 -31.50
N SER G 330 -24.73 51.53 -30.17
CA SER G 330 -24.00 50.51 -29.43
C SER G 330 -24.99 49.63 -28.68
N ARG G 331 -24.80 48.31 -28.79
CA ARG G 331 -25.56 47.35 -28.03
C ARG G 331 -24.87 46.97 -26.73
N LEU G 332 -23.55 47.10 -26.67
CA LEU G 332 -22.81 46.70 -25.48
C LEU G 332 -22.51 47.84 -24.53
N GLY G 333 -22.55 49.08 -25.00
CA GLY G 333 -22.18 50.21 -24.18
C GLY G 333 -22.97 51.44 -24.53
N ASP G 334 -22.62 52.59 -23.95
CA ASP G 334 -23.39 53.80 -24.19
C ASP G 334 -23.30 54.20 -25.66
N SER G 335 -24.45 54.54 -26.25
CA SER G 335 -24.49 55.07 -27.60
C SER G 335 -24.12 56.55 -27.57
N GLN G 336 -23.74 57.08 -28.74
CA GLN G 336 -23.21 58.43 -28.74
C GLN G 336 -23.33 59.10 -30.11
N LEU G 337 -23.23 60.42 -30.06
CA LEU G 337 -22.91 61.25 -31.22
C LEU G 337 -21.46 61.72 -31.09
N VAL G 338 -20.69 61.58 -32.16
CA VAL G 338 -19.30 62.00 -32.15
C VAL G 338 -19.06 63.00 -33.28
N LYS G 339 -18.00 63.80 -33.10
CA LYS G 339 -17.58 64.79 -34.09
C LYS G 339 -16.36 64.21 -34.80
N LEU G 340 -16.43 64.13 -36.12
CA LEU G 340 -15.28 63.71 -36.93
C LEU G 340 -14.58 64.98 -37.41
N ASN G 341 -13.34 65.16 -36.95
CA ASN G 341 -12.58 66.34 -37.27
C ASN G 341 -11.51 66.07 -38.33
N VAL G 342 -11.21 67.13 -39.09
CA VAL G 342 -10.10 67.10 -40.02
C VAL G 342 -8.80 67.16 -39.23
N ASP G 343 -8.83 67.85 -38.08
CA ASP G 343 -7.67 68.00 -37.22
C ASP G 343 -7.63 66.91 -36.15
N SER G 344 -6.44 66.36 -35.92
CA SER G 344 -6.21 65.42 -34.84
C SER G 344 -6.06 66.16 -33.52
N ASN G 345 -6.38 65.47 -32.42
CA ASN G 345 -6.24 66.07 -31.11
C ASN G 345 -4.86 65.75 -30.50
N GLU G 346 -4.72 66.07 -29.21
CA GLU G 346 -3.44 65.95 -28.53
C GLU G 346 -2.97 64.50 -28.41
N GLN G 347 -3.88 63.54 -28.56
CA GLN G 347 -3.55 62.13 -28.53
C GLN G 347 -3.39 61.51 -29.91
N GLY G 348 -3.67 62.27 -30.97
CA GLY G 348 -3.66 61.74 -32.32
C GLY G 348 -4.99 61.29 -32.89
N SER G 349 -6.09 61.51 -32.18
CA SER G 349 -7.41 61.06 -32.60
C SER G 349 -8.15 62.15 -33.34
N TYR G 350 -8.96 61.73 -34.33
CA TYR G 350 -9.84 62.63 -35.06
C TYR G 350 -11.29 62.57 -34.57
N VAL G 351 -11.56 61.86 -33.47
CA VAL G 351 -12.92 61.60 -32.99
C VAL G 351 -13.11 62.26 -31.64
N VAL G 352 -14.19 63.03 -31.50
CA VAL G 352 -14.52 63.73 -30.26
C VAL G 352 -15.98 63.51 -29.92
N ALA G 353 -16.24 63.08 -28.68
CA ALA G 353 -17.61 62.84 -28.25
C ALA G 353 -18.37 64.16 -28.10
N MET G 354 -19.60 64.19 -28.62
CA MET G 354 -20.51 65.31 -28.40
C MET G 354 -21.50 64.98 -27.28
N GLU G 355 -22.27 63.91 -27.47
CA GLU G 355 -23.29 63.50 -26.52
C GLU G 355 -23.10 62.04 -26.19
N THR G 356 -23.57 61.66 -25.00
CA THR G 356 -23.53 60.27 -24.56
C THR G 356 -24.94 59.88 -24.14
N PHE G 357 -25.46 58.83 -24.76
CA PHE G 357 -26.80 58.35 -24.49
C PHE G 357 -26.72 57.12 -23.60
N THR G 358 -27.32 57.19 -22.42
CA THR G 358 -27.20 56.09 -21.48
C THR G 358 -27.69 54.82 -22.16
N ASN G 359 -26.86 53.78 -22.12
CA ASN G 359 -27.24 52.45 -22.55
C ASN G 359 -26.98 51.55 -21.37
N LEU G 360 -28.05 51.02 -20.76
CA LEU G 360 -27.84 50.05 -19.69
C LEU G 360 -27.12 48.81 -20.20
N GLY G 361 -27.16 48.58 -21.51
CA GLY G 361 -26.38 47.54 -22.14
C GLY G 361 -26.76 46.18 -21.61
N PRO G 362 -25.95 45.17 -21.94
CA PRO G 362 -26.21 43.83 -21.39
C PRO G 362 -26.16 43.88 -19.87
N ILE G 363 -27.27 43.49 -19.24
CA ILE G 363 -27.34 43.44 -17.78
C ILE G 363 -27.03 42.00 -17.39
N VAL G 364 -25.77 41.74 -17.03
CA VAL G 364 -25.39 40.38 -16.68
C VAL G 364 -25.92 39.99 -15.31
N ASP G 365 -26.00 40.95 -14.38
CA ASP G 365 -26.52 40.69 -13.04
C ASP G 365 -26.95 42.01 -12.41
N MET G 366 -27.72 41.91 -11.32
CA MET G 366 -28.12 43.10 -10.58
C MET G 366 -28.54 42.73 -9.16
N CYS G 367 -28.42 43.70 -8.25
CA CYS G 367 -28.88 43.55 -6.87
C CYS G 367 -29.53 44.84 -6.39
N VAL G 368 -30.51 44.70 -5.50
CA VAL G 368 -31.24 45.82 -4.91
C VAL G 368 -30.71 46.08 -3.50
N VAL G 369 -30.34 47.32 -3.22
CA VAL G 369 -29.85 47.73 -1.90
C VAL G 369 -30.49 49.07 -1.56
N ASP G 370 -30.98 49.20 -0.33
CA ASP G 370 -31.54 50.46 0.17
C ASP G 370 -30.47 51.12 1.04
N LEU G 371 -29.65 51.96 0.42
CA LEU G 371 -28.55 52.60 1.13
C LEU G 371 -29.04 53.70 2.07
N GLU G 372 -30.09 54.41 1.67
CA GLU G 372 -30.58 55.50 2.49
C GLU G 372 -31.36 55.03 3.70
N ARG G 373 -31.70 53.75 3.78
CA ARG G 373 -32.59 53.22 4.80
C ARG G 373 -33.96 53.88 4.71
N GLN G 374 -34.16 54.68 3.65
CA GLN G 374 -35.41 55.37 3.36
C GLN G 374 -36.52 54.44 2.90
N GLY G 375 -36.20 53.22 2.52
CA GLY G 375 -37.20 52.31 2.03
C GLY G 375 -37.38 52.32 0.53
N GLN G 376 -36.84 53.32 -0.16
CA GLN G 376 -37.00 53.42 -1.60
C GLN G 376 -36.32 52.25 -2.31
N GLY G 377 -35.07 51.98 -1.97
CA GLY G 377 -34.27 50.95 -2.60
C GLY G 377 -33.68 51.40 -3.92
N GLN G 378 -32.42 51.04 -4.17
CA GLN G 378 -31.72 51.39 -5.39
C GLN G 378 -31.29 50.10 -6.08
N LEU G 379 -31.16 50.14 -7.41
CA LEU G 379 -30.82 48.98 -8.21
C LEU G 379 -29.40 49.13 -8.75
N VAL G 380 -28.51 48.24 -8.34
CA VAL G 380 -27.12 48.23 -8.78
C VAL G 380 -26.92 47.09 -9.77
N THR G 381 -26.59 47.44 -11.01
CA THR G 381 -26.51 46.47 -12.10
C THR G 381 -25.06 46.30 -12.56
N CYS G 382 -24.70 45.05 -12.87
CA CYS G 382 -23.48 44.77 -13.64
C CYS G 382 -23.82 44.90 -15.13
N SER G 383 -23.35 45.95 -15.78
CA SER G 383 -23.80 46.25 -17.14
C SER G 383 -22.64 46.49 -18.08
N GLY G 384 -22.87 46.13 -19.34
CA GLY G 384 -21.90 46.35 -20.39
C GLY G 384 -20.90 45.22 -20.43
N ALA G 385 -20.01 45.31 -21.42
CA ALA G 385 -18.97 44.31 -21.60
C ALA G 385 -17.72 44.97 -22.14
N PHE G 386 -16.58 44.30 -21.96
CA PHE G 386 -15.29 44.71 -22.51
C PHE G 386 -15.02 46.15 -22.08
N LYS G 387 -14.63 47.04 -22.99
CA LYS G 387 -14.24 48.40 -22.60
C LYS G 387 -15.39 49.25 -22.11
N GLU G 388 -16.62 48.89 -22.43
CA GLU G 388 -17.80 49.63 -21.99
C GLU G 388 -18.34 49.12 -20.68
N GLY G 389 -17.68 48.17 -20.05
CA GLY G 389 -18.19 47.62 -18.81
C GLY G 389 -18.39 48.71 -17.77
N SER G 390 -19.48 48.61 -17.04
CA SER G 390 -19.88 49.64 -16.09
C SER G 390 -20.76 49.01 -15.03
N LEU G 391 -20.85 49.71 -13.89
CA LEU G 391 -21.89 49.48 -12.89
C LEU G 391 -22.84 50.67 -12.96
N ARG G 392 -24.14 50.42 -12.86
CA ARG G 392 -25.15 51.47 -12.99
C ARG G 392 -26.04 51.47 -11.75
N ILE G 393 -26.17 52.65 -11.13
CA ILE G 393 -26.97 52.82 -9.93
C ILE G 393 -28.28 53.50 -10.34
N ILE G 394 -29.41 52.83 -10.10
CA ILE G 394 -30.71 53.27 -10.61
C ILE G 394 -31.68 53.45 -9.44
N ARG G 395 -32.31 54.63 -9.37
CA ARG G 395 -33.27 54.95 -8.33
C ARG G 395 -34.36 55.86 -8.91
N ASN G 396 -35.59 55.71 -8.40
CA ASN G 396 -36.68 56.56 -8.87
C ASN G 396 -36.55 57.99 -8.36
N GLY G 397 -36.98 58.95 -9.19
CA GLY G 397 -36.90 60.35 -8.86
C GLY G 397 -38.19 60.89 -8.28
N ILE G 398 -38.26 60.97 -6.95
CA ILE G 398 -39.48 61.36 -6.27
C ILE G 398 -39.68 62.86 -6.41
N LYS G 409 -39.26 59.87 -14.09
CA LYS G 409 -38.09 59.26 -14.71
C LYS G 409 -37.12 58.70 -13.67
N LEU G 410 -36.15 57.93 -14.17
CA LEU G 410 -35.12 57.32 -13.34
C LEU G 410 -33.81 58.12 -13.32
N HIS G 411 -33.19 58.17 -12.15
CA HIS G 411 -31.87 58.75 -12.00
C HIS G 411 -30.83 57.64 -12.05
N ILE G 412 -29.86 57.76 -12.96
CA ILE G 412 -28.92 56.68 -13.24
C ILE G 412 -27.51 57.23 -13.08
N ARG G 413 -26.76 56.68 -12.12
CA ARG G 413 -25.34 56.99 -11.95
C ARG G 413 -24.52 55.89 -12.62
N THR G 414 -23.45 56.29 -13.30
CA THR G 414 -22.62 55.38 -14.06
C THR G 414 -21.24 55.26 -13.42
N VAL G 415 -20.78 54.02 -13.23
CA VAL G 415 -19.47 53.75 -12.63
C VAL G 415 -18.68 52.91 -13.63
N PRO G 416 -17.84 53.53 -14.47
CA PRO G 416 -17.11 52.74 -15.47
C PRO G 416 -16.11 51.77 -14.87
N LEU G 417 -16.02 50.60 -15.49
CA LEU G 417 -15.04 49.59 -15.11
C LEU G 417 -13.98 49.35 -16.18
N TYR G 418 -14.29 49.62 -17.44
CA TYR G 418 -13.37 49.38 -18.55
C TYR G 418 -12.99 47.91 -18.67
N GLU G 419 -13.70 47.05 -17.96
CA GLU G 419 -13.59 45.60 -18.11
C GLU G 419 -14.99 45.02 -17.87
N SER G 420 -15.13 43.76 -18.21
CA SER G 420 -16.44 43.13 -18.21
C SER G 420 -16.87 42.81 -16.78
N PRO G 421 -18.04 43.27 -16.34
CA PRO G 421 -18.61 42.82 -15.06
C PRO G 421 -19.41 41.55 -15.24
N ARG G 422 -19.43 40.72 -14.20
CA ARG G 422 -20.12 39.44 -14.33
C ARG G 422 -21.17 39.21 -13.24
N LYS G 423 -20.81 39.42 -11.98
CA LYS G 423 -21.72 39.20 -10.87
C LYS G 423 -21.48 40.27 -9.81
N ILE G 424 -22.53 40.63 -9.08
CA ILE G 424 -22.44 41.63 -8.02
C ILE G 424 -23.20 41.13 -6.79
N CYS G 425 -22.63 41.38 -5.62
CA CYS G 425 -23.26 41.03 -4.36
C CYS G 425 -22.90 42.11 -3.37
N TYR G 426 -23.87 42.51 -2.55
CA TYR G 426 -23.70 43.58 -1.58
C TYR G 426 -23.46 42.97 -0.20
N GLN G 427 -22.46 43.49 0.49
CA GLN G 427 -22.11 43.05 1.85
C GLN G 427 -22.19 44.30 2.72
N GLU G 428 -23.28 44.43 3.48
CA GLU G 428 -23.44 45.63 4.28
C GLU G 428 -22.32 45.76 5.31
N VAL G 429 -21.92 44.63 5.90
CA VAL G 429 -20.96 44.67 7.01
C VAL G 429 -19.72 45.47 6.65
N SER G 430 -19.25 45.38 5.42
CA SER G 430 -18.11 46.16 4.97
C SER G 430 -18.52 47.38 4.19
N GLN G 431 -19.83 47.64 4.07
CA GLN G 431 -20.32 48.82 3.36
C GLN G 431 -19.69 48.90 1.97
N CYS G 432 -19.60 47.76 1.32
CA CYS G 432 -18.98 47.67 0.01
C CYS G 432 -19.76 46.66 -0.82
N PHE G 433 -19.73 46.85 -2.13
CA PHE G 433 -20.28 45.88 -3.08
C PHE G 433 -19.11 45.00 -3.51
N GLY G 434 -19.40 43.73 -3.77
CA GLY G 434 -18.47 42.83 -4.42
C GLY G 434 -18.93 42.53 -5.84
N VAL G 435 -18.00 42.67 -6.79
CA VAL G 435 -18.28 42.46 -8.21
C VAL G 435 -17.20 41.57 -8.81
N LEU G 436 -17.64 40.59 -9.61
CA LEU G 436 -16.76 39.74 -10.41
C LEU G 436 -16.57 40.32 -11.80
N SER G 437 -15.34 40.20 -12.33
CA SER G 437 -15.03 40.82 -13.62
C SER G 437 -14.02 39.98 -14.39
N SER G 438 -13.96 40.26 -15.71
CA SER G 438 -12.99 39.63 -16.61
C SER G 438 -12.42 40.69 -17.54
N ARG G 439 -11.12 40.57 -17.84
CA ARG G 439 -10.46 41.45 -18.79
C ARG G 439 -9.74 40.59 -19.81
N ILE G 440 -9.65 41.10 -21.04
CA ILE G 440 -9.04 40.37 -22.15
C ILE G 440 -7.60 40.85 -22.25
N GLU G 441 -6.67 39.94 -22.00
CA GLU G 441 -5.25 40.14 -22.27
C GLU G 441 -4.87 39.24 -23.43
N VAL G 442 -3.75 39.54 -24.07
CA VAL G 442 -3.33 38.82 -25.27
C VAL G 442 -1.94 38.24 -25.07
N GLN G 443 -1.76 37.02 -25.55
CA GLN G 443 -0.49 36.32 -25.47
C GLN G 443 0.57 37.13 -26.20
N ASP G 444 1.63 37.50 -25.49
CA ASP G 444 2.64 38.37 -26.09
C ASP G 444 3.96 37.64 -26.22
N THR G 445 4.93 38.35 -26.80
CA THR G 445 6.22 37.77 -27.17
C THR G 445 7.07 37.40 -25.97
N SER G 446 6.70 37.84 -24.77
CA SER G 446 7.44 37.44 -23.58
C SER G 446 7.08 36.05 -23.10
N GLY G 447 6.05 35.43 -23.68
CA GLY G 447 5.48 34.23 -23.12
C GLY G 447 4.34 34.48 -22.17
N GLY G 448 4.29 35.66 -21.56
CA GLY G 448 3.18 36.06 -20.74
C GLY G 448 2.10 36.70 -21.57
N THR G 449 1.28 37.55 -20.93
CA THR G 449 0.20 38.22 -21.61
C THR G 449 0.24 39.70 -21.29
N THR G 450 -0.44 40.48 -22.12
CA THR G 450 -0.45 41.93 -21.99
C THR G 450 -1.88 42.43 -22.09
N ALA G 451 -2.26 43.29 -21.15
CA ALA G 451 -3.59 43.88 -21.17
C ALA G 451 -3.62 45.00 -22.21
N LEU G 452 -4.73 45.09 -22.93
CA LEU G 452 -4.88 46.06 -24.00
C LEU G 452 -5.08 47.48 -23.49
N ARG G 453 -5.56 47.63 -22.25
CA ARG G 453 -5.86 48.92 -21.64
C ARG G 453 -5.96 48.68 -20.14
N PRO G 454 -5.71 49.69 -19.32
CA PRO G 454 -5.93 49.51 -17.87
C PRO G 454 -7.40 49.46 -17.53
N SER G 455 -7.72 48.74 -16.45
CA SER G 455 -9.11 48.61 -16.02
C SER G 455 -9.13 48.35 -14.53
N ALA G 456 -10.34 48.21 -13.99
CA ALA G 456 -10.54 48.16 -12.54
C ALA G 456 -9.60 47.16 -11.88
N SER G 457 -9.36 46.01 -12.51
CA SER G 457 -8.53 45.00 -11.88
C SER G 457 -7.07 45.41 -11.80
N THR G 458 -6.65 46.36 -12.63
CA THR G 458 -5.29 46.88 -12.59
C THR G 458 -5.18 48.18 -11.80
N GLN G 459 -6.29 48.85 -11.52
CA GLN G 459 -6.29 50.16 -10.87
C GLN G 459 -6.89 50.15 -9.47
N ALA G 460 -6.96 48.99 -8.83
CA ALA G 460 -7.42 48.93 -7.44
C ALA G 460 -6.42 49.63 -6.52
N LEU G 461 -6.93 50.16 -5.41
CA LEU G 461 -6.02 50.75 -4.43
C LEU G 461 -5.01 49.70 -3.95
N SER G 462 -5.48 48.54 -3.52
CA SER G 462 -4.66 47.39 -3.16
C SER G 462 -5.13 46.19 -3.99
N SER G 463 -4.22 45.26 -4.23
CA SER G 463 -4.55 44.12 -5.09
C SER G 463 -3.83 42.87 -4.61
N SER G 464 -4.38 41.71 -5.00
CA SER G 464 -3.81 40.41 -4.63
C SER G 464 -4.06 39.42 -5.76
N VAL G 465 -3.33 38.31 -5.71
CA VAL G 465 -3.41 37.24 -6.70
C VAL G 465 -3.49 35.91 -5.96
N SER G 466 -4.39 35.04 -6.39
CA SER G 466 -4.48 33.73 -5.76
C SER G 466 -3.15 33.01 -5.86
N SER G 467 -2.75 32.39 -4.75
CA SER G 467 -1.54 31.56 -4.72
C SER G 467 -1.89 30.10 -4.55
N SER G 468 -3.13 29.73 -4.88
CA SER G 468 -3.60 28.38 -4.67
C SER G 468 -2.78 27.37 -5.47
N LYS G 469 -2.42 26.28 -4.80
CA LYS G 469 -1.77 25.14 -5.43
C LYS G 469 -2.72 23.97 -5.56
N LEU G 470 -4.02 24.21 -5.39
CA LEU G 470 -5.00 23.13 -5.36
C LEU G 470 -4.91 22.27 -6.62
N PHE G 471 -4.85 22.89 -7.79
CA PHE G 471 -4.68 22.14 -9.02
C PHE G 471 -3.23 21.83 -9.30
N SER G 472 -2.32 22.43 -8.51
CA SER G 472 -0.91 22.08 -8.48
C SER G 472 -0.29 21.78 -9.82
N SER G 473 0.27 20.58 -9.98
CA SER G 473 0.94 20.31 -11.25
C SER G 473 -0.04 20.03 -12.37
N SER G 474 -1.20 19.48 -12.03
CA SER G 474 -2.25 19.19 -13.01
C SER G 474 -1.76 18.21 -14.07
N THR G 475 -0.50 18.35 -14.48
CA THR G 475 0.10 17.54 -15.54
C THR G 475 -0.78 17.55 -16.79
N ALA G 476 -1.15 18.75 -17.21
CA ALA G 476 -1.95 18.97 -18.42
C ALA G 476 -1.42 20.23 -19.07
N PRO G 477 -0.31 20.14 -19.79
CA PRO G 477 0.28 21.34 -20.38
C PRO G 477 -0.55 21.80 -21.57
N HIS G 478 -0.83 23.10 -21.62
CA HIS G 478 -1.59 23.69 -22.71
C HIS G 478 -0.76 24.67 -23.50
N GLU G 479 -0.79 24.51 -24.82
CA GLU G 479 0.02 25.33 -25.72
C GLU G 479 -0.56 26.74 -25.79
N THR G 480 0.33 27.73 -25.79
CA THR G 480 -0.06 29.13 -25.87
C THR G 480 0.58 29.71 -27.12
N SER G 481 -0.25 30.32 -27.97
CA SER G 481 0.21 30.90 -29.22
C SER G 481 0.06 32.41 -29.18
N PHE G 482 1.06 33.11 -29.73
CA PHE G 482 1.05 34.56 -29.76
C PHE G 482 -0.18 35.09 -30.47
N GLY G 483 -0.81 36.09 -29.89
CA GLY G 483 -1.97 36.73 -30.45
C GLY G 483 -3.28 36.21 -29.91
N GLU G 484 -3.26 35.04 -29.26
CA GLU G 484 -4.47 34.49 -28.70
C GLU G 484 -4.94 35.32 -27.52
N GLU G 485 -6.25 35.41 -27.35
CA GLU G 485 -6.84 36.12 -26.22
C GLU G 485 -7.01 35.15 -25.05
N VAL G 486 -6.93 35.70 -23.84
CA VAL G 486 -7.25 34.98 -22.61
C VAL G 486 -8.05 35.92 -21.73
N GLU G 487 -8.87 35.37 -20.86
CA GLU G 487 -9.61 36.16 -19.88
C GLU G 487 -8.93 36.03 -18.52
N VAL G 488 -8.79 37.14 -17.82
CA VAL G 488 -8.29 37.18 -16.46
C VAL G 488 -9.43 37.61 -15.55
N HIS G 489 -9.80 36.75 -14.61
CA HIS G 489 -10.97 36.97 -13.79
C HIS G 489 -10.56 37.45 -12.41
N ASN G 490 -11.32 38.40 -11.88
CA ASN G 490 -10.98 39.07 -10.63
C ASN G 490 -12.22 39.29 -9.78
N LEU G 491 -12.02 39.37 -8.47
CA LEU G 491 -13.05 39.85 -7.55
C LEU G 491 -12.71 41.28 -7.16
N LEU G 492 -13.63 42.20 -7.44
CA LEU G 492 -13.46 43.62 -7.15
C LEU G 492 -14.27 43.97 -5.92
N ILE G 493 -13.68 44.75 -5.03
CA ILE G 493 -14.39 45.30 -3.88
C ILE G 493 -14.59 46.80 -4.12
N ILE G 494 -15.84 47.23 -4.16
CA ILE G 494 -16.21 48.58 -4.55
C ILE G 494 -16.95 49.19 -3.38
N ASP G 495 -16.57 50.40 -2.98
CA ASP G 495 -17.21 51.05 -1.85
C ASP G 495 -18.61 51.55 -2.23
N GLN G 496 -19.52 51.55 -1.26
CA GLN G 496 -20.91 51.88 -1.58
C GLN G 496 -21.13 53.37 -1.80
N HIS G 497 -20.20 54.23 -1.40
CA HIS G 497 -20.32 55.66 -1.66
C HIS G 497 -19.30 56.15 -2.68
N THR G 498 -18.04 55.78 -2.52
CA THR G 498 -17.02 56.30 -3.42
C THR G 498 -17.03 55.57 -4.74
N PHE G 499 -17.48 54.31 -4.72
CA PHE G 499 -17.43 53.44 -5.90
C PHE G 499 -16.00 53.41 -6.45
N GLU G 500 -15.06 53.37 -5.52
CA GLU G 500 -13.65 53.20 -5.80
C GLU G 500 -13.31 51.73 -5.62
N VAL G 501 -12.44 51.21 -6.49
CA VAL G 501 -12.06 49.80 -6.40
C VAL G 501 -11.05 49.69 -5.26
N LEU G 502 -11.52 49.27 -4.08
CA LEU G 502 -10.65 49.23 -2.92
C LEU G 502 -9.66 48.07 -3.04
N HIS G 503 -10.12 46.93 -3.54
CA HIS G 503 -9.29 45.75 -3.63
C HIS G 503 -9.68 44.96 -4.88
N ALA G 504 -8.71 44.25 -5.44
CA ALA G 504 -8.90 43.36 -6.58
C ALA G 504 -8.11 42.09 -6.34
N HIS G 505 -8.76 40.94 -6.49
CA HIS G 505 -8.11 39.65 -6.39
C HIS G 505 -8.14 39.01 -7.76
N GLN G 506 -6.97 38.59 -8.26
CA GLN G 506 -6.87 37.96 -9.58
C GLN G 506 -6.91 36.46 -9.36
N PHE G 507 -7.86 35.78 -9.99
CA PHE G 507 -7.99 34.34 -9.80
C PHE G 507 -6.95 33.61 -10.65
N LEU G 508 -6.86 32.31 -10.45
CA LEU G 508 -5.79 31.54 -11.06
C LEU G 508 -5.80 31.62 -12.57
N GLN G 509 -4.64 31.34 -13.16
CA GLN G 509 -4.50 31.28 -14.62
C GLN G 509 -5.49 30.28 -15.19
N ASN G 510 -6.29 30.74 -16.16
CA ASN G 510 -7.32 29.96 -16.81
C ASN G 510 -8.49 29.63 -15.90
N GLU G 511 -8.65 30.35 -14.78
CA GLU G 511 -9.78 30.18 -13.90
C GLU G 511 -10.85 31.24 -14.16
N TYR G 512 -12.10 30.79 -14.30
CA TYR G 512 -13.24 31.67 -14.46
C TYR G 512 -14.06 31.74 -13.18
N ALA G 513 -14.40 32.96 -12.77
CA ALA G 513 -15.30 33.18 -11.63
C ALA G 513 -16.74 33.23 -12.14
N LEU G 514 -17.59 32.32 -11.65
CA LEU G 514 -18.95 32.18 -12.15
C LEU G 514 -20.01 32.62 -11.17
N SER G 515 -19.77 32.53 -9.87
CA SER G 515 -20.79 32.80 -8.87
C SER G 515 -20.18 33.46 -7.66
N LEU G 516 -20.93 34.40 -7.09
CA LEU G 516 -20.48 35.18 -5.95
C LEU G 516 -21.66 35.36 -5.01
N VAL G 517 -21.44 35.11 -3.72
CA VAL G 517 -22.45 35.35 -2.70
C VAL G 517 -21.76 36.01 -1.51
N SER G 518 -22.54 36.80 -0.77
CA SER G 518 -22.11 37.41 0.48
C SER G 518 -23.06 36.91 1.56
N CYS G 519 -22.52 36.20 2.55
CA CYS G 519 -23.37 35.61 3.56
C CYS G 519 -22.54 35.16 4.75
N LYS G 520 -23.24 34.91 5.86
CA LYS G 520 -22.67 34.26 7.03
C LYS G 520 -23.04 32.77 7.01
N LEU G 521 -22.13 31.94 7.52
CA LEU G 521 -22.35 30.50 7.52
C LEU G 521 -22.16 29.90 8.90
N GLY G 522 -22.92 28.84 9.17
CA GLY G 522 -22.82 28.12 10.42
C GLY G 522 -23.05 29.06 11.59
N LYS G 523 -22.21 28.93 12.62
CA LYS G 523 -22.21 29.85 13.74
C LYS G 523 -21.06 30.86 13.65
N ASP G 524 -20.45 30.99 12.47
CA ASP G 524 -19.32 31.89 12.31
C ASP G 524 -19.85 33.31 12.10
N PRO G 525 -19.54 34.25 13.00
CA PRO G 525 -20.15 35.59 12.89
C PRO G 525 -19.60 36.43 11.76
N ASN G 526 -18.46 36.08 11.19
CA ASN G 526 -17.88 36.92 10.16
C ASN G 526 -18.75 36.79 8.90
N THR G 527 -18.97 37.92 8.23
CA THR G 527 -19.71 37.90 6.98
C THR G 527 -18.67 37.73 5.87
N TYR G 528 -18.86 36.73 5.02
CA TYR G 528 -17.85 36.31 4.06
C TYR G 528 -18.30 36.56 2.63
N PHE G 529 -17.30 36.73 1.75
CA PHE G 529 -17.47 36.66 0.30
C PHE G 529 -17.06 35.27 -0.15
N ILE G 530 -17.97 34.56 -0.84
CA ILE G 530 -17.71 33.20 -1.31
C ILE G 530 -17.84 33.21 -2.83
N VAL G 531 -16.84 32.68 -3.52
CA VAL G 531 -16.81 32.71 -4.98
C VAL G 531 -16.79 31.29 -5.51
N GLY G 532 -17.52 31.05 -6.60
CA GLY G 532 -17.50 29.77 -7.30
C GLY G 532 -16.81 29.90 -8.65
N THR G 533 -15.89 28.97 -8.91
CA THR G 533 -15.01 29.06 -10.07
C THR G 533 -15.01 27.77 -10.87
N ALA G 534 -14.45 27.85 -12.09
CA ALA G 534 -14.28 26.72 -12.99
C ALA G 534 -12.93 26.85 -13.68
N MET G 535 -12.26 25.72 -13.92
CA MET G 535 -11.00 25.72 -14.68
C MET G 535 -11.32 25.49 -16.15
N VAL G 536 -11.04 26.49 -16.98
CA VAL G 536 -11.48 26.55 -18.37
C VAL G 536 -10.31 26.38 -19.33
N TYR G 537 -10.36 25.31 -20.13
CA TYR G 537 -9.44 25.05 -21.22
C TYR G 537 -10.21 24.79 -22.50
N PRO G 538 -9.79 25.35 -23.64
CA PRO G 538 -10.54 25.08 -24.88
C PRO G 538 -10.74 23.59 -25.12
N GLU G 539 -9.84 22.75 -24.59
CA GLU G 539 -9.90 21.32 -24.87
C GLU G 539 -11.11 20.66 -24.19
N GLU G 540 -11.46 21.09 -22.97
CA GLU G 540 -12.56 20.46 -22.25
C GLU G 540 -13.91 21.00 -22.71
N ALA G 541 -14.85 20.12 -23.08
CA ALA G 541 -16.18 20.59 -23.47
C ALA G 541 -16.92 21.16 -22.27
N GLU G 542 -16.94 20.42 -21.17
CA GLU G 542 -17.50 20.86 -19.90
C GLU G 542 -16.37 20.82 -18.89
N PRO G 543 -16.17 21.86 -18.09
CA PRO G 543 -15.01 21.87 -17.18
C PRO G 543 -15.10 20.76 -16.15
N LYS G 544 -13.93 20.22 -15.81
CA LYS G 544 -13.84 19.09 -14.91
C LYS G 544 -13.16 19.44 -13.59
N GLN G 545 -12.83 20.71 -13.36
CA GLN G 545 -12.20 21.14 -12.12
C GLN G 545 -12.80 22.48 -11.73
N GLY G 546 -12.79 22.78 -10.44
CA GLY G 546 -13.34 24.06 -10.00
C GLY G 546 -13.08 24.28 -8.53
N ARG G 547 -13.34 25.50 -8.09
CA ARG G 547 -13.11 25.89 -6.71
C ARG G 547 -14.31 26.65 -6.16
N ILE G 548 -14.56 26.44 -4.87
CA ILE G 548 -15.39 27.33 -4.07
C ILE G 548 -14.43 27.98 -3.09
N VAL G 549 -14.28 29.29 -3.16
CA VAL G 549 -13.29 30.00 -2.37
C VAL G 549 -14.01 31.01 -1.48
N VAL G 550 -13.73 30.93 -0.18
CA VAL G 550 -14.37 31.77 0.83
C VAL G 550 -13.38 32.85 1.22
N PHE G 551 -13.75 34.12 1.05
CA PHE G 551 -12.89 35.25 1.38
C PHE G 551 -13.52 36.10 2.49
N GLN G 552 -12.67 36.88 3.18
CA GLN G 552 -13.14 37.88 4.12
C GLN G 552 -12.49 39.24 3.83
N TYR G 553 -13.30 40.30 3.80
CA TYR G 553 -12.81 41.66 3.61
C TYR G 553 -12.62 42.35 4.96
N SER G 554 -11.37 42.64 5.30
CA SER G 554 -11.05 43.33 6.55
C SER G 554 -9.84 44.23 6.32
N ASP G 555 -9.94 45.47 6.79
CA ASP G 555 -8.83 46.43 6.71
C ASP G 555 -8.36 46.60 5.27
N GLY G 556 -9.30 46.71 4.34
CA GLY G 556 -8.94 46.96 2.96
C GLY G 556 -8.25 45.80 2.28
N LYS G 557 -8.32 44.60 2.86
CA LYS G 557 -7.67 43.40 2.35
C LYS G 557 -8.62 42.22 2.33
N LEU G 558 -8.45 41.36 1.33
CA LEU G 558 -9.21 40.12 1.19
C LEU G 558 -8.34 38.93 1.60
N GLN G 559 -8.81 38.14 2.56
CA GLN G 559 -8.08 36.99 3.07
C GLN G 559 -8.73 35.69 2.60
N THR G 560 -7.91 34.79 2.06
CA THR G 560 -8.40 33.47 1.63
C THR G 560 -8.65 32.64 2.88
N VAL G 561 -9.92 32.55 3.29
CA VAL G 561 -10.24 31.91 4.57
C VAL G 561 -10.24 30.40 4.41
N ALA G 562 -10.80 29.90 3.31
CA ALA G 562 -10.92 28.47 3.11
C ALA G 562 -11.08 28.24 1.60
N GLU G 563 -10.75 27.04 1.18
CA GLU G 563 -10.78 26.67 -0.23
C GLU G 563 -11.31 25.24 -0.36
N LYS G 564 -12.21 25.03 -1.32
CA LYS G 564 -12.80 23.72 -1.53
C LYS G 564 -12.70 23.34 -3.01
N GLU G 565 -12.12 22.18 -3.27
CA GLU G 565 -11.97 21.68 -4.63
C GLU G 565 -13.22 20.92 -5.05
N VAL G 566 -13.68 21.20 -6.28
CA VAL G 566 -14.81 20.51 -6.87
C VAL G 566 -14.42 20.00 -8.25
N LYS G 567 -15.16 18.99 -8.73
CA LYS G 567 -14.89 18.38 -10.03
C LYS G 567 -15.82 18.92 -11.10
N GLY G 568 -15.85 20.24 -11.27
CA GLY G 568 -16.74 20.83 -12.26
C GLY G 568 -16.79 22.33 -12.08
N ALA G 569 -17.75 22.93 -12.76
CA ALA G 569 -17.97 24.37 -12.70
C ALA G 569 -19.00 24.69 -11.64
N VAL G 570 -18.67 25.63 -10.75
CA VAL G 570 -19.62 26.07 -9.71
C VAL G 570 -20.45 27.17 -10.34
N TYR G 571 -21.49 26.76 -11.07
CA TYR G 571 -22.29 27.72 -11.84
C TYR G 571 -23.05 28.67 -10.93
N SER G 572 -23.62 28.17 -9.83
CA SER G 572 -24.41 29.04 -8.97
C SER G 572 -24.31 28.60 -7.50
N MET G 573 -24.26 29.58 -6.60
CA MET G 573 -24.26 29.34 -5.15
C MET G 573 -25.30 30.27 -4.54
N VAL G 574 -26.00 29.80 -3.51
CA VAL G 574 -27.00 30.59 -2.82
C VAL G 574 -26.98 30.19 -1.34
N GLU G 575 -27.28 31.15 -0.46
CA GLU G 575 -27.26 30.88 0.97
C GLU G 575 -28.45 30.02 1.37
N PHE G 576 -28.20 29.00 2.20
CA PHE G 576 -29.26 28.06 2.55
C PHE G 576 -29.19 27.79 4.06
N ASN G 577 -29.91 28.61 4.83
CA ASN G 577 -30.14 28.34 6.25
C ASN G 577 -28.83 28.04 6.96
N GLY G 578 -27.87 28.96 6.81
CA GLY G 578 -26.56 28.80 7.41
C GLY G 578 -25.64 27.84 6.69
N LYS G 579 -26.10 27.22 5.62
CA LYS G 579 -25.34 26.28 4.81
C LYS G 579 -25.19 26.85 3.40
N LEU G 580 -24.31 26.24 2.62
CA LEU G 580 -24.01 26.74 1.27
C LEU G 580 -24.56 25.77 0.24
N LEU G 581 -25.50 26.27 -0.57
CA LEU G 581 -26.04 25.50 -1.68
C LEU G 581 -25.27 25.91 -2.94
N ALA G 582 -24.67 24.95 -3.61
CA ALA G 582 -23.83 25.22 -4.78
C ALA G 582 -24.11 24.14 -5.82
N SER G 583 -24.03 24.54 -7.09
CA SER G 583 -24.35 23.66 -8.21
C SER G 583 -23.08 23.44 -9.02
N ILE G 584 -22.52 22.25 -8.92
CA ILE G 584 -21.29 21.89 -9.62
C ILE G 584 -21.69 21.00 -10.80
N ASN G 585 -21.68 21.57 -12.01
CA ASN G 585 -22.10 20.88 -13.22
C ASN G 585 -23.49 20.26 -13.05
N SER G 586 -23.57 18.93 -13.09
CA SER G 586 -24.86 18.25 -12.96
C SER G 586 -25.33 18.22 -11.51
N THR G 587 -24.40 18.19 -10.57
CA THR G 587 -24.71 18.03 -9.16
C THR G 587 -25.19 19.32 -8.52
N VAL G 588 -26.17 19.19 -7.62
CA VAL G 588 -26.59 20.24 -6.71
C VAL G 588 -26.17 19.80 -5.31
N ARG G 589 -25.35 20.60 -4.65
CA ARG G 589 -24.70 20.20 -3.40
C ARG G 589 -24.99 21.21 -2.30
N LEU G 590 -25.16 20.69 -1.09
CA LEU G 590 -25.32 21.50 0.12
C LEU G 590 -24.10 21.27 1.01
N TYR G 591 -23.40 22.35 1.33
CA TYR G 591 -22.22 22.31 2.18
C TYR G 591 -22.57 22.84 3.57
N GLU G 592 -21.85 22.37 4.58
CA GLU G 592 -21.95 22.88 5.94
C GLU G 592 -20.64 23.61 6.26
N TRP G 593 -20.73 24.65 7.08
CA TRP G 593 -19.56 25.44 7.47
C TRP G 593 -19.12 24.99 8.85
N THR G 594 -17.96 24.33 8.91
CA THR G 594 -17.54 23.71 10.15
C THR G 594 -16.95 24.74 11.12
N THR G 595 -16.78 24.27 12.36
CA THR G 595 -16.09 25.05 13.38
C THR G 595 -14.63 25.28 13.02
N GLU G 596 -14.10 24.47 12.10
CA GLU G 596 -12.74 24.58 11.60
C GLU G 596 -12.61 25.55 10.43
N LYS G 597 -13.69 26.26 10.08
CA LYS G 597 -13.68 27.24 8.99
C LYS G 597 -13.41 26.57 7.64
N GLU G 598 -13.98 25.39 7.44
CA GLU G 598 -13.93 24.70 6.14
C GLU G 598 -15.27 24.09 5.78
N LEU G 599 -15.51 24.00 4.47
CA LEU G 599 -16.77 23.47 3.96
C LEU G 599 -16.79 21.95 3.96
N ARG G 600 -17.93 21.38 4.39
CA ARG G 600 -18.14 19.94 4.44
C ARG G 600 -19.45 19.61 3.75
N THR G 601 -19.41 18.63 2.85
CA THR G 601 -20.57 18.26 2.06
C THR G 601 -21.57 17.50 2.92
N GLU G 602 -22.84 17.94 2.91
CA GLU G 602 -23.88 17.20 3.62
C GLU G 602 -24.63 16.22 2.70
N CYS G 603 -25.12 16.68 1.55
CA CYS G 603 -25.95 15.84 0.69
C CYS G 603 -25.93 16.37 -0.74
N ASN G 604 -26.33 15.51 -1.68
CA ASN G 604 -26.23 15.82 -3.11
C ASN G 604 -27.51 15.44 -3.88
N HIS G 605 -27.62 16.03 -5.09
CA HIS G 605 -28.63 15.69 -6.09
C HIS G 605 -27.98 15.70 -7.47
N TYR G 606 -28.23 14.66 -8.27
CA TYR G 606 -27.51 14.49 -9.53
C TYR G 606 -28.37 14.44 -10.79
N ASN G 607 -29.70 14.51 -10.69
CA ASN G 607 -30.54 14.39 -11.88
C ASN G 607 -30.72 15.75 -12.56
N ASN G 608 -29.61 16.30 -13.05
CA ASN G 608 -29.63 17.53 -13.84
C ASN G 608 -28.56 17.42 -14.91
N ILE G 609 -28.88 17.90 -16.12
CA ILE G 609 -27.86 18.00 -17.16
C ILE G 609 -26.85 19.10 -16.82
N MET G 610 -27.33 20.29 -16.50
CA MET G 610 -26.47 21.38 -16.04
C MET G 610 -27.26 22.24 -15.08
N ALA G 611 -26.80 22.35 -13.84
CA ALA G 611 -27.51 23.09 -12.79
C ALA G 611 -27.06 24.55 -12.83
N LEU G 612 -27.62 25.29 -13.79
CA LEU G 612 -27.14 26.63 -14.08
C LEU G 612 -27.61 27.66 -13.05
N TYR G 613 -28.84 27.51 -12.53
CA TYR G 613 -29.43 28.52 -11.66
C TYR G 613 -30.03 27.93 -10.39
N LEU G 614 -29.90 28.69 -9.29
CA LEU G 614 -30.45 28.28 -8.00
C LEU G 614 -31.13 29.46 -7.32
N LYS G 615 -32.29 29.18 -6.71
CA LYS G 615 -33.00 30.10 -5.83
C LYS G 615 -33.56 29.25 -4.69
N THR G 616 -33.75 29.86 -3.51
CA THR G 616 -34.27 29.12 -2.37
C THR G 616 -35.32 29.95 -1.62
N LYS G 617 -36.32 29.24 -1.09
CA LYS G 617 -37.35 29.80 -0.22
C LYS G 617 -37.67 28.73 0.82
N GLY G 618 -37.39 29.03 2.09
CA GLY G 618 -37.53 28.02 3.13
C GLY G 618 -36.51 26.91 2.91
N ASP G 619 -36.97 25.67 2.96
CA ASP G 619 -36.14 24.53 2.62
C ASP G 619 -36.35 24.07 1.18
N PHE G 620 -37.05 24.87 0.36
CA PHE G 620 -37.28 24.53 -1.02
C PHE G 620 -36.14 25.11 -1.87
N ILE G 621 -35.76 24.39 -2.92
CA ILE G 621 -34.69 24.80 -3.83
C ILE G 621 -35.29 24.77 -5.24
N LEU G 622 -35.20 25.89 -5.96
CA LEU G 622 -35.62 25.96 -7.36
C LEU G 622 -34.38 25.86 -8.23
N VAL G 623 -34.36 24.87 -9.12
CA VAL G 623 -33.18 24.55 -9.91
C VAL G 623 -33.50 24.80 -11.38
N GLY G 624 -32.61 25.54 -12.06
CA GLY G 624 -32.76 25.83 -13.48
C GLY G 624 -31.71 25.09 -14.30
N ASP G 625 -32.19 24.40 -15.33
CA ASP G 625 -31.34 23.55 -16.16
C ASP G 625 -31.21 24.10 -17.58
N LEU G 626 -30.15 23.66 -18.26
CA LEU G 626 -29.90 24.11 -19.62
C LEU G 626 -31.07 23.81 -20.55
N MET G 627 -31.61 22.60 -20.47
CA MET G 627 -32.71 22.16 -21.31
C MET G 627 -33.84 21.50 -20.54
N ARG G 628 -33.60 21.03 -19.31
CA ARG G 628 -34.62 20.37 -18.50
C ARG G 628 -35.50 21.34 -17.69
N SER G 629 -35.58 22.61 -18.08
CA SER G 629 -36.47 23.55 -17.41
C SER G 629 -36.22 23.54 -15.90
N VAL G 630 -37.29 23.65 -15.10
CA VAL G 630 -37.20 23.85 -13.65
C VAL G 630 -37.59 22.60 -12.88
N LEU G 631 -36.87 22.36 -11.77
CA LEU G 631 -37.14 21.28 -10.83
C LEU G 631 -37.18 21.85 -9.41
N LEU G 632 -38.24 21.53 -8.66
CA LEU G 632 -38.33 21.95 -7.27
C LEU G 632 -37.77 20.83 -6.40
N LEU G 633 -36.57 21.05 -5.85
CA LEU G 633 -36.00 20.18 -4.85
C LEU G 633 -36.42 20.64 -3.46
N ALA G 634 -36.32 19.73 -2.50
CA ALA G 634 -36.56 20.07 -1.11
C ALA G 634 -35.51 19.40 -0.25
N TYR G 635 -35.11 20.09 0.81
CA TYR G 635 -34.26 19.51 1.85
C TYR G 635 -35.19 18.91 2.89
N LYS G 636 -35.01 17.62 3.18
CA LYS G 636 -35.80 16.96 4.21
C LYS G 636 -34.92 16.97 5.45
N PRO G 637 -35.14 17.88 6.40
CA PRO G 637 -34.14 18.06 7.47
C PRO G 637 -33.94 16.83 8.33
N MET G 638 -35.02 16.08 8.59
CA MET G 638 -34.90 14.88 9.41
C MET G 638 -33.98 13.86 8.76
N GLU G 639 -34.08 13.75 7.43
CA GLU G 639 -33.37 12.72 6.69
C GLU G 639 -31.94 13.15 6.41
N GLY G 640 -31.72 14.45 6.26
CA GLY G 640 -30.40 14.96 5.96
C GLY G 640 -30.00 14.78 4.52
N ASN G 641 -30.96 14.84 3.60
CA ASN G 641 -30.69 14.66 2.17
C ASN G 641 -31.84 15.31 1.42
N PHE G 642 -31.67 15.47 0.11
CA PHE G 642 -32.65 16.16 -0.69
C PHE G 642 -33.77 15.19 -1.11
N GLU G 643 -34.89 15.77 -1.57
CA GLU G 643 -35.99 15.00 -2.14
C GLU G 643 -36.70 15.82 -3.22
N GLU G 644 -36.96 15.18 -4.35
CA GLU G 644 -37.57 15.84 -5.51
C GLU G 644 -39.06 16.01 -5.31
N ILE G 645 -39.56 17.23 -5.39
CA ILE G 645 -41.00 17.46 -5.30
C ILE G 645 -41.67 17.38 -6.67
N ALA G 646 -41.20 18.14 -7.65
CA ALA G 646 -41.87 18.23 -8.94
C ALA G 646 -40.96 18.88 -9.97
N ARG G 647 -41.12 18.46 -11.22
CA ARG G 647 -40.34 18.96 -12.35
C ARG G 647 -41.26 19.37 -13.49
N ASP G 648 -40.89 20.43 -14.21
CA ASP G 648 -41.57 20.77 -15.45
C ASP G 648 -40.96 19.90 -16.54
N PHE G 649 -41.73 18.98 -17.09
CA PHE G 649 -41.20 18.02 -18.06
C PHE G 649 -41.05 18.62 -19.46
N ASN G 650 -41.82 19.67 -19.77
CA ASN G 650 -41.69 20.34 -21.06
C ASN G 650 -40.28 20.92 -21.19
N PRO G 651 -39.62 20.76 -22.35
CA PRO G 651 -38.22 21.20 -22.44
C PRO G 651 -38.12 22.70 -22.69
N ASN G 652 -37.33 23.36 -21.84
CA ASN G 652 -37.09 24.80 -21.98
C ASN G 652 -35.62 25.10 -21.75
N TRP G 653 -35.09 26.00 -22.57
CA TRP G 653 -33.74 26.53 -22.40
C TRP G 653 -33.82 27.67 -21.39
N MET G 654 -33.22 27.48 -20.21
CA MET G 654 -33.41 28.46 -19.15
C MET G 654 -32.35 29.55 -19.24
N SER G 655 -32.79 30.80 -19.03
CA SER G 655 -31.89 31.94 -18.91
C SER G 655 -31.82 32.49 -17.49
N ALA G 656 -32.88 32.32 -16.70
CA ALA G 656 -32.91 32.73 -15.31
C ALA G 656 -34.18 32.15 -14.68
N VAL G 657 -34.13 31.92 -13.37
CA VAL G 657 -35.27 31.38 -12.63
C VAL G 657 -35.45 32.20 -11.36
N GLU G 658 -36.68 32.23 -10.85
CA GLU G 658 -36.99 32.93 -9.60
C GLU G 658 -38.17 32.22 -8.94
N ILE G 659 -38.23 32.29 -7.61
CA ILE G 659 -39.36 31.74 -6.86
C ILE G 659 -40.32 32.91 -6.66
N LEU G 660 -41.51 32.83 -7.29
CA LEU G 660 -42.48 33.91 -7.20
C LEU G 660 -43.22 33.87 -5.86
N ASP G 661 -43.73 32.71 -5.48
CA ASP G 661 -44.31 32.47 -4.17
C ASP G 661 -44.11 30.97 -3.89
N ASP G 662 -44.58 30.52 -2.72
CA ASP G 662 -44.20 29.19 -2.28
C ASP G 662 -44.73 28.10 -3.22
N ASP G 663 -45.83 28.32 -3.94
CA ASP G 663 -46.35 27.32 -4.86
C ASP G 663 -46.32 27.72 -6.33
N ASN G 664 -45.91 28.93 -6.66
CA ASN G 664 -45.80 29.37 -8.06
C ASN G 664 -44.32 29.65 -8.36
N PHE G 665 -43.83 29.21 -9.52
CA PHE G 665 -42.43 29.40 -9.90
C PHE G 665 -42.32 30.01 -11.30
N LEU G 666 -41.46 31.02 -11.44
CA LEU G 666 -41.34 31.80 -12.66
C LEU G 666 -39.95 31.66 -13.30
N GLY G 667 -39.93 31.51 -14.64
CA GLY G 667 -38.71 31.37 -15.39
C GLY G 667 -38.80 32.08 -16.73
N ALA G 668 -37.64 32.28 -17.36
CA ALA G 668 -37.57 32.87 -18.70
C ALA G 668 -36.68 32.01 -19.58
N GLU G 669 -37.15 31.69 -20.79
CA GLU G 669 -36.44 30.83 -21.72
C GLU G 669 -35.68 31.68 -22.73
N ASN G 670 -34.69 31.06 -23.37
CA ASN G 670 -33.87 31.76 -24.35
C ASN G 670 -34.59 32.13 -25.61
N ALA G 671 -35.84 31.71 -25.77
CA ALA G 671 -36.66 32.11 -26.90
C ALA G 671 -37.34 33.44 -26.64
N PHE G 672 -36.92 34.14 -25.59
CA PHE G 672 -37.51 35.42 -25.18
C PHE G 672 -38.92 35.24 -24.62
N ASN G 673 -39.15 34.17 -23.87
CA ASN G 673 -40.45 33.89 -23.28
C ASN G 673 -40.38 33.68 -21.77
N LEU G 674 -41.51 33.97 -21.11
CA LEU G 674 -41.72 33.81 -19.68
C LEU G 674 -42.79 32.75 -19.42
N PHE G 675 -42.54 31.86 -18.46
CA PHE G 675 -43.50 30.84 -18.08
C PHE G 675 -43.55 30.68 -16.56
N VAL G 676 -44.72 30.28 -16.06
CA VAL G 676 -44.95 30.08 -14.63
C VAL G 676 -45.42 28.65 -14.40
N CYS G 677 -44.84 27.97 -13.42
CA CYS G 677 -45.20 26.60 -13.07
C CYS G 677 -45.72 26.54 -11.64
N GLN G 678 -46.81 25.81 -11.43
CA GLN G 678 -47.46 25.67 -10.13
C GLN G 678 -47.50 24.19 -9.77
N LYS G 679 -47.43 23.91 -8.46
CA LYS G 679 -47.62 22.53 -8.01
C LYS G 679 -49.07 22.14 -8.25
N ASP G 680 -49.31 20.90 -8.68
CA ASP G 680 -50.68 20.51 -9.00
C ASP G 680 -51.52 20.54 -7.72
N SER G 681 -51.81 21.75 -7.24
CA SER G 681 -52.59 21.96 -6.01
C SER G 681 -51.97 21.07 -4.94
N ALA G 682 -52.76 20.24 -4.26
CA ALA G 682 -52.28 19.28 -3.27
C ALA G 682 -52.95 17.94 -3.57
N ALA G 683 -52.60 17.34 -4.71
CA ALA G 683 -53.30 16.16 -5.18
C ALA G 683 -52.91 14.94 -4.34
N THR G 684 -53.77 13.92 -4.40
CA THR G 684 -53.49 12.66 -3.74
C THR G 684 -52.54 11.78 -4.53
N THR G 685 -52.60 11.87 -5.85
CA THR G 685 -51.77 11.03 -6.70
C THR G 685 -50.33 11.52 -6.62
N ASP G 686 -49.41 10.60 -6.35
CA ASP G 686 -48.00 10.97 -6.33
C ASP G 686 -47.57 11.47 -7.70
N GLU G 687 -48.22 10.98 -8.76
CA GLU G 687 -47.91 11.43 -10.11
C GLU G 687 -48.33 12.88 -10.31
N GLU G 688 -49.49 13.28 -9.77
CA GLU G 688 -49.94 14.65 -9.97
C GLU G 688 -49.07 15.62 -9.18
N ARG G 689 -48.69 15.24 -7.95
CA ARG G 689 -47.86 16.15 -7.17
C ARG G 689 -46.53 16.44 -7.89
N GLN G 690 -45.90 15.40 -8.44
CA GLN G 690 -44.55 15.54 -9.02
C GLN G 690 -44.54 16.27 -10.36
N HIS G 691 -45.68 16.66 -10.90
CA HIS G 691 -45.77 17.38 -12.17
C HIS G 691 -46.03 18.87 -11.96
N LEU G 692 -44.97 19.68 -12.08
CA LEU G 692 -45.17 21.12 -12.20
C LEU G 692 -45.89 21.40 -13.51
N GLN G 693 -46.89 22.28 -13.44
CA GLN G 693 -47.77 22.55 -14.55
C GLN G 693 -47.58 23.97 -15.05
N GLU G 694 -47.27 24.10 -16.35
CA GLU G 694 -47.13 25.42 -16.95
C GLU G 694 -48.47 26.14 -16.91
N VAL G 695 -48.65 26.97 -15.88
CA VAL G 695 -49.91 27.66 -15.70
C VAL G 695 -49.92 29.01 -16.42
N GLY G 696 -48.75 29.62 -16.60
CA GLY G 696 -48.67 30.91 -17.27
C GLY G 696 -47.62 30.95 -18.36
N LEU G 697 -47.96 31.51 -19.52
CA LEU G 697 -47.05 31.64 -20.65
C LEU G 697 -47.19 33.02 -21.26
N PHE G 698 -46.06 33.69 -21.54
CA PHE G 698 -46.06 35.05 -22.07
C PHE G 698 -44.77 35.26 -22.85
N HIS G 699 -44.90 35.78 -24.08
CA HIS G 699 -43.73 36.14 -24.88
C HIS G 699 -43.27 37.53 -24.51
N LEU G 700 -42.15 37.62 -23.80
CA LEU G 700 -41.64 38.92 -23.36
C LEU G 700 -41.02 39.71 -24.50
N GLY G 701 -40.24 39.06 -25.35
CA GLY G 701 -39.50 39.76 -26.38
C GLY G 701 -38.12 40.20 -25.97
N GLU G 702 -37.71 39.88 -24.76
CA GLU G 702 -36.40 40.26 -24.25
C GLU G 702 -35.73 39.04 -23.62
N PHE G 703 -34.41 39.12 -23.50
CA PHE G 703 -33.60 38.07 -22.90
C PHE G 703 -33.33 38.45 -21.44
N VAL G 704 -33.87 37.68 -20.52
CA VAL G 704 -33.80 37.98 -19.09
C VAL G 704 -32.61 37.24 -18.49
N ASN G 705 -31.59 37.99 -18.08
CA ASN G 705 -30.41 37.40 -17.46
C ASN G 705 -30.58 37.22 -15.95
N VAL G 706 -31.31 38.12 -15.28
CA VAL G 706 -31.38 38.12 -13.82
C VAL G 706 -32.80 38.44 -13.37
N PHE G 707 -33.27 37.67 -12.38
CA PHE G 707 -34.50 37.95 -11.63
C PHE G 707 -34.11 38.38 -10.23
N CYS G 708 -34.72 39.45 -9.72
CA CYS G 708 -34.36 39.97 -8.40
C CYS G 708 -35.59 40.51 -7.69
N HIS G 709 -35.79 40.04 -6.45
CA HIS G 709 -36.86 40.53 -5.59
C HIS G 709 -36.59 41.95 -5.10
N GLY G 710 -37.66 42.72 -4.96
CA GLY G 710 -37.56 44.09 -4.49
C GLY G 710 -38.37 45.03 -5.37
N SER G 711 -38.49 46.27 -4.90
CA SER G 711 -39.17 47.30 -5.67
C SER G 711 -38.34 48.58 -5.69
N LEU G 712 -38.30 49.24 -6.86
CA LEU G 712 -37.56 50.48 -6.99
C LEU G 712 -38.29 51.67 -6.39
N VAL G 713 -39.62 51.60 -6.33
CA VAL G 713 -40.44 52.63 -5.69
C VAL G 713 -40.45 52.40 -4.18
N MET G 714 -40.79 53.45 -3.44
CA MET G 714 -40.84 53.39 -1.99
C MET G 714 -42.06 52.59 -1.50
N GLN G 715 -41.84 51.75 -0.48
CA GLN G 715 -42.89 50.99 0.16
C GLN G 715 -43.27 51.58 1.51
N ASN G 716 -44.57 51.80 1.73
CA ASN G 716 -45.01 52.36 3.00
C ASN G 716 -44.85 51.30 4.10
N LEU G 717 -44.45 51.75 5.29
CA LEU G 717 -44.31 50.88 6.46
C LEU G 717 -45.66 50.43 7.02
N GLY G 718 -46.78 50.95 6.51
CA GLY G 718 -48.10 50.57 6.98
C GLY G 718 -48.83 49.78 5.90
N GLU G 719 -49.36 48.63 6.30
CA GLU G 719 -50.01 47.73 5.33
C GLU G 719 -51.26 48.39 4.76
N THR G 720 -51.43 48.23 3.45
CA THR G 720 -52.55 48.79 2.70
C THR G 720 -52.98 47.82 1.60
N SER G 721 -54.26 47.89 1.23
CA SER G 721 -54.82 46.98 0.23
C SER G 721 -54.37 47.39 -1.15
N THR G 722 -53.60 46.51 -1.81
CA THR G 722 -53.09 46.72 -3.16
C THR G 722 -53.61 45.67 -4.15
N PRO G 723 -53.74 46.04 -5.43
CA PRO G 723 -54.07 45.02 -6.44
C PRO G 723 -52.94 44.04 -6.69
N THR G 724 -51.71 44.49 -6.58
CA THR G 724 -50.52 43.69 -6.85
C THR G 724 -49.89 43.16 -5.56
N GLN G 725 -49.50 41.88 -5.58
CA GLN G 725 -48.81 41.25 -4.47
C GLN G 725 -47.46 40.73 -4.95
N GLY G 726 -46.39 41.11 -4.26
CA GLY G 726 -45.05 40.68 -4.60
C GLY G 726 -44.39 41.61 -5.61
N SER G 727 -43.05 41.59 -5.62
CA SER G 727 -42.28 42.48 -6.50
C SER G 727 -41.01 41.76 -6.94
N VAL G 728 -40.99 41.34 -8.22
CA VAL G 728 -39.84 40.72 -8.84
C VAL G 728 -39.35 41.61 -9.99
N LEU G 729 -38.08 42.00 -9.94
CA LEU G 729 -37.47 42.82 -10.97
C LEU G 729 -36.52 41.98 -11.82
N PHE G 730 -36.48 42.25 -13.14
CA PHE G 730 -35.61 41.50 -14.02
C PHE G 730 -34.88 42.43 -14.99
N GLY G 731 -33.67 42.02 -15.35
CA GLY G 731 -32.84 42.77 -16.27
C GLY G 731 -32.60 41.97 -17.53
N THR G 732 -32.48 42.67 -18.66
CA THR G 732 -32.40 42.02 -19.97
C THR G 732 -31.13 42.44 -20.70
N VAL G 733 -30.88 41.78 -21.84
CA VAL G 733 -29.67 42.06 -22.60
C VAL G 733 -29.75 43.43 -23.29
N ASN G 734 -30.93 43.85 -23.69
CA ASN G 734 -31.09 45.13 -24.38
C ASN G 734 -31.22 46.30 -23.41
N GLY G 735 -31.06 46.04 -22.12
CA GLY G 735 -31.10 47.07 -21.10
C GLY G 735 -32.45 47.23 -20.45
N MET G 736 -33.49 46.64 -21.02
CA MET G 736 -34.84 46.76 -20.49
C MET G 736 -34.87 46.19 -19.07
N ILE G 737 -35.53 46.91 -18.16
CA ILE G 737 -35.76 46.47 -16.79
C ILE G 737 -37.26 46.36 -16.58
N GLY G 738 -37.71 45.22 -16.04
CA GLY G 738 -39.12 44.94 -15.91
C GLY G 738 -39.51 44.40 -14.55
N LEU G 739 -40.81 44.43 -14.30
CA LEU G 739 -41.42 44.02 -13.04
C LEU G 739 -42.49 42.95 -13.25
N VAL G 740 -42.43 41.88 -12.47
CA VAL G 740 -43.43 40.82 -12.46
C VAL G 740 -44.10 40.79 -11.09
N THR G 741 -45.43 40.77 -11.05
CA THR G 741 -46.19 40.73 -9.80
C THR G 741 -47.41 39.82 -9.95
N SER G 742 -47.90 39.33 -8.82
CA SER G 742 -49.05 38.44 -8.78
C SER G 742 -50.33 39.25 -8.62
N LEU G 743 -51.45 38.66 -9.05
CA LEU G 743 -52.74 39.34 -9.03
C LEU G 743 -53.79 38.38 -8.48
N SER G 744 -54.84 38.93 -7.85
CA SER G 744 -55.96 38.09 -7.43
C SER G 744 -56.79 37.71 -8.65
N GLU G 745 -57.55 36.63 -8.52
CA GLU G 745 -58.35 36.17 -9.66
C GLU G 745 -59.27 37.27 -10.17
N SER G 746 -59.91 38.01 -9.26
CA SER G 746 -60.77 39.09 -9.68
C SER G 746 -60.01 40.15 -10.46
N TRP G 747 -58.77 40.43 -10.04
CA TRP G 747 -58.00 41.48 -10.69
C TRP G 747 -57.52 41.05 -12.07
N TYR G 748 -57.09 39.80 -12.19
CA TYR G 748 -56.71 39.28 -13.50
C TYR G 748 -57.84 39.41 -14.51
N ASN G 749 -58.98 38.78 -14.22
CA ASN G 749 -60.08 38.78 -15.17
C ASN G 749 -60.51 40.20 -15.50
N LEU G 750 -60.56 41.07 -14.49
CA LEU G 750 -60.90 42.47 -14.74
C LEU G 750 -59.97 43.04 -15.81
N LEU G 751 -58.66 42.89 -15.60
CA LEU G 751 -57.68 43.47 -16.51
C LEU G 751 -57.65 42.74 -17.84
N LEU G 752 -57.78 41.42 -17.83
CA LEU G 752 -57.79 40.67 -19.07
C LEU G 752 -58.94 41.13 -19.95
N ASP G 753 -60.12 41.28 -19.35
CA ASP G 753 -61.26 41.82 -20.09
C ASP G 753 -60.94 43.18 -20.68
N MET G 754 -60.27 44.05 -19.92
CA MET G 754 -59.94 45.37 -20.43
C MET G 754 -58.97 45.27 -21.60
N GLN G 755 -58.01 44.34 -21.52
CA GLN G 755 -57.05 44.18 -22.61
C GLN G 755 -57.75 43.85 -23.92
N ASN G 756 -58.49 42.74 -23.93
CA ASN G 756 -59.21 42.34 -25.15
C ASN G 756 -60.09 43.48 -25.63
N ARG G 757 -60.58 44.32 -24.72
CA ARG G 757 -61.28 45.53 -25.14
C ARG G 757 -60.30 46.56 -25.68
N LEU G 758 -59.16 46.73 -25.01
CA LEU G 758 -58.18 47.71 -25.44
C LEU G 758 -57.63 47.38 -26.82
N ASN G 759 -57.45 46.10 -27.10
CA ASN G 759 -56.88 45.70 -28.39
C ASN G 759 -57.82 46.03 -29.53
N LYS G 760 -59.14 45.95 -29.32
CA LYS G 760 -60.08 46.34 -30.37
C LYS G 760 -60.03 47.84 -30.63
N VAL G 761 -59.58 48.62 -29.65
CA VAL G 761 -59.56 50.07 -29.77
C VAL G 761 -58.23 50.58 -30.33
N ILE G 762 -57.12 50.02 -29.86
CA ILE G 762 -55.80 50.60 -30.10
C ILE G 762 -55.26 50.13 -31.44
N LYS G 763 -54.72 51.07 -32.21
CA LYS G 763 -54.07 50.77 -33.49
C LYS G 763 -52.57 50.59 -33.27
N SER G 764 -52.05 49.44 -33.68
CA SER G 764 -50.63 49.12 -33.57
C SER G 764 -49.92 49.46 -34.87
N VAL G 765 -48.64 49.84 -34.75
CA VAL G 765 -47.84 50.06 -35.93
C VAL G 765 -47.65 48.73 -36.66
N GLY G 766 -47.88 48.74 -37.97
CA GLY G 766 -47.85 47.53 -38.76
C GLY G 766 -49.09 46.67 -38.70
N LYS G 767 -50.12 47.10 -37.97
CA LYS G 767 -51.36 46.33 -37.85
C LYS G 767 -51.09 44.92 -37.33
N ILE G 768 -50.24 44.83 -36.29
CA ILE G 768 -49.91 43.56 -35.67
C ILE G 768 -50.88 43.27 -34.52
N GLU G 769 -51.51 42.10 -34.56
CA GLU G 769 -52.39 41.66 -33.48
C GLU G 769 -51.62 41.48 -32.18
N HIS G 770 -52.13 42.11 -31.10
CA HIS G 770 -51.46 42.00 -29.81
C HIS G 770 -51.41 40.55 -29.33
N SER G 771 -52.48 39.80 -29.51
CA SER G 771 -52.51 38.41 -29.07
C SER G 771 -51.39 37.60 -29.74
N PHE G 772 -51.10 37.89 -31.01
CA PHE G 772 -50.01 37.19 -31.70
C PHE G 772 -48.65 37.53 -31.10
N TRP G 773 -48.36 38.82 -30.90
CA TRP G 773 -47.07 39.24 -30.39
C TRP G 773 -46.74 38.60 -29.06
N ARG G 774 -47.69 38.63 -28.13
CA ARG G 774 -47.43 38.09 -26.79
C ARG G 774 -47.58 36.58 -26.73
N SER G 775 -47.96 35.92 -27.84
CA SER G 775 -48.07 34.47 -27.82
C SER G 775 -46.71 33.83 -27.62
N PHE G 776 -46.67 32.79 -26.78
CA PHE G 776 -45.45 32.02 -26.54
C PHE G 776 -44.90 31.51 -27.86
N HIS G 777 -43.60 31.69 -28.09
CA HIS G 777 -43.05 31.37 -29.40
C HIS G 777 -41.62 30.85 -29.36
N THR G 778 -41.44 29.62 -29.83
CA THR G 778 -40.15 29.05 -30.19
C THR G 778 -40.20 28.74 -31.68
N GLU G 779 -39.05 28.45 -32.30
CA GLU G 779 -39.13 28.08 -33.72
C GLU G 779 -40.07 26.90 -33.93
N ARG G 780 -40.20 26.03 -32.92
CA ARG G 780 -40.98 24.81 -33.05
C ARG G 780 -42.44 25.00 -32.65
N LYS G 781 -42.74 25.79 -31.61
CA LYS G 781 -44.12 25.93 -31.16
C LYS G 781 -44.52 27.38 -30.97
N THR G 782 -45.82 27.64 -31.15
CA THR G 782 -46.44 28.93 -30.85
C THR G 782 -47.76 28.69 -30.15
N GLU G 783 -47.86 29.11 -28.88
CA GLU G 783 -49.08 28.95 -28.08
C GLU G 783 -49.53 30.32 -27.56
N PRO G 784 -50.84 30.54 -27.41
CA PRO G 784 -51.31 31.84 -26.91
C PRO G 784 -50.93 32.09 -25.45
N ALA G 785 -50.69 33.37 -25.13
CA ALA G 785 -50.32 33.75 -23.78
C ALA G 785 -51.43 33.43 -22.80
N THR G 786 -51.04 33.08 -21.58
CA THR G 786 -52.01 32.76 -20.54
C THR G 786 -51.41 33.09 -19.19
N GLY G 787 -52.26 33.53 -18.27
CA GLY G 787 -51.83 33.81 -16.91
C GLY G 787 -51.07 35.11 -16.75
N PHE G 788 -50.98 35.92 -17.81
CA PHE G 788 -50.17 37.12 -17.81
C PHE G 788 -50.95 38.30 -18.34
N ILE G 789 -50.78 39.45 -17.68
CA ILE G 789 -51.37 40.72 -18.10
C ILE G 789 -50.24 41.61 -18.60
N ASP G 790 -50.35 42.10 -19.83
CA ASP G 790 -49.35 43.01 -20.37
C ASP G 790 -49.53 44.38 -19.71
N GLY G 791 -48.62 44.73 -18.80
CA GLY G 791 -48.78 45.96 -18.05
C GLY G 791 -48.83 47.20 -18.94
N ASP G 792 -48.02 47.21 -20.00
CA ASP G 792 -47.98 48.37 -20.87
C ASP G 792 -49.30 48.58 -21.61
N LEU G 793 -49.96 47.49 -22.01
CA LEU G 793 -51.28 47.63 -22.63
C LEU G 793 -52.30 48.18 -21.65
N ILE G 794 -52.27 47.69 -20.40
CA ILE G 794 -53.19 48.19 -19.40
C ILE G 794 -52.89 49.65 -19.05
N GLU G 795 -51.62 50.01 -18.95
CA GLU G 795 -51.28 51.38 -18.59
C GLU G 795 -51.39 52.37 -19.75
N SER G 796 -51.71 51.89 -20.95
CA SER G 796 -51.96 52.77 -22.08
C SER G 796 -53.39 53.28 -22.11
N PHE G 797 -54.26 52.77 -21.22
CA PHE G 797 -55.60 53.31 -21.08
C PHE G 797 -55.58 54.80 -20.75
N LEU G 798 -54.62 55.22 -19.93
CA LEU G 798 -54.55 56.60 -19.47
C LEU G 798 -54.12 57.56 -20.59
N ASP G 799 -53.77 57.04 -21.77
CA ASP G 799 -53.33 57.88 -22.87
C ASP G 799 -54.33 57.93 -24.03
N ILE G 800 -55.42 57.16 -23.98
CA ILE G 800 -56.37 57.11 -25.09
C ILE G 800 -57.43 58.19 -24.91
N SER G 801 -58.07 58.58 -26.02
CA SER G 801 -59.06 59.66 -25.98
C SER G 801 -60.28 59.21 -25.18
N ARG G 802 -61.05 60.20 -24.69
CA ARG G 802 -62.20 59.86 -23.86
C ARG G 802 -63.23 59.01 -24.61
N PRO G 803 -63.57 59.27 -25.89
CA PRO G 803 -64.49 58.32 -26.57
C PRO G 803 -64.02 56.89 -26.49
N LYS G 804 -62.70 56.67 -26.66
CA LYS G 804 -62.17 55.32 -26.63
C LYS G 804 -62.27 54.74 -25.21
N MET G 805 -62.10 55.59 -24.19
CA MET G 805 -62.29 55.11 -22.82
C MET G 805 -63.71 54.59 -22.61
N GLN G 806 -64.71 55.30 -23.16
CA GLN G 806 -66.09 54.85 -23.00
C GLN G 806 -66.35 53.55 -23.76
N GLU G 807 -65.73 53.37 -24.93
CA GLU G 807 -65.87 52.09 -25.62
C GLU G 807 -65.35 50.96 -24.76
N VAL G 808 -64.29 51.22 -23.99
CA VAL G 808 -63.72 50.19 -23.13
C VAL G 808 -64.66 49.88 -21.97
N VAL G 809 -65.30 50.91 -21.39
CA VAL G 809 -66.13 50.71 -20.21
C VAL G 809 -67.58 50.34 -20.57
N ALA G 810 -67.91 50.30 -21.86
CA ALA G 810 -69.22 49.86 -22.31
C ALA G 810 -69.45 48.38 -21.97
N ASN G 811 -70.65 48.07 -21.48
CA ASN G 811 -71.00 46.69 -21.16
C ASN G 811 -70.00 46.13 -20.15
N LEU G 812 -69.59 46.97 -19.21
CA LEU G 812 -68.49 46.68 -18.31
C LEU G 812 -68.97 46.40 -16.89
N GLN G 813 -68.32 45.43 -16.26
CA GLN G 813 -68.56 45.04 -14.88
C GLN G 813 -67.28 45.14 -14.06
N TYR G 814 -67.44 45.54 -12.79
CA TYR G 814 -66.30 45.72 -11.91
C TYR G 814 -66.63 45.25 -10.50
N ASP G 815 -65.65 44.62 -9.87
CA ASP G 815 -65.79 44.09 -8.51
C ASP G 815 -65.30 45.16 -7.55
N ASP G 816 -66.25 45.91 -7.00
CA ASP G 816 -66.01 47.02 -6.09
C ASP G 816 -66.26 46.52 -4.67
N GLY G 817 -65.17 46.30 -3.94
CA GLY G 817 -65.19 45.73 -2.60
C GLY G 817 -65.02 44.23 -2.59
N SER G 818 -66.03 43.49 -2.14
CA SER G 818 -65.96 42.03 -2.15
C SER G 818 -67.35 41.49 -2.50
N GLY G 819 -67.52 41.13 -3.77
CA GLY G 819 -68.77 40.59 -4.26
C GLY G 819 -69.74 41.59 -4.83
N MET G 820 -69.57 42.88 -4.55
CA MET G 820 -70.55 43.89 -4.95
C MET G 820 -70.19 44.32 -6.38
N LYS G 821 -70.69 43.57 -7.35
CA LYS G 821 -70.45 43.85 -8.76
C LYS G 821 -71.34 44.98 -9.28
N ARG G 822 -70.71 45.92 -10.01
CA ARG G 822 -71.38 47.11 -10.51
C ARG G 822 -70.61 47.63 -11.70
N GLU G 823 -71.33 47.95 -12.79
CA GLU G 823 -70.64 48.48 -13.95
C GLU G 823 -69.85 49.72 -13.54
N ALA G 824 -68.62 49.79 -14.01
CA ALA G 824 -67.72 50.86 -13.64
C ALA G 824 -67.72 51.89 -14.76
N THR G 825 -67.69 53.14 -14.36
CA THR G 825 -67.59 54.23 -15.31
C THR G 825 -66.12 54.36 -15.68
N ALA G 826 -65.84 55.12 -16.74
CA ALA G 826 -64.44 55.29 -17.10
C ALA G 826 -63.63 55.84 -15.94
N ASP G 827 -64.22 56.74 -15.15
CA ASP G 827 -63.46 57.29 -14.04
C ASP G 827 -63.10 56.20 -13.04
N ASP G 828 -63.99 55.21 -12.89
CA ASP G 828 -63.67 54.09 -12.00
C ASP G 828 -62.42 53.37 -12.49
N LEU G 829 -62.31 53.18 -13.80
CA LEU G 829 -61.18 52.45 -14.37
C LEU G 829 -59.90 53.29 -14.36
N ILE G 830 -60.02 54.60 -14.64
CA ILE G 830 -58.82 55.45 -14.62
C ILE G 830 -58.14 55.36 -13.26
N LYS G 831 -58.95 55.22 -12.20
CA LYS G 831 -58.39 55.03 -10.86
C LYS G 831 -57.64 53.70 -10.78
N VAL G 832 -58.21 52.65 -11.39
CA VAL G 832 -57.60 51.33 -11.34
C VAL G 832 -56.25 51.32 -12.07
N VAL G 833 -56.20 51.90 -13.27
CA VAL G 833 -54.96 51.87 -14.04
C VAL G 833 -53.88 52.69 -13.33
N GLU G 834 -54.24 53.84 -12.78
CA GLU G 834 -53.24 54.67 -12.11
C GLU G 834 -52.67 54.00 -10.86
N GLU G 835 -53.51 53.31 -10.08
CA GLU G 835 -52.97 52.58 -8.93
C GLU G 835 -51.94 51.55 -9.36
N LEU G 836 -52.14 50.93 -10.52
CA LEU G 836 -51.20 49.96 -11.04
C LEU G 836 -49.88 50.60 -11.47
N THR G 837 -49.84 51.93 -11.66
CA THR G 837 -48.58 52.60 -12.03
C THR G 837 -47.66 52.89 -10.85
N ARG G 838 -48.10 52.67 -9.61
CA ARG G 838 -47.21 52.92 -8.47
C ARG G 838 -46.05 51.94 -8.46
N ILE G 839 -46.30 50.71 -8.91
CA ILE G 839 -45.27 49.67 -8.85
C ILE G 839 -44.10 49.99 -9.77
N HIS G 840 -44.37 50.57 -10.94
CA HIS G 840 -43.28 50.79 -11.87
C HIS G 840 -42.68 52.19 -11.68
N THR H 7 -31.07 -16.82 -11.28
CA THR H 7 -30.43 -16.84 -12.59
C THR H 7 -30.72 -15.56 -13.36
N GLU H 8 -30.11 -15.42 -14.53
CA GLU H 8 -30.29 -14.23 -15.35
C GLU H 8 -31.73 -14.08 -15.83
N SER H 9 -32.53 -15.14 -15.78
CA SER H 9 -33.85 -15.14 -16.39
C SER H 9 -35.00 -14.90 -15.43
N ASP H 10 -34.78 -15.00 -14.11
CA ASP H 10 -35.88 -15.01 -13.15
C ASP H 10 -36.28 -13.58 -12.82
N TRP H 11 -37.02 -12.98 -13.74
CA TRP H 11 -37.45 -11.61 -13.62
C TRP H 11 -38.61 -11.51 -12.65
N GLY H 12 -38.79 -10.32 -12.10
CA GLY H 12 -39.89 -10.03 -11.22
C GLY H 12 -39.65 -10.36 -9.77
N LYS H 13 -38.53 -11.00 -9.45
CA LYS H 13 -38.24 -11.41 -8.07
C LYS H 13 -37.30 -10.45 -7.36
N ARG H 14 -36.24 -9.99 -8.02
CA ARG H 14 -35.31 -9.06 -7.39
C ARG H 14 -36.01 -7.76 -7.06
N CYS H 15 -35.62 -7.17 -5.93
CA CYS H 15 -36.29 -6.00 -5.40
C CYS H 15 -35.76 -4.72 -6.04
N VAL H 16 -36.58 -3.68 -6.00
CA VAL H 16 -36.19 -2.37 -6.51
C VAL H 16 -35.16 -1.76 -5.56
N ASP H 17 -34.90 -2.43 -4.44
CA ASP H 17 -33.94 -1.92 -3.47
C ASP H 17 -32.52 -1.84 -4.04
N LYS H 18 -32.18 -2.78 -4.93
CA LYS H 18 -30.84 -2.78 -5.50
C LYS H 18 -30.54 -1.51 -6.28
N PHE H 19 -31.56 -0.86 -6.84
CA PHE H 19 -31.40 0.40 -7.57
C PHE H 19 -31.81 1.55 -6.65
N ASP H 20 -31.04 2.64 -6.68
CA ASP H 20 -31.39 3.86 -5.96
C ASP H 20 -31.85 4.94 -6.95
N ILE H 21 -33.00 5.54 -6.66
CA ILE H 21 -33.69 6.44 -7.59
C ILE H 21 -33.07 7.83 -7.53
N ILE H 22 -32.39 8.23 -8.60
CA ILE H 22 -31.73 9.54 -8.65
C ILE H 22 -32.76 10.65 -8.83
N GLY H 23 -33.79 10.42 -9.64
CA GLY H 23 -34.77 11.46 -9.89
C GLY H 23 -35.79 10.97 -10.91
N ILE H 24 -36.78 11.83 -11.18
CA ILE H 24 -37.88 11.49 -12.08
C ILE H 24 -37.58 12.11 -13.44
N ILE H 25 -37.42 11.26 -14.46
CA ILE H 25 -37.02 11.75 -15.77
C ILE H 25 -38.23 12.12 -16.62
N GLY H 26 -39.32 11.35 -16.56
CA GLY H 26 -40.48 11.63 -17.37
C GLY H 26 -41.73 10.96 -16.86
N GLU H 27 -42.86 11.34 -17.46
CA GLU H 27 -44.16 10.71 -17.20
C GLU H 27 -44.53 9.82 -18.38
N GLY H 28 -44.79 8.53 -18.09
CA GLY H 28 -45.08 7.54 -19.11
C GLY H 28 -46.57 7.25 -19.31
N THR H 29 -46.83 6.52 -20.40
CA THR H 29 -48.20 6.18 -20.77
C THR H 29 -48.89 5.43 -19.63
N TYR H 30 -48.15 4.54 -18.95
CA TYR H 30 -48.70 3.79 -17.83
C TYR H 30 -48.19 4.18 -16.45
N GLY H 31 -46.96 4.70 -16.34
CA GLY H 31 -46.44 5.14 -15.06
C GLY H 31 -45.21 6.02 -15.23
N GLN H 32 -44.86 6.70 -14.15
CA GLN H 32 -43.73 7.62 -14.16
C GLN H 32 -42.43 6.85 -14.41
N VAL H 33 -41.51 7.49 -15.15
CA VAL H 33 -40.21 6.90 -15.45
C VAL H 33 -39.18 7.60 -14.57
N TYR H 34 -38.30 6.81 -13.93
CA TYR H 34 -37.32 7.34 -13.00
C TYR H 34 -35.91 6.95 -13.45
N LYS H 35 -34.94 7.84 -13.21
CA LYS H 35 -33.53 7.52 -13.42
C LYS H 35 -32.99 6.83 -12.18
N ALA H 36 -32.04 5.91 -12.36
CA ALA H 36 -31.58 5.11 -11.24
C ALA H 36 -30.16 4.61 -11.49
N LYS H 37 -29.52 4.14 -10.40
CA LYS H 37 -28.19 3.57 -10.42
C LYS H 37 -28.19 2.23 -9.70
N ASP H 38 -27.59 1.22 -10.31
CA ASP H 38 -27.44 -0.08 -9.67
C ASP H 38 -26.34 -0.03 -8.62
N LYS H 39 -26.65 -0.41 -7.38
CA LYS H 39 -25.64 -0.37 -6.33
C LYS H 39 -24.47 -1.31 -6.64
N ASP H 40 -24.76 -2.49 -7.19
CA ASP H 40 -23.68 -3.46 -7.41
C ASP H 40 -22.80 -3.06 -8.59
N THR H 41 -23.40 -2.66 -9.71
CA THR H 41 -22.61 -2.46 -10.94
C THR H 41 -22.31 -1.00 -11.25
N GLY H 42 -23.03 -0.06 -10.65
CA GLY H 42 -22.88 1.34 -10.97
C GLY H 42 -23.50 1.80 -12.27
N GLU H 43 -24.15 0.90 -13.01
CA GLU H 43 -24.74 1.29 -14.29
C GLU H 43 -25.94 2.21 -14.05
N LEU H 44 -26.11 3.19 -14.93
CA LEU H 44 -27.27 4.06 -14.90
C LEU H 44 -28.41 3.40 -15.69
N VAL H 45 -29.57 3.26 -15.05
CA VAL H 45 -30.72 2.57 -15.60
C VAL H 45 -31.94 3.47 -15.47
N ALA H 46 -32.96 3.20 -16.29
CA ALA H 46 -34.23 3.93 -16.22
C ALA H 46 -35.37 2.96 -15.95
N LEU H 47 -36.11 3.21 -14.88
CA LEU H 47 -37.22 2.37 -14.42
C LEU H 47 -38.58 3.00 -14.67
N LYS H 48 -39.47 2.22 -15.28
CA LYS H 48 -40.87 2.61 -15.47
C LYS H 48 -41.72 1.91 -14.42
N LYS H 49 -42.35 2.67 -13.53
CA LYS H 49 -43.18 2.06 -12.48
C LYS H 49 -44.51 1.63 -13.10
N VAL H 50 -44.83 0.34 -12.98
CA VAL H 50 -46.10 -0.19 -13.43
C VAL H 50 -46.89 -0.53 -12.19
N ARG H 51 -48.04 0.11 -12.02
CA ARG H 51 -48.85 0.00 -10.82
C ARG H 51 -50.09 -0.82 -11.15
N LEU H 52 -50.21 -1.97 -10.52
CA LEU H 52 -51.41 -2.80 -10.54
C LEU H 52 -52.35 -2.49 -9.40
N ASP H 53 -52.07 -1.43 -8.63
CA ASP H 53 -52.90 -1.12 -7.48
C ASP H 53 -54.31 -0.72 -7.88
N ASN H 54 -54.49 -0.14 -9.08
CA ASN H 54 -55.86 0.17 -9.51
C ASN H 54 -56.73 -1.08 -9.55
N GLU H 55 -56.19 -2.17 -10.09
CA GLU H 55 -56.87 -3.46 -10.12
C GLU H 55 -58.23 -3.37 -10.78
N LYS H 56 -58.50 -2.26 -11.49
CA LYS H 56 -59.68 -2.18 -12.33
C LYS H 56 -59.63 -3.26 -13.40
N GLU H 57 -58.46 -3.47 -14.00
CA GLU H 57 -58.29 -4.55 -14.95
C GLU H 57 -56.92 -5.21 -14.80
N GLY H 58 -56.32 -5.15 -13.62
CA GLY H 58 -55.09 -5.88 -13.36
C GLY H 58 -53.86 -5.24 -13.99
N PHE H 59 -52.92 -6.09 -14.39
CA PHE H 59 -51.68 -5.60 -14.98
C PHE H 59 -52.01 -4.88 -16.28
N PRO H 60 -51.48 -3.68 -16.50
CA PRO H 60 -51.85 -2.91 -17.70
C PRO H 60 -51.35 -3.55 -18.98
N ILE H 61 -52.11 -3.35 -20.05
CA ILE H 61 -51.71 -3.93 -21.32
C ILE H 61 -50.58 -3.13 -21.97
N THR H 62 -50.59 -1.80 -21.81
CA THR H 62 -49.51 -0.99 -22.39
C THR H 62 -48.16 -1.55 -21.96
N ALA H 63 -48.04 -1.94 -20.68
CA ALA H 63 -46.82 -2.58 -20.20
C ALA H 63 -46.72 -4.01 -20.70
N ILE H 64 -47.84 -4.75 -20.72
CA ILE H 64 -47.78 -6.13 -21.20
C ILE H 64 -47.22 -6.17 -22.61
N ARG H 65 -47.65 -5.24 -23.45
CA ARG H 65 -47.15 -5.21 -24.81
C ARG H 65 -45.66 -4.90 -24.85
N GLU H 66 -45.22 -3.91 -24.06
CA GLU H 66 -43.81 -3.51 -24.09
C GLU H 66 -42.90 -4.58 -23.49
N ILE H 67 -43.43 -5.42 -22.59
CA ILE H 67 -42.66 -6.54 -22.05
C ILE H 67 -42.63 -7.69 -23.03
N LYS H 68 -43.81 -8.08 -23.52
CA LYS H 68 -43.93 -9.16 -24.48
C LYS H 68 -43.05 -8.93 -25.69
N ILE H 69 -43.02 -7.69 -26.18
CA ILE H 69 -42.36 -7.42 -27.45
C ILE H 69 -40.86 -7.20 -27.26
N LEU H 70 -40.46 -6.46 -26.22
CA LEU H 70 -39.04 -6.12 -26.08
C LEU H 70 -38.19 -7.26 -25.53
N ARG H 71 -38.79 -8.32 -24.99
CA ARG H 71 -38.03 -9.53 -24.71
C ARG H 71 -37.82 -10.37 -25.96
N GLN H 72 -38.55 -10.06 -27.02
CA GLN H 72 -38.38 -10.72 -28.32
C GLN H 72 -37.40 -9.95 -29.21
N LEU H 73 -37.26 -8.65 -29.01
CA LEU H 73 -36.50 -7.79 -29.90
C LEU H 73 -35.12 -7.49 -29.32
N ILE H 74 -34.08 -7.85 -30.07
CA ILE H 74 -32.69 -7.63 -29.71
C ILE H 74 -32.06 -6.90 -30.89
N HIS H 75 -31.83 -5.59 -30.74
CA HIS H 75 -31.22 -4.80 -31.81
C HIS H 75 -30.53 -3.61 -31.18
N ARG H 76 -29.44 -3.17 -31.81
CA ARG H 76 -28.69 -2.05 -31.25
C ARG H 76 -29.53 -0.79 -31.18
N SER H 77 -30.45 -0.61 -32.12
CA SER H 77 -31.26 0.60 -32.24
C SER H 77 -32.64 0.46 -31.62
N VAL H 78 -32.83 -0.48 -30.69
CA VAL H 78 -34.09 -0.65 -29.96
C VAL H 78 -33.76 -0.69 -28.47
N VAL H 79 -34.49 0.08 -27.67
CA VAL H 79 -34.12 0.24 -26.26
C VAL H 79 -34.29 -1.11 -25.58
N ASN H 80 -33.29 -1.49 -24.79
CA ASN H 80 -33.22 -2.85 -24.27
C ASN H 80 -33.80 -2.90 -22.85
N MET H 81 -34.79 -3.76 -22.66
CA MET H 81 -35.31 -4.05 -21.32
C MET H 81 -34.38 -5.05 -20.64
N LYS H 82 -33.80 -4.65 -19.52
CA LYS H 82 -32.80 -5.44 -18.81
C LYS H 82 -33.40 -6.45 -17.83
N GLU H 83 -34.40 -6.05 -17.05
CA GLU H 83 -35.07 -6.97 -16.14
C GLU H 83 -36.29 -6.25 -15.59
N ILE H 84 -37.05 -6.95 -14.74
CA ILE H 84 -38.24 -6.41 -14.08
C ILE H 84 -38.10 -6.67 -12.58
N VAL H 85 -38.29 -5.62 -11.79
CA VAL H 85 -38.14 -5.69 -10.34
C VAL H 85 -39.44 -5.25 -9.68
N THR H 86 -39.56 -5.58 -8.39
CA THR H 86 -40.79 -5.35 -7.64
C THR H 86 -40.52 -4.57 -6.36
N ASP H 87 -41.55 -3.83 -5.91
CA ASP H 87 -41.51 -3.22 -4.58
C ASP H 87 -41.42 -4.34 -3.55
N LYS H 88 -40.62 -4.11 -2.50
CA LYS H 88 -40.43 -5.14 -1.48
C LYS H 88 -41.78 -5.66 -1.01
N GLN H 89 -41.92 -6.99 -0.97
CA GLN H 89 -43.19 -7.62 -0.62
C GLN H 89 -43.23 -7.70 0.92
N ASP H 90 -43.42 -6.53 1.53
CA ASP H 90 -43.44 -6.48 2.99
C ASP H 90 -44.65 -7.24 3.53
N ALA H 91 -45.74 -7.28 2.77
CA ALA H 91 -46.93 -7.97 3.24
C ALA H 91 -46.63 -9.46 3.26
N LEU H 92 -46.99 -10.12 4.35
CA LEU H 92 -46.63 -11.53 4.48
C LEU H 92 -47.43 -12.39 3.52
N ASP H 93 -48.64 -11.95 3.20
CA ASP H 93 -49.55 -12.63 2.29
C ASP H 93 -49.46 -11.99 0.90
N PHE H 94 -49.38 -12.84 -0.13
CA PHE H 94 -49.39 -12.30 -1.49
C PHE H 94 -50.67 -11.52 -1.76
N LYS H 95 -51.77 -11.90 -1.09
CA LYS H 95 -53.03 -11.17 -1.27
C LYS H 95 -52.93 -9.73 -0.75
N LYS H 96 -52.24 -9.53 0.39
CA LYS H 96 -52.14 -8.21 0.98
C LYS H 96 -51.19 -7.27 0.23
N ASP H 97 -50.44 -7.79 -0.73
CA ASP H 97 -49.49 -6.97 -1.48
C ASP H 97 -50.25 -6.08 -2.46
N LYS H 98 -50.04 -4.77 -2.36
CA LYS H 98 -50.55 -3.79 -3.30
C LYS H 98 -49.38 -3.08 -3.98
N GLY H 99 -48.20 -3.72 -3.96
CA GLY H 99 -47.02 -3.14 -4.53
C GLY H 99 -47.02 -3.22 -6.05
N ALA H 100 -46.06 -2.51 -6.62
CA ALA H 100 -45.95 -2.33 -8.06
C ALA H 100 -44.64 -2.92 -8.59
N PHE H 101 -44.55 -2.98 -9.91
CA PHE H 101 -43.39 -3.48 -10.63
C PHE H 101 -42.72 -2.37 -11.40
N TYR H 102 -41.39 -2.45 -11.51
CA TYR H 102 -40.58 -1.48 -12.24
C TYR H 102 -39.89 -2.20 -13.39
N LEU H 103 -39.97 -1.62 -14.59
CA LEU H 103 -39.33 -2.18 -15.76
C LEU H 103 -37.96 -1.51 -15.96
N VAL H 104 -36.91 -2.28 -15.77
CA VAL H 104 -35.55 -1.75 -15.89
C VAL H 104 -35.19 -1.64 -17.36
N PHE H 105 -34.72 -0.47 -17.75
CA PHE H 105 -34.29 -0.19 -19.12
C PHE H 105 -32.88 0.35 -19.12
N GLU H 106 -32.25 0.26 -20.29
CA GLU H 106 -31.03 1.01 -20.55
C GLU H 106 -31.36 2.50 -20.51
N TYR H 107 -30.46 3.30 -19.93
CA TYR H 107 -30.70 4.75 -19.85
C TYR H 107 -30.08 5.43 -21.06
N MET H 108 -30.87 6.24 -21.75
CA MET H 108 -30.41 7.07 -22.86
C MET H 108 -30.44 8.51 -22.39
N ASP H 109 -29.34 9.24 -22.64
CA ASP H 109 -29.14 10.51 -21.95
C ASP H 109 -30.20 11.53 -22.35
N HIS H 110 -30.48 11.65 -23.64
CA HIS H 110 -31.35 12.71 -24.12
C HIS H 110 -32.45 12.16 -25.04
N ASP H 111 -33.48 12.98 -25.25
CA ASP H 111 -34.52 12.70 -26.22
C ASP H 111 -34.45 13.73 -27.32
N LEU H 112 -34.86 13.32 -28.54
CA LEU H 112 -34.65 14.18 -29.69
C LEU H 112 -35.37 15.52 -29.51
N MET H 113 -36.57 15.49 -28.92
CA MET H 113 -37.33 16.73 -28.74
C MET H 113 -36.58 17.69 -27.83
N GLY H 114 -36.00 17.18 -26.73
CA GLY H 114 -35.24 18.04 -25.85
C GLY H 114 -34.02 18.67 -26.53
N LEU H 115 -33.31 17.87 -27.32
CA LEU H 115 -32.14 18.38 -28.04
C LEU H 115 -32.54 19.41 -29.08
N LEU H 116 -33.61 19.14 -29.82
CA LEU H 116 -34.04 20.07 -30.86
C LEU H 116 -34.68 21.32 -30.27
N GLU H 117 -35.44 21.18 -29.18
CA GLU H 117 -36.12 22.33 -28.61
C GLU H 117 -35.13 23.36 -28.05
N SER H 118 -33.98 22.91 -27.56
CA SER H 118 -32.96 23.88 -27.14
C SER H 118 -32.49 24.69 -28.34
N GLY H 119 -32.52 24.10 -29.54
CA GLY H 119 -32.30 24.86 -30.74
C GLY H 119 -30.88 25.17 -31.12
N LEU H 120 -29.94 25.03 -30.20
CA LEU H 120 -28.56 25.37 -30.51
C LEU H 120 -27.81 24.16 -31.00
N VAL H 121 -28.51 23.03 -31.18
CA VAL H 121 -27.94 21.81 -31.74
C VAL H 121 -28.05 21.86 -33.24
N HIS H 122 -26.93 21.62 -33.90
CA HIS H 122 -26.87 21.58 -35.35
C HIS H 122 -26.62 20.18 -35.86
N PHE H 123 -27.46 19.72 -36.79
CA PHE H 123 -27.32 18.40 -37.39
C PHE H 123 -26.81 18.60 -38.81
N SER H 124 -25.61 18.09 -39.07
CA SER H 124 -25.07 18.16 -40.42
C SER H 124 -25.68 17.03 -41.27
N GLU H 125 -25.47 17.10 -42.57
CA GLU H 125 -25.97 16.04 -43.44
C GLU H 125 -25.48 14.69 -42.95
N ASP H 126 -24.18 14.58 -42.67
CA ASP H 126 -23.63 13.29 -42.27
C ASP H 126 -24.16 12.86 -40.90
N HIS H 127 -24.47 13.81 -40.02
CA HIS H 127 -25.13 13.43 -38.77
C HIS H 127 -26.50 12.83 -39.02
N ILE H 128 -27.25 13.40 -39.95
CA ILE H 128 -28.59 12.88 -40.22
C ILE H 128 -28.50 11.48 -40.81
N LYS H 129 -27.50 11.24 -41.67
CA LYS H 129 -27.36 9.91 -42.25
C LYS H 129 -27.15 8.87 -41.15
N SER H 130 -26.25 9.15 -40.21
CA SER H 130 -26.03 8.23 -39.11
C SER H 130 -27.30 8.09 -38.28
N PHE H 131 -28.03 9.18 -38.12
CA PHE H 131 -29.28 9.15 -37.36
C PHE H 131 -30.29 8.25 -38.06
N MET H 132 -30.55 8.51 -39.34
CA MET H 132 -31.63 7.84 -40.04
C MET H 132 -31.29 6.39 -40.34
N LYS H 133 -30.02 6.10 -40.64
CA LYS H 133 -29.66 4.71 -40.89
C LYS H 133 -30.01 3.86 -39.67
N GLN H 134 -29.64 4.34 -38.49
CA GLN H 134 -29.93 3.62 -37.26
C GLN H 134 -31.43 3.50 -37.03
N LEU H 135 -32.15 4.63 -37.11
CA LEU H 135 -33.58 4.59 -36.87
C LEU H 135 -34.26 3.62 -37.83
N MET H 136 -33.95 3.73 -39.12
CA MET H 136 -34.59 2.88 -40.11
C MET H 136 -34.09 1.44 -40.00
N GLU H 137 -32.84 1.24 -39.59
CA GLU H 137 -32.40 -0.12 -39.30
C GLU H 137 -33.20 -0.74 -38.17
N GLY H 138 -33.49 0.03 -37.12
CA GLY H 138 -34.31 -0.48 -36.04
C GLY H 138 -35.72 -0.84 -36.51
N LEU H 139 -36.31 -0.01 -37.37
CA LEU H 139 -37.64 -0.31 -37.86
C LEU H 139 -37.64 -1.59 -38.69
N GLU H 140 -36.61 -1.78 -39.52
CA GLU H 140 -36.58 -2.99 -40.32
C GLU H 140 -36.59 -4.23 -39.44
N TYR H 141 -35.82 -4.22 -38.35
CA TYR H 141 -35.81 -5.37 -37.46
C TYR H 141 -37.20 -5.63 -36.91
N CYS H 142 -37.82 -4.60 -36.33
CA CYS H 142 -39.15 -4.73 -35.76
C CYS H 142 -40.19 -5.07 -36.83
N HIS H 143 -40.14 -4.41 -37.98
CA HIS H 143 -41.14 -4.66 -39.01
C HIS H 143 -40.96 -6.03 -39.64
N LYS H 144 -39.73 -6.53 -39.72
CA LYS H 144 -39.51 -7.89 -40.20
C LYS H 144 -39.92 -8.93 -39.16
N LYS H 145 -39.97 -8.56 -37.88
CA LYS H 145 -40.53 -9.41 -36.86
C LYS H 145 -42.05 -9.21 -36.73
N ASN H 146 -42.64 -8.42 -37.65
CA ASN H 146 -44.10 -8.25 -37.75
C ASN H 146 -44.69 -7.53 -36.54
N PHE H 147 -43.96 -6.53 -36.03
CA PHE H 147 -44.39 -5.67 -34.94
C PHE H 147 -44.47 -4.21 -35.38
N LEU H 148 -45.51 -3.50 -34.93
CA LEU H 148 -45.80 -2.11 -35.33
C LEU H 148 -45.58 -1.14 -34.17
N HIS H 149 -44.53 -0.32 -34.26
CA HIS H 149 -44.26 0.74 -33.27
C HIS H 149 -45.18 1.93 -33.55
N ARG H 150 -46.43 1.79 -33.14
CA ARG H 150 -47.48 2.69 -33.64
C ARG H 150 -47.21 4.15 -33.25
N ASP H 151 -46.74 4.38 -32.03
CA ASP H 151 -46.46 5.74 -31.54
C ASP H 151 -45.02 6.14 -31.82
N ILE H 152 -44.79 6.89 -32.90
CA ILE H 152 -43.47 7.45 -33.19
C ILE H 152 -43.52 8.97 -33.02
N LYS H 153 -42.77 9.48 -32.05
CA LYS H 153 -42.64 10.90 -31.80
C LYS H 153 -41.16 11.23 -31.67
N CYS H 154 -40.84 12.52 -31.59
CA CYS H 154 -39.46 12.90 -31.32
C CYS H 154 -39.07 12.51 -29.90
N SER H 155 -40.03 12.47 -28.98
CA SER H 155 -39.76 12.05 -27.61
C SER H 155 -39.41 10.57 -27.53
N ASN H 156 -39.98 9.77 -28.43
CA ASN H 156 -39.77 8.33 -28.39
C ASN H 156 -38.43 7.91 -28.97
N ILE H 157 -37.80 8.75 -29.78
CA ILE H 157 -36.44 8.49 -30.28
C ILE H 157 -35.47 9.05 -29.25
N LEU H 158 -34.58 8.22 -28.74
CA LEU H 158 -33.67 8.60 -27.67
C LEU H 158 -32.22 8.49 -28.14
N LEU H 159 -31.39 9.43 -27.69
CA LEU H 159 -30.00 9.54 -28.11
C LEU H 159 -29.10 9.72 -26.90
N ASN H 160 -27.96 9.03 -26.88
CA ASN H 160 -26.90 9.28 -25.91
C ASN H 160 -25.67 9.74 -26.70
N ASN H 161 -24.73 10.38 -26.00
CA ASN H 161 -23.71 11.19 -26.65
C ASN H 161 -22.84 10.42 -27.64
N SER H 162 -22.74 9.09 -27.52
CA SER H 162 -21.98 8.36 -28.53
C SER H 162 -22.56 8.54 -29.92
N GLY H 163 -23.81 8.98 -30.03
CA GLY H 163 -24.49 9.06 -31.31
C GLY H 163 -25.34 7.85 -31.62
N GLN H 164 -25.43 6.90 -30.70
CA GLN H 164 -26.28 5.74 -30.86
C GLN H 164 -27.73 6.14 -30.64
N ILE H 165 -28.60 5.66 -31.53
CA ILE H 165 -30.04 5.93 -31.51
C ILE H 165 -30.81 4.67 -31.13
N LYS H 166 -31.82 4.85 -30.28
CA LYS H 166 -32.69 3.77 -29.82
C LYS H 166 -34.14 4.24 -29.73
N LEU H 167 -35.07 3.42 -30.22
CA LEU H 167 -36.50 3.65 -30.05
C LEU H 167 -36.96 3.19 -28.66
N ALA H 168 -38.06 3.78 -28.18
CA ALA H 168 -38.38 3.60 -26.76
C ALA H 168 -39.82 3.21 -26.41
N ASP H 169 -40.83 3.92 -26.91
CA ASP H 169 -42.19 3.66 -26.46
C ASP H 169 -42.85 2.58 -27.32
N PHE H 170 -42.78 1.34 -26.85
CA PHE H 170 -43.47 0.23 -27.48
C PHE H 170 -44.78 -0.10 -26.79
N GLY H 171 -45.26 0.81 -25.93
CA GLY H 171 -46.50 0.54 -25.21
C GLY H 171 -47.73 0.47 -26.08
N LEU H 172 -47.75 1.22 -27.17
CA LEU H 172 -48.85 1.20 -28.12
C LEU H 172 -48.27 0.51 -29.36
N ALA H 173 -48.10 -0.80 -29.28
CA ALA H 173 -47.50 -1.60 -30.33
C ALA H 173 -48.18 -2.95 -30.40
N ARG H 174 -48.46 -3.42 -31.62
CA ARG H 174 -49.16 -4.68 -31.81
C ARG H 174 -48.56 -5.49 -32.95
N LEU H 175 -48.83 -6.81 -32.92
CA LEU H 175 -48.44 -7.71 -34.00
C LEU H 175 -49.29 -7.47 -35.24
N TYR H 176 -48.68 -7.62 -36.42
CA TYR H 176 -49.35 -7.42 -37.69
C TYR H 176 -49.40 -8.74 -38.45
N ASN H 177 -50.58 -9.16 -38.88
CA ASN H 177 -50.75 -10.32 -39.75
C ASN H 177 -51.26 -9.81 -41.09
N SER H 178 -50.52 -10.11 -42.16
CA SER H 178 -50.88 -9.65 -43.49
C SER H 178 -51.91 -10.53 -44.19
N GLU H 179 -51.89 -11.84 -43.91
CA GLU H 179 -52.84 -12.75 -44.54
C GLU H 179 -54.28 -12.41 -44.17
N GLU H 180 -54.53 -11.99 -42.94
CA GLU H 180 -55.89 -11.73 -42.48
C GLU H 180 -56.01 -10.28 -42.00
N SER H 181 -56.91 -9.53 -42.62
CA SER H 181 -57.19 -8.19 -42.14
C SER H 181 -57.80 -8.25 -40.74
N ARG H 182 -57.27 -7.45 -39.82
CA ARG H 182 -57.73 -7.42 -38.43
C ARG H 182 -58.03 -5.98 -38.08
N PRO H 183 -59.16 -5.70 -37.44
CA PRO H 183 -59.46 -4.31 -37.07
C PRO H 183 -58.53 -3.79 -35.98
N TYR H 184 -58.05 -2.56 -36.16
CA TYR H 184 -57.15 -1.93 -35.21
C TYR H 184 -57.69 -0.55 -34.81
N ASN H 186 -58.22 3.27 -34.67
CA ASN H 186 -58.02 4.26 -35.72
C ASN H 186 -56.96 5.34 -35.42
N LYS H 187 -56.94 5.82 -34.19
CA LYS H 187 -56.07 6.92 -33.77
C LYS H 187 -54.92 6.34 -32.94
N VAL H 188 -53.79 6.05 -33.57
CA VAL H 188 -52.69 5.40 -32.88
C VAL H 188 -51.37 6.18 -32.87
N ILE H 189 -51.17 7.16 -33.76
CA ILE H 189 -49.94 7.96 -33.77
C ILE H 189 -50.26 9.40 -33.36
N THR H 190 -49.25 10.13 -32.87
CA THR H 190 -49.42 11.55 -32.52
C THR H 190 -49.72 12.36 -33.78
N LEU H 191 -50.64 13.33 -33.65
CA LEU H 191 -51.19 13.98 -34.84
C LEU H 191 -50.12 14.52 -35.76
N TRP H 192 -49.09 15.17 -35.21
CA TRP H 192 -48.06 15.77 -36.05
C TRP H 192 -47.39 14.73 -36.92
N TYR H 193 -47.23 13.52 -36.41
CA TYR H 193 -46.56 12.45 -37.16
C TYR H 193 -47.55 11.38 -37.63
N ARG H 194 -48.87 11.67 -37.61
CA ARG H 194 -49.85 10.67 -38.01
C ARG H 194 -49.87 10.58 -39.54
N PRO H 195 -50.10 9.39 -40.10
CA PRO H 195 -50.12 9.26 -41.58
C PRO H 195 -51.46 9.67 -42.14
N PRO H 196 -51.52 10.00 -43.43
CA PRO H 196 -52.80 10.45 -43.99
C PRO H 196 -53.88 9.38 -43.96
N GLU H 197 -53.51 8.12 -44.18
CA GLU H 197 -54.52 7.07 -44.20
C GLU H 197 -55.21 6.95 -42.85
N LEU H 198 -54.47 7.11 -41.76
CA LEU H 198 -55.09 6.97 -40.45
C LEU H 198 -55.97 8.17 -40.13
N LEU H 199 -55.70 9.33 -40.76
CA LEU H 199 -56.55 10.49 -40.59
C LEU H 199 -57.83 10.37 -41.40
N LEU H 200 -57.78 9.60 -42.47
CA LEU H 200 -58.92 9.27 -43.32
C LEU H 200 -59.64 8.01 -42.86
N GLY H 201 -59.35 7.58 -41.62
CA GLY H 201 -60.08 6.53 -40.96
C GLY H 201 -59.77 5.12 -41.37
N GLU H 202 -58.54 4.84 -41.77
CA GLU H 202 -58.15 3.47 -42.08
C GLU H 202 -57.97 2.74 -40.76
N GLU H 203 -58.71 1.66 -40.55
CA GLU H 203 -58.66 0.88 -39.33
C GLU H 203 -57.76 -0.35 -39.46
N ARG H 204 -57.34 -0.70 -40.69
CA ARG H 204 -56.43 -1.82 -40.92
C ARG H 204 -55.14 -1.23 -41.47
N TYR H 205 -54.33 -0.65 -40.59
CA TYR H 205 -53.12 0.02 -41.04
C TYR H 205 -52.01 -0.98 -41.34
N THR H 206 -51.14 -0.57 -42.27
CA THR H 206 -49.98 -1.34 -42.67
C THR H 206 -48.79 -0.92 -41.85
N PRO H 207 -47.70 -1.70 -41.86
CA PRO H 207 -46.49 -1.23 -41.18
C PRO H 207 -46.00 0.10 -41.72
N ALA H 208 -46.45 0.50 -42.91
CA ALA H 208 -46.00 1.74 -43.52
C ALA H 208 -46.38 2.98 -42.73
N ILE H 209 -47.27 2.85 -41.74
CA ILE H 209 -47.65 4.02 -40.95
C ILE H 209 -46.44 4.56 -40.19
N ASP H 210 -45.59 3.68 -39.67
CA ASP H 210 -44.37 4.12 -38.99
C ASP H 210 -43.42 4.78 -39.97
N VAL H 211 -43.40 4.32 -41.22
CA VAL H 211 -42.53 4.95 -42.21
C VAL H 211 -42.92 6.40 -42.43
N TRP H 212 -44.21 6.71 -42.38
CA TRP H 212 -44.64 8.09 -42.49
C TRP H 212 -44.10 8.92 -41.31
N SER H 213 -44.26 8.40 -40.10
CA SER H 213 -43.76 9.10 -38.93
C SER H 213 -42.27 9.34 -39.02
N CYS H 214 -41.49 8.29 -39.32
CA CYS H 214 -40.05 8.45 -39.41
C CYS H 214 -39.65 9.38 -40.55
N GLY H 215 -40.46 9.44 -41.61
CA GLY H 215 -40.20 10.40 -42.66
C GLY H 215 -40.42 11.83 -42.21
N CYS H 216 -41.49 12.07 -41.46
CA CYS H 216 -41.69 13.38 -40.86
C CYS H 216 -40.47 13.79 -40.05
N ILE H 217 -39.85 12.83 -39.37
CA ILE H 217 -38.64 13.11 -38.61
C ILE H 217 -37.50 13.52 -39.54
N LEU H 218 -37.35 12.84 -40.68
CA LEU H 218 -36.26 13.20 -41.58
C LEU H 218 -36.29 14.68 -41.91
N GLY H 219 -37.45 15.19 -42.31
CA GLY H 219 -37.54 16.61 -42.61
C GLY H 219 -37.29 17.48 -41.40
N GLU H 220 -37.77 17.05 -40.23
CA GLU H 220 -37.58 17.83 -39.02
C GLU H 220 -36.10 17.99 -38.71
N LEU H 221 -35.29 16.99 -39.05
CA LEU H 221 -33.85 17.11 -38.83
C LEU H 221 -33.20 18.07 -39.81
N PHE H 222 -33.87 18.36 -40.94
CA PHE H 222 -33.35 19.32 -41.91
C PHE H 222 -33.90 20.72 -41.71
N THR H 223 -34.99 20.87 -40.95
CA THR H 223 -35.57 22.17 -40.66
C THR H 223 -35.50 22.58 -39.21
N LYS H 224 -35.31 21.63 -38.29
CA LYS H 224 -35.34 21.86 -36.84
C LYS H 224 -36.73 22.23 -36.34
N LYS H 225 -37.75 22.07 -37.17
CA LYS H 225 -39.14 22.39 -36.84
C LYS H 225 -40.02 21.28 -37.41
N PRO H 226 -41.01 20.79 -36.67
CA PRO H 226 -41.89 19.75 -37.23
C PRO H 226 -42.51 20.23 -38.55
N ILE H 227 -42.69 19.28 -39.47
CA ILE H 227 -43.11 19.66 -40.81
C ILE H 227 -44.59 20.04 -40.81
N PHE H 228 -45.42 19.23 -40.13
CA PHE H 228 -46.87 19.42 -40.11
C PHE H 228 -47.31 19.62 -38.66
N GLN H 229 -47.62 20.85 -38.29
CA GLN H 229 -48.13 21.18 -36.97
C GLN H 229 -49.53 21.73 -37.09
N ALA H 230 -50.48 21.02 -36.47
CA ALA H 230 -51.89 21.37 -36.48
C ALA H 230 -52.50 20.78 -35.22
N ASN H 231 -53.71 21.26 -34.88
CA ASN H 231 -54.39 20.81 -33.68
C ASN H 231 -55.53 19.82 -33.93
N LEU H 232 -56.05 19.72 -35.15
CA LEU H 232 -57.18 18.85 -35.44
C LEU H 232 -56.90 18.03 -36.69
N GLU H 233 -57.52 16.85 -36.74
CA GLU H 233 -57.23 15.90 -37.81
C GLU H 233 -57.47 16.51 -39.19
N LEU H 234 -58.55 17.28 -39.35
CA LEU H 234 -58.80 17.90 -40.65
C LEU H 234 -57.71 18.92 -40.98
N ALA H 235 -57.29 19.71 -39.99
CA ALA H 235 -56.23 20.67 -40.23
C ALA H 235 -54.95 19.98 -40.66
N GLN H 236 -54.64 18.83 -40.04
CA GLN H 236 -53.45 18.11 -40.43
C GLN H 236 -53.55 17.60 -41.86
N LEU H 237 -54.71 17.03 -42.23
CA LEU H 237 -54.89 16.54 -43.58
C LEU H 237 -54.74 17.67 -44.60
N GLU H 238 -55.18 18.89 -44.27
CA GLU H 238 -54.93 20.02 -45.16
C GLU H 238 -53.44 20.33 -45.25
N LEU H 239 -52.75 20.35 -44.10
CA LEU H 239 -51.32 20.63 -44.12
C LEU H 239 -50.56 19.57 -44.88
N ILE H 240 -50.87 18.30 -44.61
CA ILE H 240 -50.26 17.22 -45.37
C ILE H 240 -50.51 17.42 -46.85
N SER H 241 -51.73 17.82 -47.22
CA SER H 241 -52.09 17.93 -48.63
C SER H 241 -51.32 19.04 -49.34
N ARG H 242 -51.08 20.18 -48.67
CA ARG H 242 -50.45 21.31 -49.34
C ARG H 242 -49.06 20.98 -49.86
N LEU H 243 -48.35 20.10 -49.17
CA LEU H 243 -46.98 19.75 -49.50
C LEU H 243 -46.92 18.47 -50.32
N CYS H 244 -47.61 17.43 -49.87
CA CYS H 244 -47.52 16.12 -50.47
C CYS H 244 -48.50 15.91 -51.62
N GLY H 245 -49.46 16.79 -51.78
CA GLY H 245 -50.53 16.59 -52.73
C GLY H 245 -51.79 16.08 -52.04
N SER H 246 -52.95 16.42 -52.62
CA SER H 246 -54.22 16.07 -52.00
C SER H 246 -54.60 14.61 -52.28
N PRO H 247 -55.15 13.91 -51.29
CA PRO H 247 -55.59 12.52 -51.52
C PRO H 247 -56.67 12.44 -52.60
N CYS H 248 -56.37 11.70 -53.66
CA CYS H 248 -57.30 11.52 -54.75
C CYS H 248 -57.00 10.22 -55.47
N PRO H 249 -58.01 9.60 -56.11
CA PRO H 249 -57.75 8.31 -56.79
C PRO H 249 -56.65 8.35 -57.84
N ALA H 250 -56.31 9.53 -58.38
CA ALA H 250 -55.31 9.59 -59.44
C ALA H 250 -53.94 9.17 -58.94
N VAL H 251 -53.62 9.45 -57.68
CA VAL H 251 -52.34 9.07 -57.09
C VAL H 251 -52.49 7.97 -56.04
N TRP H 252 -53.70 7.74 -55.55
CA TRP H 252 -53.97 6.81 -54.44
C TRP H 252 -55.24 6.07 -54.82
N PRO H 253 -55.12 5.03 -55.64
CA PRO H 253 -56.33 4.47 -56.29
C PRO H 253 -57.37 3.96 -55.32
N ASP H 254 -56.94 3.43 -54.17
CA ASP H 254 -57.83 2.81 -53.21
C ASP H 254 -58.29 3.74 -52.09
N VAL H 255 -58.08 5.05 -52.25
CA VAL H 255 -58.52 5.99 -51.23
C VAL H 255 -60.04 6.00 -51.14
N ILE H 256 -60.73 5.72 -52.24
CA ILE H 256 -62.19 5.79 -52.27
C ILE H 256 -62.82 4.80 -51.29
N ARG H 257 -62.07 3.77 -50.87
CA ARG H 257 -62.56 2.84 -49.88
C ARG H 257 -62.42 3.37 -48.47
N LEU H 258 -61.83 4.51 -48.30
CA LEU H 258 -61.56 4.93 -46.94
C LEU H 258 -62.77 5.63 -46.37
N PRO H 259 -63.07 5.40 -45.09
CA PRO H 259 -64.36 5.86 -44.56
C PRO H 259 -64.59 7.36 -44.72
N TYR H 260 -63.54 8.17 -44.54
CA TYR H 260 -63.69 9.60 -44.48
C TYR H 260 -63.25 10.29 -45.76
N PHE H 261 -63.07 9.54 -46.85
CA PHE H 261 -62.56 10.16 -48.07
C PHE H 261 -63.49 11.26 -48.56
N ASN H 262 -64.80 10.98 -48.62
CA ASN H 262 -65.73 12.04 -48.99
C ASN H 262 -65.82 13.09 -47.88
N THR H 263 -65.82 12.63 -46.63
CA THR H 263 -66.04 13.51 -45.48
C THR H 263 -64.93 14.52 -45.30
N MET H 264 -63.67 14.06 -45.22
CA MET H 264 -62.57 14.95 -44.92
C MET H 264 -61.92 15.36 -46.23
N LYS H 265 -62.46 16.39 -46.84
CA LYS H 265 -61.88 16.85 -48.08
C LYS H 265 -61.04 18.08 -47.81
N PRO H 266 -59.86 18.17 -48.41
CA PRO H 266 -59.09 19.41 -48.31
C PRO H 266 -59.82 20.53 -49.03
N LYS H 267 -59.46 21.77 -48.67
CA LYS H 267 -60.07 22.92 -49.30
C LYS H 267 -60.05 22.83 -50.82
N LYS H 268 -58.92 22.41 -51.38
CA LYS H 268 -58.73 22.28 -52.82
C LYS H 268 -58.04 20.94 -53.09
N GLN H 269 -57.92 20.61 -54.37
CA GLN H 269 -57.06 19.50 -54.79
C GLN H 269 -55.65 20.03 -55.00
N TYR H 270 -54.86 20.07 -53.94
CA TYR H 270 -53.53 20.67 -54.06
C TYR H 270 -52.63 19.72 -54.84
N ARG H 271 -51.66 20.29 -55.55
CA ARG H 271 -50.66 19.53 -56.29
C ARG H 271 -49.43 19.32 -55.42
N ARG H 272 -48.73 18.20 -55.66
CA ARG H 272 -47.57 17.88 -54.83
C ARG H 272 -46.49 18.93 -54.99
N ARG H 273 -45.99 19.44 -53.86
CA ARG H 273 -44.94 20.44 -53.84
C ARG H 273 -43.73 20.02 -53.03
N LEU H 274 -43.71 18.77 -52.54
CA LEU H 274 -42.67 18.38 -51.59
C LEU H 274 -41.28 18.68 -52.14
N ARG H 275 -41.03 18.32 -53.39
CA ARG H 275 -39.72 18.60 -53.96
C ARG H 275 -39.50 20.10 -54.11
N GLU H 276 -40.57 20.87 -54.32
CA GLU H 276 -40.42 22.31 -54.48
C GLU H 276 -40.15 22.97 -53.13
N GLU H 277 -40.98 22.70 -52.13
CA GLU H 277 -40.85 23.38 -50.85
C GLU H 277 -39.62 22.92 -50.06
N PHE H 278 -39.15 21.70 -50.30
CA PHE H 278 -37.93 21.18 -49.65
C PHE H 278 -36.76 21.18 -50.62
N SER H 279 -36.67 22.16 -51.50
CA SER H 279 -35.56 22.21 -52.45
C SER H 279 -34.23 22.42 -51.75
N PHE H 280 -34.23 22.92 -50.51
CA PHE H 280 -32.97 23.17 -49.82
C PHE H 280 -32.28 21.88 -49.36
N ILE H 281 -32.93 20.73 -49.47
CA ILE H 281 -32.40 19.44 -48.99
C ILE H 281 -31.53 18.77 -50.04
N PRO H 282 -30.45 18.10 -49.64
CA PRO H 282 -29.61 17.37 -50.60
C PRO H 282 -30.40 16.38 -51.45
N SER H 283 -29.91 16.16 -52.68
CA SER H 283 -30.67 15.38 -53.65
C SER H 283 -30.95 13.96 -53.16
N ALA H 284 -29.94 13.30 -52.61
CA ALA H 284 -30.13 11.92 -52.15
C ALA H 284 -31.23 11.83 -51.10
N ALA H 285 -31.31 12.83 -50.22
CA ALA H 285 -32.33 12.82 -49.19
C ALA H 285 -33.70 13.19 -49.75
N LEU H 286 -33.76 14.13 -50.69
CA LEU H 286 -35.05 14.59 -51.20
C LEU H 286 -35.84 13.42 -51.79
N ASP H 287 -35.16 12.54 -52.53
CA ASP H 287 -35.83 11.35 -53.03
C ASP H 287 -36.36 10.50 -51.89
N LEU H 288 -35.58 10.37 -50.81
CA LEU H 288 -36.04 9.61 -49.65
C LEU H 288 -37.29 10.26 -49.07
N LEU H 289 -37.27 11.59 -48.89
CA LEU H 289 -38.43 12.28 -48.33
C LEU H 289 -39.64 12.15 -49.24
N ASP H 290 -39.43 12.30 -50.55
CA ASP H 290 -40.54 12.15 -51.50
C ASP H 290 -41.18 10.78 -51.36
N HIS H 291 -40.35 9.74 -51.16
CA HIS H 291 -40.88 8.38 -51.11
C HIS H 291 -41.49 8.05 -49.75
N MET H 292 -40.86 8.48 -48.65
CA MET H 292 -41.42 8.15 -47.33
C MET H 292 -42.74 8.88 -47.10
N LEU H 293 -42.85 10.11 -47.59
CA LEU H 293 -44.07 10.91 -47.44
C LEU H 293 -44.96 10.81 -48.67
N THR H 294 -45.05 9.61 -49.25
CA THR H 294 -45.97 9.32 -50.34
C THR H 294 -47.32 8.92 -49.76
N LEU H 295 -48.38 9.49 -50.34
CA LEU H 295 -49.72 9.38 -49.75
C LEU H 295 -50.20 7.92 -49.68
N ASP H 296 -50.10 7.20 -50.77
CA ASP H 296 -50.68 5.87 -50.85
C ASP H 296 -49.82 4.87 -50.07
N PRO H 297 -50.34 4.25 -49.00
CA PRO H 297 -49.51 3.30 -48.25
C PRO H 297 -48.98 2.16 -49.10
N SER H 298 -49.68 1.82 -50.18
CA SER H 298 -49.19 0.76 -51.05
C SER H 298 -48.00 1.23 -51.86
N LYS H 299 -47.81 2.54 -51.98
CA LYS H 299 -46.66 3.09 -52.69
C LYS H 299 -45.61 3.66 -51.75
N ARG H 300 -45.88 3.72 -50.45
CA ARG H 300 -44.90 4.23 -49.51
C ARG H 300 -43.79 3.21 -49.33
N CYS H 301 -42.55 3.69 -49.46
CA CYS H 301 -41.39 2.82 -49.37
C CYS H 301 -41.38 2.10 -48.02
N THR H 302 -40.71 0.95 -48.00
CA THR H 302 -40.57 0.18 -46.78
C THR H 302 -39.25 0.53 -46.09
N ALA H 303 -39.11 0.02 -44.86
CA ALA H 303 -37.89 0.27 -44.09
C ALA H 303 -36.68 -0.30 -44.80
N GLU H 304 -36.79 -1.53 -45.32
CA GLU H 304 -35.65 -2.12 -46.01
C GLU H 304 -35.26 -1.25 -47.19
N GLN H 305 -36.25 -0.76 -47.94
CA GLN H 305 -35.96 0.06 -49.12
C GLN H 305 -35.28 1.36 -48.72
N THR H 306 -35.66 1.93 -47.55
CA THR H 306 -35.00 3.15 -47.12
C THR H 306 -33.51 2.92 -46.93
N LEU H 307 -33.16 1.74 -46.40
CA LEU H 307 -31.75 1.39 -46.24
C LEU H 307 -31.06 1.15 -47.57
N GLN H 308 -31.80 0.76 -48.59
CA GLN H 308 -31.21 0.59 -49.92
C GLN H 308 -31.38 1.86 -50.75
N SER H 309 -31.12 3.02 -50.15
CA SER H 309 -31.25 4.31 -50.81
C SER H 309 -29.86 4.90 -51.00
N ASP H 310 -29.73 5.76 -52.01
CA ASP H 310 -28.44 6.44 -52.19
C ASP H 310 -28.06 7.19 -50.93
N PHE H 311 -29.03 7.59 -50.11
CA PHE H 311 -28.74 8.41 -48.94
C PHE H 311 -28.13 7.59 -47.80
N LEU H 312 -28.70 6.41 -47.53
CA LEU H 312 -28.29 5.60 -46.38
C LEU H 312 -27.60 4.30 -46.78
N LYS H 313 -27.63 3.93 -48.06
CA LYS H 313 -27.14 2.62 -48.44
C LYS H 313 -25.67 2.45 -48.10
N ASP H 314 -24.86 3.46 -48.45
CA ASP H 314 -23.42 3.37 -48.33
C ASP H 314 -22.93 3.97 -47.03
N VAL H 315 -23.85 4.42 -46.17
CA VAL H 315 -23.46 4.96 -44.87
C VAL H 315 -22.91 3.85 -43.99
N GLU H 316 -21.75 4.10 -43.40
CA GLU H 316 -21.10 3.16 -42.50
C GLU H 316 -21.27 3.70 -41.09
N LEU H 317 -21.90 2.89 -40.22
CA LEU H 317 -22.12 3.32 -38.85
C LEU H 317 -20.84 3.30 -38.01
N SER H 318 -19.74 2.77 -38.55
CA SER H 318 -18.48 2.78 -37.82
C SER H 318 -18.03 4.21 -37.52
N LYS H 319 -18.22 5.12 -38.46
CA LYS H 319 -17.91 6.52 -38.21
C LYS H 319 -18.62 7.02 -36.95
N MET H 320 -19.92 6.78 -36.86
CA MET H 320 -20.74 7.19 -35.74
C MET H 320 -20.30 8.56 -35.20
N ALA H 321 -19.99 9.48 -36.11
CA ALA H 321 -19.66 10.87 -35.83
C ALA H 321 -20.48 11.40 -34.66
N PRO H 322 -19.89 11.55 -33.46
CA PRO H 322 -20.71 11.99 -32.31
C PRO H 322 -21.40 13.32 -32.62
N PRO H 323 -22.64 13.48 -32.18
CA PRO H 323 -23.35 14.76 -32.41
C PRO H 323 -22.80 15.92 -31.61
N ASP H 324 -23.15 17.12 -32.08
CA ASP H 324 -22.66 18.37 -31.50
C ASP H 324 -23.49 18.73 -30.27
N LEU H 325 -22.83 19.29 -29.26
CA LEU H 325 -23.41 19.71 -28.00
C LEU H 325 -23.09 21.18 -27.72
N PRO H 326 -24.08 21.94 -27.17
CA PRO H 326 -23.84 23.37 -26.91
C PRO H 326 -23.12 23.74 -25.63
N HIS H 327 -22.45 22.80 -24.99
CA HIS H 327 -21.93 23.06 -23.65
C HIS H 327 -20.84 24.13 -23.64
N TRP H 328 -20.90 24.98 -22.60
CA TRP H 328 -19.96 26.05 -22.26
C TRP H 328 -20.15 27.38 -22.96
N GLN H 329 -20.81 27.39 -24.13
CA GLN H 329 -21.18 28.67 -24.73
C GLN H 329 -22.41 29.30 -24.06
N ASP H 330 -23.26 28.45 -23.50
CA ASP H 330 -24.53 28.82 -22.93
C ASP H 330 -24.40 29.59 -21.62
N THR I 24 -30.15 -15.13 -20.92
CA THR I 24 -31.07 -14.24 -21.63
C THR I 24 -32.52 -14.56 -21.30
N LYS I 25 -33.10 -15.57 -21.97
CA LYS I 25 -34.47 -16.02 -21.73
C LYS I 25 -34.47 -17.41 -21.09
N PRO I 26 -35.47 -17.70 -20.26
CA PRO I 26 -35.42 -18.93 -19.46
C PRO I 26 -35.77 -20.21 -20.21
N CYS I 27 -35.37 -21.32 -19.58
CA CYS I 27 -35.65 -22.67 -20.09
C CYS I 27 -36.94 -23.20 -19.48
N TRP I 28 -37.87 -23.61 -20.34
CA TRP I 28 -39.19 -24.05 -19.90
C TRP I 28 -39.44 -25.54 -20.13
N TYR I 29 -38.41 -26.36 -20.15
CA TYR I 29 -38.61 -27.78 -20.43
C TYR I 29 -37.89 -28.66 -19.42
N TRP I 30 -38.62 -29.66 -18.92
CA TRP I 30 -38.15 -30.62 -17.94
C TRP I 30 -38.15 -32.01 -18.54
N ASP I 31 -37.47 -32.94 -17.89
CA ASP I 31 -37.57 -34.35 -18.22
C ASP I 31 -38.73 -34.99 -17.47
N LYS I 32 -39.36 -36.00 -18.09
CA LYS I 32 -40.45 -36.73 -17.45
C LYS I 32 -40.08 -37.12 -16.04
N LYS I 33 -38.84 -37.58 -15.83
CA LYS I 33 -38.41 -37.99 -14.50
C LYS I 33 -38.57 -36.87 -13.49
N ASP I 34 -38.48 -35.62 -13.96
CA ASP I 34 -38.51 -34.48 -13.05
C ASP I 34 -39.89 -34.23 -12.44
N LEU I 35 -40.95 -34.71 -13.07
CA LEU I 35 -42.30 -34.49 -12.55
C LEU I 35 -42.57 -35.25 -11.26
N ALA I 36 -41.70 -36.18 -10.87
CA ALA I 36 -41.80 -36.82 -9.57
C ALA I 36 -41.44 -35.88 -8.43
N HIS I 37 -40.98 -34.67 -8.74
CA HIS I 37 -40.44 -33.76 -7.74
C HIS I 37 -41.06 -32.37 -7.85
N THR I 38 -42.29 -32.28 -8.32
CA THR I 38 -42.98 -31.01 -8.29
C THR I 38 -43.33 -30.67 -6.85
N PRO I 39 -43.52 -29.38 -6.56
CA PRO I 39 -44.01 -29.00 -5.22
C PRO I 39 -45.20 -29.85 -4.78
N SER I 40 -46.14 -30.13 -5.69
CA SER I 40 -47.31 -30.91 -5.34
C SER I 40 -46.93 -32.31 -4.87
N GLN I 41 -46.05 -32.98 -5.60
CA GLN I 41 -45.62 -34.31 -5.18
C GLN I 41 -44.98 -34.28 -3.80
N LEU I 42 -44.13 -33.28 -3.55
CA LEU I 42 -43.36 -33.20 -2.32
C LEU I 42 -44.21 -32.78 -1.13
N GLU I 43 -45.40 -32.24 -1.37
CA GLU I 43 -46.36 -31.98 -0.31
C GLU I 43 -47.33 -33.14 -0.10
N GLY I 44 -47.03 -34.31 -0.66
CA GLY I 44 -47.81 -35.50 -0.40
C GLY I 44 -48.87 -35.84 -1.41
N LEU I 45 -48.99 -35.05 -2.47
CA LEU I 45 -49.91 -35.36 -3.55
C LEU I 45 -49.34 -36.48 -4.40
N ASP I 46 -50.15 -37.49 -4.69
CA ASP I 46 -49.64 -38.62 -5.46
C ASP I 46 -49.71 -38.33 -6.95
N PRO I 47 -48.98 -39.11 -7.77
CA PRO I 47 -48.91 -38.80 -9.20
C PRO I 47 -50.25 -38.83 -9.90
N ALA I 48 -51.11 -39.79 -9.59
CA ALA I 48 -52.42 -39.85 -10.26
C ALA I 48 -53.23 -38.58 -9.95
N THR I 49 -53.17 -38.11 -8.71
CA THR I 49 -53.94 -36.93 -8.34
C THR I 49 -53.44 -35.68 -9.05
N GLU I 50 -52.11 -35.46 -9.07
CA GLU I 50 -51.61 -34.26 -9.72
C GLU I 50 -51.94 -34.29 -11.21
N ALA I 51 -51.81 -35.46 -11.85
CA ALA I 51 -52.22 -35.58 -13.25
C ALA I 51 -53.69 -35.24 -13.41
N ARG I 52 -54.53 -35.74 -12.49
CA ARG I 52 -55.96 -35.43 -12.56
C ARG I 52 -56.21 -33.93 -12.45
N TYR I 53 -55.55 -33.29 -11.48
CA TYR I 53 -55.71 -31.85 -11.31
C TYR I 53 -55.31 -31.08 -12.56
N ARG I 54 -54.25 -31.52 -13.23
CA ARG I 54 -53.80 -30.84 -14.44
C ARG I 54 -54.85 -30.96 -15.55
N ARG I 55 -55.45 -32.15 -15.70
CA ARG I 55 -56.52 -32.31 -16.67
C ARG I 55 -57.71 -31.43 -16.33
N GLU I 56 -58.15 -31.47 -15.07
CA GLU I 56 -59.32 -30.69 -14.68
C GLU I 56 -59.07 -29.20 -14.87
N GLY I 57 -57.89 -28.73 -14.47
CA GLY I 57 -57.57 -27.33 -14.68
C GLY I 57 -57.47 -26.98 -16.15
N ALA I 58 -56.78 -27.81 -16.93
CA ALA I 58 -56.64 -27.54 -18.35
C ALA I 58 -58.00 -27.52 -19.03
N ARG I 59 -58.84 -28.54 -18.79
CA ARG I 59 -60.15 -28.57 -19.44
C ARG I 59 -61.04 -27.44 -18.95
N PHE I 60 -60.92 -27.06 -17.67
CA PHE I 60 -61.63 -25.88 -17.18
C PHE I 60 -61.27 -24.64 -18.01
N ILE I 61 -59.97 -24.39 -18.18
CA ILE I 61 -59.54 -23.25 -19.00
C ILE I 61 -60.10 -23.37 -20.41
N PHE I 62 -60.03 -24.57 -20.99
CA PHE I 62 -60.52 -24.77 -22.34
C PHE I 62 -62.01 -24.46 -22.43
N ASP I 63 -62.80 -24.97 -21.48
CA ASP I 63 -64.24 -24.80 -21.53
C ASP I 63 -64.64 -23.36 -21.31
N VAL I 64 -64.07 -22.73 -20.27
CA VAL I 64 -64.40 -21.35 -19.96
C VAL I 64 -64.13 -20.45 -21.17
N GLY I 65 -62.94 -20.58 -21.74
CA GLY I 65 -62.58 -19.74 -22.87
C GLY I 65 -63.39 -20.02 -24.11
N THR I 66 -63.77 -21.29 -24.33
CA THR I 66 -64.59 -21.61 -25.49
C THR I 66 -65.95 -20.93 -25.39
N ARG I 67 -66.56 -20.93 -24.21
CA ARG I 67 -67.84 -20.23 -24.05
C ARG I 67 -67.70 -18.74 -24.33
N LEU I 68 -66.55 -18.16 -24.01
CA LEU I 68 -66.32 -16.74 -24.24
C LEU I 68 -65.97 -16.43 -25.69
N GLY I 69 -65.82 -17.45 -26.53
CA GLY I 69 -65.53 -17.23 -27.93
C GLY I 69 -64.08 -16.97 -28.24
N LEU I 70 -63.17 -17.48 -27.42
CA LEU I 70 -61.77 -17.11 -27.53
C LEU I 70 -61.03 -17.94 -28.58
N HIS I 71 -60.06 -17.29 -29.23
CA HIS I 71 -59.18 -17.93 -30.19
C HIS I 71 -58.44 -19.09 -29.55
N TYR I 72 -58.08 -20.09 -30.38
CA TYR I 72 -57.48 -21.31 -29.84
C TYR I 72 -56.13 -21.02 -29.20
N ASP I 73 -55.36 -20.07 -29.76
CA ASP I 73 -54.06 -19.76 -29.17
C ASP I 73 -54.22 -19.21 -27.76
N THR I 74 -55.25 -18.40 -27.53
CA THR I 74 -55.46 -17.83 -26.21
C THR I 74 -55.70 -18.91 -25.17
N LEU I 75 -56.49 -19.94 -25.52
CA LEU I 75 -56.70 -21.05 -24.60
C LEU I 75 -55.39 -21.76 -24.29
N ALA I 76 -54.63 -22.09 -25.34
CA ALA I 76 -53.38 -22.82 -25.12
C ALA I 76 -52.41 -21.99 -24.29
N THR I 77 -52.31 -20.69 -24.58
CA THR I 77 -51.41 -19.84 -23.79
C THR I 77 -51.77 -19.90 -22.31
N GLY I 78 -53.05 -19.76 -21.99
CA GLY I 78 -53.47 -19.87 -20.61
C GLY I 78 -53.11 -21.21 -20.01
N ILE I 79 -53.32 -22.29 -20.77
CA ILE I 79 -53.06 -23.63 -20.24
C ILE I 79 -51.58 -23.82 -19.97
N ILE I 80 -50.71 -23.31 -20.84
CA ILE I 80 -49.29 -23.46 -20.61
C ILE I 80 -48.86 -22.63 -19.41
N TYR I 81 -49.37 -21.39 -19.29
CA TYR I 81 -49.15 -20.65 -18.05
C TYR I 81 -49.54 -21.50 -16.86
N PHE I 82 -50.71 -22.14 -16.94
CA PHE I 82 -51.21 -22.99 -15.87
C PHE I 82 -50.25 -24.14 -15.58
N HIS I 83 -49.87 -24.91 -16.60
CA HIS I 83 -48.99 -26.04 -16.38
C HIS I 83 -47.67 -25.59 -15.74
N ARG I 84 -47.08 -24.53 -16.28
CA ARG I 84 -45.82 -24.05 -15.75
C ARG I 84 -45.97 -23.61 -14.30
N PHE I 85 -47.07 -22.93 -13.98
CA PHE I 85 -47.31 -22.47 -12.62
C PHE I 85 -47.10 -23.59 -11.61
N TYR I 86 -47.67 -24.76 -11.87
CA TYR I 86 -47.60 -25.86 -10.90
C TYR I 86 -46.31 -26.67 -11.01
N MET I 87 -45.34 -26.18 -11.78
CA MET I 87 -43.96 -26.60 -11.65
C MET I 87 -43.24 -25.80 -10.57
N PHE I 88 -43.83 -24.67 -10.13
CA PHE I 88 -43.27 -23.79 -9.13
C PHE I 88 -44.10 -23.71 -7.86
N HIS I 89 -45.32 -24.22 -7.85
CA HIS I 89 -46.20 -24.14 -6.71
C HIS I 89 -46.91 -25.46 -6.52
N SER I 90 -47.53 -25.62 -5.36
CA SER I 90 -48.26 -26.83 -5.04
C SER I 90 -49.75 -26.61 -5.26
N PHE I 91 -50.42 -27.65 -5.76
CA PHE I 91 -51.87 -27.61 -5.90
C PHE I 91 -52.56 -27.47 -4.54
N LYS I 92 -51.88 -27.83 -3.46
CA LYS I 92 -52.47 -27.74 -2.13
C LYS I 92 -52.47 -26.30 -1.60
N GLN I 93 -51.62 -25.42 -2.14
CA GLN I 93 -51.57 -24.05 -1.69
C GLN I 93 -52.28 -23.09 -2.62
N PHE I 94 -52.49 -23.49 -3.88
CA PHE I 94 -53.21 -22.69 -4.86
C PHE I 94 -54.33 -23.51 -5.48
N PRO I 95 -55.59 -23.23 -5.14
CA PRO I 95 -56.70 -23.99 -5.77
C PRO I 95 -56.64 -23.84 -7.28
N ARG I 96 -56.82 -24.96 -7.97
CA ARG I 96 -56.48 -25.00 -9.40
C ARG I 96 -57.39 -24.12 -10.24
N TYR I 97 -58.69 -24.08 -9.94
CA TYR I 97 -59.61 -23.36 -10.82
C TYR I 97 -59.42 -21.85 -10.72
N VAL I 98 -59.04 -21.33 -9.55
CA VAL I 98 -58.68 -19.92 -9.46
C VAL I 98 -57.46 -19.64 -10.32
N THR I 99 -56.42 -20.46 -10.16
CA THR I 99 -55.24 -20.36 -11.01
C THR I 99 -55.63 -20.37 -12.48
N GLY I 100 -56.44 -21.33 -12.89
CA GLY I 100 -56.88 -21.37 -14.27
C GLY I 100 -57.50 -20.08 -14.72
N ALA I 101 -58.49 -19.58 -13.95
CA ALA I 101 -59.15 -18.34 -14.32
C ALA I 101 -58.15 -17.20 -14.47
N CYS I 102 -57.17 -17.11 -13.56
CA CYS I 102 -56.17 -16.07 -13.66
C CYS I 102 -55.32 -16.23 -14.92
N CYS I 103 -54.90 -17.47 -15.22
CA CYS I 103 -54.09 -17.69 -16.40
C CYS I 103 -54.81 -17.23 -17.67
N LEU I 104 -56.08 -17.63 -17.84
CA LEU I 104 -56.81 -17.21 -19.02
C LEU I 104 -56.95 -15.69 -19.05
N PHE I 105 -57.16 -15.08 -17.88
CA PHE I 105 -57.28 -13.63 -17.83
C PHE I 105 -56.02 -12.97 -18.39
N LEU I 106 -54.85 -13.38 -17.92
CA LEU I 106 -53.61 -12.82 -18.44
C LEU I 106 -53.39 -13.25 -19.89
N ALA I 107 -53.73 -14.51 -20.22
CA ALA I 107 -53.55 -14.97 -21.59
C ALA I 107 -54.30 -14.08 -22.56
N GLY I 108 -55.50 -13.62 -22.17
CA GLY I 108 -56.25 -12.73 -23.03
C GLY I 108 -55.55 -11.41 -23.27
N LYS I 109 -54.98 -10.82 -22.22
CA LYS I 109 -54.26 -9.56 -22.41
C LYS I 109 -52.99 -9.77 -23.21
N VAL I 110 -52.37 -10.94 -23.06
CA VAL I 110 -51.14 -11.22 -23.81
C VAL I 110 -51.46 -11.43 -25.29
N GLU I 111 -52.45 -12.25 -25.59
CA GLU I 111 -52.76 -12.62 -26.97
C GLU I 111 -53.71 -11.65 -27.65
N GLU I 112 -53.96 -10.49 -27.06
CA GLU I 112 -54.81 -9.45 -27.66
C GLU I 112 -56.22 -9.99 -27.93
N THR I 113 -56.74 -10.77 -26.98
CA THR I 113 -58.14 -11.20 -27.00
C THR I 113 -58.77 -10.96 -25.62
N PRO I 114 -58.76 -9.73 -25.13
CA PRO I 114 -59.08 -9.49 -23.71
C PRO I 114 -60.53 -9.79 -23.35
N LYS I 115 -60.71 -10.20 -22.09
CA LYS I 115 -62.03 -10.35 -21.48
C LYS I 115 -61.93 -9.84 -20.05
N LYS I 116 -63.03 -9.24 -19.57
CA LYS I 116 -63.03 -8.68 -18.22
C LYS I 116 -63.13 -9.79 -17.19
N CYS I 117 -62.45 -9.60 -16.06
CA CYS I 117 -62.46 -10.64 -15.04
C CYS I 117 -63.89 -10.99 -14.63
N LYS I 118 -64.79 -10.00 -14.61
CA LYS I 118 -66.15 -10.31 -14.19
C LYS I 118 -66.82 -11.27 -15.17
N ASP I 119 -66.40 -11.25 -16.44
CA ASP I 119 -66.95 -12.18 -17.41
C ASP I 119 -66.38 -13.58 -17.22
N ILE I 120 -65.10 -13.69 -16.90
CA ILE I 120 -64.50 -15.00 -16.66
C ILE I 120 -65.11 -15.64 -15.42
N ILE I 121 -65.30 -14.87 -14.36
CA ILE I 121 -65.93 -15.42 -13.15
C ILE I 121 -67.34 -15.89 -13.45
N LYS I 122 -68.13 -15.07 -14.14
CA LYS I 122 -69.49 -15.45 -14.47
C LYS I 122 -69.53 -16.77 -15.24
N THR I 123 -68.64 -16.92 -16.24
CA THR I 123 -68.61 -18.16 -17.01
C THR I 123 -68.15 -19.33 -16.15
N ALA I 124 -67.15 -19.10 -15.30
CA ALA I 124 -66.68 -20.17 -14.42
C ALA I 124 -67.81 -20.67 -13.53
N ARG I 125 -68.69 -19.76 -13.10
CA ARG I 125 -69.81 -20.16 -12.26
C ARG I 125 -70.76 -21.08 -13.04
N SER I 126 -70.97 -20.81 -14.33
CA SER I 126 -71.82 -21.66 -15.13
C SER I 126 -71.30 -23.08 -15.18
N LEU I 127 -69.98 -23.25 -15.27
CA LEU I 127 -69.36 -24.54 -15.51
C LEU I 127 -69.02 -25.29 -14.23
N LEU I 128 -68.78 -24.59 -13.14
CA LEU I 128 -68.40 -25.22 -11.89
C LEU I 128 -69.63 -25.42 -11.00
N ASN I 129 -69.65 -26.52 -10.27
CA ASN I 129 -70.69 -26.76 -9.29
C ASN I 129 -70.39 -25.95 -8.03
N ASP I 130 -71.20 -26.12 -6.99
CA ASP I 130 -71.05 -25.29 -5.81
C ASP I 130 -69.79 -25.64 -5.04
N VAL I 131 -69.49 -26.93 -4.90
CA VAL I 131 -68.28 -27.35 -4.21
C VAL I 131 -67.05 -26.78 -4.91
N GLN I 132 -67.00 -26.93 -6.23
CA GLN I 132 -65.85 -26.47 -7.00
C GLN I 132 -65.71 -24.95 -6.88
N PHE I 133 -66.81 -24.22 -7.06
CA PHE I 133 -66.76 -22.77 -6.98
C PHE I 133 -66.45 -22.28 -5.57
N GLY I 134 -66.49 -23.15 -4.57
CA GLY I 134 -66.05 -22.75 -3.24
C GLY I 134 -64.61 -22.26 -3.23
N GLN I 135 -63.81 -22.71 -4.19
CA GLN I 135 -62.41 -22.27 -4.25
C GLN I 135 -62.31 -20.75 -4.39
N PHE I 136 -63.27 -20.12 -5.08
CA PHE I 136 -63.19 -18.68 -5.29
C PHE I 136 -63.58 -17.88 -4.05
N GLY I 137 -64.05 -18.53 -2.99
CA GLY I 137 -64.24 -17.81 -1.75
C GLY I 137 -65.28 -16.72 -1.84
N ASP I 138 -65.11 -15.72 -0.98
CA ASP I 138 -66.12 -14.68 -0.81
C ASP I 138 -66.11 -13.66 -1.94
N ASP I 139 -64.96 -13.41 -2.54
CA ASP I 139 -64.80 -12.41 -3.59
C ASP I 139 -64.05 -13.06 -4.75
N PRO I 140 -64.77 -13.71 -5.68
CA PRO I 140 -64.07 -14.40 -6.77
C PRO I 140 -63.16 -13.47 -7.58
N LYS I 141 -63.66 -12.31 -7.99
CA LYS I 141 -62.86 -11.43 -8.83
C LYS I 141 -61.54 -11.05 -8.15
N GLU I 142 -61.61 -10.63 -6.88
CA GLU I 142 -60.40 -10.19 -6.20
C GLU I 142 -59.38 -11.32 -6.09
N GLU I 143 -59.83 -12.53 -5.76
CA GLU I 143 -58.89 -13.64 -5.64
C GLU I 143 -58.10 -13.84 -6.93
N VAL I 144 -58.78 -13.74 -8.09
CA VAL I 144 -58.10 -13.90 -9.36
C VAL I 144 -57.13 -12.75 -9.59
N MET I 145 -57.58 -11.51 -9.37
CA MET I 145 -56.73 -10.36 -9.62
C MET I 145 -55.48 -10.39 -8.76
N VAL I 146 -55.62 -10.84 -7.52
CA VAL I 146 -54.46 -10.98 -6.63
C VAL I 146 -53.43 -11.93 -7.22
N LEU I 147 -53.90 -13.08 -7.73
CA LEU I 147 -52.97 -14.10 -8.22
C LEU I 147 -52.18 -13.61 -9.42
N GLU I 148 -52.71 -12.64 -10.18
CA GLU I 148 -52.01 -12.16 -11.37
C GLU I 148 -50.58 -11.73 -11.04
N ARG I 149 -50.39 -11.08 -9.90
CA ARG I 149 -49.04 -10.70 -9.53
C ARG I 149 -48.14 -11.91 -9.46
N ILE I 150 -48.57 -12.93 -8.73
CA ILE I 150 -47.78 -14.14 -8.57
C ILE I 150 -47.59 -14.83 -9.91
N LEU I 151 -48.66 -14.93 -10.71
CA LEU I 151 -48.55 -15.59 -12.00
C LEU I 151 -47.46 -14.94 -12.85
N LEU I 152 -47.48 -13.61 -12.95
CA LEU I 152 -46.49 -12.91 -13.75
C LEU I 152 -45.08 -13.17 -13.25
N GLN I 153 -44.89 -13.12 -11.93
CA GLN I 153 -43.58 -13.45 -11.37
C GLN I 153 -43.20 -14.89 -11.62
N THR I 154 -44.16 -15.80 -11.48
CA THR I 154 -43.87 -17.23 -11.62
C THR I 154 -43.39 -17.55 -13.01
N ILE I 155 -44.07 -17.05 -14.04
CA ILE I 155 -43.69 -17.30 -15.42
C ILE I 155 -42.57 -16.37 -15.83
N LYS I 156 -41.99 -15.67 -14.86
CA LYS I 156 -40.78 -14.86 -15.07
C LYS I 156 -41.00 -13.80 -16.16
N PHE I 157 -42.23 -13.32 -16.29
CA PHE I 157 -42.59 -12.30 -17.27
C PHE I 157 -42.20 -12.71 -18.69
N ASP I 158 -42.01 -14.00 -18.93
CA ASP I 158 -41.79 -14.53 -20.28
C ASP I 158 -43.15 -14.84 -20.89
N LEU I 159 -43.79 -13.81 -21.42
CA LEU I 159 -45.19 -13.90 -21.83
C LEU I 159 -45.36 -14.55 -23.20
N GLN I 160 -44.39 -14.42 -24.10
CA GLN I 160 -44.54 -14.96 -25.45
C GLN I 160 -44.44 -16.48 -25.42
N VAL I 161 -45.42 -17.14 -26.04
CA VAL I 161 -45.50 -18.59 -26.10
C VAL I 161 -45.91 -19.01 -27.51
N GLU I 162 -45.28 -20.08 -28.01
CA GLU I 162 -45.61 -20.67 -29.30
C GLU I 162 -46.34 -22.00 -29.03
N HIS I 163 -47.23 -22.38 -29.95
CA HIS I 163 -48.03 -23.58 -29.76
C HIS I 163 -47.94 -24.51 -30.96
N PRO I 164 -48.17 -25.80 -30.77
CA PRO I 164 -48.07 -26.74 -31.89
C PRO I 164 -48.95 -26.41 -33.09
N TYR I 165 -50.07 -25.69 -32.89
CA TYR I 165 -51.01 -25.50 -33.98
C TYR I 165 -50.34 -24.85 -35.18
N GLN I 166 -49.63 -23.74 -34.97
CA GLN I 166 -49.05 -23.00 -36.08
C GLN I 166 -48.05 -23.83 -36.85
N PHE I 167 -47.36 -24.75 -36.17
CA PHE I 167 -46.41 -25.61 -36.85
C PHE I 167 -47.12 -26.74 -37.57
N LEU I 168 -48.20 -27.25 -36.97
CA LEU I 168 -49.05 -28.20 -37.67
C LEU I 168 -49.50 -27.64 -39.01
N LEU I 169 -49.85 -26.35 -39.04
CA LEU I 169 -50.28 -25.74 -40.28
C LEU I 169 -49.10 -25.41 -41.20
N LYS I 170 -48.03 -24.85 -40.63
CA LYS I 170 -46.85 -24.53 -41.42
C LYS I 170 -46.29 -25.77 -42.12
N TYR I 171 -46.23 -26.89 -41.42
CA TYR I 171 -45.66 -28.10 -42.01
C TYR I 171 -46.61 -28.75 -43.00
N ALA I 172 -47.90 -28.84 -42.66
CA ALA I 172 -48.86 -29.43 -43.58
C ALA I 172 -48.95 -28.63 -44.88
N LYS I 173 -48.77 -27.32 -44.81
CA LYS I 173 -48.85 -26.47 -46.00
C LYS I 173 -47.81 -26.84 -47.04
N GLN I 174 -46.70 -27.47 -46.62
CA GLN I 174 -45.66 -27.92 -47.53
C GLN I 174 -45.93 -29.33 -48.07
N LEU I 175 -47.04 -29.95 -47.65
CA LEU I 175 -47.44 -31.24 -48.18
C LEU I 175 -48.30 -31.05 -49.43
N LYS I 176 -48.06 -31.88 -50.44
CA LYS I 176 -48.81 -31.82 -51.69
C LYS I 176 -49.29 -33.22 -52.02
N GLY I 177 -50.57 -33.34 -52.37
CA GLY I 177 -51.15 -34.64 -52.68
C GLY I 177 -52.66 -34.57 -52.59
N ASP I 178 -53.27 -35.74 -52.37
CA ASP I 178 -54.73 -35.79 -52.20
C ASP I 178 -55.11 -34.81 -51.11
N LYS I 179 -55.80 -33.72 -51.47
CA LYS I 179 -56.13 -32.71 -50.48
C LYS I 179 -56.92 -33.29 -49.32
N ASN I 180 -57.81 -34.24 -49.59
CA ASN I 180 -58.71 -34.73 -48.56
C ASN I 180 -57.97 -35.62 -47.56
N LYS I 181 -56.98 -36.38 -48.02
CA LYS I 181 -56.18 -37.16 -47.08
C LYS I 181 -55.32 -36.25 -46.21
N ILE I 182 -54.78 -35.18 -46.80
CA ILE I 182 -53.96 -34.24 -46.04
C ILE I 182 -54.83 -33.51 -45.02
N GLN I 183 -56.06 -33.15 -45.40
CA GLN I 183 -56.95 -32.47 -44.46
C GLN I 183 -57.35 -33.39 -43.31
N LYS I 184 -57.63 -34.66 -43.59
CA LYS I 184 -57.94 -35.59 -42.52
C LYS I 184 -56.78 -35.70 -41.54
N LEU I 185 -55.56 -35.71 -42.06
CA LEU I 185 -54.38 -35.73 -41.21
C LEU I 185 -54.37 -34.50 -40.29
N VAL I 186 -54.58 -33.32 -40.87
CA VAL I 186 -54.50 -32.08 -40.09
C VAL I 186 -55.53 -32.08 -38.98
N GLN I 187 -56.78 -32.43 -39.31
CA GLN I 187 -57.86 -32.40 -38.33
C GLN I 187 -57.59 -33.35 -37.18
N MET I 188 -57.17 -34.57 -37.48
CA MET I 188 -56.87 -35.54 -36.45
C MET I 188 -55.72 -35.06 -35.58
N ALA I 189 -54.67 -34.52 -36.22
CA ALA I 189 -53.57 -33.96 -35.47
C ALA I 189 -54.02 -32.80 -34.60
N TRP I 190 -54.85 -31.92 -35.17
CA TRP I 190 -55.38 -30.81 -34.40
C TRP I 190 -56.12 -31.33 -33.17
N THR I 191 -56.94 -32.36 -33.35
CA THR I 191 -57.62 -32.97 -32.22
C THR I 191 -56.63 -33.49 -31.19
N PHE I 192 -55.55 -34.13 -31.65
CA PHE I 192 -54.53 -34.64 -30.75
C PHE I 192 -53.82 -33.51 -30.00
N VAL I 193 -53.61 -32.37 -30.67
CA VAL I 193 -53.00 -31.22 -29.99
C VAL I 193 -53.90 -30.77 -28.86
N ASN I 194 -55.20 -30.60 -29.14
CA ASN I 194 -56.14 -30.20 -28.11
C ASN I 194 -56.09 -31.15 -26.93
N ASP I 195 -55.88 -32.44 -27.19
CA ASP I 195 -55.83 -33.42 -26.12
C ASP I 195 -54.51 -33.36 -25.36
N SER I 196 -53.41 -33.04 -26.03
CA SER I 196 -52.12 -32.99 -25.37
C SER I 196 -52.05 -31.84 -24.37
N LEU I 197 -52.92 -30.84 -24.50
CA LEU I 197 -52.93 -29.75 -23.55
C LEU I 197 -53.32 -30.21 -22.16
N CYS I 198 -54.02 -31.33 -22.06
CA CYS I 198 -54.34 -31.90 -20.75
C CYS I 198 -53.15 -32.59 -20.12
N THR I 199 -52.03 -32.67 -20.83
CA THR I 199 -50.86 -33.39 -20.37
C THR I 199 -49.70 -32.42 -20.17
N THR I 200 -48.65 -32.95 -19.55
CA THR I 200 -47.41 -32.22 -19.32
C THR I 200 -46.47 -32.25 -20.51
N LEU I 201 -46.94 -32.73 -21.67
CA LEU I 201 -46.13 -32.64 -22.87
C LEU I 201 -45.76 -31.20 -23.18
N SER I 202 -46.68 -30.27 -22.88
CA SER I 202 -46.37 -28.85 -23.03
C SER I 202 -45.09 -28.48 -22.31
N LEU I 203 -44.74 -29.23 -21.27
CA LEU I 203 -43.57 -28.95 -20.44
C LEU I 203 -42.35 -29.80 -20.80
N GLN I 204 -42.50 -30.78 -21.68
CA GLN I 204 -41.40 -31.69 -22.00
C GLN I 204 -40.74 -31.43 -23.34
N TRP I 205 -41.50 -30.97 -24.34
CA TRP I 205 -41.03 -30.91 -25.71
C TRP I 205 -41.47 -29.61 -26.36
N GLU I 206 -40.57 -29.02 -27.14
CA GLU I 206 -40.90 -27.81 -27.88
C GLU I 206 -42.16 -28.03 -28.70
N PRO I 207 -42.92 -26.97 -29.01
CA PRO I 207 -44.15 -27.15 -29.78
C PRO I 207 -43.90 -27.73 -31.16
N GLU I 208 -42.80 -27.34 -31.81
CA GLU I 208 -42.48 -27.91 -33.12
C GLU I 208 -42.46 -29.42 -33.06
N ILE I 209 -41.84 -29.98 -32.01
CA ILE I 209 -41.78 -31.44 -31.86
C ILE I 209 -43.16 -32.02 -31.65
N ILE I 210 -43.99 -31.36 -30.83
CA ILE I 210 -45.36 -31.84 -30.63
C ILE I 210 -46.09 -31.88 -31.97
N ALA I 211 -45.96 -30.80 -32.76
CA ALA I 211 -46.67 -30.75 -34.03
C ALA I 211 -46.30 -31.93 -34.92
N VAL I 212 -45.01 -32.28 -34.97
CA VAL I 212 -44.59 -33.43 -35.75
C VAL I 212 -45.19 -34.72 -35.16
N ALA I 213 -45.12 -34.86 -33.84
CA ALA I 213 -45.61 -36.08 -33.21
C ALA I 213 -47.06 -36.35 -33.58
N VAL I 214 -47.91 -35.31 -33.55
CA VAL I 214 -49.31 -35.51 -33.86
C VAL I 214 -49.52 -35.78 -35.33
N MET I 215 -48.72 -35.17 -36.21
CA MET I 215 -48.74 -35.57 -37.61
C MET I 215 -48.29 -37.01 -37.75
N TYR I 216 -47.22 -37.37 -37.06
CA TYR I 216 -46.71 -38.73 -37.05
C TYR I 216 -47.78 -39.72 -36.60
N LEU I 217 -48.52 -39.38 -35.53
CA LEU I 217 -49.55 -40.28 -35.04
C LEU I 217 -50.72 -40.37 -36.01
N ALA I 218 -51.26 -39.23 -36.42
CA ALA I 218 -52.36 -39.22 -37.38
C ALA I 218 -52.00 -40.02 -38.62
N GLY I 219 -50.75 -39.93 -39.07
CA GLY I 219 -50.31 -40.71 -40.21
C GLY I 219 -50.43 -42.19 -39.94
N ARG I 220 -49.92 -42.64 -38.79
CA ARG I 220 -50.01 -44.05 -38.45
C ARG I 220 -51.45 -44.54 -38.41
N LEU I 221 -52.34 -43.75 -37.80
CA LEU I 221 -53.73 -44.19 -37.64
C LEU I 221 -54.43 -44.22 -39.00
N CYS I 222 -54.17 -43.23 -39.86
CA CYS I 222 -54.79 -43.17 -41.18
C CYS I 222 -54.06 -43.99 -42.24
N LYS I 223 -52.97 -44.67 -41.87
CA LYS I 223 -52.19 -45.49 -42.80
C LYS I 223 -51.74 -44.66 -44.01
N PHE I 224 -51.24 -43.45 -43.72
CA PHE I 224 -50.67 -42.58 -44.73
C PHE I 224 -49.15 -42.69 -44.69
N GLU I 225 -48.53 -42.54 -45.87
CA GLU I 225 -47.07 -42.49 -46.01
C GLU I 225 -46.74 -41.02 -46.25
N ILE I 226 -46.55 -40.28 -45.16
CA ILE I 226 -46.47 -38.83 -45.26
C ILE I 226 -45.32 -38.40 -46.15
N GLN I 227 -44.22 -39.15 -46.14
CA GLN I 227 -43.07 -38.73 -46.93
C GLN I 227 -43.47 -38.46 -48.37
N GLU I 228 -44.46 -39.21 -48.89
CA GLU I 228 -44.83 -39.09 -50.29
C GLU I 228 -45.31 -37.69 -50.64
N TRP I 229 -45.88 -36.97 -49.69
CA TRP I 229 -46.42 -35.64 -49.95
C TRP I 229 -45.37 -34.54 -49.86
N THR I 230 -44.15 -34.88 -49.44
CA THR I 230 -43.09 -33.91 -49.22
C THR I 230 -42.29 -33.65 -50.49
N SER I 231 -41.42 -32.64 -50.43
CA SER I 231 -40.50 -32.37 -51.52
C SER I 231 -39.42 -33.42 -51.67
N LYS I 232 -39.33 -34.38 -50.74
CA LYS I 232 -38.31 -35.42 -50.74
C LYS I 232 -38.99 -36.77 -50.55
N PRO I 233 -39.69 -37.27 -51.58
CA PRO I 233 -40.59 -38.42 -51.37
C PRO I 233 -39.91 -39.74 -51.00
N MET I 234 -38.59 -39.86 -51.07
CA MET I 234 -37.89 -41.09 -50.76
C MET I 234 -37.08 -41.01 -49.47
N TYR I 235 -37.25 -39.95 -48.70
CA TYR I 235 -36.64 -39.75 -47.38
C TYR I 235 -37.67 -40.17 -46.33
N ARG I 236 -37.55 -41.41 -45.86
CA ARG I 236 -38.60 -41.99 -45.03
C ARG I 236 -38.78 -41.30 -43.69
N ARG I 237 -37.72 -40.70 -43.15
CA ARG I 237 -37.86 -39.87 -41.95
C ARG I 237 -38.21 -38.47 -42.44
N TRP I 238 -39.49 -38.29 -42.75
CA TRP I 238 -39.95 -37.10 -43.45
C TRP I 238 -39.84 -35.85 -42.60
N TRP I 239 -39.99 -35.97 -41.28
CA TRP I 239 -40.06 -34.78 -40.42
C TRP I 239 -38.73 -34.06 -40.31
N GLU I 240 -37.60 -34.73 -40.56
CA GLU I 240 -36.30 -34.10 -40.34
C GLU I 240 -36.14 -32.82 -41.15
N GLN I 241 -36.87 -32.67 -42.26
CA GLN I 241 -36.82 -31.42 -43.00
C GLN I 241 -37.61 -30.30 -42.34
N PHE I 242 -38.47 -30.62 -41.37
CA PHE I 242 -39.21 -29.62 -40.59
C PHE I 242 -38.56 -29.35 -39.24
N VAL I 243 -38.23 -30.41 -38.51
CA VAL I 243 -37.66 -30.32 -37.17
C VAL I 243 -36.38 -31.15 -37.19
N GLN I 244 -35.23 -30.49 -37.04
CA GLN I 244 -33.95 -31.17 -37.08
C GLN I 244 -33.67 -31.86 -35.76
N ASP I 245 -33.00 -33.02 -35.86
CA ASP I 245 -32.48 -33.72 -34.68
C ASP I 245 -33.57 -34.28 -33.79
N VAL I 246 -34.64 -34.83 -34.36
CA VAL I 246 -35.66 -35.45 -33.52
C VAL I 246 -35.61 -36.96 -33.75
N PRO I 247 -35.22 -37.75 -32.76
CA PRO I 247 -35.24 -39.20 -32.91
C PRO I 247 -36.65 -39.78 -32.76
N VAL I 248 -36.85 -40.92 -33.41
CA VAL I 248 -38.16 -41.59 -33.37
C VAL I 248 -38.59 -41.92 -31.96
N ASP I 249 -37.66 -42.27 -31.07
CA ASP I 249 -38.06 -42.57 -29.70
C ASP I 249 -38.91 -41.45 -29.11
N VAL I 250 -38.51 -40.20 -29.35
CA VAL I 250 -39.27 -39.06 -28.83
C VAL I 250 -40.69 -39.06 -29.40
N LEU I 251 -40.80 -39.16 -30.72
CA LEU I 251 -42.12 -39.18 -31.34
C LEU I 251 -42.97 -40.32 -30.79
N GLU I 252 -42.34 -41.46 -30.51
CA GLU I 252 -43.07 -42.59 -29.91
C GLU I 252 -43.47 -42.27 -28.47
N ASP I 253 -42.58 -41.65 -27.71
CA ASP I 253 -42.92 -41.28 -26.34
C ASP I 253 -44.14 -40.35 -26.32
N ILE I 254 -44.13 -39.33 -27.17
CA ILE I 254 -45.23 -38.37 -27.20
C ILE I 254 -46.53 -39.03 -27.61
N CYS I 255 -46.50 -39.77 -28.73
CA CYS I 255 -47.71 -40.44 -29.20
C CYS I 255 -48.26 -41.36 -28.13
N HIS I 256 -47.37 -42.09 -27.46
CA HIS I 256 -47.80 -43.01 -26.43
C HIS I 256 -48.63 -42.30 -25.39
N GLN I 257 -48.22 -41.10 -24.98
CA GLN I 257 -48.97 -40.38 -23.95
C GLN I 257 -50.36 -40.03 -24.42
N ILE I 258 -50.51 -39.59 -25.67
CA ILE I 258 -51.84 -39.27 -26.17
C ILE I 258 -52.68 -40.53 -26.21
N LEU I 259 -52.11 -41.63 -26.69
CA LEU I 259 -52.85 -42.88 -26.77
C LEU I 259 -53.23 -43.39 -25.39
N ASP I 260 -52.41 -43.11 -24.38
CA ASP I 260 -52.76 -43.52 -23.03
C ASP I 260 -53.99 -42.80 -22.52
N LEU I 261 -54.09 -41.49 -22.76
CA LEU I 261 -55.26 -40.74 -22.30
C LEU I 261 -56.54 -41.31 -22.90
N TYR I 262 -56.52 -41.62 -24.19
CA TYR I 262 -57.72 -42.14 -24.85
C TYR I 262 -58.12 -43.51 -24.29
N SER I 263 -57.16 -44.39 -24.10
CA SER I 263 -57.47 -45.74 -23.62
C SER I 263 -57.89 -45.71 -22.15
N GLN I 264 -57.24 -44.86 -21.35
CA GLN I 264 -57.55 -44.76 -19.92
C GLN I 264 -59.00 -44.36 -19.68
N GLY I 265 -59.47 -43.34 -20.38
CA GLY I 265 -60.81 -42.84 -20.19
C GLY I 265 -61.87 -43.74 -20.78
N LYS I 266 -62.95 -43.12 -21.27
CA LYS I 266 -63.95 -43.81 -22.08
C LYS I 266 -63.93 -43.38 -23.55
N GLN I 267 -63.41 -42.20 -23.85
CA GLN I 267 -63.34 -41.68 -25.21
C GLN I 267 -62.38 -42.51 -26.07
N GLN I 268 -62.61 -42.50 -27.39
CA GLN I 268 -61.84 -43.32 -28.32
C GLN I 268 -61.10 -42.49 -29.36
N MET I 269 -60.15 -43.16 -30.04
CA MET I 269 -59.32 -42.48 -31.02
C MET I 269 -60.18 -41.86 -32.11
N PRO I 270 -59.86 -40.64 -32.57
CA PRO I 270 -60.79 -39.99 -33.54
C PRO I 270 -60.95 -40.81 -34.80
N HIS I 271 -59.85 -41.29 -35.37
CA HIS I 271 -59.85 -42.06 -36.60
C HIS I 271 -61.03 -41.71 -37.52
#